data_6DSL
#
_entry.id   6DSL
#
loop_
_entity.id
_entity.type
_entity.pdbx_description
1 polymer 'Consensus engineered intein CatN'
2 polymer 'Consensus engineered intein CatC'
#
loop_
_entity_poly.entity_id
_entity_poly.type
_entity_poly.pdbx_seq_one_letter_code
_entity_poly.pdbx_strand_id
1 'polypeptide(L)' EFEALSGDTMIEILDDDGIIQKISMEDLYQRLA A
2 'polypeptide(L)'
;DYKDDDDKMFKLNTKNIKVLTPSGFKSFSGIQKVYKPFYHHIIFDDGSEIKCSDNHSFGKDKIKASTIKVGDYLQGKKVL
YNEIVEEGIYLYDLLNVGEDNLYYTNGIVSHACESRGK
;
B
#
# COMPACT_ATOMS: atom_id res chain seq x y z
N GLU A 1 1.48 -5.85 -12.02
CA GLU A 1 0.10 -5.91 -12.54
C GLU A 1 -0.87 -5.26 -11.54
N PHE A 2 -0.74 -5.65 -10.28
CA PHE A 2 -1.55 -5.08 -9.22
C PHE A 2 -0.66 -4.72 -8.06
N GLU A 3 -0.20 -5.74 -7.36
CA GLU A 3 0.84 -5.61 -6.34
C GLU A 3 0.50 -4.53 -5.32
N ALA A 4 -0.36 -4.87 -4.39
CA ALA A 4 -0.90 -3.92 -3.43
C ALA A 4 -0.54 -4.33 -1.99
N LEU A 5 -1.14 -3.66 -1.02
CA LEU A 5 -0.92 -3.97 0.40
C LEU A 5 -2.17 -4.62 0.98
N SER A 6 -1.99 -5.35 2.07
CA SER A 6 -3.11 -5.95 2.78
C SER A 6 -3.94 -4.86 3.45
N GLY A 7 -5.22 -5.19 3.69
CA GLY A 7 -6.16 -4.22 4.22
C GLY A 7 -5.84 -3.78 5.63
N ASP A 8 -5.08 -4.60 6.36
CA ASP A 8 -4.76 -4.32 7.75
C ASP A 8 -3.53 -3.45 7.87
N THR A 9 -2.89 -3.18 6.74
CA THR A 9 -1.73 -2.32 6.70
C THR A 9 -2.12 -0.89 7.10
N MET A 10 -1.42 -0.35 8.09
CA MET A 10 -1.78 0.94 8.67
C MET A 10 -1.07 2.07 7.94
N ILE A 11 -1.83 3.09 7.60
CA ILE A 11 -1.30 4.27 6.96
C ILE A 11 -1.69 5.51 7.75
N GLU A 12 -0.99 6.61 7.53
CA GLU A 12 -1.27 7.83 8.24
C GLU A 12 -1.70 8.89 7.23
N ILE A 13 -2.92 9.36 7.38
CA ILE A 13 -3.51 10.24 6.38
C ILE A 13 -3.82 11.61 6.95
N LEU A 14 -4.09 12.53 6.02
CA LEU A 14 -4.54 13.86 6.34
C LEU A 14 -5.85 14.11 5.61
N ASP A 15 -6.92 14.32 6.36
CA ASP A 15 -8.25 14.49 5.77
C ASP A 15 -8.43 15.93 5.28
N ASP A 16 -9.61 16.23 4.77
CA ASP A 16 -9.88 17.52 4.15
C ASP A 16 -9.79 18.66 5.15
N ASP A 17 -10.32 18.44 6.34
CA ASP A 17 -10.32 19.46 7.40
C ASP A 17 -8.91 19.67 7.96
N GLY A 18 -7.99 18.81 7.54
CA GLY A 18 -6.63 18.89 8.04
C GLY A 18 -6.42 17.99 9.23
N ILE A 19 -7.20 16.93 9.29
CA ILE A 19 -7.13 15.98 10.39
C ILE A 19 -6.18 14.83 10.04
N ILE A 20 -5.18 14.64 10.89
CA ILE A 20 -4.28 13.52 10.74
C ILE A 20 -4.82 12.31 11.48
N GLN A 21 -4.84 11.17 10.82
CA GLN A 21 -5.37 9.97 11.42
C GLN A 21 -4.71 8.73 10.83
N LYS A 22 -4.38 7.79 11.70
CA LYS A 22 -3.83 6.51 11.27
C LYS A 22 -4.95 5.50 11.10
N ILE A 23 -5.05 4.97 9.90
CA ILE A 23 -6.10 4.02 9.56
C ILE A 23 -5.54 2.92 8.68
N SER A 24 -6.24 1.80 8.59
CA SER A 24 -5.81 0.71 7.75
C SER A 24 -6.16 0.97 6.28
N MET A 25 -5.40 0.39 5.37
CA MET A 25 -5.61 0.60 3.94
C MET A 25 -7.05 0.31 3.53
N GLU A 26 -7.63 -0.76 4.07
CA GLU A 26 -9.00 -1.12 3.75
C GLU A 26 -9.99 -0.09 4.32
N ASP A 27 -9.63 0.48 5.46
CA ASP A 27 -10.48 1.48 6.09
C ASP A 27 -10.48 2.75 5.26
N LEU A 28 -9.36 3.02 4.62
CA LEU A 28 -9.24 4.15 3.70
C LEU A 28 -10.16 3.94 2.51
N TYR A 29 -10.26 2.70 2.06
CA TYR A 29 -11.15 2.34 0.96
C TYR A 29 -12.59 2.61 1.37
N GLN A 30 -12.94 2.20 2.58
CA GLN A 30 -14.27 2.41 3.11
C GLN A 30 -14.52 3.88 3.42
N ARG A 31 -13.44 4.63 3.55
CA ARG A 31 -13.52 6.05 3.81
C ARG A 31 -13.85 6.81 2.53
N LEU A 32 -13.44 6.24 1.42
CA LEU A 32 -13.73 6.80 0.11
C LEU A 32 -14.94 6.13 -0.52
N ALA A 33 -15.64 5.33 0.28
CA ALA A 33 -16.83 4.66 -0.19
C ALA A 33 -18.05 5.57 -0.04
N ASP B 1 -9.94 -19.17 -18.20
CA ASP B 1 -8.79 -19.63 -17.40
C ASP B 1 -8.55 -18.70 -16.22
N TYR B 2 -8.17 -17.46 -16.51
CA TYR B 2 -7.92 -16.47 -15.48
C TYR B 2 -8.55 -15.13 -15.84
N LYS B 3 -9.16 -14.51 -14.84
CA LYS B 3 -9.75 -13.19 -14.99
C LYS B 3 -9.43 -12.35 -13.77
N ASP B 4 -9.16 -11.07 -13.97
CA ASP B 4 -8.79 -10.19 -12.88
C ASP B 4 -9.84 -9.09 -12.70
N ASP B 5 -11.11 -9.49 -12.77
CA ASP B 5 -12.21 -8.54 -12.66
C ASP B 5 -12.86 -8.63 -11.29
N ASP B 6 -12.18 -9.27 -10.35
CA ASP B 6 -12.67 -9.40 -8.99
C ASP B 6 -12.57 -8.09 -8.25
N ASP B 7 -13.72 -7.58 -7.81
CA ASP B 7 -13.80 -6.36 -7.01
C ASP B 7 -13.17 -5.18 -7.74
N LYS B 8 -13.52 -5.03 -9.00
CA LYS B 8 -12.99 -3.96 -9.83
C LYS B 8 -13.79 -2.67 -9.62
N MET B 9 -14.05 -2.36 -8.38
CA MET B 9 -14.84 -1.19 -8.01
C MET B 9 -14.02 0.08 -8.12
N PHE B 10 -12.94 0.15 -7.36
CA PHE B 10 -12.02 1.30 -7.37
C PHE B 10 -12.70 2.55 -6.80
N LYS B 11 -12.03 3.20 -5.86
CA LYS B 11 -12.57 4.41 -5.25
C LYS B 11 -11.67 5.61 -5.55
N LEU B 12 -12.28 6.65 -6.10
CA LEU B 12 -11.55 7.87 -6.42
C LEU B 12 -11.44 8.75 -5.18
N ASN B 13 -10.30 9.40 -5.04
CA ASN B 13 -10.05 10.27 -3.90
C ASN B 13 -10.64 11.65 -4.15
N THR B 14 -11.95 11.74 -4.10
CA THR B 14 -12.64 13.01 -4.26
C THR B 14 -13.01 13.61 -2.91
N LYS B 15 -12.27 13.23 -1.88
CA LYS B 15 -12.53 13.72 -0.53
C LYS B 15 -11.34 14.57 -0.05
N ASN B 16 -10.41 14.83 -0.95
CA ASN B 16 -9.23 15.65 -0.68
C ASN B 16 -8.41 15.06 0.47
N ILE B 17 -8.26 13.75 0.47
CA ILE B 17 -7.46 13.08 1.47
C ILE B 17 -6.02 12.94 0.98
N LYS B 18 -5.09 13.06 1.90
CA LYS B 18 -3.68 12.92 1.58
C LYS B 18 -3.05 11.89 2.49
N VAL B 19 -1.95 11.33 2.06
CA VAL B 19 -1.25 10.32 2.85
C VAL B 19 0.16 10.82 3.19
N LEU B 20 0.63 10.49 4.37
CA LEU B 20 1.94 10.94 4.81
C LEU B 20 3.03 10.19 4.06
N THR B 21 3.83 10.93 3.33
CA THR B 21 4.92 10.36 2.58
C THR B 21 6.24 10.98 3.01
N PRO B 22 7.38 10.43 2.57
CA PRO B 22 8.70 11.06 2.77
C PRO B 22 8.75 12.48 2.18
N SER B 23 7.79 12.77 1.30
CA SER B 23 7.70 14.06 0.64
C SER B 23 6.64 14.93 1.33
N GLY B 24 6.11 14.42 2.44
CA GLY B 24 5.08 15.12 3.18
C GLY B 24 3.71 14.53 2.89
N PHE B 25 2.66 15.17 3.39
CA PHE B 25 1.30 14.72 3.09
C PHE B 25 0.97 15.01 1.63
N LYS B 26 0.79 13.95 0.86
CA LYS B 26 0.58 14.09 -0.57
C LYS B 26 -0.74 13.49 -0.99
N SER B 27 -1.35 14.09 -2.00
CA SER B 27 -2.63 13.66 -2.51
C SER B 27 -2.47 12.51 -3.49
N PHE B 28 -3.23 11.46 -3.27
CA PHE B 28 -3.23 10.33 -4.19
C PHE B 28 -4.50 10.37 -5.04
N SER B 29 -4.41 9.79 -6.23
CA SER B 29 -5.49 9.88 -7.21
C SER B 29 -6.68 9.02 -6.80
N GLY B 30 -6.39 7.88 -6.18
CA GLY B 30 -7.44 6.98 -5.75
C GLY B 30 -6.88 5.72 -5.13
N ILE B 31 -7.74 4.76 -4.85
CA ILE B 31 -7.32 3.51 -4.24
C ILE B 31 -7.97 2.33 -4.95
N GLN B 32 -7.19 1.29 -5.20
CA GLN B 32 -7.67 0.12 -5.91
C GLN B 32 -7.86 -1.06 -4.96
N LYS B 33 -8.86 -1.86 -5.23
CA LYS B 33 -9.08 -3.09 -4.49
C LYS B 33 -8.91 -4.28 -5.43
N VAL B 34 -7.95 -5.12 -5.12
CA VAL B 34 -7.64 -6.25 -5.98
C VAL B 34 -7.64 -7.54 -5.18
N TYR B 35 -7.77 -8.66 -5.87
CA TYR B 35 -7.71 -9.96 -5.25
C TYR B 35 -6.38 -10.61 -5.60
N LYS B 36 -5.63 -11.02 -4.59
CA LYS B 36 -4.33 -11.64 -4.79
C LYS B 36 -4.34 -13.04 -4.20
N PRO B 37 -3.99 -14.05 -5.01
CA PRO B 37 -4.04 -15.45 -4.59
C PRO B 37 -2.86 -15.88 -3.71
N PHE B 38 -1.90 -14.98 -3.54
CA PHE B 38 -0.74 -15.25 -2.69
C PHE B 38 -0.01 -13.97 -2.36
N TYR B 39 0.60 -13.91 -1.19
CA TYR B 39 1.26 -12.70 -0.74
C TYR B 39 2.42 -13.02 0.18
N HIS B 40 3.22 -12.02 0.49
CA HIS B 40 4.35 -12.19 1.39
C HIS B 40 4.03 -11.61 2.75
N HIS B 41 4.26 -12.39 3.79
CA HIS B 41 4.08 -11.91 5.15
C HIS B 41 5.45 -11.63 5.76
N ILE B 42 5.84 -10.37 5.74
CA ILE B 42 7.15 -9.97 6.20
C ILE B 42 7.08 -9.34 7.58
N ILE B 43 7.95 -9.77 8.48
CA ILE B 43 8.04 -9.18 9.81
C ILE B 43 9.46 -8.69 10.06
N PHE B 44 9.59 -7.50 10.64
CA PHE B 44 10.89 -6.90 10.85
C PHE B 44 11.29 -6.92 12.32
N ASP B 45 12.59 -6.74 12.55
CA ASP B 45 13.13 -6.63 13.91
C ASP B 45 12.55 -5.40 14.61
N ASP B 46 12.01 -4.50 13.81
CA ASP B 46 11.34 -3.30 14.30
C ASP B 46 10.05 -3.68 15.03
N GLY B 47 9.56 -4.87 14.74
CA GLY B 47 8.33 -5.34 15.35
C GLY B 47 7.15 -5.19 14.42
N SER B 48 7.28 -4.28 13.47
CA SER B 48 6.23 -4.05 12.50
C SER B 48 6.31 -5.11 11.41
N GLU B 49 5.24 -5.26 10.67
CA GLU B 49 5.17 -6.24 9.61
C GLU B 49 4.60 -5.62 8.36
N ILE B 50 4.61 -6.37 7.28
CA ILE B 50 3.93 -5.94 6.07
C ILE B 50 3.44 -7.16 5.30
N LYS B 51 2.20 -7.10 4.87
CA LYS B 51 1.63 -8.12 4.00
C LYS B 51 1.31 -7.52 2.65
N CYS B 52 2.07 -7.90 1.65
CA CYS B 52 1.92 -7.32 0.32
C CYS B 52 2.11 -8.37 -0.76
N SER B 53 1.96 -7.96 -2.01
CA SER B 53 2.17 -8.86 -3.13
C SER B 53 3.65 -9.25 -3.29
N ASP B 54 3.92 -10.07 -4.28
CA ASP B 54 5.27 -10.54 -4.56
C ASP B 54 6.14 -9.42 -5.14
N ASN B 55 5.74 -8.86 -6.27
CA ASN B 55 6.55 -7.86 -6.96
C ASN B 55 6.13 -6.44 -6.57
N HIS B 56 5.60 -6.29 -5.37
CA HIS B 56 5.27 -4.96 -4.88
C HIS B 56 6.54 -4.25 -4.42
N SER B 57 6.79 -3.10 -4.99
CA SER B 57 7.99 -2.33 -4.67
C SER B 57 7.76 -1.49 -3.41
N PHE B 58 8.82 -1.35 -2.62
CA PHE B 58 8.76 -0.57 -1.40
C PHE B 58 9.43 0.78 -1.57
N GLY B 59 10.72 0.84 -1.27
CA GLY B 59 11.44 2.10 -1.35
C GLY B 59 11.66 2.55 -2.78
N LYS B 60 12.18 3.76 -2.92
CA LYS B 60 12.44 4.37 -4.22
C LYS B 60 13.31 3.50 -5.13
N ASP B 61 14.02 2.55 -4.53
CA ASP B 61 14.96 1.71 -5.30
C ASP B 61 14.23 0.53 -5.94
N LYS B 62 12.90 0.62 -5.99
CA LYS B 62 12.07 -0.42 -6.58
C LYS B 62 12.31 -1.76 -5.90
N ILE B 63 12.41 -1.73 -4.58
CA ILE B 63 12.72 -2.92 -3.81
C ILE B 63 11.47 -3.76 -3.61
N LYS B 64 11.42 -4.90 -4.26
CA LYS B 64 10.23 -5.74 -4.25
C LYS B 64 10.28 -6.81 -3.18
N ALA B 65 9.13 -7.27 -2.73
CA ALA B 65 9.06 -8.25 -1.64
C ALA B 65 9.87 -9.50 -1.94
N SER B 66 9.70 -10.05 -3.14
CA SER B 66 10.34 -11.30 -3.51
C SER B 66 11.87 -11.17 -3.57
N THR B 67 12.39 -9.96 -3.67
CA THR B 67 13.83 -9.77 -3.75
C THR B 67 14.42 -9.65 -2.35
N ILE B 68 13.54 -9.51 -1.36
CA ILE B 68 13.96 -9.38 0.02
C ILE B 68 14.03 -10.74 0.69
N LYS B 69 15.16 -11.04 1.30
CA LYS B 69 15.34 -12.31 1.97
C LYS B 69 15.56 -12.10 3.46
N VAL B 70 15.14 -13.07 4.25
CA VAL B 70 15.28 -13.01 5.71
C VAL B 70 16.73 -12.77 6.11
N GLY B 71 16.95 -11.70 6.87
CA GLY B 71 18.27 -11.33 7.27
C GLY B 71 18.71 -10.02 6.67
N ASP B 72 18.08 -9.64 5.57
CA ASP B 72 18.37 -8.36 4.92
C ASP B 72 17.77 -7.22 5.73
N TYR B 73 18.14 -6.00 5.39
CA TYR B 73 17.56 -4.84 6.04
C TYR B 73 16.78 -4.01 5.05
N LEU B 74 15.55 -3.68 5.41
CA LEU B 74 14.69 -2.85 4.58
C LEU B 74 14.50 -1.51 5.25
N GLN B 75 15.14 -0.48 4.70
CA GLN B 75 15.02 0.88 5.21
C GLN B 75 15.46 0.97 6.67
N GLY B 76 16.46 0.17 7.02
CA GLY B 76 17.01 0.21 8.36
C GLY B 76 16.40 -0.82 9.29
N LYS B 77 15.47 -1.62 8.78
CA LYS B 77 14.81 -2.62 9.59
C LYS B 77 15.11 -4.02 9.07
N LYS B 78 15.61 -4.87 9.95
CA LYS B 78 16.00 -6.22 9.55
C LYS B 78 14.78 -7.11 9.39
N VAL B 79 14.65 -7.71 8.22
CA VAL B 79 13.58 -8.64 7.96
C VAL B 79 13.87 -9.99 8.61
N LEU B 80 13.03 -10.36 9.56
CA LEU B 80 13.22 -11.61 10.29
C LEU B 80 12.31 -12.68 9.75
N TYR B 81 11.26 -12.27 9.06
CA TYR B 81 10.28 -13.20 8.54
C TYR B 81 9.81 -12.74 7.18
N ASN B 82 9.74 -13.67 6.24
CA ASN B 82 9.27 -13.38 4.89
C ASN B 82 8.74 -14.64 4.26
N GLU B 83 7.53 -15.01 4.63
CA GLU B 83 6.92 -16.24 4.14
C GLU B 83 5.96 -15.95 3.00
N ILE B 84 6.05 -16.74 1.95
CA ILE B 84 5.14 -16.64 0.85
C ILE B 84 3.90 -17.49 1.15
N VAL B 85 2.84 -16.83 1.53
CA VAL B 85 1.62 -17.51 1.88
C VAL B 85 0.64 -17.46 0.72
N GLU B 86 0.29 -18.63 0.23
CA GLU B 86 -0.50 -18.76 -0.98
C GLU B 86 -1.97 -18.88 -0.65
N GLU B 87 -2.53 -17.79 -0.19
CA GLU B 87 -3.94 -17.72 0.15
C GLU B 87 -4.57 -16.49 -0.45
N GLY B 88 -5.75 -16.66 -1.03
CA GLY B 88 -6.45 -15.56 -1.65
C GLY B 88 -6.84 -14.49 -0.67
N ILE B 89 -6.37 -13.30 -0.91
CA ILE B 89 -6.57 -12.18 -0.01
C ILE B 89 -6.97 -10.93 -0.79
N TYR B 90 -7.72 -10.04 -0.14
CA TYR B 90 -8.08 -8.78 -0.76
C TYR B 90 -7.03 -7.74 -0.45
N LEU B 91 -6.56 -7.07 -1.48
CA LEU B 91 -5.44 -6.17 -1.38
C LEU B 91 -5.81 -4.78 -1.87
N TYR B 92 -5.18 -3.76 -1.29
CA TYR B 92 -5.51 -2.37 -1.58
C TYR B 92 -4.23 -1.56 -1.82
N ASP B 93 -4.26 -0.63 -2.77
CA ASP B 93 -3.11 0.25 -3.01
C ASP B 93 -3.56 1.63 -3.47
N LEU B 94 -2.69 2.62 -3.27
CA LEU B 94 -2.99 4.00 -3.65
C LEU B 94 -2.40 4.30 -5.01
N LEU B 95 -3.17 4.95 -5.86
CA LEU B 95 -2.70 5.26 -7.20
C LEU B 95 -2.14 6.66 -7.28
N ASN B 96 -0.89 6.76 -7.72
CA ASN B 96 -0.22 8.04 -7.96
C ASN B 96 -0.26 8.94 -6.72
N VAL B 97 0.74 8.79 -5.87
CA VAL B 97 0.79 9.55 -4.63
C VAL B 97 1.63 10.80 -4.81
N GLY B 98 0.97 11.94 -4.86
CA GLY B 98 1.64 13.21 -5.09
C GLY B 98 2.43 13.20 -6.38
N GLU B 99 3.72 13.38 -6.24
CA GLU B 99 4.64 13.34 -7.37
C GLU B 99 5.89 12.57 -6.97
N ASP B 100 5.70 11.60 -6.07
CA ASP B 100 6.80 10.77 -5.59
C ASP B 100 6.45 9.29 -5.69
N ASN B 101 5.22 8.96 -5.32
CA ASN B 101 4.71 7.58 -5.32
C ASN B 101 5.31 6.75 -4.18
N LEU B 102 5.87 7.44 -3.20
CA LEU B 102 6.35 6.80 -1.98
C LEU B 102 5.45 7.23 -0.83
N TYR B 103 5.13 6.30 0.06
CA TYR B 103 4.20 6.59 1.16
C TYR B 103 4.46 5.64 2.33
N TYR B 104 4.08 6.06 3.53
CA TYR B 104 4.35 5.26 4.73
C TYR B 104 3.26 4.22 4.99
N THR B 105 3.67 2.97 4.97
CA THR B 105 2.79 1.85 5.31
C THR B 105 3.41 1.03 6.43
N ASN B 106 2.76 0.99 7.59
CA ASN B 106 3.28 0.24 8.75
C ASN B 106 4.69 0.67 9.12
N GLY B 107 4.97 1.96 9.00
CA GLY B 107 6.30 2.47 9.27
C GLY B 107 7.31 2.04 8.22
N ILE B 108 6.82 1.64 7.06
CA ILE B 108 7.67 1.25 5.95
C ILE B 108 7.31 2.08 4.72
N VAL B 109 8.30 2.59 4.03
CA VAL B 109 8.04 3.33 2.79
C VAL B 109 7.68 2.36 1.68
N SER B 110 6.48 2.51 1.15
CA SER B 110 5.98 1.68 0.08
C SER B 110 5.93 2.47 -1.22
N HIS B 111 5.81 1.76 -2.35
CA HIS B 111 5.74 2.41 -3.65
C HIS B 111 4.36 2.19 -4.25
N ALA B 112 3.70 3.30 -4.59
CA ALA B 112 2.33 3.25 -5.09
C ALA B 112 2.29 2.82 -6.55
N CYS B 113 1.17 2.24 -6.96
CA CYS B 113 0.96 1.88 -8.36
C CYS B 113 0.55 3.13 -9.14
N GLU B 114 0.76 3.11 -10.44
CA GLU B 114 0.51 4.28 -11.25
C GLU B 114 -0.56 4.01 -12.31
N SER B 115 -1.69 4.69 -12.18
CA SER B 115 -2.75 4.60 -13.15
C SER B 115 -2.73 5.83 -14.05
N ARG B 116 -2.05 6.87 -13.58
CA ARG B 116 -1.88 8.08 -14.35
C ARG B 116 -0.46 8.14 -14.90
N GLY B 117 -0.34 8.42 -16.19
CA GLY B 117 0.95 8.48 -16.82
C GLY B 117 1.01 7.65 -18.07
N LYS B 118 1.80 8.06 -19.05
CA LYS B 118 1.91 7.35 -20.30
C LYS B 118 3.32 6.84 -20.50
N GLU A 1 -1.52 -5.84 -11.30
CA GLU A 1 -1.34 -5.24 -9.95
C GLU A 1 -0.19 -5.91 -9.21
N PHE A 2 0.65 -5.10 -8.59
CA PHE A 2 1.81 -5.61 -7.88
C PHE A 2 2.17 -4.72 -6.71
N GLU A 3 1.71 -3.48 -6.72
CA GLU A 3 2.05 -2.52 -5.67
C GLU A 3 1.04 -2.57 -4.54
N ALA A 4 0.30 -3.66 -4.45
CA ALA A 4 -0.84 -3.74 -3.53
C ALA A 4 -0.43 -4.23 -2.15
N LEU A 5 -1.11 -3.68 -1.15
CA LEU A 5 -0.92 -4.07 0.24
C LEU A 5 -2.17 -4.78 0.73
N SER A 6 -2.04 -5.53 1.81
CA SER A 6 -3.18 -6.17 2.44
C SER A 6 -4.12 -5.13 3.03
N GLY A 7 -5.40 -5.50 3.12
CA GLY A 7 -6.39 -4.63 3.71
C GLY A 7 -6.19 -4.45 5.20
N ASP A 8 -5.33 -5.30 5.77
CA ASP A 8 -5.01 -5.25 7.19
C ASP A 8 -3.91 -4.23 7.46
N THR A 9 -3.20 -3.86 6.40
CA THR A 9 -2.11 -2.91 6.50
C THR A 9 -2.63 -1.54 6.96
N MET A 10 -2.01 -1.00 8.00
CA MET A 10 -2.46 0.26 8.59
C MET A 10 -1.65 1.42 8.05
N ILE A 11 -2.36 2.46 7.65
CA ILE A 11 -1.75 3.66 7.12
C ILE A 11 -2.24 4.88 7.87
N GLU A 12 -1.56 5.98 7.72
CA GLU A 12 -1.97 7.22 8.37
C GLU A 12 -2.30 8.25 7.32
N ILE A 13 -3.52 8.75 7.36
CA ILE A 13 -3.97 9.68 6.37
C ILE A 13 -4.23 11.06 6.96
N LEU A 14 -4.24 12.04 6.08
CA LEU A 14 -4.53 13.40 6.44
C LEU A 14 -5.59 13.94 5.51
N ASP A 15 -6.76 14.22 6.05
CA ASP A 15 -7.85 14.78 5.27
C ASP A 15 -7.53 16.19 4.84
N ASP A 16 -8.25 16.66 3.83
CA ASP A 16 -8.07 18.01 3.31
C ASP A 16 -8.52 19.04 4.34
N ASP A 17 -9.30 18.57 5.31
CA ASP A 17 -9.73 19.41 6.43
C ASP A 17 -8.59 19.54 7.44
N GLY A 18 -7.59 18.67 7.32
CA GLY A 18 -6.47 18.68 8.22
C GLY A 18 -6.62 17.67 9.33
N ILE A 19 -7.35 16.60 9.06
CA ILE A 19 -7.58 15.56 10.04
C ILE A 19 -6.67 14.35 9.83
N ILE A 20 -6.02 13.94 10.91
CA ILE A 20 -5.16 12.76 10.89
C ILE A 20 -5.92 11.54 11.37
N GLN A 21 -5.73 10.40 10.71
CA GLN A 21 -6.34 9.17 11.15
C GLN A 21 -5.56 7.96 10.66
N LYS A 22 -5.32 7.02 11.55
CA LYS A 22 -4.72 5.75 11.18
C LYS A 22 -5.80 4.75 10.81
N ILE A 23 -5.81 4.34 9.56
CA ILE A 23 -6.82 3.39 9.09
C ILE A 23 -6.14 2.31 8.25
N SER A 24 -6.81 1.20 8.07
CA SER A 24 -6.28 0.14 7.23
C SER A 24 -6.53 0.44 5.76
N MET A 25 -5.70 -0.09 4.88
CA MET A 25 -5.83 0.17 3.44
C MET A 25 -7.25 -0.14 2.95
N GLU A 26 -7.83 -1.20 3.47
CA GLU A 26 -9.17 -1.62 3.08
C GLU A 26 -10.22 -0.63 3.60
N ASP A 27 -9.94 -0.03 4.73
CA ASP A 27 -10.87 0.92 5.33
C ASP A 27 -10.89 2.21 4.51
N LEU A 28 -9.74 2.54 3.96
CA LEU A 28 -9.63 3.70 3.07
C LEU A 28 -10.50 3.48 1.84
N TYR A 29 -10.48 2.26 1.34
CA TYR A 29 -11.30 1.89 0.19
C TYR A 29 -12.77 2.06 0.52
N GLN A 30 -13.15 1.60 1.70
CA GLN A 30 -14.52 1.68 2.15
C GLN A 30 -14.89 3.11 2.53
N ARG A 31 -13.89 3.92 2.78
CA ARG A 31 -14.10 5.32 3.11
C ARG A 31 -14.46 6.09 1.86
N LEU A 32 -13.89 5.67 0.74
CA LEU A 32 -14.17 6.27 -0.56
C LEU A 32 -15.22 5.45 -1.30
N ALA A 33 -16.02 4.70 -0.55
CA ALA A 33 -17.05 3.85 -1.13
C ALA A 33 -17.98 4.63 -2.04
N ASP B 1 -27.55 -1.95 -19.22
CA ASP B 1 -26.82 -3.17 -18.78
C ASP B 1 -25.94 -3.71 -19.92
N TYR B 2 -24.88 -2.97 -20.25
CA TYR B 2 -23.90 -3.41 -21.25
C TYR B 2 -22.72 -2.45 -21.31
N LYS B 3 -23.01 -1.16 -21.12
CA LYS B 3 -21.97 -0.15 -21.09
C LYS B 3 -22.25 0.80 -19.92
N ASP B 4 -22.61 0.19 -18.80
CA ASP B 4 -23.03 0.93 -17.63
C ASP B 4 -21.95 0.90 -16.56
N ASP B 5 -20.98 0.00 -16.75
CA ASP B 5 -19.88 -0.11 -15.80
C ASP B 5 -18.76 0.83 -16.18
N ASP B 6 -17.94 1.18 -15.20
CA ASP B 6 -16.81 2.07 -15.43
C ASP B 6 -15.72 1.84 -14.40
N ASP B 7 -16.15 1.72 -13.15
CA ASP B 7 -15.22 1.57 -12.04
C ASP B 7 -14.41 0.28 -12.17
N LYS B 8 -13.10 0.43 -12.34
CA LYS B 8 -12.20 -0.71 -12.46
C LYS B 8 -11.80 -1.21 -11.08
N MET B 9 -12.81 -1.46 -10.23
CA MET B 9 -12.59 -1.82 -8.83
C MET B 9 -11.77 -0.73 -8.15
N PHE B 10 -11.97 0.50 -8.61
CA PHE B 10 -11.18 1.63 -8.20
C PHE B 10 -12.03 2.68 -7.50
N LYS B 11 -11.46 3.36 -6.52
CA LYS B 11 -12.13 4.44 -5.83
C LYS B 11 -11.37 5.74 -6.02
N LEU B 12 -12.07 6.76 -6.51
CA LEU B 12 -11.49 8.06 -6.75
C LEU B 12 -11.34 8.84 -5.44
N ASN B 13 -10.14 9.38 -5.21
CA ASN B 13 -9.90 10.20 -4.03
C ASN B 13 -10.37 11.62 -4.29
N THR B 14 -11.68 11.78 -4.44
CA THR B 14 -12.27 13.09 -4.67
C THR B 14 -12.44 13.87 -3.37
N LYS B 15 -12.07 13.25 -2.26
CA LYS B 15 -12.20 13.88 -0.96
C LYS B 15 -10.90 14.62 -0.62
N ASN B 16 -9.97 14.58 -1.57
CA ASN B 16 -8.69 15.28 -1.45
C ASN B 16 -7.91 14.82 -0.23
N ILE B 17 -7.97 13.52 0.05
CA ILE B 17 -7.27 12.94 1.17
C ILE B 17 -5.79 12.81 0.85
N LYS B 18 -4.95 12.86 1.88
CA LYS B 18 -3.52 12.68 1.72
C LYS B 18 -3.05 11.57 2.61
N VAL B 19 -1.95 10.95 2.25
CA VAL B 19 -1.40 9.85 3.02
C VAL B 19 -0.01 10.23 3.52
N LEU B 20 0.36 9.73 4.70
CA LEU B 20 1.65 10.04 5.29
C LEU B 20 2.77 9.47 4.44
N THR B 21 3.52 10.37 3.83
CA THR B 21 4.64 10.00 3.00
C THR B 21 5.93 10.53 3.60
N PRO B 22 7.08 9.94 3.24
CA PRO B 22 8.39 10.46 3.64
C PRO B 22 8.60 11.89 3.15
N SER B 23 7.86 12.25 2.10
CA SER B 23 7.93 13.58 1.53
C SER B 23 7.03 14.56 2.30
N GLY B 24 6.24 14.03 3.22
CA GLY B 24 5.42 14.88 4.07
C GLY B 24 4.01 15.04 3.55
N PHE B 25 3.29 13.91 3.43
CA PHE B 25 1.86 13.90 3.06
C PHE B 25 1.66 14.28 1.59
N LYS B 26 1.13 13.33 0.83
CA LYS B 26 0.88 13.55 -0.59
C LYS B 26 -0.56 13.17 -0.95
N SER B 27 -1.11 13.85 -1.94
CA SER B 27 -2.45 13.57 -2.42
C SER B 27 -2.41 12.43 -3.43
N PHE B 28 -2.99 11.29 -3.07
CA PHE B 28 -3.04 10.15 -3.97
C PHE B 28 -4.29 10.25 -4.83
N SER B 29 -4.20 9.74 -6.05
CA SER B 29 -5.26 9.88 -7.02
C SER B 29 -6.43 8.94 -6.71
N GLY B 30 -6.12 7.82 -6.06
CA GLY B 30 -7.15 6.90 -5.68
C GLY B 30 -6.60 5.59 -5.16
N ILE B 31 -7.47 4.61 -5.00
CA ILE B 31 -7.09 3.31 -4.46
C ILE B 31 -7.78 2.20 -5.24
N GLN B 32 -7.07 1.12 -5.49
CA GLN B 32 -7.60 0.02 -6.29
C GLN B 32 -7.80 -1.23 -5.44
N LYS B 33 -8.86 -1.98 -5.74
CA LYS B 33 -9.13 -3.23 -5.06
C LYS B 33 -8.78 -4.39 -5.99
N VAL B 34 -7.88 -5.24 -5.53
CA VAL B 34 -7.51 -6.42 -6.28
C VAL B 34 -7.63 -7.64 -5.38
N TYR B 35 -7.84 -8.79 -5.98
CA TYR B 35 -7.89 -10.02 -5.21
C TYR B 35 -6.63 -10.83 -5.46
N LYS B 36 -6.05 -11.37 -4.41
CA LYS B 36 -4.87 -12.18 -4.54
C LYS B 36 -4.99 -13.44 -3.69
N PRO B 37 -4.81 -14.62 -4.29
CA PRO B 37 -4.94 -15.90 -3.60
C PRO B 37 -3.73 -16.26 -2.75
N PHE B 38 -2.71 -15.40 -2.79
CA PHE B 38 -1.51 -15.60 -1.99
C PHE B 38 -0.73 -14.30 -1.85
N TYR B 39 -0.13 -14.08 -0.69
CA TYR B 39 0.58 -12.84 -0.44
C TYR B 39 1.83 -13.09 0.40
N HIS B 40 2.68 -12.07 0.49
CA HIS B 40 3.91 -12.18 1.26
C HIS B 40 3.71 -11.60 2.65
N HIS B 41 4.05 -12.37 3.66
CA HIS B 41 4.00 -11.90 5.03
C HIS B 41 5.42 -11.63 5.51
N ILE B 42 5.76 -10.36 5.59
CA ILE B 42 7.11 -9.95 5.94
C ILE B 42 7.13 -9.32 7.34
N ILE B 43 8.12 -9.67 8.14
CA ILE B 43 8.26 -9.12 9.48
C ILE B 43 9.67 -8.54 9.65
N PHE B 44 9.76 -7.38 10.28
CA PHE B 44 11.04 -6.70 10.47
C PHE B 44 11.46 -6.70 11.92
N ASP B 45 12.75 -6.49 12.15
CA ASP B 45 13.30 -6.39 13.51
C ASP B 45 12.74 -5.17 14.23
N ASP B 46 12.18 -4.25 13.45
CA ASP B 46 11.59 -3.03 13.99
C ASP B 46 10.31 -3.37 14.76
N GLY B 47 9.83 -4.59 14.58
CA GLY B 47 8.63 -5.03 15.26
C GLY B 47 7.42 -4.94 14.36
N SER B 48 7.58 -4.21 13.27
CA SER B 48 6.52 -4.02 12.32
C SER B 48 6.54 -5.11 11.27
N GLU B 49 5.40 -5.34 10.64
CA GLU B 49 5.29 -6.31 9.59
C GLU B 49 4.56 -5.70 8.41
N ILE B 50 4.60 -6.39 7.28
CA ILE B 50 3.87 -5.94 6.11
C ILE B 50 3.34 -7.14 5.33
N LYS B 51 2.20 -6.96 4.70
CA LYS B 51 1.61 -7.97 3.84
C LYS B 51 1.31 -7.36 2.49
N CYS B 52 1.88 -7.91 1.44
CA CYS B 52 1.77 -7.29 0.11
C CYS B 52 1.88 -8.33 -1.01
N SER B 53 1.82 -7.84 -2.24
CA SER B 53 2.01 -8.67 -3.43
C SER B 53 3.45 -9.18 -3.53
N ASP B 54 3.74 -9.87 -4.63
CA ASP B 54 5.07 -10.43 -4.85
C ASP B 54 6.05 -9.35 -5.33
N ASN B 55 5.70 -8.67 -6.41
CA ASN B 55 6.59 -7.68 -7.00
C ASN B 55 6.35 -6.30 -6.41
N HIS B 56 5.69 -6.27 -5.25
CA HIS B 56 5.43 -5.03 -4.54
C HIS B 56 6.73 -4.35 -4.16
N SER B 57 6.94 -3.15 -4.68
CA SER B 57 8.13 -2.40 -4.33
C SER B 57 7.88 -1.54 -3.11
N PHE B 58 8.93 -1.35 -2.32
CA PHE B 58 8.84 -0.64 -1.06
C PHE B 58 9.48 0.74 -1.13
N GLY B 59 10.78 0.79 -0.85
CA GLY B 59 11.48 2.06 -0.79
C GLY B 59 11.62 2.72 -2.14
N LYS B 60 12.12 3.95 -2.12
CA LYS B 60 12.34 4.75 -3.33
C LYS B 60 13.18 4.01 -4.37
N ASP B 61 13.94 3.02 -3.91
CA ASP B 61 14.80 2.23 -4.78
C ASP B 61 14.00 1.15 -5.51
N LYS B 62 12.68 1.19 -5.33
CA LYS B 62 11.76 0.26 -5.96
C LYS B 62 12.12 -1.18 -5.60
N ILE B 63 12.35 -1.39 -4.31
CA ILE B 63 12.76 -2.69 -3.81
C ILE B 63 11.57 -3.63 -3.71
N LYS B 64 11.56 -4.65 -4.55
CA LYS B 64 10.43 -5.57 -4.64
C LYS B 64 10.48 -6.62 -3.54
N ALA B 65 9.30 -6.99 -3.07
CA ALA B 65 9.15 -7.98 -2.00
C ALA B 65 9.76 -9.31 -2.38
N SER B 66 9.79 -9.59 -3.67
CA SER B 66 10.31 -10.84 -4.18
C SER B 66 11.85 -10.88 -4.16
N THR B 67 12.47 -9.73 -3.92
CA THR B 67 13.92 -9.65 -3.92
C THR B 67 14.45 -9.24 -2.55
N ILE B 68 13.60 -9.31 -1.54
CA ILE B 68 14.00 -8.98 -0.18
C ILE B 68 14.22 -10.24 0.63
N LYS B 69 15.47 -10.59 0.79
CA LYS B 69 15.84 -11.81 1.49
C LYS B 69 16.02 -11.55 2.98
N VAL B 70 15.57 -12.50 3.80
CA VAL B 70 15.65 -12.38 5.24
C VAL B 70 17.10 -12.20 5.69
N GLY B 71 17.32 -11.22 6.55
CA GLY B 71 18.65 -10.89 7.00
C GLY B 71 19.16 -9.61 6.38
N ASP B 72 18.48 -9.16 5.33
CA ASP B 72 18.81 -7.91 4.67
C ASP B 72 18.05 -6.76 5.32
N TYR B 73 18.54 -5.55 5.14
CA TYR B 73 17.91 -4.39 5.76
C TYR B 73 17.08 -3.60 4.75
N LEU B 74 15.88 -3.24 5.18
CA LEU B 74 15.02 -2.40 4.38
C LEU B 74 14.80 -1.07 5.09
N GLN B 75 15.52 -0.05 4.65
CA GLN B 75 15.39 1.30 5.19
C GLN B 75 15.62 1.33 6.70
N GLY B 76 16.64 0.61 7.14
CA GLY B 76 17.02 0.63 8.55
C GLY B 76 16.38 -0.47 9.37
N LYS B 77 15.60 -1.32 8.73
CA LYS B 77 14.93 -2.39 9.43
C LYS B 77 15.23 -3.73 8.78
N LYS B 78 15.79 -4.64 9.54
CA LYS B 78 16.13 -5.96 9.03
C LYS B 78 14.88 -6.81 8.85
N VAL B 79 14.77 -7.41 7.69
CA VAL B 79 13.70 -8.36 7.42
C VAL B 79 14.04 -9.70 8.05
N LEU B 80 13.22 -10.12 9.00
CA LEU B 80 13.45 -11.37 9.71
C LEU B 80 12.61 -12.48 9.10
N TYR B 81 11.51 -12.10 8.48
CA TYR B 81 10.54 -13.06 7.99
C TYR B 81 9.97 -12.59 6.65
N ASN B 82 9.90 -13.50 5.69
CA ASN B 82 9.34 -13.20 4.38
C ASN B 82 8.76 -14.48 3.79
N GLU B 83 7.52 -14.77 4.16
CA GLU B 83 6.89 -16.02 3.77
C GLU B 83 5.71 -15.78 2.85
N ILE B 84 5.63 -16.56 1.78
CA ILE B 84 4.45 -16.57 0.94
C ILE B 84 3.38 -17.44 1.57
N VAL B 85 2.27 -16.84 1.92
CA VAL B 85 1.15 -17.57 2.47
C VAL B 85 -0.01 -17.52 1.49
N GLU B 86 -0.46 -18.70 1.11
CA GLU B 86 -1.44 -18.81 0.05
C GLU B 86 -2.86 -18.81 0.61
N GLU B 87 -3.28 -17.63 1.01
CA GLU B 87 -4.64 -17.43 1.50
C GLU B 87 -5.29 -16.29 0.73
N GLY B 88 -6.48 -16.55 0.20
CA GLY B 88 -7.19 -15.56 -0.59
C GLY B 88 -7.52 -14.33 0.21
N ILE B 89 -7.10 -13.19 -0.30
CA ILE B 89 -7.23 -11.94 0.41
C ILE B 89 -7.47 -10.78 -0.56
N TYR B 90 -8.10 -9.73 -0.06
CA TYR B 90 -8.28 -8.52 -0.85
C TYR B 90 -7.08 -7.61 -0.65
N LEU B 91 -6.48 -7.22 -1.76
CA LEU B 91 -5.29 -6.40 -1.73
C LEU B 91 -5.61 -5.02 -2.33
N TYR B 92 -4.95 -3.98 -1.84
CA TYR B 92 -5.25 -2.62 -2.23
C TYR B 92 -3.96 -1.83 -2.46
N ASP B 93 -3.90 -1.08 -3.57
CA ASP B 93 -2.76 -0.21 -3.82
C ASP B 93 -3.22 1.22 -4.05
N LEU B 94 -2.36 2.19 -3.72
CA LEU B 94 -2.67 3.59 -3.97
C LEU B 94 -2.11 4.01 -5.31
N LEU B 95 -2.92 4.70 -6.08
CA LEU B 95 -2.53 5.13 -7.43
C LEU B 95 -2.02 6.56 -7.39
N ASN B 96 -0.77 6.73 -7.82
CA ASN B 96 -0.16 8.05 -7.98
C ASN B 96 -0.21 8.86 -6.68
N VAL B 97 0.79 8.71 -5.83
CA VAL B 97 0.81 9.41 -4.56
C VAL B 97 1.64 10.69 -4.67
N GLY B 98 0.95 11.77 -5.03
CA GLY B 98 1.57 13.08 -5.11
C GLY B 98 2.75 13.13 -6.06
N GLU B 99 2.74 12.26 -7.08
CA GLU B 99 3.85 12.16 -8.03
C GLU B 99 5.15 11.75 -7.35
N ASP B 100 5.04 11.33 -6.09
CA ASP B 100 6.21 10.92 -5.32
C ASP B 100 6.22 9.41 -5.18
N ASN B 101 5.04 8.85 -4.90
CA ASN B 101 4.78 7.42 -4.96
C ASN B 101 5.44 6.63 -3.84
N LEU B 102 5.78 7.32 -2.75
CA LEU B 102 6.26 6.66 -1.55
C LEU B 102 5.35 7.02 -0.38
N TYR B 103 4.92 6.03 0.39
CA TYR B 103 4.02 6.29 1.51
C TYR B 103 4.23 5.28 2.63
N TYR B 104 3.93 5.69 3.85
CA TYR B 104 4.16 4.86 5.03
C TYR B 104 3.03 3.86 5.25
N THR B 105 3.38 2.58 5.17
CA THR B 105 2.46 1.50 5.47
C THR B 105 2.99 0.66 6.62
N ASN B 106 2.27 0.64 7.73
CA ASN B 106 2.72 -0.07 8.94
C ASN B 106 4.06 0.45 9.41
N GLY B 107 4.33 1.73 9.16
CA GLY B 107 5.61 2.31 9.52
C GLY B 107 6.71 1.91 8.54
N ILE B 108 6.32 1.29 7.44
CA ILE B 108 7.25 0.87 6.41
C ILE B 108 6.95 1.62 5.12
N VAL B 109 7.96 2.28 4.55
CA VAL B 109 7.76 3.02 3.32
C VAL B 109 7.46 2.08 2.15
N SER B 110 6.27 2.24 1.59
CA SER B 110 5.82 1.46 0.47
C SER B 110 5.82 2.32 -0.79
N HIS B 111 5.79 1.66 -1.95
CA HIS B 111 5.78 2.36 -3.22
C HIS B 111 4.39 2.26 -3.83
N ALA B 112 3.97 3.32 -4.52
CA ALA B 112 2.65 3.37 -5.11
C ALA B 112 2.71 3.11 -6.61
N CYS B 113 1.60 2.64 -7.16
CA CYS B 113 1.52 2.39 -8.59
C CYS B 113 1.22 3.69 -9.31
N GLU B 114 2.17 4.16 -10.11
CA GLU B 114 2.00 5.39 -10.86
C GLU B 114 1.16 5.13 -12.09
N SER B 115 0.17 5.97 -12.33
CA SER B 115 -0.76 5.78 -13.44
C SER B 115 -1.31 7.12 -13.92
N ARG B 116 -1.60 7.18 -15.21
CA ARG B 116 -2.09 8.40 -15.85
C ARG B 116 -3.55 8.65 -15.49
N GLY B 117 -4.27 7.57 -15.22
CA GLY B 117 -5.65 7.68 -14.81
C GLY B 117 -6.53 6.66 -15.49
N LYS B 118 -6.59 6.73 -16.80
CA LYS B 118 -7.36 5.77 -17.59
C LYS B 118 -6.43 4.97 -18.48
N GLU A 1 1.72 -5.88 -12.65
CA GLU A 1 1.49 -6.40 -11.29
C GLU A 1 0.63 -5.44 -10.47
N PHE A 2 -0.35 -5.99 -9.77
CA PHE A 2 -1.13 -5.20 -8.82
C PHE A 2 -0.40 -5.20 -7.49
N GLU A 3 0.61 -4.35 -7.37
CA GLU A 3 1.41 -4.29 -6.17
C GLU A 3 0.68 -3.50 -5.08
N ALA A 4 -0.03 -4.23 -4.23
CA ALA A 4 -0.89 -3.62 -3.22
C ALA A 4 -0.57 -4.17 -1.83
N LEU A 5 -1.25 -3.63 -0.82
CA LEU A 5 -1.10 -4.11 0.56
C LEU A 5 -2.38 -4.80 0.98
N SER A 6 -2.28 -5.69 1.96
CA SER A 6 -3.45 -6.31 2.54
C SER A 6 -4.26 -5.26 3.31
N GLY A 7 -5.57 -5.48 3.37
CA GLY A 7 -6.50 -4.49 3.89
C GLY A 7 -6.25 -4.11 5.33
N ASP A 8 -5.57 -4.96 6.07
CA ASP A 8 -5.32 -4.74 7.49
C ASP A 8 -4.02 -3.95 7.70
N THR A 9 -3.41 -3.53 6.61
CA THR A 9 -2.24 -2.69 6.67
C THR A 9 -2.62 -1.29 7.13
N MET A 10 -1.90 -0.77 8.11
CA MET A 10 -2.24 0.49 8.74
C MET A 10 -1.51 1.65 8.07
N ILE A 11 -2.26 2.69 7.75
CA ILE A 11 -1.70 3.89 7.18
C ILE A 11 -2.12 5.11 7.97
N GLU A 12 -1.48 6.22 7.72
CA GLU A 12 -1.81 7.45 8.40
C GLU A 12 -2.15 8.51 7.38
N ILE A 13 -3.39 8.96 7.42
CA ILE A 13 -3.86 9.91 6.43
C ILE A 13 -4.13 11.26 7.05
N LEU A 14 -4.12 12.27 6.20
CA LEU A 14 -4.41 13.62 6.58
C LEU A 14 -5.50 14.19 5.68
N ASP A 15 -6.64 14.46 6.27
CA ASP A 15 -7.76 15.04 5.53
C ASP A 15 -7.47 16.52 5.25
N ASP A 16 -8.15 17.07 4.24
CA ASP A 16 -7.93 18.46 3.83
C ASP A 16 -8.37 19.43 4.91
N ASP A 17 -9.14 18.94 5.86
CA ASP A 17 -9.56 19.74 7.01
C ASP A 17 -8.42 19.80 8.03
N GLY A 18 -7.41 18.97 7.82
CA GLY A 18 -6.29 18.90 8.72
C GLY A 18 -6.47 17.82 9.76
N ILE A 19 -7.17 16.77 9.37
CA ILE A 19 -7.46 15.68 10.28
C ILE A 19 -6.56 14.48 10.01
N ILE A 20 -5.78 14.11 11.02
CA ILE A 20 -4.95 12.93 10.97
C ILE A 20 -5.77 11.70 11.36
N GLN A 21 -5.67 10.65 10.58
CA GLN A 21 -6.39 9.42 10.89
C GLN A 21 -5.53 8.20 10.60
N LYS A 22 -5.28 7.42 11.64
CA LYS A 22 -4.55 6.18 11.51
C LYS A 22 -5.53 5.04 11.25
N ILE A 23 -5.63 4.63 9.99
CA ILE A 23 -6.63 3.64 9.58
C ILE A 23 -6.01 2.61 8.66
N SER A 24 -6.68 1.48 8.49
CA SER A 24 -6.20 0.44 7.61
C SER A 24 -6.51 0.77 6.16
N MET A 25 -5.74 0.21 5.24
CA MET A 25 -5.93 0.46 3.81
C MET A 25 -7.37 0.17 3.37
N GLU A 26 -7.92 -0.93 3.87
CA GLU A 26 -9.28 -1.31 3.54
C GLU A 26 -10.30 -0.32 4.11
N ASP A 27 -9.95 0.29 5.23
CA ASP A 27 -10.81 1.28 5.86
C ASP A 27 -10.84 2.54 5.02
N LEU A 28 -9.68 2.86 4.45
CA LEU A 28 -9.56 4.00 3.55
C LEU A 28 -10.41 3.79 2.31
N TYR A 29 -10.47 2.53 1.86
CA TYR A 29 -11.31 2.18 0.73
C TYR A 29 -12.77 2.41 1.07
N GLN A 30 -13.16 2.00 2.26
CA GLN A 30 -14.52 2.20 2.73
C GLN A 30 -14.81 3.69 2.94
N ARG A 31 -13.74 4.44 3.18
CA ARG A 31 -13.85 5.86 3.40
C ARG A 31 -14.14 6.59 2.09
N LEU A 32 -13.79 5.94 1.00
CA LEU A 32 -14.04 6.47 -0.32
C LEU A 32 -15.10 5.66 -1.05
N ALA A 33 -15.86 4.89 -0.30
CA ALA A 33 -16.92 4.07 -0.87
C ALA A 33 -18.29 4.68 -0.57
N ASP B 1 -25.28 0.50 -23.38
CA ASP B 1 -23.97 -0.13 -23.63
C ASP B 1 -23.67 -1.19 -22.56
N TYR B 2 -22.84 -2.15 -22.91
CA TYR B 2 -22.43 -3.18 -21.96
C TYR B 2 -21.02 -2.91 -21.47
N LYS B 3 -20.57 -1.67 -21.65
CA LYS B 3 -19.25 -1.27 -21.22
C LYS B 3 -19.35 -0.50 -19.91
N ASP B 4 -18.62 -0.93 -18.90
CA ASP B 4 -18.60 -0.24 -17.62
C ASP B 4 -17.43 0.72 -17.57
N ASP B 5 -17.10 1.20 -16.38
CA ASP B 5 -15.98 2.12 -16.22
C ASP B 5 -14.65 1.44 -16.52
N ASP B 6 -13.58 2.21 -16.61
CA ASP B 6 -12.27 1.65 -16.91
C ASP B 6 -11.83 0.73 -15.79
N ASP B 7 -11.71 1.31 -14.60
CA ASP B 7 -11.36 0.55 -13.42
C ASP B 7 -12.55 0.54 -12.47
N LYS B 8 -13.24 -0.60 -12.42
CA LYS B 8 -14.54 -0.71 -11.76
C LYS B 8 -14.45 -0.51 -10.25
N MET B 9 -13.62 -1.31 -9.60
CA MET B 9 -13.54 -1.30 -8.14
C MET B 9 -12.45 -0.35 -7.66
N PHE B 10 -12.28 0.72 -8.41
CA PHE B 10 -11.35 1.79 -8.07
C PHE B 10 -12.13 3.00 -7.56
N LYS B 11 -11.72 3.53 -6.41
CA LYS B 11 -12.38 4.69 -5.84
C LYS B 11 -11.52 5.93 -6.05
N LEU B 12 -12.10 6.96 -6.63
CA LEU B 12 -11.41 8.22 -6.80
C LEU B 12 -11.34 8.97 -5.47
N ASN B 13 -10.20 9.59 -5.22
CA ASN B 13 -10.01 10.36 -3.99
C ASN B 13 -10.66 11.73 -4.12
N THR B 14 -11.99 11.71 -4.22
CA THR B 14 -12.76 12.94 -4.32
C THR B 14 -12.92 13.61 -2.97
N LYS B 15 -12.19 13.12 -1.98
CA LYS B 15 -12.21 13.69 -0.64
C LYS B 15 -10.93 14.49 -0.41
N ASN B 16 -10.03 14.43 -1.40
CA ASN B 16 -8.74 15.12 -1.35
C ASN B 16 -7.94 14.72 -0.12
N ILE B 17 -8.00 13.44 0.21
CA ILE B 17 -7.26 12.91 1.34
C ILE B 17 -5.78 12.81 1.00
N LYS B 18 -4.93 12.90 2.00
CA LYS B 18 -3.50 12.77 1.82
C LYS B 18 -2.98 11.67 2.70
N VAL B 19 -1.94 11.00 2.25
CA VAL B 19 -1.36 9.90 2.99
C VAL B 19 0.07 10.24 3.41
N LEU B 20 0.49 9.73 4.56
CA LEU B 20 1.81 10.00 5.08
C LEU B 20 2.87 9.50 4.11
N THR B 21 3.55 10.44 3.47
CA THR B 21 4.60 10.13 2.53
C THR B 21 5.93 10.67 3.04
N PRO B 22 7.06 10.20 2.47
CA PRO B 22 8.39 10.75 2.79
C PRO B 22 8.47 12.25 2.55
N SER B 23 7.58 12.76 1.70
CA SER B 23 7.52 14.18 1.38
C SER B 23 6.61 14.94 2.35
N GLY B 24 5.97 14.20 3.26
CA GLY B 24 5.14 14.83 4.27
C GLY B 24 3.70 15.00 3.82
N PHE B 25 3.01 13.88 3.61
CA PHE B 25 1.58 13.86 3.30
C PHE B 25 1.30 14.45 1.91
N LYS B 26 0.91 13.58 0.99
CA LYS B 26 0.54 14.00 -0.36
C LYS B 26 -0.79 13.39 -0.77
N SER B 27 -1.50 14.09 -1.64
CA SER B 27 -2.78 13.63 -2.11
C SER B 27 -2.59 12.54 -3.17
N PHE B 28 -3.38 11.50 -3.08
CA PHE B 28 -3.34 10.42 -4.05
C PHE B 28 -4.53 10.49 -4.99
N SER B 29 -4.43 9.83 -6.14
CA SER B 29 -5.50 9.86 -7.14
C SER B 29 -6.72 9.08 -6.63
N GLY B 30 -6.46 7.92 -6.05
CA GLY B 30 -7.52 7.10 -5.53
C GLY B 30 -7.00 5.79 -4.98
N ILE B 31 -7.90 4.86 -4.70
CA ILE B 31 -7.53 3.57 -4.15
C ILE B 31 -8.27 2.45 -4.85
N GLN B 32 -7.57 1.36 -5.14
CA GLN B 32 -8.16 0.23 -5.84
C GLN B 32 -8.16 -1.01 -4.97
N LYS B 33 -9.18 -1.83 -5.13
CA LYS B 33 -9.26 -3.10 -4.42
C LYS B 33 -9.04 -4.24 -5.41
N VAL B 34 -8.09 -5.11 -5.09
CA VAL B 34 -7.79 -6.25 -5.92
C VAL B 34 -7.76 -7.52 -5.07
N TYR B 35 -7.87 -8.66 -5.71
CA TYR B 35 -7.79 -9.93 -5.02
C TYR B 35 -6.53 -10.68 -5.44
N LYS B 36 -5.83 -11.24 -4.47
CA LYS B 36 -4.66 -12.05 -4.74
C LYS B 36 -4.73 -13.34 -3.93
N PRO B 37 -4.49 -14.49 -4.58
CA PRO B 37 -4.57 -15.81 -3.92
C PRO B 37 -3.36 -16.11 -3.02
N PHE B 38 -2.45 -15.15 -2.91
CA PHE B 38 -1.28 -15.30 -2.06
C PHE B 38 -0.64 -13.93 -1.80
N TYR B 39 0.17 -13.84 -0.76
CA TYR B 39 0.83 -12.59 -0.44
C TYR B 39 2.07 -12.84 0.41
N HIS B 40 2.89 -11.82 0.56
CA HIS B 40 4.08 -11.93 1.40
C HIS B 40 3.80 -11.38 2.78
N HIS B 41 4.08 -12.18 3.78
CA HIS B 41 3.94 -11.73 5.15
C HIS B 41 5.33 -11.53 5.73
N ILE B 42 5.74 -10.27 5.80
CA ILE B 42 7.10 -9.93 6.23
C ILE B 42 7.08 -9.29 7.60
N ILE B 43 8.01 -9.69 8.45
CA ILE B 43 8.15 -9.10 9.78
C ILE B 43 9.57 -8.57 9.95
N PHE B 44 9.68 -7.38 10.50
CA PHE B 44 10.97 -6.73 10.63
C PHE B 44 11.44 -6.73 12.07
N ASP B 45 12.73 -6.49 12.24
CA ASP B 45 13.37 -6.37 13.56
C ASP B 45 12.82 -5.18 14.32
N ASP B 46 12.07 -4.35 13.61
CA ASP B 46 11.40 -3.19 14.20
C ASP B 46 10.20 -3.66 15.02
N GLY B 47 9.76 -4.88 14.74
CA GLY B 47 8.58 -5.41 15.40
C GLY B 47 7.34 -5.20 14.56
N SER B 48 7.50 -4.46 13.48
CA SER B 48 6.43 -4.20 12.56
C SER B 48 6.40 -5.27 11.47
N GLU B 49 5.27 -5.38 10.81
CA GLU B 49 5.10 -6.36 9.76
C GLU B 49 4.40 -5.74 8.56
N ILE B 50 4.54 -6.37 7.41
CA ILE B 50 3.87 -5.90 6.22
C ILE B 50 3.29 -7.07 5.43
N LYS B 51 2.17 -6.82 4.78
CA LYS B 51 1.51 -7.82 3.97
C LYS B 51 1.24 -7.23 2.58
N CYS B 52 1.89 -7.76 1.56
CA CYS B 52 1.80 -7.18 0.24
C CYS B 52 1.92 -8.21 -0.86
N SER B 53 1.77 -7.76 -2.10
CA SER B 53 1.93 -8.60 -3.27
C SER B 53 3.36 -9.15 -3.36
N ASP B 54 3.58 -10.09 -4.26
CA ASP B 54 4.92 -10.64 -4.46
C ASP B 54 5.85 -9.58 -5.03
N ASN B 55 5.48 -9.03 -6.17
CA ASN B 55 6.35 -8.10 -6.87
C ASN B 55 5.96 -6.66 -6.52
N HIS B 56 5.76 -6.40 -5.24
CA HIS B 56 5.47 -5.06 -4.77
C HIS B 56 6.78 -4.36 -4.39
N SER B 57 7.05 -3.23 -5.02
CA SER B 57 8.22 -2.45 -4.71
C SER B 57 7.99 -1.65 -3.43
N PHE B 58 9.02 -1.52 -2.61
CA PHE B 58 8.91 -0.78 -1.36
C PHE B 58 9.51 0.61 -1.49
N GLY B 59 10.79 0.75 -1.16
CA GLY B 59 11.42 2.05 -1.20
C GLY B 59 11.59 2.57 -2.61
N LYS B 60 12.01 3.83 -2.74
CA LYS B 60 12.19 4.47 -4.04
C LYS B 60 13.28 3.78 -4.85
N ASP B 61 14.05 2.91 -4.20
CA ASP B 61 15.06 2.12 -4.90
C ASP B 61 14.44 0.93 -5.62
N LYS B 62 13.10 0.87 -5.54
CA LYS B 62 12.32 -0.19 -6.18
C LYS B 62 12.72 -1.55 -5.65
N ILE B 63 12.71 -1.68 -4.34
CA ILE B 63 13.06 -2.91 -3.68
C ILE B 63 11.82 -3.78 -3.50
N LYS B 64 11.74 -4.85 -4.26
CA LYS B 64 10.53 -5.65 -4.31
C LYS B 64 10.58 -6.82 -3.32
N ALA B 65 9.41 -7.19 -2.83
CA ALA B 65 9.26 -8.25 -1.84
C ALA B 65 9.84 -9.58 -2.34
N SER B 66 9.86 -9.74 -3.65
CA SER B 66 10.38 -10.94 -4.29
C SER B 66 11.87 -11.13 -3.98
N THR B 67 12.63 -10.03 -4.00
CA THR B 67 14.08 -10.13 -3.90
C THR B 67 14.54 -10.07 -2.45
N ILE B 68 13.68 -9.59 -1.57
CA ILE B 68 14.03 -9.41 -0.17
C ILE B 68 14.12 -10.76 0.53
N LYS B 69 15.25 -11.01 1.16
CA LYS B 69 15.48 -12.24 1.89
C LYS B 69 15.73 -11.93 3.35
N VAL B 70 15.34 -12.84 4.23
CA VAL B 70 15.51 -12.63 5.67
C VAL B 70 16.97 -12.41 6.03
N GLY B 71 17.22 -11.36 6.79
CA GLY B 71 18.57 -10.97 7.14
C GLY B 71 18.98 -9.69 6.46
N ASP B 72 18.23 -9.31 5.43
CA ASP B 72 18.48 -8.06 4.73
C ASP B 72 17.83 -6.90 5.47
N TYR B 73 18.22 -5.70 5.11
CA TYR B 73 17.69 -4.52 5.74
C TYR B 73 16.87 -3.69 4.77
N LEU B 74 15.62 -3.48 5.11
CA LEU B 74 14.73 -2.69 4.29
C LEU B 74 14.59 -1.29 4.87
N GLN B 75 15.39 -0.37 4.34
CA GLN B 75 15.35 1.02 4.77
C GLN B 75 15.64 1.17 6.27
N GLY B 76 16.56 0.36 6.76
CA GLY B 76 17.00 0.50 8.14
C GLY B 76 16.50 -0.61 9.05
N LYS B 77 15.51 -1.37 8.60
CA LYS B 77 14.93 -2.41 9.42
C LYS B 77 15.21 -3.78 8.83
N LYS B 78 15.76 -4.67 9.65
CA LYS B 78 16.16 -5.98 9.19
C LYS B 78 14.95 -6.91 9.13
N VAL B 79 14.76 -7.51 7.96
CA VAL B 79 13.68 -8.47 7.77
C VAL B 79 14.03 -9.79 8.44
N LEU B 80 13.18 -10.23 9.36
CA LEU B 80 13.42 -11.45 10.10
C LEU B 80 12.54 -12.57 9.58
N TYR B 81 11.43 -12.20 8.97
CA TYR B 81 10.46 -13.18 8.49
C TYR B 81 9.89 -12.74 7.16
N ASN B 82 9.88 -13.64 6.20
CA ASN B 82 9.36 -13.36 4.86
C ASN B 82 8.76 -14.63 4.27
N GLU B 83 7.48 -14.84 4.51
CA GLU B 83 6.81 -16.04 4.03
C GLU B 83 5.83 -15.68 2.91
N ILE B 84 5.84 -16.50 1.87
CA ILE B 84 4.82 -16.41 0.85
C ILE B 84 3.63 -17.25 1.27
N VAL B 85 2.68 -16.60 1.92
CA VAL B 85 1.52 -17.30 2.43
C VAL B 85 0.45 -17.34 1.36
N GLU B 86 0.15 -18.54 0.91
CA GLU B 86 -0.74 -18.75 -0.20
C GLU B 86 -2.18 -18.84 0.26
N GLU B 87 -2.70 -17.70 0.68
CA GLU B 87 -4.09 -17.59 1.09
C GLU B 87 -4.73 -16.43 0.36
N GLY B 88 -5.91 -16.67 -0.20
CA GLY B 88 -6.63 -15.63 -0.90
C GLY B 88 -6.99 -14.50 0.02
N ILE B 89 -6.62 -13.30 -0.38
CA ILE B 89 -6.79 -12.12 0.45
C ILE B 89 -7.12 -10.91 -0.41
N TYR B 90 -7.78 -9.93 0.18
CA TYR B 90 -8.10 -8.70 -0.53
C TYR B 90 -6.97 -7.69 -0.35
N LEU B 91 -6.54 -7.12 -1.45
CA LEU B 91 -5.41 -6.21 -1.46
C LEU B 91 -5.86 -4.82 -1.93
N TYR B 92 -5.26 -3.79 -1.35
CA TYR B 92 -5.62 -2.42 -1.65
C TYR B 92 -4.36 -1.60 -1.89
N ASP B 93 -4.40 -0.70 -2.89
CA ASP B 93 -3.26 0.17 -3.16
C ASP B 93 -3.72 1.58 -3.52
N LEU B 94 -2.83 2.54 -3.34
CA LEU B 94 -3.14 3.93 -3.65
C LEU B 94 -2.55 4.30 -5.00
N LEU B 95 -3.41 4.71 -5.91
CA LEU B 95 -2.98 5.01 -7.27
C LEU B 95 -2.43 6.42 -7.33
N ASN B 96 -1.17 6.53 -7.73
CA ASN B 96 -0.49 7.82 -7.91
C ASN B 96 -0.54 8.68 -6.65
N VAL B 97 0.54 8.65 -5.87
CA VAL B 97 0.59 9.40 -4.62
C VAL B 97 1.50 10.61 -4.76
N GLY B 98 0.90 11.78 -4.93
CA GLY B 98 1.66 12.99 -5.17
C GLY B 98 2.54 12.86 -6.38
N GLU B 99 3.74 13.42 -6.29
CA GLU B 99 4.73 13.27 -7.35
C GLU B 99 5.82 12.31 -6.91
N ASP B 100 5.63 11.72 -5.74
CA ASP B 100 6.64 10.82 -5.18
C ASP B 100 6.29 9.38 -5.50
N ASN B 101 5.02 9.03 -5.25
CA ASN B 101 4.51 7.66 -5.43
C ASN B 101 5.07 6.72 -4.37
N LEU B 102 5.61 7.31 -3.31
CA LEU B 102 6.09 6.57 -2.15
C LEU B 102 5.25 6.97 -0.94
N TYR B 103 4.84 5.99 -0.15
CA TYR B 103 3.92 6.23 0.97
C TYR B 103 4.22 5.28 2.14
N TYR B 104 3.87 5.70 3.34
CA TYR B 104 4.16 4.91 4.54
C TYR B 104 3.04 3.92 4.85
N THR B 105 3.37 2.64 4.77
CA THR B 105 2.46 1.58 5.15
C THR B 105 3.06 0.80 6.31
N ASN B 106 2.38 0.81 7.46
CA ASN B 106 2.89 0.17 8.67
C ASN B 106 4.28 0.69 9.04
N GLY B 107 4.52 1.97 8.77
CA GLY B 107 5.81 2.57 9.07
C GLY B 107 6.86 2.25 8.03
N ILE B 108 6.47 1.53 7.00
CA ILE B 108 7.38 1.14 5.93
C ILE B 108 7.06 1.90 4.66
N VAL B 109 8.07 2.49 4.03
CA VAL B 109 7.87 3.19 2.78
C VAL B 109 7.58 2.18 1.66
N SER B 110 6.40 2.30 1.07
CA SER B 110 5.97 1.41 0.01
C SER B 110 5.85 2.18 -1.31
N HIS B 111 5.79 1.45 -2.41
CA HIS B 111 5.67 2.06 -3.73
C HIS B 111 4.24 1.91 -4.25
N ALA B 112 3.66 3.01 -4.65
CA ALA B 112 2.28 3.03 -5.13
C ALA B 112 2.24 2.73 -6.62
N CYS B 113 1.15 2.14 -7.09
CA CYS B 113 0.99 1.90 -8.51
C CYS B 113 0.80 3.23 -9.22
N GLU B 114 1.67 3.53 -10.17
CA GLU B 114 1.70 4.83 -10.81
C GLU B 114 0.73 4.87 -11.97
N SER B 115 -0.40 5.53 -11.75
CA SER B 115 -1.46 5.60 -12.76
C SER B 115 -1.41 6.90 -13.54
N ARG B 116 -0.87 6.82 -14.76
CA ARG B 116 -0.89 7.93 -15.68
C ARG B 116 -1.08 7.40 -17.09
N GLY B 117 -1.67 6.22 -17.15
CA GLY B 117 -1.88 5.53 -18.41
C GLY B 117 -2.00 4.03 -18.20
N LYS B 118 -2.60 3.33 -19.14
CA LYS B 118 -2.77 1.90 -19.01
C LYS B 118 -2.47 1.22 -20.34
N GLU A 1 -1.60 -1.63 -8.49
CA GLU A 1 -2.64 -2.45 -9.17
C GLU A 1 -2.19 -3.90 -9.29
N PHE A 2 -1.19 -4.15 -10.14
CA PHE A 2 -0.61 -5.47 -10.28
C PHE A 2 0.03 -5.86 -8.95
N GLU A 3 0.56 -4.86 -8.28
CA GLU A 3 1.09 -5.00 -6.94
C GLU A 3 0.17 -4.29 -5.96
N ALA A 4 0.05 -4.81 -4.74
CA ALA A 4 -0.81 -4.19 -3.72
C ALA A 4 -0.39 -4.59 -2.30
N LEU A 5 -1.00 -3.96 -1.30
CA LEU A 5 -0.74 -4.26 0.11
C LEU A 5 -1.99 -4.90 0.72
N SER A 6 -1.82 -5.67 1.79
CA SER A 6 -2.96 -6.25 2.50
C SER A 6 -3.69 -5.16 3.28
N GLY A 7 -4.93 -5.46 3.64
CA GLY A 7 -5.76 -4.50 4.34
C GLY A 7 -5.31 -4.25 5.75
N ASP A 8 -4.42 -5.11 6.24
CA ASP A 8 -3.88 -4.99 7.60
C ASP A 8 -2.87 -3.86 7.67
N THR A 9 -2.40 -3.44 6.51
CA THR A 9 -1.40 -2.40 6.41
C THR A 9 -1.95 -1.09 6.94
N MET A 10 -1.24 -0.51 7.90
CA MET A 10 -1.67 0.71 8.55
C MET A 10 -0.97 1.91 7.96
N ILE A 11 -1.74 2.93 7.65
CA ILE A 11 -1.21 4.15 7.07
C ILE A 11 -1.70 5.34 7.87
N GLU A 12 -1.12 6.49 7.63
CA GLU A 12 -1.52 7.70 8.30
C GLU A 12 -1.98 8.71 7.27
N ILE A 13 -3.20 9.17 7.41
CA ILE A 13 -3.77 10.08 6.45
C ILE A 13 -3.99 11.46 7.04
N LEU A 14 -4.03 12.43 6.15
CA LEU A 14 -4.37 13.78 6.50
C LEU A 14 -5.62 14.19 5.73
N ASP A 15 -6.72 14.27 6.46
CA ASP A 15 -8.01 14.61 5.87
C ASP A 15 -7.98 16.04 5.31
N ASP A 16 -8.90 16.35 4.42
CA ASP A 16 -8.96 17.67 3.81
C ASP A 16 -9.08 18.76 4.85
N ASP A 17 -9.80 18.47 5.93
CA ASP A 17 -10.02 19.44 6.99
C ASP A 17 -8.74 19.64 7.80
N GLY A 18 -7.76 18.76 7.60
CA GLY A 18 -6.53 18.83 8.34
C GLY A 18 -6.52 17.88 9.51
N ILE A 19 -7.18 16.74 9.33
CA ILE A 19 -7.29 15.75 10.38
C ILE A 19 -6.33 14.60 10.15
N ILE A 20 -5.48 14.34 11.13
CA ILE A 20 -4.57 13.21 11.09
C ILE A 20 -5.26 11.97 11.64
N GLN A 21 -5.15 10.86 10.92
CA GLN A 21 -5.78 9.63 11.36
C GLN A 21 -4.99 8.43 10.86
N LYS A 22 -4.65 7.53 11.78
CA LYS A 22 -3.97 6.29 11.43
C LYS A 22 -5.02 5.22 11.15
N ILE A 23 -5.06 4.76 9.91
CA ILE A 23 -6.08 3.80 9.48
C ILE A 23 -5.44 2.73 8.59
N SER A 24 -6.12 1.62 8.43
CA SER A 24 -5.63 0.56 7.58
C SER A 24 -6.00 0.85 6.12
N MET A 25 -5.20 0.31 5.20
CA MET A 25 -5.43 0.50 3.77
C MET A 25 -6.84 0.07 3.37
N GLU A 26 -7.36 -0.94 4.06
CA GLU A 26 -8.71 -1.42 3.81
C GLU A 26 -9.74 -0.39 4.26
N ASP A 27 -9.47 0.28 5.37
CA ASP A 27 -10.37 1.30 5.89
C ASP A 27 -10.43 2.49 4.95
N LEU A 28 -9.27 2.83 4.40
CA LEU A 28 -9.16 3.92 3.45
C LEU A 28 -10.01 3.64 2.22
N TYR A 29 -10.02 2.39 1.79
CA TYR A 29 -10.85 1.98 0.66
C TYR A 29 -12.32 2.18 0.99
N GLN A 30 -12.70 1.77 2.19
CA GLN A 30 -14.08 1.89 2.64
C GLN A 30 -14.50 3.34 2.81
N ARG A 31 -13.52 4.21 3.06
CA ARG A 31 -13.80 5.63 3.23
C ARG A 31 -14.10 6.29 1.88
N LEU A 32 -13.64 5.65 0.82
CA LEU A 32 -13.86 6.18 -0.52
C LEU A 32 -14.90 5.36 -1.26
N ALA A 33 -15.58 4.49 -0.53
CA ALA A 33 -16.61 3.64 -1.10
C ALA A 33 -17.94 4.38 -1.16
N ASP B 1 -30.01 -6.62 -10.65
CA ASP B 1 -30.99 -5.68 -10.05
C ASP B 1 -30.70 -5.50 -8.57
N TYR B 2 -30.86 -6.56 -7.79
CA TYR B 2 -30.59 -6.50 -6.36
C TYR B 2 -29.10 -6.47 -6.10
N LYS B 3 -28.34 -7.09 -7.00
CA LYS B 3 -26.89 -7.08 -6.93
C LYS B 3 -26.32 -6.55 -8.24
N ASP B 4 -25.39 -5.62 -8.15
CA ASP B 4 -24.76 -5.07 -9.35
C ASP B 4 -23.47 -5.80 -9.65
N ASP B 5 -22.71 -5.29 -10.61
CA ASP B 5 -21.44 -5.89 -10.98
C ASP B 5 -20.38 -5.60 -9.92
N ASP B 6 -19.22 -6.23 -10.07
CA ASP B 6 -18.12 -6.03 -9.13
C ASP B 6 -16.93 -5.42 -9.82
N ASP B 7 -17.19 -4.64 -10.86
CA ASP B 7 -16.14 -3.93 -11.56
C ASP B 7 -15.97 -2.56 -10.94
N LYS B 8 -15.17 -1.71 -11.59
CA LYS B 8 -14.91 -0.36 -11.08
C LYS B 8 -14.41 -0.44 -9.64
N MET B 9 -13.45 -1.31 -9.42
CA MET B 9 -12.91 -1.57 -8.09
C MET B 9 -11.81 -0.58 -7.74
N PHE B 10 -11.83 0.55 -8.42
CA PHE B 10 -10.94 1.66 -8.15
C PHE B 10 -11.73 2.83 -7.61
N LYS B 11 -11.40 3.28 -6.41
CA LYS B 11 -12.12 4.37 -5.79
C LYS B 11 -11.37 5.67 -5.98
N LEU B 12 -12.11 6.72 -6.32
CA LEU B 12 -11.53 8.02 -6.55
C LEU B 12 -11.43 8.81 -5.25
N ASN B 13 -10.31 9.48 -5.06
CA ASN B 13 -10.08 10.29 -3.87
C ASN B 13 -10.78 11.65 -4.01
N THR B 14 -12.11 11.63 -3.94
CA THR B 14 -12.89 12.84 -4.06
C THR B 14 -13.03 13.58 -2.72
N LYS B 15 -12.56 12.94 -1.65
CA LYS B 15 -12.67 13.50 -0.32
C LYS B 15 -11.46 14.39 -0.02
N ASN B 16 -10.55 14.45 -1.00
CA ASN B 16 -9.35 15.29 -0.93
C ASN B 16 -8.43 14.84 0.20
N ILE B 17 -8.33 13.54 0.38
CA ILE B 17 -7.48 12.97 1.42
C ILE B 17 -6.02 12.96 0.99
N LYS B 18 -5.11 13.07 1.94
CA LYS B 18 -3.70 12.95 1.67
C LYS B 18 -3.12 11.89 2.59
N VAL B 19 -2.03 11.29 2.15
CA VAL B 19 -1.41 10.21 2.90
C VAL B 19 0.01 10.61 3.31
N LEU B 20 0.45 10.14 4.48
CA LEU B 20 1.76 10.45 5.01
C LEU B 20 2.84 9.91 4.08
N THR B 21 3.59 10.83 3.50
CA THR B 21 4.67 10.47 2.62
C THR B 21 6.00 10.96 3.17
N PRO B 22 7.12 10.37 2.74
CA PRO B 22 8.45 10.87 3.08
C PRO B 22 8.62 12.34 2.70
N SER B 23 7.96 12.73 1.63
CA SER B 23 8.03 14.10 1.15
C SER B 23 7.24 15.04 2.07
N GLY B 24 6.07 14.58 2.52
CA GLY B 24 5.30 15.35 3.47
C GLY B 24 3.83 15.48 3.12
N PHE B 25 3.13 14.35 3.14
CA PHE B 25 1.68 14.31 2.90
C PHE B 25 1.33 14.72 1.48
N LYS B 26 0.98 13.74 0.66
CA LYS B 26 0.63 13.99 -0.72
C LYS B 26 -0.76 13.44 -1.02
N SER B 27 -1.42 14.07 -1.98
CA SER B 27 -2.73 13.63 -2.40
C SER B 27 -2.60 12.58 -3.49
N PHE B 28 -3.35 11.50 -3.35
CA PHE B 28 -3.30 10.41 -4.31
C PHE B 28 -4.52 10.43 -5.21
N SER B 29 -4.40 9.79 -6.37
CA SER B 29 -5.50 9.77 -7.32
C SER B 29 -6.66 8.95 -6.78
N GLY B 30 -6.33 7.79 -6.23
CA GLY B 30 -7.34 6.91 -5.69
C GLY B 30 -6.74 5.64 -5.14
N ILE B 31 -7.60 4.66 -4.86
CA ILE B 31 -7.14 3.39 -4.31
C ILE B 31 -7.79 2.23 -5.05
N GLN B 32 -7.00 1.20 -5.33
CA GLN B 32 -7.45 0.09 -6.15
C GLN B 32 -7.44 -1.20 -5.31
N LYS B 33 -8.57 -1.89 -5.29
CA LYS B 33 -8.68 -3.15 -4.55
C LYS B 33 -8.60 -4.33 -5.51
N VAL B 34 -7.73 -5.27 -5.20
CA VAL B 34 -7.56 -6.46 -6.02
C VAL B 34 -7.68 -7.71 -5.16
N TYR B 35 -7.96 -8.84 -5.79
CA TYR B 35 -7.97 -10.10 -5.10
C TYR B 35 -6.73 -10.89 -5.46
N LYS B 36 -5.97 -11.31 -4.46
CA LYS B 36 -4.75 -12.05 -4.71
C LYS B 36 -4.81 -13.40 -3.99
N PRO B 37 -4.49 -14.48 -4.70
CA PRO B 37 -4.54 -15.84 -4.14
C PRO B 37 -3.34 -16.16 -3.24
N PHE B 38 -2.41 -15.23 -3.13
CA PHE B 38 -1.23 -15.41 -2.30
C PHE B 38 -0.55 -14.08 -2.04
N TYR B 39 0.25 -14.01 -0.99
CA TYR B 39 0.97 -12.79 -0.65
C TYR B 39 2.16 -13.10 0.25
N HIS B 40 2.99 -12.11 0.49
CA HIS B 40 4.15 -12.27 1.37
C HIS B 40 3.84 -11.69 2.73
N HIS B 41 4.12 -12.46 3.76
CA HIS B 41 3.98 -11.98 5.12
C HIS B 41 5.36 -11.77 5.72
N ILE B 42 5.77 -10.52 5.78
CA ILE B 42 7.11 -10.16 6.21
C ILE B 42 7.08 -9.54 7.60
N ILE B 43 7.95 -10.00 8.48
CA ILE B 43 8.05 -9.44 9.83
C ILE B 43 9.48 -8.96 10.08
N PHE B 44 9.61 -7.80 10.70
CA PHE B 44 10.92 -7.19 10.90
C PHE B 44 11.32 -7.21 12.36
N ASP B 45 12.62 -7.10 12.59
CA ASP B 45 13.22 -7.09 13.93
C ASP B 45 12.84 -5.82 14.67
N ASP B 46 12.18 -4.92 13.96
CA ASP B 46 11.71 -3.67 14.53
C ASP B 46 10.41 -3.88 15.30
N GLY B 47 9.75 -5.00 15.04
CA GLY B 47 8.48 -5.28 15.67
C GLY B 47 7.31 -5.01 14.75
N SER B 48 7.62 -4.40 13.62
CA SER B 48 6.62 -4.13 12.61
C SER B 48 6.64 -5.21 11.55
N GLU B 49 5.56 -5.30 10.79
CA GLU B 49 5.45 -6.28 9.73
C GLU B 49 4.78 -5.67 8.53
N ILE B 50 4.82 -6.37 7.42
CA ILE B 50 4.13 -5.93 6.22
C ILE B 50 3.58 -7.13 5.46
N LYS B 51 2.44 -6.93 4.83
CA LYS B 51 1.80 -7.97 4.04
C LYS B 51 1.51 -7.42 2.65
N CYS B 52 2.20 -7.93 1.65
CA CYS B 52 2.09 -7.38 0.31
C CYS B 52 2.19 -8.47 -0.75
N SER B 53 1.99 -8.07 -2.00
CA SER B 53 2.15 -8.97 -3.13
C SER B 53 3.60 -9.45 -3.25
N ASP B 54 3.85 -10.33 -4.20
CA ASP B 54 5.20 -10.81 -4.45
C ASP B 54 6.07 -9.69 -5.02
N ASN B 55 5.54 -9.00 -6.03
CA ASN B 55 6.32 -8.01 -6.75
C ASN B 55 5.93 -6.58 -6.38
N HIS B 56 5.57 -6.34 -5.13
CA HIS B 56 5.26 -4.97 -4.70
C HIS B 56 6.55 -4.26 -4.32
N SER B 57 6.68 -3.04 -4.81
CA SER B 57 7.85 -2.22 -4.58
C SER B 57 7.70 -1.38 -3.31
N PHE B 58 8.82 -1.09 -2.67
CA PHE B 58 8.82 -0.34 -1.43
C PHE B 58 9.46 1.04 -1.59
N GLY B 59 10.79 1.10 -1.47
CA GLY B 59 11.48 2.37 -1.57
C GLY B 59 11.43 2.95 -2.97
N LYS B 60 11.92 4.19 -3.12
CA LYS B 60 11.90 4.89 -4.40
C LYS B 60 12.71 4.15 -5.46
N ASP B 61 13.57 3.24 -5.03
CA ASP B 61 14.35 2.42 -5.94
C ASP B 61 13.52 1.25 -6.45
N LYS B 62 12.24 1.25 -6.06
CA LYS B 62 11.28 0.22 -6.44
C LYS B 62 11.75 -1.15 -6.00
N ILE B 63 12.14 -1.24 -4.75
CA ILE B 63 12.63 -2.48 -4.18
C ILE B 63 11.45 -3.41 -3.90
N LYS B 64 11.39 -4.49 -4.65
CA LYS B 64 10.25 -5.41 -4.57
C LYS B 64 10.50 -6.50 -3.55
N ALA B 65 9.41 -7.04 -3.00
CA ALA B 65 9.47 -8.05 -1.95
C ALA B 65 10.29 -9.27 -2.36
N SER B 66 10.26 -9.58 -3.65
CA SER B 66 10.95 -10.75 -4.18
C SER B 66 12.47 -10.66 -3.98
N THR B 67 13.01 -9.45 -3.89
CA THR B 67 14.44 -9.28 -3.74
C THR B 67 14.80 -9.06 -2.28
N ILE B 68 13.81 -9.24 -1.41
CA ILE B 68 14.01 -9.14 0.01
C ILE B 68 13.93 -10.52 0.64
N LYS B 69 14.99 -10.92 1.32
CA LYS B 69 15.03 -12.21 1.97
C LYS B 69 15.45 -12.06 3.41
N VAL B 70 15.04 -13.02 4.24
CA VAL B 70 15.33 -12.99 5.67
C VAL B 70 16.81 -12.80 5.95
N GLY B 71 17.11 -11.84 6.83
CA GLY B 71 18.49 -11.51 7.13
C GLY B 71 18.90 -10.18 6.53
N ASP B 72 18.14 -9.72 5.55
CA ASP B 72 18.40 -8.43 4.92
C ASP B 72 17.66 -7.34 5.66
N TYR B 73 17.93 -6.10 5.32
CA TYR B 73 17.28 -4.98 5.98
C TYR B 73 16.49 -4.14 4.97
N LEU B 74 15.33 -3.70 5.40
CA LEU B 74 14.50 -2.82 4.59
C LEU B 74 14.35 -1.48 5.29
N GLN B 75 15.07 -0.48 4.78
CA GLN B 75 15.02 0.88 5.33
C GLN B 75 15.40 0.90 6.81
N GLY B 76 16.30 0.00 7.18
CA GLY B 76 16.80 -0.03 8.55
C GLY B 76 16.28 -1.20 9.34
N LYS B 77 15.14 -1.74 8.95
CA LYS B 77 14.52 -2.82 9.69
C LYS B 77 14.89 -4.17 9.08
N LYS B 78 15.45 -5.05 9.89
CA LYS B 78 15.85 -6.36 9.41
C LYS B 78 14.65 -7.28 9.25
N VAL B 79 14.55 -7.91 8.11
CA VAL B 79 13.49 -8.88 7.85
C VAL B 79 13.85 -10.22 8.47
N LEU B 80 13.07 -10.62 9.46
CA LEU B 80 13.28 -11.88 10.14
C LEU B 80 12.38 -12.95 9.55
N TYR B 81 11.28 -12.50 8.98
CA TYR B 81 10.27 -13.41 8.48
C TYR B 81 9.78 -12.96 7.11
N ASN B 82 9.67 -13.89 6.19
CA ASN B 82 9.19 -13.59 4.85
C ASN B 82 8.59 -14.86 4.25
N GLU B 83 7.33 -15.08 4.54
CA GLU B 83 6.65 -16.29 4.09
C GLU B 83 5.71 -15.99 2.95
N ILE B 84 5.70 -16.88 1.96
CA ILE B 84 4.73 -16.81 0.88
C ILE B 84 3.50 -17.59 1.28
N VAL B 85 2.51 -16.90 1.79
CA VAL B 85 1.29 -17.52 2.23
C VAL B 85 0.27 -17.51 1.10
N GLU B 86 -0.09 -18.71 0.68
CA GLU B 86 -0.92 -18.88 -0.50
C GLU B 86 -2.38 -19.00 -0.11
N GLU B 87 -2.93 -17.92 0.40
CA GLU B 87 -4.32 -17.86 0.79
C GLU B 87 -4.98 -16.67 0.13
N GLY B 88 -6.15 -16.91 -0.45
CA GLY B 88 -6.91 -15.85 -1.10
C GLY B 88 -7.18 -14.69 -0.16
N ILE B 89 -6.75 -13.52 -0.58
CA ILE B 89 -6.84 -12.33 0.24
C ILE B 89 -7.15 -11.12 -0.63
N TYR B 90 -7.80 -10.13 -0.06
CA TYR B 90 -8.05 -8.88 -0.77
C TYR B 90 -6.96 -7.87 -0.48
N LEU B 91 -6.41 -7.32 -1.54
CA LEU B 91 -5.28 -6.41 -1.44
C LEU B 91 -5.67 -5.02 -1.92
N TYR B 92 -5.00 -4.01 -1.40
CA TYR B 92 -5.33 -2.62 -1.68
C TYR B 92 -4.03 -1.87 -2.01
N ASP B 93 -4.09 -1.00 -3.02
CA ASP B 93 -2.91 -0.25 -3.44
C ASP B 93 -3.29 1.17 -3.84
N LEU B 94 -2.43 2.13 -3.54
CA LEU B 94 -2.71 3.53 -3.86
C LEU B 94 -2.22 3.86 -5.26
N LEU B 95 -3.01 4.63 -6.00
CA LEU B 95 -2.67 5.01 -7.35
C LEU B 95 -2.14 6.44 -7.38
N ASN B 96 -0.87 6.57 -7.76
CA ASN B 96 -0.21 7.86 -7.95
C ASN B 96 -0.32 8.75 -6.71
N VAL B 97 0.69 8.69 -5.85
CA VAL B 97 0.71 9.51 -4.65
C VAL B 97 1.58 10.74 -4.89
N GLY B 98 0.94 11.87 -5.11
CA GLY B 98 1.66 13.08 -5.42
C GLY B 98 2.49 12.94 -6.68
N GLU B 99 3.69 13.50 -6.65
CA GLU B 99 4.61 13.40 -7.77
C GLU B 99 5.70 12.36 -7.51
N ASP B 100 5.86 12.01 -6.24
CA ASP B 100 6.96 11.12 -5.85
C ASP B 100 6.51 9.65 -5.80
N ASN B 101 5.26 9.44 -5.39
CA ASN B 101 4.63 8.10 -5.38
C ASN B 101 5.15 7.22 -4.24
N LEU B 102 5.68 7.84 -3.19
CA LEU B 102 6.12 7.10 -2.01
C LEU B 102 5.27 7.47 -0.81
N TYR B 103 4.88 6.49 -0.01
CA TYR B 103 4.06 6.74 1.16
C TYR B 103 4.38 5.77 2.28
N TYR B 104 4.04 6.16 3.51
CA TYR B 104 4.37 5.35 4.69
C TYR B 104 3.33 4.28 4.95
N THR B 105 3.79 3.04 4.94
CA THR B 105 2.97 1.89 5.32
C THR B 105 3.62 1.16 6.49
N ASN B 106 2.95 1.16 7.64
CA ASN B 106 3.50 0.55 8.86
C ASN B 106 4.87 1.13 9.20
N GLY B 107 5.03 2.43 8.95
CA GLY B 107 6.29 3.10 9.24
C GLY B 107 7.35 2.84 8.19
N ILE B 108 6.98 2.12 7.13
CA ILE B 108 7.91 1.77 6.07
C ILE B 108 7.47 2.41 4.77
N VAL B 109 8.41 3.03 4.06
CA VAL B 109 8.10 3.69 2.81
C VAL B 109 7.77 2.68 1.72
N SER B 110 6.56 2.79 1.18
CA SER B 110 6.10 1.90 0.13
C SER B 110 5.85 2.69 -1.14
N HIS B 111 5.72 1.99 -2.26
CA HIS B 111 5.58 2.63 -3.56
C HIS B 111 4.17 2.48 -4.09
N ALA B 112 3.60 3.58 -4.56
CA ALA B 112 2.26 3.56 -5.13
C ALA B 112 2.31 3.21 -6.60
N CYS B 113 1.22 2.65 -7.11
CA CYS B 113 1.14 2.28 -8.52
C CYS B 113 1.07 3.55 -9.37
N GLU B 114 2.20 3.94 -9.93
CA GLU B 114 2.27 5.10 -10.80
C GLU B 114 1.62 4.81 -12.15
N SER B 115 0.52 5.47 -12.44
CA SER B 115 -0.26 5.19 -13.64
C SER B 115 -0.16 6.32 -14.66
N ARG B 116 0.60 7.36 -14.34
CA ARG B 116 0.78 8.48 -15.25
C ARG B 116 1.97 8.22 -16.15
N GLY B 117 1.70 8.06 -17.45
CA GLY B 117 2.73 7.73 -18.41
C GLY B 117 3.79 8.82 -18.53
N LYS B 118 3.36 10.07 -18.49
CA LYS B 118 4.26 11.20 -18.56
C LYS B 118 3.79 12.29 -17.60
N GLU A 1 3.33 -4.71 -11.10
CA GLU A 1 2.36 -5.75 -11.52
C GLU A 1 1.59 -6.28 -10.32
N PHE A 2 0.34 -5.83 -10.17
CA PHE A 2 -0.51 -6.20 -9.04
C PHE A 2 0.19 -5.93 -7.72
N GLU A 3 0.88 -4.80 -7.67
CA GLU A 3 1.55 -4.37 -6.47
C GLU A 3 0.54 -3.80 -5.49
N ALA A 4 0.27 -4.52 -4.41
CA ALA A 4 -0.69 -4.05 -3.43
C ALA A 4 -0.38 -4.60 -2.05
N LEU A 5 -0.94 -3.95 -1.02
CA LEU A 5 -0.73 -4.35 0.38
C LEU A 5 -2.02 -4.97 0.91
N SER A 6 -1.91 -5.80 1.94
CA SER A 6 -3.07 -6.36 2.59
C SER A 6 -3.85 -5.27 3.32
N GLY A 7 -5.15 -5.50 3.47
CA GLY A 7 -6.05 -4.51 4.04
C GLY A 7 -5.72 -4.09 5.46
N ASP A 8 -4.95 -4.92 6.17
CA ASP A 8 -4.60 -4.64 7.56
C ASP A 8 -3.47 -3.63 7.65
N THR A 9 -2.94 -3.24 6.49
CA THR A 9 -1.87 -2.26 6.44
C THR A 9 -2.37 -0.92 6.97
N MET A 10 -1.77 -0.45 8.03
CA MET A 10 -2.21 0.76 8.70
C MET A 10 -1.47 1.98 8.19
N ILE A 11 -2.22 3.00 7.84
CA ILE A 11 -1.68 4.23 7.30
C ILE A 11 -2.24 5.42 8.06
N GLU A 12 -1.65 6.59 7.82
CA GLU A 12 -2.13 7.81 8.45
C GLU A 12 -2.53 8.79 7.37
N ILE A 13 -3.78 9.23 7.41
CA ILE A 13 -4.31 10.10 6.38
C ILE A 13 -4.74 11.43 6.94
N LEU A 14 -4.91 12.38 6.04
CA LEU A 14 -5.43 13.69 6.36
C LEU A 14 -6.65 13.96 5.50
N ASP A 15 -7.81 14.03 6.14
CA ASP A 15 -9.07 14.21 5.44
C ASP A 15 -9.19 15.60 4.83
N ASP A 16 -10.22 15.79 4.03
CA ASP A 16 -10.51 17.09 3.44
C ASP A 16 -10.65 18.16 4.51
N ASP A 17 -11.31 17.78 5.60
CA ASP A 17 -11.61 18.69 6.69
C ASP A 17 -10.38 19.00 7.53
N GLY A 18 -9.24 18.43 7.13
CA GLY A 18 -8.01 18.66 7.85
C GLY A 18 -7.93 17.80 9.09
N ILE A 19 -8.55 16.64 9.03
CA ILE A 19 -8.57 15.72 10.15
C ILE A 19 -7.58 14.58 9.93
N ILE A 20 -6.79 14.31 10.96
CA ILE A 20 -5.84 13.20 10.91
C ILE A 20 -6.51 11.92 11.39
N GLN A 21 -6.29 10.83 10.66
CA GLN A 21 -6.85 9.56 11.05
C GLN A 21 -5.92 8.42 10.64
N LYS A 22 -5.65 7.53 11.59
CA LYS A 22 -4.87 6.35 11.30
C LYS A 22 -5.81 5.19 11.00
N ILE A 23 -5.82 4.76 9.74
CA ILE A 23 -6.75 3.73 9.30
C ILE A 23 -6.03 2.69 8.47
N SER A 24 -6.65 1.55 8.30
CA SER A 24 -6.10 0.50 7.46
C SER A 24 -6.42 0.79 5.99
N MET A 25 -5.57 0.30 5.10
CA MET A 25 -5.75 0.50 3.66
C MET A 25 -7.12 0.03 3.20
N GLU A 26 -7.60 -1.05 3.81
CA GLU A 26 -8.92 -1.56 3.52
C GLU A 26 -10.00 -0.56 3.91
N ASP A 27 -9.75 0.18 4.98
CA ASP A 27 -10.71 1.14 5.48
C ASP A 27 -10.74 2.36 4.57
N LEU A 28 -9.59 2.72 4.02
CA LEU A 28 -9.51 3.83 3.09
C LEU A 28 -10.33 3.51 1.86
N TYR A 29 -10.29 2.25 1.44
CA TYR A 29 -11.08 1.80 0.29
C TYR A 29 -12.55 1.96 0.59
N GLN A 30 -12.97 1.52 1.77
CA GLN A 30 -14.35 1.60 2.18
C GLN A 30 -14.74 3.05 2.48
N ARG A 31 -13.73 3.88 2.65
CA ARG A 31 -13.92 5.29 2.94
C ARG A 31 -14.27 6.04 1.66
N LEU A 32 -13.78 5.53 0.55
CA LEU A 32 -14.05 6.12 -0.76
C LEU A 32 -15.07 5.29 -1.54
N ALA A 33 -15.60 4.26 -0.92
CA ALA A 33 -16.56 3.38 -1.56
C ALA A 33 -17.96 3.99 -1.52
N ASP B 1 -20.04 -20.39 -13.18
CA ASP B 1 -19.11 -20.42 -12.02
C ASP B 1 -18.19 -19.22 -12.04
N TYR B 2 -18.76 -18.04 -11.83
CA TYR B 2 -17.98 -16.80 -11.83
C TYR B 2 -18.38 -15.93 -10.65
N LYS B 3 -17.41 -15.61 -9.80
CA LYS B 3 -17.63 -14.71 -8.69
C LYS B 3 -16.68 -13.53 -8.79
N ASP B 4 -16.98 -12.63 -9.71
CA ASP B 4 -16.22 -11.40 -9.83
C ASP B 4 -16.91 -10.30 -9.03
N ASP B 5 -18.04 -9.83 -9.55
CA ASP B 5 -18.89 -8.83 -8.87
C ASP B 5 -18.23 -7.46 -8.78
N ASP B 6 -17.01 -7.45 -8.26
CA ASP B 6 -16.27 -6.23 -8.05
C ASP B 6 -15.80 -5.63 -9.38
N ASP B 7 -16.63 -4.76 -9.94
CA ASP B 7 -16.39 -4.17 -11.25
C ASP B 7 -15.51 -2.93 -11.13
N LYS B 8 -15.80 -2.11 -10.16
CA LYS B 8 -15.09 -0.86 -9.98
C LYS B 8 -14.16 -0.94 -8.78
N MET B 9 -13.05 -1.63 -9.00
CA MET B 9 -12.08 -1.89 -7.94
C MET B 9 -11.20 -0.67 -7.67
N PHE B 10 -11.30 0.33 -8.52
CA PHE B 10 -10.55 1.56 -8.35
C PHE B 10 -11.47 2.68 -7.89
N LYS B 11 -11.19 3.23 -6.71
CA LYS B 11 -11.99 4.31 -6.17
C LYS B 11 -11.25 5.64 -6.30
N LEU B 12 -11.91 6.62 -6.91
CA LEU B 12 -11.32 7.94 -7.09
C LEU B 12 -11.31 8.71 -5.78
N ASN B 13 -10.23 9.41 -5.53
CA ASN B 13 -10.09 10.22 -4.33
C ASN B 13 -10.75 11.58 -4.53
N THR B 14 -12.07 11.60 -4.47
CA THR B 14 -12.82 12.84 -4.60
C THR B 14 -13.19 13.41 -3.22
N LYS B 15 -12.54 12.91 -2.18
CA LYS B 15 -12.80 13.36 -0.83
C LYS B 15 -11.63 14.21 -0.33
N ASN B 16 -10.71 14.51 -1.25
CA ASN B 16 -9.56 15.37 -0.98
C ASN B 16 -8.74 14.82 0.20
N ILE B 17 -8.66 13.50 0.26
CA ILE B 17 -7.88 12.84 1.30
C ILE B 17 -6.41 12.81 0.89
N LYS B 18 -5.53 12.99 1.86
CA LYS B 18 -4.10 12.94 1.62
C LYS B 18 -3.46 11.93 2.55
N VAL B 19 -2.36 11.36 2.12
CA VAL B 19 -1.72 10.31 2.89
C VAL B 19 -0.32 10.74 3.33
N LEU B 20 0.08 10.28 4.50
CA LEU B 20 1.38 10.63 5.07
C LEU B 20 2.50 9.96 4.29
N THR B 21 3.30 10.76 3.61
CA THR B 21 4.48 10.26 2.93
C THR B 21 5.72 10.87 3.56
N PRO B 22 6.92 10.38 3.24
CA PRO B 22 8.18 11.01 3.68
C PRO B 22 8.24 12.49 3.32
N SER B 23 7.52 12.87 2.26
CA SER B 23 7.49 14.25 1.79
C SER B 23 6.27 14.98 2.37
N GLY B 24 5.63 14.36 3.35
CA GLY B 24 4.49 14.97 4.00
C GLY B 24 3.18 14.40 3.47
N PHE B 25 2.08 15.07 3.75
CA PHE B 25 0.78 14.62 3.30
C PHE B 25 0.55 14.99 1.84
N LYS B 26 0.54 13.99 0.98
CA LYS B 26 0.37 14.20 -0.46
C LYS B 26 -0.95 13.62 -0.92
N SER B 27 -1.49 14.17 -1.99
CA SER B 27 -2.77 13.72 -2.52
C SER B 27 -2.57 12.58 -3.49
N PHE B 28 -3.40 11.56 -3.37
CA PHE B 28 -3.36 10.44 -4.29
C PHE B 28 -4.56 10.48 -5.22
N SER B 29 -4.42 9.86 -6.39
CA SER B 29 -5.47 9.87 -7.39
C SER B 29 -6.63 8.97 -6.96
N GLY B 30 -6.28 7.84 -6.38
CA GLY B 30 -7.29 6.91 -5.92
C GLY B 30 -6.68 5.67 -5.30
N ILE B 31 -7.51 4.71 -4.99
CA ILE B 31 -7.05 3.47 -4.38
C ILE B 31 -7.60 2.27 -5.14
N GLN B 32 -6.75 1.28 -5.38
CA GLN B 32 -7.12 0.13 -6.17
C GLN B 32 -7.18 -1.12 -5.31
N LYS B 33 -8.23 -1.92 -5.54
CA LYS B 33 -8.42 -3.19 -4.86
C LYS B 33 -8.18 -4.35 -5.81
N VAL B 34 -7.35 -5.28 -5.38
CA VAL B 34 -7.11 -6.49 -6.17
C VAL B 34 -7.27 -7.72 -5.28
N TYR B 35 -7.63 -8.84 -5.88
CA TYR B 35 -7.74 -10.09 -5.16
C TYR B 35 -6.54 -10.97 -5.45
N LYS B 36 -5.89 -11.44 -4.40
CA LYS B 36 -4.76 -12.32 -4.57
C LYS B 36 -4.97 -13.59 -3.74
N PRO B 37 -4.82 -14.76 -4.36
CA PRO B 37 -5.04 -16.04 -3.69
C PRO B 37 -3.90 -16.43 -2.76
N PHE B 38 -2.94 -15.53 -2.60
CA PHE B 38 -1.82 -15.75 -1.72
C PHE B 38 -1.05 -14.45 -1.51
N TYR B 39 -0.23 -14.42 -0.48
CA TYR B 39 0.59 -13.26 -0.18
C TYR B 39 1.71 -13.68 0.75
N HIS B 40 2.69 -12.81 0.96
CA HIS B 40 3.76 -13.11 1.89
C HIS B 40 3.66 -12.22 3.11
N HIS B 41 4.02 -12.78 4.24
CA HIS B 41 3.96 -12.06 5.50
C HIS B 41 5.37 -11.77 5.99
N ILE B 42 5.77 -10.52 5.90
CA ILE B 42 7.11 -10.11 6.27
C ILE B 42 7.12 -9.47 7.66
N ILE B 43 8.09 -9.85 8.48
CA ILE B 43 8.29 -9.23 9.78
C ILE B 43 9.74 -8.76 9.92
N PHE B 44 9.91 -7.55 10.43
CA PHE B 44 11.23 -6.97 10.55
C PHE B 44 11.73 -7.03 11.98
N ASP B 45 13.04 -6.89 12.13
CA ASP B 45 13.70 -6.87 13.44
C ASP B 45 13.21 -5.71 14.28
N ASP B 46 12.53 -4.79 13.64
CA ASP B 46 11.99 -3.62 14.31
C ASP B 46 10.71 -3.97 15.06
N GLY B 47 10.14 -5.12 14.72
CA GLY B 47 8.88 -5.54 15.33
C GLY B 47 7.70 -5.20 14.44
N SER B 48 7.98 -4.45 13.39
CA SER B 48 6.98 -4.08 12.42
C SER B 48 6.84 -5.18 11.38
N GLU B 49 5.70 -5.20 10.71
CA GLU B 49 5.43 -6.24 9.73
C GLU B 49 4.71 -5.66 8.52
N ILE B 50 4.69 -6.43 7.45
CA ILE B 50 3.98 -6.03 6.24
C ILE B 50 3.46 -7.26 5.49
N LYS B 51 2.22 -7.19 5.06
CA LYS B 51 1.62 -8.24 4.24
C LYS B 51 1.33 -7.67 2.86
N CYS B 52 1.91 -8.26 1.83
CA CYS B 52 1.83 -7.70 0.49
C CYS B 52 2.13 -8.74 -0.59
N SER B 53 1.93 -8.34 -1.84
CA SER B 53 2.25 -9.18 -2.98
C SER B 53 3.74 -9.07 -3.32
N ASP B 54 4.27 -10.12 -3.95
CA ASP B 54 5.71 -10.26 -4.15
C ASP B 54 6.29 -9.24 -5.13
N ASN B 55 5.46 -8.68 -5.98
CA ASN B 55 5.95 -7.75 -7.00
C ASN B 55 5.94 -6.30 -6.47
N HIS B 56 5.34 -6.09 -5.30
CA HIS B 56 5.21 -4.73 -4.77
C HIS B 56 6.57 -4.19 -4.37
N SER B 57 6.96 -3.10 -5.02
CA SER B 57 8.21 -2.43 -4.69
C SER B 57 8.02 -1.53 -3.48
N PHE B 58 9.04 -1.43 -2.65
CA PHE B 58 8.95 -0.67 -1.41
C PHE B 58 9.58 0.71 -1.52
N GLY B 59 10.86 0.80 -1.21
CA GLY B 59 11.54 2.09 -1.19
C GLY B 59 11.71 2.68 -2.57
N LYS B 60 12.08 3.95 -2.63
CA LYS B 60 12.26 4.67 -3.90
C LYS B 60 13.36 4.05 -4.75
N ASP B 61 14.15 3.17 -4.13
CA ASP B 61 15.22 2.48 -4.83
C ASP B 61 14.67 1.35 -5.70
N LYS B 62 13.34 1.27 -5.74
CA LYS B 62 12.62 0.27 -6.54
C LYS B 62 12.98 -1.13 -6.09
N ILE B 63 12.78 -1.38 -4.80
CA ILE B 63 13.10 -2.66 -4.21
C ILE B 63 11.87 -3.57 -4.23
N LYS B 64 11.93 -4.60 -5.06
CA LYS B 64 10.81 -5.52 -5.20
C LYS B 64 10.76 -6.47 -4.01
N ALA B 65 9.54 -6.71 -3.53
CA ALA B 65 9.31 -7.52 -2.33
C ALA B 65 9.78 -8.95 -2.49
N SER B 66 9.76 -9.45 -3.72
CA SER B 66 10.22 -10.80 -4.02
C SER B 66 11.74 -10.88 -3.89
N THR B 67 12.40 -9.73 -4.04
CA THR B 67 13.85 -9.66 -3.97
C THR B 67 14.32 -9.63 -2.52
N ILE B 68 13.40 -9.25 -1.64
CA ILE B 68 13.70 -9.14 -0.22
C ILE B 68 13.69 -10.52 0.44
N LYS B 69 14.86 -10.96 0.86
CA LYS B 69 14.99 -12.25 1.52
C LYS B 69 15.41 -12.03 2.96
N VAL B 70 15.06 -12.98 3.82
CA VAL B 70 15.40 -12.88 5.24
C VAL B 70 16.90 -12.64 5.43
N GLY B 71 17.21 -11.54 6.10
CA GLY B 71 18.59 -11.13 6.26
C GLY B 71 18.85 -9.81 5.57
N ASP B 72 18.03 -9.50 4.58
CA ASP B 72 18.12 -8.22 3.88
C ASP B 72 17.66 -7.08 4.77
N TYR B 73 18.09 -5.87 4.47
CA TYR B 73 17.64 -4.71 5.21
C TYR B 73 16.74 -3.86 4.34
N LEU B 74 15.66 -3.40 4.93
CA LEU B 74 14.74 -2.50 4.25
C LEU B 74 14.56 -1.25 5.09
N GLN B 75 15.13 -0.14 4.62
CA GLN B 75 15.00 1.15 5.29
C GLN B 75 15.55 1.08 6.72
N GLY B 76 16.62 0.33 6.89
CA GLY B 76 17.29 0.25 8.17
C GLY B 76 16.85 -0.95 8.99
N LYS B 77 15.73 -1.55 8.63
CA LYS B 77 15.18 -2.66 9.39
C LYS B 77 15.43 -3.98 8.66
N LYS B 78 15.94 -4.95 9.39
CA LYS B 78 16.27 -6.24 8.82
C LYS B 78 15.07 -7.17 8.83
N VAL B 79 14.77 -7.74 7.68
CA VAL B 79 13.70 -8.72 7.55
C VAL B 79 14.13 -10.05 8.18
N LEU B 80 13.36 -10.49 9.16
CA LEU B 80 13.66 -11.73 9.86
C LEU B 80 12.73 -12.84 9.40
N TYR B 81 11.57 -12.45 8.90
CA TYR B 81 10.54 -13.41 8.53
C TYR B 81 9.87 -12.98 7.24
N ASN B 82 9.81 -13.89 6.29
CA ASN B 82 9.17 -13.63 5.00
C ASN B 82 8.57 -14.92 4.49
N GLU B 83 7.38 -15.24 4.96
CA GLU B 83 6.75 -16.51 4.64
C GLU B 83 5.56 -16.31 3.72
N ILE B 84 5.43 -17.19 2.73
CA ILE B 84 4.30 -17.15 1.81
C ILE B 84 3.13 -17.93 2.39
N VAL B 85 2.00 -17.27 2.49
CA VAL B 85 0.79 -17.89 2.98
C VAL B 85 -0.28 -17.81 1.91
N GLU B 86 -0.71 -18.98 1.45
CA GLU B 86 -1.63 -19.06 0.34
C GLU B 86 -3.08 -18.98 0.81
N GLU B 87 -3.48 -17.79 1.17
CA GLU B 87 -4.85 -17.52 1.55
C GLU B 87 -5.43 -16.41 0.68
N GLY B 88 -6.60 -16.66 0.13
CA GLY B 88 -7.26 -15.67 -0.70
C GLY B 88 -7.57 -14.42 0.07
N ILE B 89 -6.93 -13.33 -0.33
CA ILE B 89 -7.02 -12.08 0.41
C ILE B 89 -7.19 -10.91 -0.55
N TYR B 90 -7.79 -9.84 -0.08
CA TYR B 90 -7.93 -8.64 -0.88
C TYR B 90 -6.84 -7.65 -0.56
N LEU B 91 -6.20 -7.19 -1.61
CA LEU B 91 -5.07 -6.30 -1.50
C LEU B 91 -5.44 -4.90 -2.00
N TYR B 92 -4.84 -3.88 -1.40
CA TYR B 92 -5.16 -2.51 -1.74
C TYR B 92 -3.87 -1.71 -1.92
N ASP B 93 -3.87 -0.77 -2.86
CA ASP B 93 -2.70 0.08 -3.12
C ASP B 93 -3.15 1.45 -3.60
N LEU B 94 -2.31 2.46 -3.37
CA LEU B 94 -2.66 3.82 -3.76
C LEU B 94 -2.09 4.14 -5.14
N LEU B 95 -2.89 4.82 -5.95
CA LEU B 95 -2.48 5.20 -7.28
C LEU B 95 -2.08 6.67 -7.33
N ASN B 96 -0.84 6.91 -7.71
CA ASN B 96 -0.31 8.27 -7.90
C ASN B 96 -0.40 9.09 -6.60
N VAL B 97 0.63 9.01 -5.79
CA VAL B 97 0.68 9.79 -4.55
C VAL B 97 1.61 10.98 -4.73
N GLY B 98 1.01 12.13 -4.98
CA GLY B 98 1.80 13.30 -5.34
C GLY B 98 2.72 13.02 -6.51
N GLU B 99 3.90 13.59 -6.49
CA GLU B 99 4.94 13.24 -7.45
C GLU B 99 6.01 12.42 -6.74
N ASP B 100 5.59 11.77 -5.66
CA ASP B 100 6.49 10.94 -4.88
C ASP B 100 6.22 9.47 -5.18
N ASN B 101 4.98 9.04 -4.93
CA ASN B 101 4.61 7.63 -5.04
C ASN B 101 5.33 6.79 -3.99
N LEU B 102 5.65 7.43 -2.88
CA LEU B 102 6.25 6.76 -1.73
C LEU B 102 5.46 7.13 -0.48
N TYR B 103 4.80 6.16 0.12
CA TYR B 103 3.97 6.43 1.29
C TYR B 103 4.21 5.41 2.39
N TYR B 104 3.90 5.81 3.61
CA TYR B 104 4.13 4.97 4.78
C TYR B 104 3.08 3.89 4.91
N THR B 105 3.49 2.65 4.74
CA THR B 105 2.65 1.50 4.98
C THR B 105 3.17 0.73 6.18
N ASN B 106 2.43 0.78 7.29
CA ASN B 106 2.86 0.16 8.54
C ASN B 106 4.18 0.76 9.02
N GLY B 107 4.38 2.04 8.71
CA GLY B 107 5.61 2.72 9.05
C GLY B 107 6.73 2.45 8.05
N ILE B 108 6.44 1.63 7.06
CA ILE B 108 7.42 1.27 6.05
C ILE B 108 7.10 1.99 4.74
N VAL B 109 8.07 2.70 4.20
CA VAL B 109 7.86 3.43 2.96
C VAL B 109 7.68 2.46 1.79
N SER B 110 6.54 2.56 1.13
CA SER B 110 6.22 1.68 0.01
C SER B 110 5.94 2.52 -1.24
N HIS B 111 6.00 1.88 -2.40
CA HIS B 111 5.88 2.59 -3.67
C HIS B 111 4.48 2.46 -4.26
N ALA B 112 3.84 3.60 -4.48
CA ALA B 112 2.50 3.62 -5.04
C ALA B 112 2.56 3.40 -6.55
N CYS B 113 1.55 2.71 -7.07
CA CYS B 113 1.45 2.49 -8.50
C CYS B 113 1.02 3.78 -9.17
N GLU B 114 1.36 3.93 -10.44
CA GLU B 114 1.08 5.17 -11.15
C GLU B 114 -0.08 5.00 -12.12
N SER B 115 -0.73 6.10 -12.47
CA SER B 115 -1.82 6.07 -13.43
C SER B 115 -1.26 6.09 -14.86
N ARG B 116 0.03 5.77 -14.95
CA ARG B 116 0.75 5.67 -16.21
C ARG B 116 0.84 7.00 -16.95
N GLY B 117 1.95 7.69 -16.76
CA GLY B 117 2.27 8.82 -17.62
C GLY B 117 2.98 8.33 -18.86
N LYS B 118 3.27 7.03 -18.85
CA LYS B 118 3.94 6.38 -19.94
C LYS B 118 3.21 5.09 -20.30
N GLU A 1 -4.38 -2.15 -9.05
CA GLU A 1 -3.74 -3.47 -9.21
C GLU A 1 -2.39 -3.31 -9.90
N PHE A 2 -1.31 -3.49 -9.14
CA PHE A 2 0.05 -3.38 -9.65
C PHE A 2 1.02 -3.69 -8.53
N GLU A 3 1.01 -2.82 -7.53
CA GLU A 3 1.83 -3.00 -6.33
C GLU A 3 0.99 -2.64 -5.11
N ALA A 4 0.30 -3.62 -4.56
CA ALA A 4 -0.67 -3.36 -3.52
C ALA A 4 -0.19 -3.78 -2.13
N LEU A 5 -0.85 -3.23 -1.12
CA LEU A 5 -0.59 -3.60 0.27
C LEU A 5 -1.88 -4.20 0.83
N SER A 6 -1.76 -5.08 1.80
CA SER A 6 -2.95 -5.66 2.43
C SER A 6 -3.68 -4.60 3.23
N GLY A 7 -4.97 -4.85 3.46
CA GLY A 7 -5.81 -3.89 4.14
C GLY A 7 -5.38 -3.62 5.57
N ASP A 8 -4.75 -4.62 6.17
CA ASP A 8 -4.33 -4.55 7.58
C ASP A 8 -3.18 -3.56 7.77
N THR A 9 -2.56 -3.15 6.68
CA THR A 9 -1.46 -2.22 6.72
C THR A 9 -1.90 -0.87 7.28
N MET A 10 -1.19 -0.39 8.29
CA MET A 10 -1.55 0.86 8.96
C MET A 10 -0.83 2.03 8.33
N ILE A 11 -1.58 3.07 8.01
CA ILE A 11 -1.02 4.26 7.40
C ILE A 11 -1.54 5.50 8.12
N GLU A 12 -0.87 6.63 7.89
CA GLU A 12 -1.30 7.87 8.48
C GLU A 12 -1.71 8.83 7.39
N ILE A 13 -2.92 9.35 7.50
CA ILE A 13 -3.46 10.22 6.47
C ILE A 13 -3.68 11.62 6.98
N LEU A 14 -3.84 12.53 6.03
CA LEU A 14 -4.21 13.89 6.31
C LEU A 14 -5.50 14.20 5.57
N ASP A 15 -6.58 14.29 6.31
CA ASP A 15 -7.91 14.50 5.74
C ASP A 15 -8.04 15.92 5.18
N ASP A 16 -9.09 16.17 4.41
CA ASP A 16 -9.32 17.47 3.78
C ASP A 16 -9.26 18.61 4.78
N ASP A 17 -9.89 18.40 5.93
CA ASP A 17 -9.96 19.41 6.98
C ASP A 17 -8.59 19.64 7.62
N GLY A 18 -7.69 18.71 7.39
CA GLY A 18 -6.38 18.76 8.00
C GLY A 18 -6.29 17.83 9.19
N ILE A 19 -7.05 16.75 9.13
CA ILE A 19 -7.08 15.77 10.20
C ILE A 19 -6.03 14.70 10.01
N ILE A 20 -5.15 14.58 10.99
CA ILE A 20 -4.16 13.52 11.00
C ILE A 20 -4.75 12.28 11.67
N GLN A 21 -4.71 11.15 10.98
CA GLN A 21 -5.32 9.94 11.51
C GLN A 21 -4.61 8.70 11.01
N LYS A 22 -4.29 7.80 11.91
CA LYS A 22 -3.71 6.52 11.55
C LYS A 22 -4.81 5.48 11.36
N ILE A 23 -4.93 5.00 10.13
CA ILE A 23 -5.95 4.01 9.80
C ILE A 23 -5.35 2.95 8.88
N SER A 24 -6.00 1.81 8.78
CA SER A 24 -5.54 0.77 7.90
C SER A 24 -5.92 1.07 6.44
N MET A 25 -5.17 0.52 5.50
CA MET A 25 -5.44 0.74 4.08
C MET A 25 -6.89 0.42 3.73
N GLU A 26 -7.43 -0.62 4.33
CA GLU A 26 -8.82 -1.01 4.09
C GLU A 26 -9.79 0.01 4.66
N ASP A 27 -9.40 0.66 5.75
CA ASP A 27 -10.28 1.63 6.40
C ASP A 27 -10.32 2.90 5.58
N LEU A 28 -9.19 3.21 4.93
CA LEU A 28 -9.13 4.33 4.00
C LEU A 28 -10.07 4.05 2.84
N TYR A 29 -10.06 2.82 2.37
CA TYR A 29 -10.97 2.40 1.31
C TYR A 29 -12.41 2.58 1.76
N GLN A 30 -12.68 2.16 2.99
CA GLN A 30 -14.01 2.29 3.57
C GLN A 30 -14.38 3.77 3.77
N ARG A 31 -13.35 4.59 3.88
CA ARG A 31 -13.53 6.02 4.09
C ARG A 31 -13.96 6.70 2.80
N LEU A 32 -13.51 6.16 1.69
CA LEU A 32 -13.86 6.69 0.38
C LEU A 32 -14.99 5.91 -0.26
N ALA A 33 -15.36 4.79 0.35
CA ALA A 33 -16.39 3.92 -0.18
C ALA A 33 -17.78 4.50 0.06
N ASP B 1 -29.33 -2.45 1.82
CA ASP B 1 -28.84 -3.85 1.87
C ASP B 1 -27.68 -4.03 0.90
N TYR B 2 -26.47 -3.97 1.42
CA TYR B 2 -25.28 -4.12 0.58
C TYR B 2 -24.99 -5.59 0.29
N LYS B 3 -25.10 -5.96 -0.98
CA LYS B 3 -24.74 -7.29 -1.42
C LYS B 3 -23.72 -7.20 -2.55
N ASP B 4 -22.75 -6.30 -2.37
CA ASP B 4 -21.75 -6.01 -3.39
C ASP B 4 -22.43 -5.69 -4.72
N ASP B 5 -23.45 -4.85 -4.65
CA ASP B 5 -24.25 -4.48 -5.82
C ASP B 5 -23.41 -3.79 -6.87
N ASP B 6 -22.78 -2.70 -6.48
CA ASP B 6 -21.90 -1.95 -7.39
C ASP B 6 -20.46 -2.30 -7.10
N ASP B 7 -19.98 -1.84 -5.94
CA ASP B 7 -18.62 -2.11 -5.47
C ASP B 7 -17.58 -1.85 -6.55
N LYS B 8 -17.42 -0.57 -6.92
CA LYS B 8 -16.36 -0.16 -7.81
C LYS B 8 -15.01 -0.41 -7.14
N MET B 9 -14.19 -1.26 -7.76
CA MET B 9 -12.92 -1.67 -7.17
C MET B 9 -11.99 -0.48 -6.96
N PHE B 10 -12.02 0.47 -7.89
CA PHE B 10 -11.22 1.66 -7.78
C PHE B 10 -12.07 2.82 -7.27
N LYS B 11 -11.80 3.26 -6.05
CA LYS B 11 -12.55 4.32 -5.44
C LYS B 11 -11.80 5.63 -5.59
N LEU B 12 -12.47 6.64 -6.11
CA LEU B 12 -11.84 7.93 -6.35
C LEU B 12 -11.70 8.73 -5.07
N ASN B 13 -10.56 9.37 -4.92
CA ASN B 13 -10.28 10.20 -3.75
C ASN B 13 -10.86 11.60 -3.96
N THR B 14 -12.19 11.66 -4.01
CA THR B 14 -12.88 12.93 -4.23
C THR B 14 -12.90 13.78 -2.96
N LYS B 15 -12.36 13.25 -1.88
CA LYS B 15 -12.31 13.97 -0.62
C LYS B 15 -10.98 14.71 -0.49
N ASN B 16 -10.09 14.44 -1.46
CA ASN B 16 -8.79 15.09 -1.54
C ASN B 16 -7.92 14.76 -0.33
N ILE B 17 -8.06 13.54 0.17
CA ILE B 17 -7.28 13.07 1.31
C ILE B 17 -5.83 12.83 0.89
N LYS B 18 -4.92 12.99 1.83
CA LYS B 18 -3.50 12.80 1.55
C LYS B 18 -2.92 11.75 2.48
N VAL B 19 -1.87 11.10 2.03
CA VAL B 19 -1.23 10.05 2.81
C VAL B 19 0.21 10.43 3.12
N LEU B 20 0.70 10.00 4.28
CA LEU B 20 2.02 10.39 4.74
C LEU B 20 3.11 9.80 3.85
N THR B 21 3.78 10.68 3.13
CA THR B 21 4.89 10.29 2.29
C THR B 21 6.20 10.80 2.89
N PRO B 22 7.35 10.25 2.45
CA PRO B 22 8.67 10.77 2.85
C PRO B 22 8.77 12.28 2.62
N SER B 23 8.13 12.75 1.56
CA SER B 23 8.16 14.17 1.20
C SER B 23 7.28 15.01 2.12
N GLY B 24 6.21 14.40 2.63
CA GLY B 24 5.37 15.09 3.58
C GLY B 24 3.92 15.23 3.14
N PHE B 25 3.22 14.11 3.10
CA PHE B 25 1.79 14.08 2.77
C PHE B 25 1.50 14.48 1.32
N LYS B 26 1.07 13.52 0.53
CA LYS B 26 0.72 13.77 -0.86
C LYS B 26 -0.68 13.27 -1.15
N SER B 27 -1.34 13.91 -2.10
CA SER B 27 -2.71 13.56 -2.46
C SER B 27 -2.70 12.48 -3.54
N PHE B 28 -3.41 11.40 -3.30
CA PHE B 28 -3.51 10.32 -4.26
C PHE B 28 -4.80 10.41 -5.04
N SER B 29 -4.80 9.88 -6.25
CA SER B 29 -5.95 9.98 -7.15
C SER B 29 -7.08 9.08 -6.65
N GLY B 30 -6.73 7.96 -6.06
CA GLY B 30 -7.71 7.05 -5.52
C GLY B 30 -7.10 5.78 -4.98
N ILE B 31 -7.93 4.84 -4.60
CA ILE B 31 -7.47 3.60 -4.02
C ILE B 31 -8.25 2.42 -4.62
N GLN B 32 -7.54 1.38 -5.00
CA GLN B 32 -8.18 0.24 -5.64
C GLN B 32 -8.12 -1.00 -4.75
N LYS B 33 -9.24 -1.70 -4.68
CA LYS B 33 -9.34 -2.96 -3.97
C LYS B 33 -9.17 -4.10 -4.94
N VAL B 34 -8.16 -4.92 -4.70
CA VAL B 34 -7.90 -6.07 -5.56
C VAL B 34 -7.86 -7.34 -4.72
N TYR B 35 -8.12 -8.46 -5.36
CA TYR B 35 -8.04 -9.75 -4.69
C TYR B 35 -6.81 -10.48 -5.17
N LYS B 36 -5.94 -10.85 -4.25
CA LYS B 36 -4.73 -11.54 -4.58
C LYS B 36 -4.72 -12.92 -3.96
N PRO B 37 -4.49 -13.97 -4.75
CA PRO B 37 -4.49 -15.35 -4.28
C PRO B 37 -3.19 -15.73 -3.56
N PHE B 38 -2.33 -14.73 -3.36
CA PHE B 38 -1.07 -14.93 -2.66
C PHE B 38 -0.47 -13.58 -2.27
N TYR B 39 0.36 -13.59 -1.24
CA TYR B 39 1.04 -12.38 -0.82
C TYR B 39 2.26 -12.72 0.04
N HIS B 40 3.09 -11.71 0.30
CA HIS B 40 4.25 -11.88 1.17
C HIS B 40 3.92 -11.42 2.57
N HIS B 41 4.24 -12.25 3.54
CA HIS B 41 4.05 -11.88 4.93
C HIS B 41 5.42 -11.64 5.57
N ILE B 42 5.80 -10.38 5.64
CA ILE B 42 7.11 -9.99 6.13
C ILE B 42 7.02 -9.44 7.54
N ILE B 43 7.90 -9.90 8.42
CA ILE B 43 7.94 -9.41 9.80
C ILE B 43 9.33 -8.85 10.10
N PHE B 44 9.38 -7.70 10.77
CA PHE B 44 10.63 -7.01 11.01
C PHE B 44 11.09 -7.15 12.45
N ASP B 45 12.36 -6.83 12.67
CA ASP B 45 13.00 -6.89 13.98
C ASP B 45 12.34 -5.96 14.99
N ASP B 46 11.67 -4.93 14.50
CA ASP B 46 11.05 -3.95 15.38
C ASP B 46 9.74 -4.48 15.94
N GLY B 47 9.21 -5.52 15.31
CA GLY B 47 7.98 -6.10 15.76
C GLY B 47 6.80 -5.72 14.87
N SER B 48 7.09 -5.00 13.81
CA SER B 48 6.06 -4.68 12.83
C SER B 48 6.09 -5.71 11.71
N GLU B 49 5.08 -5.69 10.87
CA GLU B 49 4.99 -6.62 9.77
C GLU B 49 4.29 -5.99 8.59
N ILE B 50 4.62 -6.44 7.39
CA ILE B 50 4.00 -5.90 6.20
C ILE B 50 3.46 -7.04 5.33
N LYS B 51 2.29 -6.82 4.76
CA LYS B 51 1.67 -7.79 3.87
C LYS B 51 1.47 -7.14 2.50
N CYS B 52 2.14 -7.66 1.48
CA CYS B 52 2.09 -7.03 0.16
C CYS B 52 2.26 -8.05 -0.97
N SER B 53 2.17 -7.58 -2.20
CA SER B 53 2.33 -8.42 -3.39
C SER B 53 3.76 -8.96 -3.49
N ASP B 54 3.99 -9.85 -4.44
CA ASP B 54 5.34 -10.39 -4.67
C ASP B 54 6.23 -9.37 -5.36
N ASN B 55 5.70 -8.77 -6.42
CA ASN B 55 6.46 -7.80 -7.21
C ASN B 55 6.36 -6.40 -6.62
N HIS B 56 5.78 -6.31 -5.43
CA HIS B 56 5.63 -5.01 -4.76
C HIS B 56 7.00 -4.49 -4.33
N SER B 57 7.35 -3.30 -4.81
CA SER B 57 8.58 -2.67 -4.42
C SER B 57 8.33 -1.71 -3.27
N PHE B 58 9.33 -1.54 -2.43
CA PHE B 58 9.21 -0.71 -1.25
C PHE B 58 9.81 0.67 -1.45
N GLY B 59 11.12 0.78 -1.27
CA GLY B 59 11.78 2.05 -1.43
C GLY B 59 11.79 2.52 -2.87
N LYS B 60 12.20 3.76 -3.07
CA LYS B 60 12.23 4.36 -4.41
C LYS B 60 13.24 3.65 -5.32
N ASP B 61 14.09 2.83 -4.71
CA ASP B 61 15.06 2.04 -5.47
C ASP B 61 14.39 0.83 -6.12
N LYS B 62 13.07 0.75 -5.96
CA LYS B 62 12.26 -0.32 -6.52
C LYS B 62 12.69 -1.66 -5.96
N ILE B 63 12.75 -1.73 -4.64
CA ILE B 63 13.15 -2.94 -3.96
C ILE B 63 11.96 -3.88 -3.82
N LYS B 64 11.93 -4.90 -4.67
CA LYS B 64 10.80 -5.82 -4.73
C LYS B 64 10.84 -6.81 -3.57
N ALA B 65 9.65 -7.14 -3.05
CA ALA B 65 9.50 -8.09 -1.95
C ALA B 65 10.05 -9.45 -2.32
N SER B 66 10.09 -9.73 -3.61
CA SER B 66 10.53 -11.03 -4.10
C SER B 66 12.05 -11.18 -3.99
N THR B 67 12.76 -10.07 -3.84
CA THR B 67 14.22 -10.11 -3.81
C THR B 67 14.74 -9.96 -2.38
N ILE B 68 13.82 -9.90 -1.43
CA ILE B 68 14.17 -9.68 -0.04
C ILE B 68 14.30 -11.01 0.69
N LYS B 69 15.38 -11.16 1.44
CA LYS B 69 15.61 -12.36 2.22
C LYS B 69 15.77 -12.01 3.68
N VAL B 70 15.47 -12.96 4.55
CA VAL B 70 15.56 -12.74 5.99
C VAL B 70 17.00 -12.41 6.38
N GLY B 71 17.16 -11.30 7.08
CA GLY B 71 18.49 -10.82 7.43
C GLY B 71 18.82 -9.52 6.73
N ASP B 72 18.05 -9.20 5.69
CA ASP B 72 18.21 -7.95 4.97
C ASP B 72 17.60 -6.82 5.78
N TYR B 73 17.92 -5.59 5.44
CA TYR B 73 17.29 -4.45 6.06
C TYR B 73 16.34 -3.78 5.08
N LEU B 74 15.18 -3.44 5.56
CA LEU B 74 14.19 -2.77 4.75
C LEU B 74 13.82 -1.45 5.41
N GLN B 75 14.33 -0.36 4.85
CA GLN B 75 14.03 0.98 5.34
C GLN B 75 14.44 1.16 6.80
N GLY B 76 15.49 0.45 7.19
CA GLY B 76 16.00 0.57 8.54
C GLY B 76 15.72 -0.65 9.39
N LYS B 77 14.64 -1.35 9.10
CA LYS B 77 14.23 -2.48 9.92
C LYS B 77 14.69 -3.79 9.28
N LYS B 78 15.29 -4.65 10.08
CA LYS B 78 15.77 -5.94 9.59
C LYS B 78 14.61 -6.90 9.44
N VAL B 79 14.51 -7.53 8.27
CA VAL B 79 13.48 -8.50 8.00
C VAL B 79 13.84 -9.84 8.64
N LEU B 80 12.99 -10.31 9.53
CA LEU B 80 13.20 -11.57 10.21
C LEU B 80 12.41 -12.68 9.54
N TYR B 81 11.31 -12.31 8.90
CA TYR B 81 10.41 -13.27 8.30
C TYR B 81 9.88 -12.74 6.98
N ASN B 82 9.88 -13.59 5.96
CA ASN B 82 9.36 -13.22 4.64
C ASN B 82 8.90 -14.47 3.91
N GLU B 83 7.67 -14.86 4.15
CA GLU B 83 7.10 -16.05 3.56
C GLU B 83 6.08 -15.69 2.50
N ILE B 84 6.10 -16.42 1.39
CA ILE B 84 5.08 -16.31 0.38
C ILE B 84 3.89 -17.18 0.77
N VAL B 85 2.85 -16.55 1.24
CA VAL B 85 1.66 -17.26 1.66
C VAL B 85 0.62 -17.19 0.54
N GLU B 86 0.39 -18.35 -0.05
CA GLU B 86 -0.48 -18.45 -1.20
C GLU B 86 -1.93 -18.64 -0.77
N GLU B 87 -2.47 -17.61 -0.15
CA GLU B 87 -3.85 -17.58 0.28
C GLU B 87 -4.50 -16.29 -0.19
N GLY B 88 -5.74 -16.41 -0.65
CA GLY B 88 -6.46 -15.26 -1.15
C GLY B 88 -6.69 -14.21 -0.10
N ILE B 89 -6.49 -12.96 -0.48
CA ILE B 89 -6.59 -11.84 0.42
C ILE B 89 -6.93 -10.57 -0.35
N TYR B 90 -7.54 -9.60 0.31
CA TYR B 90 -7.80 -8.32 -0.31
C TYR B 90 -6.57 -7.44 -0.19
N LEU B 91 -6.13 -6.93 -1.33
CA LEU B 91 -4.98 -6.06 -1.41
C LEU B 91 -5.43 -4.70 -1.94
N TYR B 92 -4.83 -3.65 -1.46
CA TYR B 92 -5.23 -2.30 -1.83
C TYR B 92 -4.03 -1.50 -2.29
N ASP B 93 -4.14 -0.86 -3.45
CA ASP B 93 -3.05 -0.03 -3.96
C ASP B 93 -3.52 1.40 -4.20
N LEU B 94 -2.69 2.37 -3.84
CA LEU B 94 -3.00 3.78 -4.06
C LEU B 94 -2.58 4.19 -5.47
N LEU B 95 -3.47 4.87 -6.17
CA LEU B 95 -3.19 5.31 -7.52
C LEU B 95 -2.67 6.74 -7.52
N ASN B 96 -1.44 6.91 -8.00
CA ASN B 96 -0.82 8.21 -8.19
C ASN B 96 -0.80 9.03 -6.89
N VAL B 97 0.25 8.87 -6.11
CA VAL B 97 0.39 9.61 -4.86
C VAL B 97 1.23 10.85 -5.08
N GLY B 98 0.55 11.98 -5.28
CA GLY B 98 1.22 13.21 -5.63
C GLY B 98 2.01 13.07 -6.92
N GLU B 99 3.31 13.03 -6.77
CA GLU B 99 4.21 12.75 -7.88
C GLU B 99 5.34 11.89 -7.35
N ASP B 100 5.05 11.24 -6.23
CA ASP B 100 6.05 10.52 -5.47
C ASP B 100 5.81 9.02 -5.59
N ASN B 101 4.60 8.59 -5.20
CA ASN B 101 4.21 7.17 -5.21
C ASN B 101 4.98 6.37 -4.17
N LEU B 102 5.54 7.06 -3.20
CA LEU B 102 6.20 6.44 -2.06
C LEU B 102 5.54 6.93 -0.79
N TYR B 103 5.06 6.02 0.05
CA TYR B 103 4.40 6.42 1.29
C TYR B 103 4.72 5.46 2.44
N TYR B 104 4.53 5.96 3.66
CA TYR B 104 4.88 5.21 4.86
C TYR B 104 3.83 4.17 5.23
N THR B 105 4.21 2.91 5.13
CA THR B 105 3.36 1.81 5.54
C THR B 105 4.02 1.04 6.69
N ASN B 106 3.43 1.12 7.88
CA ASN B 106 3.96 0.44 9.07
C ASN B 106 5.42 0.82 9.34
N GLY B 107 5.78 2.06 9.02
CA GLY B 107 7.13 2.53 9.22
C GLY B 107 8.05 2.17 8.06
N ILE B 108 7.48 1.55 7.05
CA ILE B 108 8.24 1.17 5.87
C ILE B 108 7.72 1.93 4.65
N VAL B 109 8.60 2.64 3.97
CA VAL B 109 8.20 3.33 2.75
C VAL B 109 7.92 2.32 1.65
N SER B 110 6.70 2.35 1.13
CA SER B 110 6.27 1.43 0.10
C SER B 110 5.97 2.18 -1.19
N HIS B 111 6.08 1.48 -2.32
CA HIS B 111 5.74 2.04 -3.61
C HIS B 111 4.27 1.80 -3.92
N ALA B 112 3.60 2.84 -4.39
CA ALA B 112 2.19 2.77 -4.74
C ALA B 112 2.01 2.37 -6.19
N CYS B 113 0.79 2.46 -6.69
CA CYS B 113 0.49 2.12 -8.06
C CYS B 113 0.54 3.37 -8.94
N GLU B 114 1.10 3.23 -10.13
CA GLU B 114 1.25 4.34 -11.04
C GLU B 114 1.01 3.87 -12.47
N SER B 115 0.35 4.70 -13.26
CA SER B 115 0.08 4.38 -14.64
C SER B 115 0.44 5.59 -15.51
N ARG B 116 1.68 5.63 -15.98
CA ARG B 116 2.13 6.74 -16.79
C ARG B 116 2.73 6.25 -18.10
N GLY B 117 2.16 5.18 -18.63
CA GLY B 117 2.58 4.66 -19.91
C GLY B 117 3.99 4.11 -19.89
N LYS B 118 4.17 2.97 -19.26
CA LYS B 118 5.48 2.33 -19.21
C LYS B 118 5.38 0.93 -19.79
N GLU A 1 2.10 -5.69 -12.45
CA GLU A 1 2.68 -5.25 -11.17
C GLU A 1 1.57 -4.90 -10.18
N PHE A 2 1.11 -5.88 -9.42
CA PHE A 2 0.14 -5.64 -8.38
C PHE A 2 0.82 -5.00 -7.18
N GLU A 3 1.00 -3.69 -7.23
CA GLU A 3 1.69 -2.95 -6.18
C GLU A 3 0.76 -2.66 -5.00
N ALA A 4 -0.06 -3.64 -4.67
CA ALA A 4 -1.05 -3.48 -3.63
C ALA A 4 -0.59 -4.16 -2.34
N LEU A 5 -1.17 -3.73 -1.23
CA LEU A 5 -0.86 -4.32 0.07
C LEU A 5 -2.16 -4.79 0.73
N SER A 6 -2.04 -5.59 1.79
CA SER A 6 -3.21 -6.12 2.48
C SER A 6 -4.10 -4.99 3.01
N GLY A 7 -5.39 -5.28 3.10
CA GLY A 7 -6.38 -4.28 3.48
C GLY A 7 -6.23 -3.81 4.91
N ASP A 8 -5.64 -4.65 5.76
CA ASP A 8 -5.50 -4.33 7.17
C ASP A 8 -4.23 -3.54 7.43
N THR A 9 -3.52 -3.23 6.37
CA THR A 9 -2.31 -2.42 6.46
C THR A 9 -2.66 -1.00 6.89
N MET A 10 -1.99 -0.53 7.92
CA MET A 10 -2.31 0.77 8.52
C MET A 10 -1.59 1.89 7.78
N ILE A 11 -2.33 2.95 7.49
CA ILE A 11 -1.76 4.13 6.88
C ILE A 11 -2.18 5.38 7.65
N GLU A 12 -1.38 6.42 7.54
CA GLU A 12 -1.67 7.67 8.21
C GLU A 12 -2.01 8.72 7.18
N ILE A 13 -3.21 9.24 7.26
CA ILE A 13 -3.70 10.18 6.28
C ILE A 13 -4.04 11.52 6.89
N LEU A 14 -4.09 12.52 6.05
CA LEU A 14 -4.51 13.85 6.43
C LEU A 14 -5.72 14.23 5.58
N ASP A 15 -6.83 14.45 6.26
CA ASP A 15 -8.08 14.78 5.59
C ASP A 15 -8.07 16.22 5.07
N ASP A 16 -8.99 16.53 4.18
CA ASP A 16 -9.10 17.87 3.62
C ASP A 16 -9.31 18.91 4.70
N ASP A 17 -10.03 18.52 5.75
CA ASP A 17 -10.32 19.40 6.87
C ASP A 17 -9.14 19.47 7.83
N GLY A 18 -8.00 18.95 7.40
CA GLY A 18 -6.81 18.98 8.21
C GLY A 18 -6.86 18.01 9.36
N ILE A 19 -7.51 16.88 9.14
CA ILE A 19 -7.65 15.87 10.17
C ILE A 19 -6.71 14.70 9.93
N ILE A 20 -5.87 14.42 10.90
CA ILE A 20 -4.99 13.26 10.85
C ILE A 20 -5.78 12.01 11.20
N GLN A 21 -5.59 10.94 10.44
CA GLN A 21 -6.31 9.72 10.68
C GLN A 21 -5.45 8.51 10.34
N LYS A 22 -5.35 7.60 11.30
CA LYS A 22 -4.59 6.38 11.13
C LYS A 22 -5.53 5.19 10.94
N ILE A 23 -5.76 4.81 9.70
CA ILE A 23 -6.69 3.73 9.38
C ILE A 23 -6.08 2.78 8.37
N SER A 24 -6.67 1.60 8.26
CA SER A 24 -6.17 0.60 7.34
C SER A 24 -6.52 0.94 5.90
N MET A 25 -5.74 0.42 4.96
CA MET A 25 -5.96 0.67 3.54
C MET A 25 -7.40 0.36 3.14
N GLU A 26 -7.92 -0.76 3.62
CA GLU A 26 -9.28 -1.17 3.31
C GLU A 26 -10.31 -0.22 3.93
N ASP A 27 -9.98 0.33 5.09
CA ASP A 27 -10.90 1.26 5.75
C ASP A 27 -10.94 2.56 4.98
N LEU A 28 -9.79 2.96 4.45
CA LEU A 28 -9.70 4.13 3.60
C LEU A 28 -10.51 3.90 2.32
N TYR A 29 -10.44 2.68 1.82
CA TYR A 29 -11.22 2.27 0.66
C TYR A 29 -12.71 2.41 0.97
N GLN A 30 -13.11 1.87 2.10
CA GLN A 30 -14.52 1.90 2.52
C GLN A 30 -14.94 3.32 2.86
N ARG A 31 -13.97 4.19 3.10
CA ARG A 31 -14.25 5.59 3.40
C ARG A 31 -14.61 6.33 2.13
N LEU A 32 -13.93 5.96 1.04
CA LEU A 32 -14.17 6.58 -0.25
C LEU A 32 -15.26 5.83 -1.03
N ALA A 33 -15.89 4.88 -0.37
CA ALA A 33 -16.95 4.11 -0.98
C ALA A 33 -18.27 4.86 -0.92
N ASP B 1 -20.65 -19.61 -6.94
CA ASP B 1 -20.65 -18.21 -6.47
C ASP B 1 -20.38 -17.27 -7.63
N TYR B 2 -21.25 -16.28 -7.80
CA TYR B 2 -21.11 -15.31 -8.88
C TYR B 2 -21.81 -13.99 -8.53
N LYS B 3 -21.80 -13.66 -7.24
CA LYS B 3 -22.36 -12.40 -6.76
C LYS B 3 -21.32 -11.65 -5.94
N ASP B 4 -20.06 -11.74 -6.35
CA ASP B 4 -18.98 -11.14 -5.57
C ASP B 4 -18.20 -10.13 -6.40
N ASP B 5 -18.82 -9.60 -7.43
CA ASP B 5 -18.16 -8.64 -8.28
C ASP B 5 -18.76 -7.26 -8.10
N ASP B 6 -17.90 -6.27 -7.90
CA ASP B 6 -18.33 -4.90 -7.69
C ASP B 6 -17.91 -4.03 -8.87
N ASP B 7 -18.80 -3.16 -9.31
CA ASP B 7 -18.48 -2.22 -10.39
C ASP B 7 -17.84 -0.97 -9.80
N LYS B 8 -16.88 -0.40 -10.53
CA LYS B 8 -16.13 0.76 -10.06
C LYS B 8 -15.36 0.42 -8.78
N MET B 9 -14.42 -0.52 -8.90
CA MET B 9 -13.62 -0.95 -7.76
C MET B 9 -12.50 0.03 -7.47
N PHE B 10 -12.34 1.00 -8.35
CA PHE B 10 -11.39 2.08 -8.13
C PHE B 10 -12.11 3.29 -7.57
N LYS B 11 -11.75 3.66 -6.34
CA LYS B 11 -12.41 4.76 -5.66
C LYS B 11 -11.57 6.03 -5.80
N LEU B 12 -12.17 7.06 -6.38
CA LEU B 12 -11.49 8.33 -6.54
C LEU B 12 -11.41 9.08 -5.22
N ASN B 13 -10.29 9.74 -5.01
CA ASN B 13 -10.06 10.53 -3.81
C ASN B 13 -10.68 11.91 -3.97
N THR B 14 -12.00 11.96 -3.97
CA THR B 14 -12.73 13.20 -4.13
C THR B 14 -12.97 13.89 -2.79
N LYS B 15 -12.20 13.52 -1.77
CA LYS B 15 -12.30 14.15 -0.47
C LYS B 15 -10.99 14.85 -0.12
N ASN B 16 -10.12 14.96 -1.13
CA ASN B 16 -8.80 15.59 -1.00
C ASN B 16 -8.03 15.02 0.19
N ILE B 17 -8.07 13.71 0.34
CA ILE B 17 -7.32 13.05 1.39
C ILE B 17 -5.86 12.95 0.98
N LYS B 18 -4.97 13.07 1.94
CA LYS B 18 -3.55 12.99 1.68
C LYS B 18 -2.94 11.93 2.57
N VAL B 19 -1.86 11.34 2.12
CA VAL B 19 -1.24 10.26 2.86
C VAL B 19 0.20 10.60 3.22
N LEU B 20 0.65 10.10 4.36
CA LEU B 20 1.98 10.39 4.87
C LEU B 20 3.04 9.76 3.97
N THR B 21 3.82 10.60 3.33
CA THR B 21 4.90 10.15 2.49
C THR B 21 6.22 10.76 2.96
N PRO B 22 7.36 10.29 2.44
CA PRO B 22 8.66 10.92 2.70
C PRO B 22 8.66 12.41 2.37
N SER B 23 7.79 12.82 1.46
CA SER B 23 7.69 14.22 1.05
C SER B 23 6.73 14.99 1.96
N GLY B 24 6.08 14.26 2.85
CA GLY B 24 5.05 14.86 3.69
C GLY B 24 3.70 14.27 3.36
N PHE B 25 2.64 14.99 3.67
CA PHE B 25 1.31 14.50 3.35
C PHE B 25 0.94 14.86 1.92
N LYS B 26 1.03 13.86 1.05
CA LYS B 26 0.79 14.04 -0.38
C LYS B 26 -0.57 13.49 -0.77
N SER B 27 -1.20 14.15 -1.74
CA SER B 27 -2.51 13.75 -2.19
C SER B 27 -2.41 12.64 -3.23
N PHE B 28 -3.30 11.68 -3.15
CA PHE B 28 -3.35 10.61 -4.12
C PHE B 28 -4.62 10.72 -4.95
N SER B 29 -4.62 10.12 -6.14
CA SER B 29 -5.75 10.23 -7.04
C SER B 29 -6.90 9.33 -6.62
N GLY B 30 -6.56 8.16 -6.08
CA GLY B 30 -7.57 7.23 -5.65
C GLY B 30 -6.98 5.94 -5.12
N ILE B 31 -7.84 4.98 -4.85
CA ILE B 31 -7.41 3.69 -4.31
C ILE B 31 -8.09 2.54 -5.04
N GLN B 32 -7.30 1.52 -5.34
CA GLN B 32 -7.78 0.39 -6.12
C GLN B 32 -7.81 -0.88 -5.27
N LYS B 33 -8.70 -1.81 -5.61
CA LYS B 33 -8.75 -3.11 -4.95
C LYS B 33 -8.47 -4.22 -5.95
N VAL B 34 -7.54 -5.09 -5.61
CA VAL B 34 -7.21 -6.24 -6.43
C VAL B 34 -7.29 -7.50 -5.59
N TYR B 35 -7.31 -8.66 -6.23
CA TYR B 35 -7.33 -9.91 -5.52
C TYR B 35 -6.00 -10.62 -5.66
N LYS B 36 -5.45 -11.06 -4.54
CA LYS B 36 -4.18 -11.76 -4.52
C LYS B 36 -4.36 -13.12 -3.85
N PRO B 37 -4.17 -14.22 -4.59
CA PRO B 37 -4.39 -15.57 -4.09
C PRO B 37 -3.28 -16.05 -3.14
N PHE B 38 -2.23 -15.26 -3.02
CA PHE B 38 -1.11 -15.59 -2.15
C PHE B 38 -0.24 -14.35 -1.94
N TYR B 39 0.26 -14.16 -0.73
CA TYR B 39 0.98 -12.94 -0.42
C TYR B 39 2.18 -13.23 0.47
N HIS B 40 3.05 -12.24 0.61
CA HIS B 40 4.25 -12.39 1.43
C HIS B 40 4.01 -11.74 2.79
N HIS B 41 4.28 -12.50 3.84
CA HIS B 41 4.14 -11.99 5.19
C HIS B 41 5.52 -11.72 5.77
N ILE B 42 5.88 -10.46 5.83
CA ILE B 42 7.21 -10.05 6.25
C ILE B 42 7.18 -9.44 7.65
N ILE B 43 8.11 -9.86 8.50
CA ILE B 43 8.24 -9.29 9.84
C ILE B 43 9.65 -8.76 10.04
N PHE B 44 9.77 -7.59 10.64
CA PHE B 44 11.06 -6.95 10.80
C PHE B 44 11.52 -6.98 12.25
N ASP B 45 12.82 -6.82 12.44
CA ASP B 45 13.43 -6.72 13.77
C ASP B 45 12.94 -5.46 14.48
N ASP B 46 12.36 -4.57 13.70
CA ASP B 46 11.77 -3.33 14.22
C ASP B 46 10.54 -3.64 15.06
N GLY B 47 9.95 -4.80 14.82
CA GLY B 47 8.75 -5.18 15.53
C GLY B 47 7.52 -5.04 14.67
N SER B 48 7.69 -4.38 13.53
CA SER B 48 6.61 -4.17 12.59
C SER B 48 6.56 -5.30 11.56
N GLU B 49 5.46 -5.39 10.85
CA GLU B 49 5.31 -6.40 9.81
C GLU B 49 4.49 -5.85 8.66
N ILE B 50 4.65 -6.45 7.49
CA ILE B 50 3.94 -6.00 6.31
C ILE B 50 3.46 -7.19 5.49
N LYS B 51 2.44 -6.97 4.67
CA LYS B 51 1.85 -8.01 3.85
C LYS B 51 1.52 -7.45 2.47
N CYS B 52 2.13 -7.98 1.43
CA CYS B 52 1.93 -7.46 0.08
C CYS B 52 2.24 -8.52 -0.98
N SER B 53 2.19 -8.11 -2.25
CA SER B 53 2.46 -9.00 -3.38
C SER B 53 3.94 -9.42 -3.46
N ASP B 54 4.28 -10.13 -4.52
CA ASP B 54 5.63 -10.65 -4.72
C ASP B 54 6.57 -9.55 -5.21
N ASN B 55 6.34 -9.08 -6.43
CA ASN B 55 7.24 -8.11 -7.06
C ASN B 55 6.98 -6.69 -6.59
N HIS B 56 6.16 -6.57 -5.55
CA HIS B 56 5.81 -5.26 -5.02
C HIS B 56 7.04 -4.55 -4.49
N SER B 57 7.30 -3.37 -5.02
CA SER B 57 8.43 -2.56 -4.61
C SER B 57 8.07 -1.70 -3.39
N PHE B 58 8.98 -1.61 -2.45
CA PHE B 58 8.78 -0.83 -1.25
C PHE B 58 9.34 0.58 -1.40
N GLY B 59 10.59 0.76 -1.02
CA GLY B 59 11.21 2.07 -1.07
C GLY B 59 11.46 2.54 -2.49
N LYS B 60 11.88 3.80 -2.63
CA LYS B 60 12.09 4.40 -3.95
C LYS B 60 13.18 3.66 -4.74
N ASP B 61 13.94 2.80 -4.05
CA ASP B 61 14.97 2.00 -4.70
C ASP B 61 14.35 0.88 -5.54
N LYS B 62 13.03 0.81 -5.51
CA LYS B 62 12.27 -0.20 -6.24
C LYS B 62 12.60 -1.59 -5.73
N ILE B 63 12.58 -1.73 -4.41
CA ILE B 63 12.94 -2.99 -3.78
C ILE B 63 11.74 -3.92 -3.70
N LYS B 64 11.78 -4.98 -4.48
CA LYS B 64 10.68 -5.94 -4.54
C LYS B 64 10.70 -6.85 -3.32
N ALA B 65 9.52 -7.23 -2.86
CA ALA B 65 9.37 -8.16 -1.74
C ALA B 65 9.98 -9.52 -2.08
N SER B 66 10.01 -9.83 -3.36
CA SER B 66 10.53 -11.10 -3.84
C SER B 66 12.06 -11.11 -3.84
N THR B 67 12.69 -9.94 -3.70
CA THR B 67 14.14 -9.89 -3.70
C THR B 67 14.66 -9.67 -2.29
N ILE B 68 13.75 -9.66 -1.33
CA ILE B 68 14.11 -9.48 0.06
C ILE B 68 14.18 -10.82 0.76
N LYS B 69 15.32 -11.12 1.33
CA LYS B 69 15.51 -12.37 2.05
C LYS B 69 15.81 -12.08 3.51
N VAL B 70 15.41 -13.01 4.38
CA VAL B 70 15.57 -12.82 5.81
C VAL B 70 17.04 -12.60 6.19
N GLY B 71 17.26 -11.62 7.05
CA GLY B 71 18.60 -11.26 7.45
C GLY B 71 19.07 -10.00 6.74
N ASP B 72 18.27 -9.53 5.80
CA ASP B 72 18.58 -8.31 5.07
C ASP B 72 17.98 -7.11 5.80
N TYR B 73 18.09 -5.95 5.20
CA TYR B 73 17.65 -4.71 5.84
C TYR B 73 16.83 -3.86 4.89
N LEU B 74 15.61 -3.57 5.29
CA LEU B 74 14.73 -2.73 4.50
C LEU B 74 14.50 -1.42 5.22
N GLN B 75 15.13 -0.36 4.71
CA GLN B 75 14.99 0.98 5.29
C GLN B 75 15.39 1.00 6.75
N GLY B 76 16.47 0.28 7.07
CA GLY B 76 17.01 0.31 8.41
C GLY B 76 16.46 -0.79 9.29
N LYS B 77 15.50 -1.54 8.79
CA LYS B 77 14.87 -2.58 9.58
C LYS B 77 15.21 -3.96 9.01
N LYS B 78 15.76 -4.81 9.85
CA LYS B 78 16.15 -6.15 9.42
C LYS B 78 14.94 -7.04 9.25
N VAL B 79 14.82 -7.63 8.08
CA VAL B 79 13.76 -8.58 7.80
C VAL B 79 14.08 -9.92 8.44
N LEU B 80 13.23 -10.35 9.37
CA LEU B 80 13.44 -11.59 10.07
C LEU B 80 12.54 -12.69 9.53
N TYR B 81 11.48 -12.27 8.87
CA TYR B 81 10.47 -13.19 8.40
C TYR B 81 9.96 -12.75 7.03
N ASN B 82 9.89 -13.68 6.10
CA ASN B 82 9.36 -13.41 4.77
C ASN B 82 8.79 -14.68 4.18
N GLU B 83 7.61 -15.05 4.64
CA GLU B 83 7.00 -16.30 4.24
C GLU B 83 5.87 -16.06 3.26
N ILE B 84 5.77 -16.92 2.25
CA ILE B 84 4.68 -16.85 1.31
C ILE B 84 3.49 -17.64 1.84
N VAL B 85 2.41 -16.94 2.10
CA VAL B 85 1.21 -17.57 2.57
C VAL B 85 0.17 -17.56 1.46
N GLU B 86 -0.17 -18.75 1.01
CA GLU B 86 -1.00 -18.93 -0.16
C GLU B 86 -2.48 -18.89 0.22
N GLU B 87 -2.89 -17.73 0.71
CA GLU B 87 -4.26 -17.49 1.11
C GLU B 87 -4.86 -16.37 0.27
N GLY B 88 -6.05 -16.61 -0.25
CA GLY B 88 -6.72 -15.60 -1.06
C GLY B 88 -7.10 -14.39 -0.25
N ILE B 89 -6.58 -13.26 -0.63
CA ILE B 89 -6.77 -12.03 0.13
C ILE B 89 -7.03 -10.85 -0.80
N TYR B 90 -7.76 -9.87 -0.30
CA TYR B 90 -8.03 -8.66 -1.06
C TYR B 90 -6.93 -7.65 -0.79
N LEU B 91 -6.35 -7.14 -1.86
CA LEU B 91 -5.22 -6.23 -1.76
C LEU B 91 -5.63 -4.85 -2.27
N TYR B 92 -5.05 -3.81 -1.69
CA TYR B 92 -5.41 -2.44 -2.02
C TYR B 92 -4.17 -1.61 -2.33
N ASP B 93 -4.26 -0.76 -3.35
CA ASP B 93 -3.13 0.10 -3.75
C ASP B 93 -3.60 1.54 -3.96
N LEU B 94 -2.68 2.48 -3.77
CA LEU B 94 -2.98 3.89 -4.02
C LEU B 94 -2.48 4.30 -5.40
N LEU B 95 -3.24 5.14 -6.07
CA LEU B 95 -2.87 5.62 -7.40
C LEU B 95 -2.39 7.06 -7.35
N ASN B 96 -1.19 7.28 -7.86
CA ASN B 96 -0.60 8.62 -8.00
C ASN B 96 -0.51 9.34 -6.65
N VAL B 97 0.51 9.03 -5.88
CA VAL B 97 0.66 9.63 -4.57
C VAL B 97 1.64 10.79 -4.62
N GLY B 98 1.09 11.99 -4.75
CA GLY B 98 1.89 13.21 -4.78
C GLY B 98 2.98 13.18 -5.82
N GLU B 99 2.74 12.43 -6.90
CA GLU B 99 3.70 12.27 -8.00
C GLU B 99 4.99 11.57 -7.53
N ASP B 100 5.01 11.13 -6.27
CA ASP B 100 6.17 10.43 -5.73
C ASP B 100 5.94 8.93 -5.76
N ASN B 101 4.74 8.54 -5.32
CA ASN B 101 4.31 7.15 -5.27
C ASN B 101 5.06 6.38 -4.18
N LEU B 102 5.46 7.08 -3.14
CA LEU B 102 6.04 6.46 -1.95
C LEU B 102 5.25 6.89 -0.73
N TYR B 103 4.70 5.93 0.00
CA TYR B 103 3.87 6.26 1.15
C TYR B 103 4.07 5.27 2.30
N TYR B 104 3.83 5.75 3.52
CA TYR B 104 4.05 4.95 4.71
C TYR B 104 2.93 3.94 4.95
N THR B 105 3.29 2.67 4.89
CA THR B 105 2.38 1.58 5.20
C THR B 105 2.95 0.74 6.34
N ASN B 106 2.27 0.74 7.49
CA ASN B 106 2.75 0.02 8.68
C ASN B 106 4.15 0.50 9.08
N GLY B 107 4.41 1.78 8.88
CA GLY B 107 5.72 2.33 9.20
C GLY B 107 6.77 2.01 8.15
N ILE B 108 6.34 1.38 7.06
CA ILE B 108 7.23 1.03 5.96
C ILE B 108 6.84 1.80 4.72
N VAL B 109 7.79 2.54 4.14
CA VAL B 109 7.52 3.25 2.91
C VAL B 109 7.32 2.25 1.75
N SER B 110 6.15 2.30 1.16
CA SER B 110 5.76 1.43 0.07
C SER B 110 5.60 2.23 -1.22
N HIS B 111 5.63 1.54 -2.35
CA HIS B 111 5.51 2.20 -3.64
C HIS B 111 4.10 2.05 -4.18
N ALA B 112 3.55 3.15 -4.69
CA ALA B 112 2.21 3.16 -5.26
C ALA B 112 2.26 3.00 -6.78
N CYS B 113 1.11 2.87 -7.39
CA CYS B 113 1.02 2.75 -8.83
C CYS B 113 0.49 4.05 -9.43
N GLU B 114 0.76 4.30 -10.69
CA GLU B 114 0.30 5.51 -11.33
C GLU B 114 -0.47 5.20 -12.61
N SER B 115 -1.68 5.72 -12.70
CA SER B 115 -2.55 5.47 -13.84
C SER B 115 -3.11 6.80 -14.34
N ARG B 116 -2.27 7.57 -15.01
CA ARG B 116 -2.66 8.88 -15.51
C ARG B 116 -3.51 8.74 -16.76
N GLY B 117 -4.81 8.55 -16.55
CA GLY B 117 -5.73 8.44 -17.66
C GLY B 117 -6.15 9.79 -18.16
N LYS B 118 -5.81 10.11 -19.41
CA LYS B 118 -6.17 11.38 -19.99
C LYS B 118 -7.10 11.18 -21.18
N GLU A 1 1.79 -4.42 -14.59
CA GLU A 1 2.19 -4.74 -13.20
C GLU A 1 0.96 -4.80 -12.32
N PHE A 2 0.79 -5.91 -11.59
CA PHE A 2 -0.31 -6.04 -10.66
C PHE A 2 0.23 -6.23 -9.24
N GLU A 3 0.74 -5.14 -8.68
CA GLU A 3 1.26 -5.18 -7.32
C GLU A 3 0.39 -4.34 -6.40
N ALA A 4 0.36 -4.71 -5.13
CA ALA A 4 -0.45 -4.00 -4.14
C ALA A 4 -0.03 -4.38 -2.72
N LEU A 5 -0.64 -3.73 -1.73
CA LEU A 5 -0.33 -3.94 -0.33
C LEU A 5 -1.59 -4.40 0.39
N SER A 6 -1.45 -4.97 1.58
CA SER A 6 -2.60 -5.49 2.32
C SER A 6 -3.51 -4.38 2.81
N GLY A 7 -4.77 -4.74 3.02
CA GLY A 7 -5.76 -3.80 3.51
C GLY A 7 -5.60 -3.51 4.99
N ASP A 8 -4.96 -4.43 5.70
CA ASP A 8 -4.74 -4.31 7.15
C ASP A 8 -3.63 -3.31 7.44
N THR A 9 -2.85 -3.02 6.41
CA THR A 9 -1.72 -2.10 6.52
C THR A 9 -2.16 -0.75 7.06
N MET A 10 -1.50 -0.29 8.11
CA MET A 10 -1.87 0.95 8.78
C MET A 10 -1.17 2.14 8.13
N ILE A 11 -1.93 3.18 7.86
CA ILE A 11 -1.40 4.41 7.28
C ILE A 11 -1.89 5.61 8.06
N GLU A 12 -1.21 6.73 7.89
CA GLU A 12 -1.62 7.96 8.54
C GLU A 12 -2.04 8.96 7.48
N ILE A 13 -3.29 9.37 7.54
CA ILE A 13 -3.83 10.25 6.52
C ILE A 13 -4.18 11.61 7.09
N LEU A 14 -4.28 12.56 6.20
CA LEU A 14 -4.67 13.91 6.55
C LEU A 14 -5.93 14.27 5.77
N ASP A 15 -7.00 14.50 6.51
CA ASP A 15 -8.29 14.85 5.91
C ASP A 15 -8.27 16.30 5.45
N ASP A 16 -9.24 16.69 4.63
CA ASP A 16 -9.30 18.04 4.11
C ASP A 16 -9.39 19.07 5.24
N ASP A 17 -10.08 18.72 6.31
CA ASP A 17 -10.24 19.63 7.44
C ASP A 17 -9.00 19.63 8.33
N GLY A 18 -7.93 19.04 7.84
CA GLY A 18 -6.70 18.98 8.58
C GLY A 18 -6.75 17.96 9.70
N ILE A 19 -7.56 16.94 9.49
CA ILE A 19 -7.74 15.90 10.49
C ILE A 19 -6.81 14.73 10.23
N ILE A 20 -5.95 14.46 11.17
CA ILE A 20 -5.06 13.31 11.10
C ILE A 20 -5.78 12.07 11.59
N GLN A 21 -5.66 10.98 10.87
CA GLN A 21 -6.27 9.74 11.29
C GLN A 21 -5.43 8.56 10.83
N LYS A 22 -5.20 7.63 11.74
CA LYS A 22 -4.45 6.42 11.43
C LYS A 22 -5.41 5.28 11.15
N ILE A 23 -5.50 4.90 9.88
CA ILE A 23 -6.44 3.87 9.46
C ILE A 23 -5.74 2.90 8.52
N SER A 24 -6.33 1.73 8.35
CA SER A 24 -5.78 0.75 7.44
C SER A 24 -6.06 1.12 5.99
N MET A 25 -5.23 0.61 5.08
CA MET A 25 -5.39 0.87 3.66
C MET A 25 -6.81 0.54 3.19
N GLU A 26 -7.38 -0.53 3.71
CA GLU A 26 -8.73 -0.93 3.32
C GLU A 26 -9.77 0.00 3.94
N ASP A 27 -9.51 0.51 5.13
CA ASP A 27 -10.43 1.46 5.76
C ASP A 27 -10.45 2.75 4.96
N LEU A 28 -9.29 3.09 4.41
CA LEU A 28 -9.16 4.22 3.51
C LEU A 28 -9.98 3.98 2.25
N TYR A 29 -9.94 2.75 1.77
CA TYR A 29 -10.73 2.33 0.62
C TYR A 29 -12.20 2.46 0.94
N GLN A 30 -12.58 2.02 2.13
CA GLN A 30 -13.96 2.09 2.58
C GLN A 30 -14.37 3.53 2.85
N ARG A 31 -13.38 4.40 2.97
CA ARG A 31 -13.64 5.82 3.19
C ARG A 31 -13.88 6.52 1.85
N LEU A 32 -13.52 5.83 0.79
CA LEU A 32 -13.72 6.33 -0.57
C LEU A 32 -14.79 5.51 -1.29
N ALA A 33 -15.46 4.66 -0.54
CA ALA A 33 -16.50 3.83 -1.08
C ALA A 33 -17.85 4.53 -0.98
N ASP B 1 -27.25 6.24 -21.28
CA ASP B 1 -26.74 5.25 -20.30
C ASP B 1 -26.75 3.86 -20.92
N TYR B 2 -25.60 3.44 -21.46
CA TYR B 2 -25.49 2.14 -22.12
C TYR B 2 -24.33 1.33 -21.54
N LYS B 3 -24.36 1.15 -20.22
CA LYS B 3 -23.34 0.38 -19.52
C LYS B 3 -21.94 0.96 -19.75
N ASP B 4 -21.62 2.04 -19.06
CA ASP B 4 -20.30 2.63 -19.16
C ASP B 4 -19.31 1.84 -18.31
N ASP B 5 -18.03 2.08 -18.50
CA ASP B 5 -17.00 1.41 -17.73
C ASP B 5 -16.83 2.09 -16.38
N ASP B 6 -17.93 2.16 -15.64
CA ASP B 6 -17.98 2.82 -14.34
C ASP B 6 -17.07 2.13 -13.35
N ASP B 7 -16.40 2.95 -12.54
CA ASP B 7 -15.42 2.45 -11.57
C ASP B 7 -16.11 1.59 -10.52
N LYS B 8 -15.49 0.46 -10.22
CA LYS B 8 -16.04 -0.49 -9.26
C LYS B 8 -14.98 -0.91 -8.25
N MET B 9 -13.97 -1.63 -8.71
CA MET B 9 -12.87 -2.05 -7.85
C MET B 9 -11.92 -0.91 -7.55
N PHE B 10 -12.05 0.17 -8.33
CA PHE B 10 -11.19 1.33 -8.19
C PHE B 10 -12.00 2.52 -7.68
N LYS B 11 -11.49 3.19 -6.66
CA LYS B 11 -12.17 4.34 -6.08
C LYS B 11 -11.36 5.61 -6.30
N LEU B 12 -12.05 6.68 -6.67
CA LEU B 12 -11.41 7.98 -6.85
C LEU B 12 -11.34 8.72 -5.53
N ASN B 13 -10.27 9.47 -5.34
CA ASN B 13 -10.08 10.24 -4.11
C ASN B 13 -10.85 11.56 -4.16
N THR B 14 -12.17 11.47 -4.29
CA THR B 14 -13.02 12.65 -4.33
C THR B 14 -13.36 13.14 -2.93
N LYS B 15 -12.66 12.60 -1.94
CA LYS B 15 -12.86 13.00 -0.55
C LYS B 15 -11.74 13.94 -0.12
N ASN B 16 -10.85 14.21 -1.08
CA ASN B 16 -9.74 15.15 -0.91
C ASN B 16 -8.82 14.73 0.25
N ILE B 17 -8.54 13.45 0.32
CA ILE B 17 -7.69 12.91 1.37
C ILE B 17 -6.23 12.97 0.98
N LYS B 18 -5.36 13.13 1.96
CA LYS B 18 -3.92 13.13 1.74
C LYS B 18 -3.26 12.11 2.64
N VAL B 19 -2.10 11.62 2.24
CA VAL B 19 -1.43 10.55 2.96
C VAL B 19 0.00 10.93 3.31
N LEU B 20 0.49 10.43 4.44
CA LEU B 20 1.84 10.71 4.90
C LEU B 20 2.86 9.98 4.03
N THR B 21 3.69 10.75 3.34
CA THR B 21 4.72 10.18 2.49
C THR B 21 6.09 10.66 2.96
N PRO B 22 7.18 10.10 2.39
CA PRO B 22 8.54 10.60 2.64
C PRO B 22 8.69 12.09 2.30
N SER B 23 7.80 12.58 1.43
CA SER B 23 7.82 13.97 1.03
C SER B 23 6.72 14.77 1.75
N GLY B 24 6.31 14.27 2.91
CA GLY B 24 5.28 14.93 3.68
C GLY B 24 3.91 14.43 3.30
N PHE B 25 2.88 15.20 3.62
CA PHE B 25 1.53 14.82 3.27
C PHE B 25 1.23 15.15 1.82
N LYS B 26 0.95 14.11 1.04
CA LYS B 26 0.71 14.27 -0.39
C LYS B 26 -0.67 13.76 -0.75
N SER B 27 -1.22 14.30 -1.83
CA SER B 27 -2.51 13.86 -2.32
C SER B 27 -2.32 12.69 -3.28
N PHE B 28 -3.27 11.80 -3.30
CA PHE B 28 -3.25 10.68 -4.22
C PHE B 28 -4.49 10.70 -5.09
N SER B 29 -4.40 10.07 -6.26
CA SER B 29 -5.47 10.13 -7.25
C SER B 29 -6.60 9.17 -6.89
N GLY B 30 -6.26 8.04 -6.30
CA GLY B 30 -7.27 7.07 -5.95
C GLY B 30 -6.67 5.81 -5.35
N ILE B 31 -7.49 4.79 -5.18
CA ILE B 31 -7.06 3.53 -4.59
C ILE B 31 -7.79 2.36 -5.26
N GLN B 32 -7.07 1.26 -5.47
CA GLN B 32 -7.64 0.12 -6.19
C GLN B 32 -7.71 -1.12 -5.30
N LYS B 33 -8.72 -1.94 -5.53
CA LYS B 33 -8.85 -3.22 -4.85
C LYS B 33 -8.55 -4.36 -5.81
N VAL B 34 -7.53 -5.12 -5.51
CA VAL B 34 -7.18 -6.27 -6.31
C VAL B 34 -7.24 -7.53 -5.46
N TYR B 35 -7.51 -8.66 -6.08
CA TYR B 35 -7.53 -9.91 -5.35
C TYR B 35 -6.24 -10.66 -5.59
N LYS B 36 -5.63 -11.14 -4.52
CA LYS B 36 -4.42 -11.91 -4.64
C LYS B 36 -4.56 -13.21 -3.86
N PRO B 37 -4.25 -14.34 -4.52
CA PRO B 37 -4.35 -15.68 -3.90
C PRO B 37 -3.19 -15.99 -2.98
N PHE B 38 -2.28 -15.03 -2.80
CA PHE B 38 -1.13 -15.20 -1.93
C PHE B 38 -0.50 -13.85 -1.64
N TYR B 39 0.28 -13.79 -0.56
CA TYR B 39 1.00 -12.58 -0.21
C TYR B 39 2.19 -12.91 0.66
N HIS B 40 3.09 -11.96 0.81
CA HIS B 40 4.26 -12.13 1.65
C HIS B 40 4.00 -11.56 3.03
N HIS B 41 4.15 -12.38 4.05
CA HIS B 41 4.01 -11.92 5.42
C HIS B 41 5.41 -11.67 5.98
N ILE B 42 5.79 -10.41 6.01
CA ILE B 42 7.13 -10.03 6.40
C ILE B 42 7.14 -9.46 7.81
N ILE B 43 7.99 -10.00 8.66
CA ILE B 43 8.15 -9.50 10.02
C ILE B 43 9.56 -8.97 10.22
N PHE B 44 9.69 -7.83 10.88
CA PHE B 44 10.97 -7.18 11.05
C PHE B 44 11.53 -7.41 12.45
N ASP B 45 12.81 -7.10 12.59
CA ASP B 45 13.51 -7.21 13.87
C ASP B 45 12.83 -6.41 14.97
N ASP B 46 12.15 -5.34 14.57
CA ASP B 46 11.46 -4.47 15.53
C ASP B 46 10.22 -5.15 16.09
N GLY B 47 9.77 -6.19 15.42
CA GLY B 47 8.56 -6.88 15.84
C GLY B 47 7.36 -6.43 15.03
N SER B 48 7.58 -5.48 14.13
CA SER B 48 6.54 -5.00 13.25
C SER B 48 6.44 -5.90 12.02
N GLU B 49 5.38 -5.75 11.26
CA GLU B 49 5.19 -6.58 10.08
C GLU B 49 4.63 -5.76 8.92
N ILE B 50 4.74 -6.33 7.73
CA ILE B 50 4.12 -5.79 6.55
C ILE B 50 3.62 -6.95 5.68
N LYS B 51 2.59 -6.69 4.89
CA LYS B 51 2.00 -7.72 4.05
C LYS B 51 1.73 -7.18 2.66
N CYS B 52 2.38 -7.78 1.68
CA CYS B 52 2.28 -7.29 0.30
C CYS B 52 2.29 -8.44 -0.69
N SER B 53 2.13 -8.11 -1.97
CA SER B 53 2.23 -9.09 -3.02
C SER B 53 3.71 -9.39 -3.29
N ASP B 54 3.99 -10.28 -4.22
CA ASP B 54 5.37 -10.68 -4.51
C ASP B 54 6.14 -9.55 -5.16
N ASN B 55 5.63 -9.07 -6.29
CA ASN B 55 6.34 -8.05 -7.06
C ASN B 55 5.94 -6.64 -6.64
N HIS B 56 5.56 -6.47 -5.38
CA HIS B 56 5.22 -5.14 -4.90
C HIS B 56 6.47 -4.40 -4.47
N SER B 57 6.62 -3.20 -5.00
CA SER B 57 7.75 -2.36 -4.72
C SER B 57 7.51 -1.59 -3.42
N PHE B 58 8.58 -1.37 -2.67
CA PHE B 58 8.50 -0.60 -1.44
C PHE B 58 9.06 0.79 -1.62
N GLY B 59 10.33 0.97 -1.28
CA GLY B 59 10.96 2.27 -1.38
C GLY B 59 11.21 2.69 -2.80
N LYS B 60 11.63 3.94 -2.98
CA LYS B 60 11.89 4.50 -4.30
C LYS B 60 13.02 3.76 -5.02
N ASP B 61 13.74 2.93 -4.28
CA ASP B 61 14.82 2.13 -4.87
C ASP B 61 14.25 0.95 -5.65
N LYS B 62 12.93 0.94 -5.78
CA LYS B 62 12.21 -0.06 -6.55
C LYS B 62 12.45 -1.45 -5.97
N ILE B 63 12.35 -1.54 -4.66
CA ILE B 63 12.63 -2.77 -3.96
C ILE B 63 11.37 -3.61 -3.83
N LYS B 64 11.29 -4.69 -4.59
CA LYS B 64 10.16 -5.59 -4.54
C LYS B 64 10.39 -6.67 -3.50
N ALA B 65 9.32 -7.27 -3.01
CA ALA B 65 9.42 -8.33 -2.00
C ALA B 65 10.25 -9.50 -2.50
N SER B 66 10.25 -9.70 -3.81
CA SER B 66 10.96 -10.80 -4.45
C SER B 66 12.48 -10.70 -4.21
N THR B 67 12.97 -9.50 -3.93
CA THR B 67 14.41 -9.31 -3.75
C THR B 67 14.74 -9.07 -2.28
N ILE B 68 13.80 -9.38 -1.41
CA ILE B 68 14.01 -9.24 0.02
C ILE B 68 14.09 -10.62 0.67
N LYS B 69 15.22 -10.90 1.28
CA LYS B 69 15.46 -12.20 1.91
C LYS B 69 15.69 -12.00 3.40
N VAL B 70 15.30 -13.00 4.20
CA VAL B 70 15.43 -12.91 5.64
C VAL B 70 16.88 -12.67 6.05
N GLY B 71 17.07 -11.76 6.99
CA GLY B 71 18.40 -11.41 7.43
C GLY B 71 18.89 -10.14 6.78
N ASP B 72 18.17 -9.70 5.76
CA ASP B 72 18.51 -8.47 5.06
C ASP B 72 17.82 -7.30 5.74
N TYR B 73 17.97 -6.12 5.18
CA TYR B 73 17.41 -4.92 5.81
C TYR B 73 16.53 -4.17 4.84
N LEU B 74 15.37 -3.76 5.32
CA LEU B 74 14.45 -2.98 4.54
C LEU B 74 14.27 -1.61 5.18
N GLN B 75 14.89 -0.60 4.57
CA GLN B 75 14.77 0.78 5.04
C GLN B 75 15.24 0.95 6.48
N GLY B 76 16.19 0.12 6.89
CA GLY B 76 16.77 0.24 8.21
C GLY B 76 16.50 -0.96 9.11
N LYS B 77 15.38 -1.63 8.88
CA LYS B 77 14.97 -2.72 9.76
C LYS B 77 15.24 -4.05 9.12
N LYS B 78 15.78 -4.98 9.90
CA LYS B 78 16.14 -6.29 9.40
C LYS B 78 14.91 -7.19 9.31
N VAL B 79 14.73 -7.81 8.16
CA VAL B 79 13.63 -8.73 7.95
C VAL B 79 13.95 -10.09 8.55
N LEU B 80 13.11 -10.54 9.47
CA LEU B 80 13.31 -11.82 10.13
C LEU B 80 12.44 -12.88 9.48
N TYR B 81 11.32 -12.46 8.93
CA TYR B 81 10.33 -13.38 8.41
C TYR B 81 9.83 -12.88 7.06
N ASN B 82 9.80 -13.77 6.08
CA ASN B 82 9.32 -13.43 4.76
C ASN B 82 8.75 -14.68 4.09
N GLU B 83 7.53 -15.01 4.44
CA GLU B 83 6.90 -16.21 3.92
C GLU B 83 5.83 -15.86 2.90
N ILE B 84 5.77 -16.65 1.83
CA ILE B 84 4.70 -16.54 0.86
C ILE B 84 3.52 -17.37 1.35
N VAL B 85 2.60 -16.72 2.03
CA VAL B 85 1.43 -17.40 2.51
C VAL B 85 0.35 -17.33 1.46
N GLU B 86 0.01 -18.49 0.93
CA GLU B 86 -0.89 -18.58 -0.21
C GLU B 86 -2.33 -18.58 0.25
N GLU B 87 -2.73 -17.45 0.80
CA GLU B 87 -4.09 -17.22 1.24
C GLU B 87 -4.72 -16.11 0.43
N GLY B 88 -5.90 -16.38 -0.11
CA GLY B 88 -6.61 -15.38 -0.86
C GLY B 88 -6.94 -14.17 -0.01
N ILE B 89 -6.58 -13.01 -0.51
CA ILE B 89 -6.71 -11.78 0.23
C ILE B 89 -7.04 -10.62 -0.70
N TYR B 90 -7.70 -9.60 -0.16
CA TYR B 90 -7.97 -8.39 -0.92
C TYR B 90 -6.85 -7.40 -0.70
N LEU B 91 -6.18 -7.06 -1.79
CA LEU B 91 -4.99 -6.22 -1.74
C LEU B 91 -5.33 -4.84 -2.32
N TYR B 92 -4.65 -3.82 -1.82
CA TYR B 92 -4.95 -2.44 -2.20
C TYR B 92 -3.66 -1.67 -2.46
N ASP B 93 -3.71 -0.75 -3.41
CA ASP B 93 -2.55 0.10 -3.70
C ASP B 93 -3.03 1.50 -4.03
N LEU B 94 -2.27 2.51 -3.63
CA LEU B 94 -2.63 3.89 -3.92
C LEU B 94 -2.16 4.28 -5.30
N LEU B 95 -2.97 5.03 -6.01
CA LEU B 95 -2.64 5.41 -7.37
C LEU B 95 -2.18 6.86 -7.42
N ASN B 96 -0.95 7.04 -7.89
CA ASN B 96 -0.32 8.35 -8.01
C ASN B 96 -0.37 9.15 -6.70
N VAL B 97 0.69 9.01 -5.92
CA VAL B 97 0.78 9.74 -4.67
C VAL B 97 1.76 10.89 -4.83
N GLY B 98 1.25 12.11 -4.80
CA GLY B 98 2.05 13.27 -5.06
C GLY B 98 2.70 13.19 -6.42
N GLU B 99 3.98 13.54 -6.49
CA GLU B 99 4.73 13.42 -7.72
C GLU B 99 5.92 12.50 -7.52
N ASP B 100 5.78 11.56 -6.60
CA ASP B 100 6.89 10.67 -6.26
C ASP B 100 6.44 9.21 -6.21
N ASN B 101 5.18 8.99 -5.83
CA ASN B 101 4.56 7.66 -5.81
C ASN B 101 5.07 6.80 -4.66
N LEU B 102 5.44 7.43 -3.55
CA LEU B 102 5.87 6.73 -2.36
C LEU B 102 5.01 7.17 -1.17
N TYR B 103 4.74 6.27 -0.24
CA TYR B 103 3.95 6.61 0.95
C TYR B 103 4.29 5.69 2.12
N TYR B 104 4.07 6.17 3.34
CA TYR B 104 4.42 5.42 4.53
C TYR B 104 3.34 4.43 4.94
N THR B 105 3.72 3.17 4.99
CA THR B 105 2.83 2.10 5.39
C THR B 105 3.47 1.24 6.49
N ASN B 106 2.86 1.21 7.66
CA ASN B 106 3.42 0.50 8.81
C ASN B 106 4.84 0.99 9.12
N GLY B 107 5.10 2.26 8.84
CA GLY B 107 6.42 2.82 9.05
C GLY B 107 7.38 2.52 7.92
N ILE B 108 6.92 1.74 6.95
CA ILE B 108 7.73 1.35 5.81
C ILE B 108 7.21 2.04 4.56
N VAL B 109 8.09 2.65 3.79
CA VAL B 109 7.69 3.32 2.58
C VAL B 109 7.28 2.29 1.51
N SER B 110 6.06 2.47 1.00
CA SER B 110 5.50 1.60 -0.02
C SER B 110 5.38 2.38 -1.33
N HIS B 111 5.24 1.65 -2.44
CA HIS B 111 5.17 2.25 -3.76
C HIS B 111 3.73 2.39 -4.21
N ALA B 112 3.45 3.44 -4.97
CA ALA B 112 2.12 3.68 -5.52
C ALA B 112 2.16 3.56 -7.04
N CYS B 113 1.20 2.84 -7.61
CA CYS B 113 1.14 2.65 -9.05
C CYS B 113 0.61 3.93 -9.72
N GLU B 114 0.93 4.09 -11.00
CA GLU B 114 0.54 5.28 -11.74
C GLU B 114 -0.83 5.12 -12.38
N SER B 115 -1.85 5.07 -11.53
CA SER B 115 -3.24 4.95 -11.95
C SER B 115 -3.46 3.63 -12.70
N ARG B 116 -3.75 3.71 -14.00
CA ARG B 116 -3.95 2.53 -14.84
C ARG B 116 -5.11 1.68 -14.32
N GLY B 117 -6.10 2.34 -13.74
CA GLY B 117 -7.23 1.65 -13.17
C GLY B 117 -8.54 2.16 -13.72
N LYS B 118 -8.50 2.66 -14.95
CA LYS B 118 -9.69 3.17 -15.60
C LYS B 118 -10.55 2.00 -16.06
N GLU A 1 3.00 -4.18 -11.41
CA GLU A 1 1.55 -4.21 -11.72
C GLU A 1 0.75 -4.48 -10.45
N PHE A 2 1.22 -5.42 -9.64
CA PHE A 2 0.55 -5.74 -8.38
C PHE A 2 1.42 -5.33 -7.21
N GLU A 3 1.43 -4.04 -6.93
CA GLU A 3 2.21 -3.51 -5.82
C GLU A 3 1.29 -3.10 -4.68
N ALA A 4 0.35 -3.97 -4.34
CA ALA A 4 -0.67 -3.65 -3.36
C ALA A 4 -0.37 -4.31 -2.02
N LEU A 5 -1.05 -3.87 -0.97
CA LEU A 5 -0.89 -4.46 0.34
C LEU A 5 -2.24 -4.89 0.90
N SER A 6 -2.21 -5.64 1.99
CA SER A 6 -3.42 -6.13 2.64
C SER A 6 -4.33 -4.98 3.04
N GLY A 7 -5.62 -5.27 3.14
CA GLY A 7 -6.58 -4.28 3.58
C GLY A 7 -6.41 -3.96 5.05
N ASP A 8 -5.71 -4.83 5.76
CA ASP A 8 -5.46 -4.68 7.19
C ASP A 8 -4.26 -3.77 7.43
N THR A 9 -3.53 -3.47 6.37
CA THR A 9 -2.36 -2.61 6.43
C THR A 9 -2.75 -1.23 6.95
N MET A 10 -2.09 -0.79 8.00
CA MET A 10 -2.42 0.47 8.65
C MET A 10 -1.70 1.63 7.96
N ILE A 11 -2.44 2.69 7.70
CA ILE A 11 -1.88 3.90 7.12
C ILE A 11 -2.34 5.10 7.91
N GLU A 12 -1.75 6.25 7.63
CA GLU A 12 -2.11 7.45 8.32
C GLU A 12 -2.42 8.53 7.30
N ILE A 13 -3.62 9.08 7.38
CA ILE A 13 -4.07 10.03 6.40
C ILE A 13 -4.36 11.38 7.03
N LEU A 14 -4.39 12.39 6.18
CA LEU A 14 -4.67 13.74 6.59
C LEU A 14 -5.88 14.26 5.84
N ASP A 15 -6.90 14.64 6.59
CA ASP A 15 -8.12 15.16 5.99
C ASP A 15 -7.94 16.59 5.52
N ASP A 16 -8.88 17.09 4.75
CA ASP A 16 -8.76 18.42 4.16
C ASP A 16 -8.67 19.50 5.24
N ASP A 17 -9.38 19.30 6.35
CA ASP A 17 -9.38 20.26 7.44
C ASP A 17 -8.10 20.14 8.28
N GLY A 18 -7.21 19.27 7.85
CA GLY A 18 -5.96 19.09 8.56
C GLY A 18 -6.09 18.15 9.73
N ILE A 19 -6.99 17.18 9.60
CA ILE A 19 -7.22 16.22 10.65
C ILE A 19 -6.50 14.90 10.34
N ILE A 20 -5.72 14.43 11.30
CA ILE A 20 -5.01 13.16 11.16
C ILE A 20 -5.92 12.00 11.51
N GLN A 21 -5.94 10.99 10.67
CA GLN A 21 -6.72 9.79 10.93
C GLN A 21 -5.93 8.55 10.56
N LYS A 22 -5.84 7.61 11.48
CA LYS A 22 -5.12 6.37 11.25
C LYS A 22 -6.10 5.24 10.96
N ILE A 23 -6.03 4.73 9.74
CA ILE A 23 -6.98 3.72 9.27
C ILE A 23 -6.27 2.68 8.42
N SER A 24 -6.90 1.55 8.23
CA SER A 24 -6.36 0.52 7.37
C SER A 24 -6.61 0.85 5.90
N MET A 25 -5.80 0.29 5.02
CA MET A 25 -5.93 0.55 3.58
C MET A 25 -7.35 0.27 3.09
N GLU A 26 -7.95 -0.81 3.59
CA GLU A 26 -9.31 -1.16 3.18
C GLU A 26 -10.33 -0.18 3.74
N ASP A 27 -10.05 0.39 4.90
CA ASP A 27 -10.94 1.39 5.48
C ASP A 27 -10.93 2.64 4.60
N LEU A 28 -9.77 2.92 4.04
CA LEU A 28 -9.62 4.05 3.13
C LEU A 28 -10.49 3.85 1.89
N TYR A 29 -10.53 2.63 1.38
CA TYR A 29 -11.39 2.31 0.24
C TYR A 29 -12.84 2.56 0.62
N GLN A 30 -13.22 2.06 1.79
CA GLN A 30 -14.57 2.20 2.28
C GLN A 30 -14.90 3.64 2.63
N ARG A 31 -13.85 4.44 2.76
CA ARG A 31 -14.00 5.85 3.10
C ARG A 31 -14.29 6.67 1.85
N LEU A 32 -13.86 6.15 0.72
CA LEU A 32 -14.09 6.79 -0.57
C LEU A 32 -15.33 6.23 -1.24
N ALA A 33 -15.85 5.15 -0.69
CA ALA A 33 -17.03 4.51 -1.25
C ALA A 33 -18.31 5.16 -0.71
N ASP B 1 -8.40 -11.97 -13.63
CA ASP B 1 -9.70 -12.66 -13.81
C ASP B 1 -10.84 -11.68 -13.69
N TYR B 2 -12.02 -12.09 -14.15
CA TYR B 2 -13.21 -11.24 -14.08
C TYR B 2 -14.47 -12.09 -14.19
N LYS B 3 -15.52 -11.71 -13.47
CA LYS B 3 -16.80 -12.42 -13.53
C LYS B 3 -17.94 -11.44 -13.75
N ASP B 4 -17.64 -10.36 -14.47
CA ASP B 4 -18.61 -9.28 -14.75
C ASP B 4 -19.06 -8.64 -13.44
N ASP B 5 -18.25 -8.82 -12.41
CA ASP B 5 -18.52 -8.28 -11.08
C ASP B 5 -17.26 -7.61 -10.57
N ASP B 6 -16.43 -7.18 -11.51
CA ASP B 6 -15.13 -6.62 -11.18
C ASP B 6 -15.04 -5.18 -11.67
N ASP B 7 -16.19 -4.56 -11.87
CA ASP B 7 -16.26 -3.19 -12.36
C ASP B 7 -16.08 -2.21 -11.21
N LYS B 8 -15.52 -1.05 -11.52
CA LYS B 8 -15.31 0.00 -10.53
C LYS B 8 -14.47 -0.49 -9.34
N MET B 9 -13.33 -1.08 -9.64
CA MET B 9 -12.43 -1.58 -8.61
C MET B 9 -11.51 -0.45 -8.13
N PHE B 10 -11.66 0.71 -8.73
CA PHE B 10 -10.83 1.87 -8.42
C PHE B 10 -11.70 3.04 -7.97
N LYS B 11 -11.45 3.51 -6.75
CA LYS B 11 -12.18 4.64 -6.21
C LYS B 11 -11.38 5.92 -6.37
N LEU B 12 -12.02 6.95 -6.91
CA LEU B 12 -11.39 8.24 -7.09
C LEU B 12 -11.36 9.00 -5.77
N ASN B 13 -10.20 9.54 -5.43
CA ASN B 13 -10.05 10.33 -4.23
C ASN B 13 -10.43 11.77 -4.50
N THR B 14 -11.73 12.04 -4.54
CA THR B 14 -12.22 13.39 -4.72
C THR B 14 -12.74 13.94 -3.40
N LYS B 15 -12.21 13.43 -2.29
CA LYS B 15 -12.65 13.86 -0.98
C LYS B 15 -11.53 14.62 -0.27
N ASN B 16 -10.56 15.07 -1.07
CA ASN B 16 -9.47 15.94 -0.62
C ASN B 16 -8.69 15.31 0.53
N ILE B 17 -8.45 14.01 0.44
CA ILE B 17 -7.72 13.29 1.46
C ILE B 17 -6.27 13.10 1.02
N LYS B 18 -5.35 13.16 1.98
CA LYS B 18 -3.93 12.97 1.71
C LYS B 18 -3.37 11.89 2.62
N VAL B 19 -2.29 11.26 2.21
CA VAL B 19 -1.71 10.17 2.96
C VAL B 19 -0.29 10.52 3.40
N LEU B 20 0.11 10.00 4.56
CA LEU B 20 1.43 10.28 5.12
C LEU B 20 2.51 9.70 4.23
N THR B 21 3.25 10.59 3.61
CA THR B 21 4.37 10.20 2.76
C THR B 21 5.67 10.70 3.35
N PRO B 22 6.81 10.13 2.95
CA PRO B 22 8.14 10.62 3.35
C PRO B 22 8.33 12.11 3.08
N SER B 23 7.57 12.64 2.13
CA SER B 23 7.67 14.03 1.77
C SER B 23 6.78 14.92 2.65
N GLY B 24 5.91 14.30 3.42
CA GLY B 24 5.06 15.03 4.34
C GLY B 24 3.65 15.22 3.82
N PHE B 25 2.96 14.10 3.60
CA PHE B 25 1.55 14.10 3.19
C PHE B 25 1.36 14.58 1.75
N LYS B 26 0.89 13.68 0.91
CA LYS B 26 0.67 13.99 -0.51
C LYS B 26 -0.70 13.53 -0.96
N SER B 27 -1.19 14.14 -2.03
CA SER B 27 -2.51 13.85 -2.55
C SER B 27 -2.45 12.67 -3.52
N PHE B 28 -3.18 11.61 -3.21
CA PHE B 28 -3.23 10.46 -4.08
C PHE B 28 -4.51 10.49 -4.93
N SER B 29 -4.42 9.95 -6.14
CA SER B 29 -5.51 10.03 -7.11
C SER B 29 -6.67 9.13 -6.72
N GLY B 30 -6.36 8.01 -6.10
CA GLY B 30 -7.39 7.09 -5.67
C GLY B 30 -6.84 5.78 -5.17
N ILE B 31 -7.70 4.78 -5.03
CA ILE B 31 -7.30 3.49 -4.50
C ILE B 31 -7.97 2.37 -5.29
N GLN B 32 -7.21 1.33 -5.59
CA GLN B 32 -7.72 0.22 -6.40
C GLN B 32 -7.65 -1.08 -5.60
N LYS B 33 -8.69 -1.89 -5.75
CA LYS B 33 -8.74 -3.19 -5.11
C LYS B 33 -8.34 -4.28 -6.10
N VAL B 34 -7.44 -5.15 -5.66
CA VAL B 34 -7.01 -6.28 -6.47
C VAL B 34 -7.06 -7.54 -5.61
N TYR B 35 -7.13 -8.69 -6.24
CA TYR B 35 -7.12 -9.95 -5.51
C TYR B 35 -5.78 -10.65 -5.68
N LYS B 36 -5.27 -11.21 -4.61
CA LYS B 36 -4.02 -11.93 -4.66
C LYS B 36 -4.16 -13.26 -3.93
N PRO B 37 -3.82 -14.37 -4.60
CA PRO B 37 -3.96 -15.72 -4.04
C PRO B 37 -2.89 -16.07 -3.02
N PHE B 38 -1.93 -15.16 -2.85
CA PHE B 38 -0.85 -15.36 -1.89
C PHE B 38 -0.18 -14.02 -1.60
N TYR B 39 0.36 -13.88 -0.40
CA TYR B 39 1.01 -12.63 -0.03
C TYR B 39 2.23 -12.91 0.81
N HIS B 40 3.10 -11.92 0.91
CA HIS B 40 4.33 -12.05 1.67
C HIS B 40 4.12 -11.43 3.04
N HIS B 41 4.25 -12.25 4.08
CA HIS B 41 4.15 -11.76 5.43
C HIS B 41 5.54 -11.50 5.98
N ILE B 42 5.93 -10.24 5.95
CA ILE B 42 7.27 -9.84 6.32
C ILE B 42 7.29 -9.23 7.72
N ILE B 43 8.23 -9.66 8.55
CA ILE B 43 8.41 -9.08 9.87
C ILE B 43 9.85 -8.61 10.04
N PHE B 44 10.01 -7.41 10.59
CA PHE B 44 11.33 -6.81 10.71
C PHE B 44 11.84 -6.89 12.14
N ASP B 45 13.15 -6.72 12.27
CA ASP B 45 13.81 -6.71 13.58
C ASP B 45 13.28 -5.57 14.45
N ASP B 46 12.64 -4.61 13.79
CA ASP B 46 12.04 -3.46 14.45
C ASP B 46 10.75 -3.88 15.16
N GLY B 47 10.24 -5.05 14.79
CA GLY B 47 9.00 -5.56 15.37
C GLY B 47 7.82 -5.31 14.47
N SER B 48 7.99 -4.38 13.54
CA SER B 48 6.94 -4.05 12.60
C SER B 48 6.84 -5.13 11.52
N GLU B 49 5.70 -5.22 10.88
CA GLU B 49 5.48 -6.24 9.88
C GLU B 49 4.66 -5.70 8.72
N ILE B 50 4.77 -6.39 7.59
CA ILE B 50 4.09 -5.99 6.36
C ILE B 50 3.43 -7.19 5.70
N LYS B 51 2.25 -6.98 5.17
CA LYS B 51 1.54 -7.99 4.40
C LYS B 51 1.23 -7.47 3.01
N CYS B 52 2.00 -7.86 2.02
CA CYS B 52 1.88 -7.30 0.69
C CYS B 52 2.03 -8.37 -0.38
N SER B 53 1.88 -7.98 -1.64
CA SER B 53 1.97 -8.89 -2.75
C SER B 53 3.40 -9.32 -3.06
N ASP B 54 3.57 -9.97 -4.20
CA ASP B 54 4.87 -10.46 -4.64
C ASP B 54 5.74 -9.34 -5.21
N ASN B 55 5.27 -8.73 -6.29
CA ASN B 55 6.05 -7.72 -7.01
C ASN B 55 5.91 -6.36 -6.35
N HIS B 56 5.40 -6.35 -5.13
CA HIS B 56 5.22 -5.11 -4.38
C HIS B 56 6.56 -4.45 -4.11
N SER B 57 6.79 -3.32 -4.75
CA SER B 57 7.97 -2.53 -4.50
C SER B 57 7.76 -1.63 -3.28
N PHE B 58 8.83 -1.47 -2.52
CA PHE B 58 8.79 -0.70 -1.28
C PHE B 58 9.35 0.70 -1.46
N GLY B 59 10.65 0.83 -1.24
CA GLY B 59 11.28 2.13 -1.33
C GLY B 59 11.46 2.60 -2.76
N LYS B 60 11.92 3.84 -2.91
CA LYS B 60 12.10 4.46 -4.22
C LYS B 60 13.02 3.64 -5.14
N ASP B 61 13.73 2.67 -4.58
CA ASP B 61 14.59 1.80 -5.38
C ASP B 61 13.80 0.69 -6.06
N LYS B 62 12.48 0.74 -5.89
CA LYS B 62 11.56 -0.21 -6.49
C LYS B 62 11.89 -1.64 -6.05
N ILE B 63 12.15 -1.80 -4.78
CA ILE B 63 12.54 -3.09 -4.23
C ILE B 63 11.31 -3.97 -4.02
N LYS B 64 11.22 -5.03 -4.81
CA LYS B 64 10.06 -5.92 -4.77
C LYS B 64 10.16 -6.88 -3.59
N ALA B 65 9.02 -7.34 -3.11
CA ALA B 65 8.96 -8.23 -1.96
C ALA B 65 9.60 -9.57 -2.24
N SER B 66 9.40 -10.09 -3.45
CA SER B 66 9.91 -11.40 -3.82
C SER B 66 11.44 -11.43 -3.92
N THR B 67 12.07 -10.26 -3.98
CA THR B 67 13.53 -10.22 -4.05
C THR B 67 14.13 -10.06 -2.66
N ILE B 68 13.28 -9.79 -1.70
CA ILE B 68 13.70 -9.60 -0.32
C ILE B 68 13.72 -10.94 0.42
N LYS B 69 14.84 -11.25 1.04
CA LYS B 69 15.00 -12.48 1.78
C LYS B 69 15.32 -12.17 3.23
N VAL B 70 15.01 -13.10 4.12
CA VAL B 70 15.30 -12.92 5.54
C VAL B 70 16.79 -12.66 5.77
N GLY B 71 17.08 -11.64 6.55
CA GLY B 71 18.45 -11.23 6.78
C GLY B 71 18.83 -10.04 5.94
N ASP B 72 17.93 -9.61 5.07
CA ASP B 72 18.15 -8.43 4.25
C ASP B 72 17.67 -7.19 4.98
N TYR B 73 18.19 -6.05 4.60
CA TYR B 73 17.79 -4.79 5.19
C TYR B 73 16.82 -4.06 4.28
N LEU B 74 15.74 -3.55 4.86
CA LEU B 74 14.77 -2.77 4.13
C LEU B 74 14.54 -1.44 4.84
N GLN B 75 15.03 -0.37 4.24
CA GLN B 75 14.86 0.98 4.78
C GLN B 75 15.42 1.11 6.20
N GLY B 76 16.46 0.33 6.48
CA GLY B 76 17.12 0.41 7.76
C GLY B 76 16.78 -0.75 8.68
N LYS B 77 15.67 -1.42 8.41
CA LYS B 77 15.21 -2.50 9.27
C LYS B 77 15.47 -3.84 8.62
N LYS B 78 15.97 -4.78 9.39
CA LYS B 78 16.29 -6.10 8.85
C LYS B 78 15.08 -7.01 8.91
N VAL B 79 14.79 -7.65 7.80
CA VAL B 79 13.70 -8.61 7.71
C VAL B 79 14.09 -9.93 8.37
N LEU B 80 13.34 -10.31 9.39
CA LEU B 80 13.60 -11.55 10.09
C LEU B 80 12.66 -12.65 9.63
N TYR B 81 11.53 -12.25 9.08
CA TYR B 81 10.54 -13.20 8.62
C TYR B 81 9.95 -12.74 7.30
N ASN B 82 9.86 -13.66 6.36
CA ASN B 82 9.29 -13.37 5.04
C ASN B 82 8.67 -14.65 4.49
N GLU B 83 7.44 -14.91 4.85
CA GLU B 83 6.78 -16.13 4.43
C GLU B 83 5.80 -15.85 3.31
N ILE B 84 5.87 -16.64 2.25
CA ILE B 84 4.87 -16.58 1.21
C ILE B 84 3.67 -17.41 1.60
N VAL B 85 2.71 -16.76 2.22
CA VAL B 85 1.53 -17.43 2.69
C VAL B 85 0.49 -17.42 1.58
N GLU B 86 0.20 -18.62 1.08
CA GLU B 86 -0.66 -18.78 -0.06
C GLU B 86 -2.12 -18.87 0.36
N GLU B 87 -2.63 -17.71 0.76
CA GLU B 87 -4.02 -17.56 1.13
C GLU B 87 -4.63 -16.42 0.33
N GLY B 88 -5.69 -16.71 -0.40
CA GLY B 88 -6.35 -15.71 -1.22
C GLY B 88 -6.87 -14.56 -0.40
N ILE B 89 -6.45 -13.37 -0.76
CA ILE B 89 -6.74 -12.19 0.02
C ILE B 89 -6.98 -10.98 -0.89
N TYR B 90 -7.77 -10.03 -0.43
CA TYR B 90 -8.02 -8.82 -1.18
C TYR B 90 -6.98 -7.77 -0.81
N LEU B 91 -6.36 -7.20 -1.83
CA LEU B 91 -5.27 -6.28 -1.66
C LEU B 91 -5.65 -4.90 -2.19
N TYR B 92 -5.06 -3.86 -1.63
CA TYR B 92 -5.40 -2.50 -1.99
C TYR B 92 -4.12 -1.67 -2.20
N ASP B 93 -4.15 -0.75 -3.16
CA ASP B 93 -3.02 0.15 -3.38
C ASP B 93 -3.52 1.54 -3.79
N LEU B 94 -2.66 2.53 -3.61
CA LEU B 94 -3.01 3.91 -3.94
C LEU B 94 -2.44 4.27 -5.30
N LEU B 95 -3.25 4.91 -6.11
CA LEU B 95 -2.82 5.27 -7.46
C LEU B 95 -2.27 6.68 -7.49
N ASN B 96 -0.97 6.78 -7.75
CA ASN B 96 -0.28 8.07 -7.88
C ASN B 96 -0.38 8.89 -6.59
N VAL B 97 0.65 8.84 -5.76
CA VAL B 97 0.63 9.57 -4.50
C VAL B 97 1.54 10.78 -4.58
N GLY B 98 0.94 11.93 -4.88
CA GLY B 98 1.70 13.15 -5.02
C GLY B 98 2.73 13.07 -6.12
N GLU B 99 3.87 13.71 -5.88
CA GLU B 99 4.96 13.71 -6.83
C GLU B 99 5.98 12.64 -6.46
N ASP B 100 5.74 11.98 -5.34
CA ASP B 100 6.70 11.01 -4.80
C ASP B 100 6.28 9.59 -5.14
N ASN B 101 5.01 9.28 -4.87
CA ASN B 101 4.44 7.94 -5.05
C ASN B 101 4.94 6.97 -3.99
N LEU B 102 5.61 7.52 -2.98
CA LEU B 102 6.04 6.74 -1.83
C LEU B 102 5.16 7.11 -0.64
N TYR B 103 4.61 6.10 0.03
CA TYR B 103 3.68 6.34 1.14
C TYR B 103 3.95 5.36 2.28
N TYR B 104 3.62 5.75 3.50
CA TYR B 104 3.91 4.92 4.67
C TYR B 104 2.82 3.88 4.93
N THR B 105 3.21 2.62 4.81
CA THR B 105 2.36 1.51 5.17
C THR B 105 2.94 0.77 6.36
N ASN B 106 2.19 0.75 7.47
CA ASN B 106 2.68 0.14 8.72
C ASN B 106 4.00 0.75 9.16
N GLY B 107 4.23 2.01 8.78
CA GLY B 107 5.47 2.69 9.11
C GLY B 107 6.59 2.44 8.12
N ILE B 108 6.30 1.62 7.11
CA ILE B 108 7.29 1.28 6.09
C ILE B 108 6.92 1.96 4.78
N VAL B 109 7.91 2.51 4.09
CA VAL B 109 7.65 3.19 2.84
C VAL B 109 7.29 2.20 1.73
N SER B 110 6.14 2.41 1.13
CA SER B 110 5.65 1.58 0.04
C SER B 110 5.63 2.38 -1.26
N HIS B 111 5.65 1.68 -2.39
CA HIS B 111 5.64 2.32 -3.69
C HIS B 111 4.27 2.14 -4.34
N ALA B 112 3.57 3.24 -4.52
CA ALA B 112 2.22 3.23 -5.08
C ALA B 112 2.27 3.03 -6.59
N CYS B 113 1.20 2.46 -7.13
CA CYS B 113 1.09 2.29 -8.58
C CYS B 113 0.93 3.65 -9.25
N GLU B 114 1.97 4.08 -9.94
CA GLU B 114 1.97 5.36 -10.63
C GLU B 114 1.04 5.31 -11.84
N SER B 115 -0.17 5.82 -11.68
CA SER B 115 -1.11 5.90 -12.78
C SER B 115 -0.59 6.84 -13.86
N ARG B 116 0.07 7.90 -13.42
CA ARG B 116 0.74 8.82 -14.32
C ARG B 116 2.10 8.23 -14.73
N GLY B 117 2.13 7.59 -15.88
CA GLY B 117 3.35 6.99 -16.37
C GLY B 117 3.49 7.13 -17.86
N LYS B 118 2.84 6.26 -18.61
CA LYS B 118 2.88 6.30 -20.06
C LYS B 118 1.50 5.99 -20.65
N GLU A 1 -1.08 -3.67 -10.05
CA GLU A 1 -1.06 -5.14 -10.27
C GLU A 1 -0.21 -5.83 -9.21
N PHE A 2 1.11 -5.72 -9.36
CA PHE A 2 2.04 -6.26 -8.38
C PHE A 2 2.09 -5.35 -7.17
N GLU A 3 1.90 -4.08 -7.43
CA GLU A 3 1.81 -3.07 -6.38
C GLU A 3 0.44 -3.14 -5.72
N ALA A 4 0.37 -3.85 -4.60
CA ALA A 4 -0.78 -3.82 -3.71
C ALA A 4 -0.43 -4.43 -2.35
N LEU A 5 -0.92 -3.81 -1.28
CA LEU A 5 -0.69 -4.28 0.08
C LEU A 5 -1.96 -4.91 0.63
N SER A 6 -1.83 -5.70 1.68
CA SER A 6 -2.99 -6.20 2.41
C SER A 6 -3.77 -5.04 3.01
N GLY A 7 -5.07 -5.22 3.16
CA GLY A 7 -5.92 -4.19 3.70
C GLY A 7 -5.62 -3.86 5.14
N ASP A 8 -4.87 -4.74 5.79
CA ASP A 8 -4.53 -4.60 7.20
C ASP A 8 -3.38 -3.61 7.40
N THR A 9 -2.66 -3.32 6.33
CA THR A 9 -1.51 -2.44 6.36
C THR A 9 -1.89 -1.06 6.87
N MET A 10 -1.15 -0.54 7.84
CA MET A 10 -1.48 0.73 8.48
C MET A 10 -0.81 1.89 7.76
N ILE A 11 -1.59 2.92 7.48
CA ILE A 11 -1.07 4.15 6.88
C ILE A 11 -1.48 5.36 7.72
N GLU A 12 -0.74 6.44 7.59
CA GLU A 12 -1.07 7.66 8.28
C GLU A 12 -1.53 8.69 7.27
N ILE A 13 -2.75 9.13 7.42
CA ILE A 13 -3.34 10.04 6.46
C ILE A 13 -3.67 11.38 7.08
N LEU A 14 -3.76 12.37 6.23
CA LEU A 14 -4.18 13.69 6.62
C LEU A 14 -5.48 14.02 5.91
N ASP A 15 -6.53 14.16 6.68
CA ASP A 15 -7.85 14.48 6.14
C ASP A 15 -7.86 15.90 5.61
N ASP A 16 -8.80 16.19 4.71
CA ASP A 16 -8.90 17.51 4.09
C ASP A 16 -9.13 18.61 5.12
N ASP A 17 -9.72 18.23 6.25
CA ASP A 17 -9.97 19.18 7.33
C ASP A 17 -8.68 19.45 8.11
N GLY A 18 -7.65 18.67 7.81
CA GLY A 18 -6.38 18.83 8.47
C GLY A 18 -6.25 17.90 9.67
N ILE A 19 -6.93 16.76 9.57
CA ILE A 19 -6.94 15.80 10.66
C ILE A 19 -6.01 14.62 10.37
N ILE A 20 -5.14 14.31 11.30
CA ILE A 20 -4.25 13.16 11.17
C ILE A 20 -4.98 11.91 11.66
N GLN A 21 -4.90 10.84 10.89
CA GLN A 21 -5.55 9.59 11.27
C GLN A 21 -4.74 8.40 10.78
N LYS A 22 -4.50 7.46 11.67
CA LYS A 22 -3.78 6.25 11.35
C LYS A 22 -4.75 5.09 11.19
N ILE A 23 -4.93 4.63 9.96
CA ILE A 23 -5.87 3.56 9.67
C ILE A 23 -5.29 2.61 8.64
N SER A 24 -5.88 1.43 8.57
CA SER A 24 -5.44 0.43 7.61
C SER A 24 -5.88 0.81 6.20
N MET A 25 -5.14 0.31 5.21
CA MET A 25 -5.43 0.61 3.81
C MET A 25 -6.88 0.31 3.45
N GLU A 26 -7.39 -0.81 3.95
CA GLU A 26 -8.76 -1.21 3.66
C GLU A 26 -9.75 -0.31 4.39
N ASP A 27 -9.36 0.25 5.52
CA ASP A 27 -10.22 1.17 6.25
C ASP A 27 -10.32 2.47 5.49
N LEU A 28 -9.20 2.88 4.91
CA LEU A 28 -9.15 4.06 4.05
C LEU A 28 -10.01 3.81 2.81
N TYR A 29 -9.95 2.59 2.30
CA TYR A 29 -10.77 2.19 1.17
C TYR A 29 -12.25 2.31 1.52
N GLN A 30 -12.60 1.81 2.70
CA GLN A 30 -13.96 1.86 3.18
C GLN A 30 -14.38 3.31 3.47
N ARG A 31 -13.38 4.15 3.71
CA ARG A 31 -13.64 5.56 3.98
C ARG A 31 -13.97 6.29 2.69
N LEU A 32 -13.47 5.74 1.58
CA LEU A 32 -13.75 6.28 0.27
C LEU A 32 -14.85 5.48 -0.42
N ALA A 33 -15.52 4.62 0.34
CA ALA A 33 -16.62 3.86 -0.17
C ALA A 33 -17.93 4.62 0.00
N ASP B 1 -20.23 -4.94 0.30
CA ASP B 1 -20.68 -6.29 0.74
C ASP B 1 -21.94 -6.70 0.00
N TYR B 2 -22.97 -5.86 0.10
CA TYR B 2 -24.27 -6.18 -0.46
C TYR B 2 -24.34 -5.82 -1.94
N LYS B 3 -24.37 -4.53 -2.24
CA LYS B 3 -24.53 -4.06 -3.62
C LYS B 3 -23.33 -3.23 -4.05
N ASP B 4 -22.15 -3.66 -3.63
CA ASP B 4 -20.92 -2.99 -4.01
C ASP B 4 -20.45 -3.46 -5.38
N ASP B 5 -21.19 -4.40 -5.94
CA ASP B 5 -20.91 -4.92 -7.27
C ASP B 5 -21.31 -3.90 -8.33
N ASP B 6 -22.14 -2.94 -7.92
CA ASP B 6 -22.62 -1.92 -8.82
C ASP B 6 -21.68 -0.73 -8.86
N ASP B 7 -21.24 -0.26 -7.69
CA ASP B 7 -20.35 0.89 -7.63
C ASP B 7 -18.94 0.49 -8.04
N LYS B 8 -18.08 1.48 -8.16
CA LYS B 8 -16.73 1.29 -8.66
C LYS B 8 -15.81 0.81 -7.54
N MET B 9 -15.10 -0.29 -7.77
CA MET B 9 -14.16 -0.82 -6.78
C MET B 9 -12.87 -0.01 -6.77
N PHE B 10 -12.77 0.90 -7.71
CA PHE B 10 -11.70 1.88 -7.73
C PHE B 10 -12.21 3.14 -7.07
N LYS B 11 -11.73 3.43 -5.88
CA LYS B 11 -12.23 4.57 -5.11
C LYS B 11 -11.39 5.80 -5.38
N LEU B 12 -11.97 6.74 -6.10
CA LEU B 12 -11.30 8.01 -6.34
C LEU B 12 -11.24 8.81 -5.05
N ASN B 13 -10.13 9.50 -4.86
CA ASN B 13 -9.92 10.30 -3.66
C ASN B 13 -10.59 11.66 -3.80
N THR B 14 -11.91 11.64 -3.91
CA THR B 14 -12.68 12.86 -4.07
C THR B 14 -12.90 13.57 -2.74
N LYS B 15 -12.28 13.07 -1.69
CA LYS B 15 -12.40 13.68 -0.37
C LYS B 15 -11.16 14.48 -0.02
N ASN B 16 -10.24 14.57 -0.99
CA ASN B 16 -9.00 15.34 -0.85
C ASN B 16 -8.17 14.88 0.35
N ILE B 17 -8.14 13.57 0.56
CA ILE B 17 -7.34 13.00 1.64
C ILE B 17 -5.89 12.88 1.20
N LYS B 18 -4.96 12.99 2.14
CA LYS B 18 -3.55 12.90 1.81
C LYS B 18 -2.89 11.83 2.66
N VAL B 19 -1.81 11.28 2.15
CA VAL B 19 -1.11 10.19 2.82
C VAL B 19 0.32 10.59 3.14
N LEU B 20 0.85 10.06 4.23
CA LEU B 20 2.20 10.36 4.67
C LEU B 20 3.22 9.76 3.71
N THR B 21 3.96 10.62 3.03
CA THR B 21 5.02 10.18 2.15
C THR B 21 6.35 10.74 2.63
N PRO B 22 7.49 10.29 2.06
CA PRO B 22 8.80 10.89 2.35
C PRO B 22 8.82 12.39 2.08
N SER B 23 7.93 12.85 1.21
CA SER B 23 7.86 14.24 0.84
C SER B 23 6.73 14.95 1.59
N GLY B 24 6.32 14.35 2.71
CA GLY B 24 5.27 14.93 3.52
C GLY B 24 3.92 14.33 3.19
N PHE B 25 2.85 15.00 3.58
CA PHE B 25 1.51 14.51 3.28
C PHE B 25 1.08 14.94 1.88
N LYS B 26 0.95 13.96 1.00
CA LYS B 26 0.61 14.23 -0.39
C LYS B 26 -0.72 13.60 -0.75
N SER B 27 -1.48 14.27 -1.61
CA SER B 27 -2.78 13.79 -2.02
C SER B 27 -2.65 12.78 -3.16
N PHE B 28 -3.35 11.67 -3.02
CA PHE B 28 -3.34 10.62 -4.02
C PHE B 28 -4.62 10.68 -4.85
N SER B 29 -4.59 10.08 -6.03
CA SER B 29 -5.73 10.12 -6.93
C SER B 29 -6.83 9.17 -6.50
N GLY B 30 -6.45 8.05 -5.90
CA GLY B 30 -7.43 7.10 -5.43
C GLY B 30 -6.82 5.81 -4.95
N ILE B 31 -7.67 4.83 -4.68
CA ILE B 31 -7.24 3.54 -4.15
C ILE B 31 -8.01 2.41 -4.84
N GLN B 32 -7.32 1.34 -5.18
CA GLN B 32 -7.92 0.25 -5.93
C GLN B 32 -7.90 -1.05 -5.13
N LYS B 33 -8.95 -1.86 -5.30
CA LYS B 33 -9.01 -3.16 -4.67
C LYS B 33 -8.70 -4.26 -5.69
N VAL B 34 -7.76 -5.11 -5.35
CA VAL B 34 -7.44 -6.27 -6.18
C VAL B 34 -7.50 -7.52 -5.32
N TYR B 35 -7.69 -8.67 -5.96
CA TYR B 35 -7.68 -9.94 -5.24
C TYR B 35 -6.42 -10.71 -5.58
N LYS B 36 -5.76 -11.24 -4.56
CA LYS B 36 -4.56 -12.02 -4.77
C LYS B 36 -4.66 -13.34 -4.03
N PRO B 37 -4.39 -14.45 -4.73
CA PRO B 37 -4.49 -15.80 -4.15
C PRO B 37 -3.29 -16.14 -3.26
N PHE B 38 -2.37 -15.20 -3.13
CA PHE B 38 -1.19 -15.38 -2.29
C PHE B 38 -0.59 -14.03 -1.95
N TYR B 39 0.21 -14.00 -0.90
CA TYR B 39 0.91 -12.79 -0.50
C TYR B 39 2.12 -13.13 0.36
N HIS B 40 2.97 -12.14 0.57
CA HIS B 40 4.13 -12.30 1.44
C HIS B 40 3.82 -11.79 2.84
N HIS B 41 4.18 -12.58 3.82
CA HIS B 41 4.02 -12.17 5.21
C HIS B 41 5.40 -11.86 5.79
N ILE B 42 5.74 -10.58 5.79
CA ILE B 42 7.05 -10.12 6.21
C ILE B 42 6.99 -9.52 7.61
N ILE B 43 7.85 -10.00 8.50
CA ILE B 43 7.92 -9.49 9.86
C ILE B 43 9.29 -8.86 10.09
N PHE B 44 9.31 -7.68 10.70
CA PHE B 44 10.54 -6.96 10.91
C PHE B 44 10.98 -7.02 12.37
N ASP B 45 12.25 -6.70 12.58
CA ASP B 45 12.82 -6.56 13.91
C ASP B 45 12.14 -5.43 14.69
N ASP B 46 11.40 -4.62 13.95
CA ASP B 46 10.65 -3.51 14.54
C ASP B 46 9.38 -4.04 15.19
N GLY B 47 9.06 -5.30 14.92
CA GLY B 47 7.88 -5.91 15.48
C GLY B 47 6.69 -5.78 14.56
N SER B 48 6.81 -4.90 13.59
CA SER B 48 5.77 -4.69 12.61
C SER B 48 5.84 -5.73 11.51
N GLU B 49 4.72 -5.98 10.86
CA GLU B 49 4.67 -6.92 9.76
C GLU B 49 3.94 -6.31 8.59
N ILE B 50 4.43 -6.54 7.40
CA ILE B 50 3.79 -6.03 6.20
C ILE B 50 3.43 -7.19 5.29
N LYS B 51 2.39 -7.00 4.48
CA LYS B 51 1.85 -8.06 3.67
C LYS B 51 1.49 -7.52 2.29
N CYS B 52 2.12 -8.08 1.26
CA CYS B 52 1.94 -7.58 -0.10
C CYS B 52 2.13 -8.71 -1.11
N SER B 53 2.06 -8.39 -2.40
CA SER B 53 2.35 -9.36 -3.45
C SER B 53 3.85 -9.66 -3.51
N ASP B 54 4.25 -10.56 -4.41
CA ASP B 54 5.64 -10.98 -4.51
C ASP B 54 6.51 -9.87 -5.10
N ASN B 55 6.05 -9.28 -6.19
CA ASN B 55 6.87 -8.34 -6.93
C ASN B 55 6.56 -6.90 -6.58
N HIS B 56 5.94 -6.67 -5.42
CA HIS B 56 5.63 -5.31 -5.00
C HIS B 56 6.92 -4.57 -4.67
N SER B 57 7.14 -3.45 -5.34
CA SER B 57 8.29 -2.61 -5.08
C SER B 57 8.01 -1.67 -3.90
N PHE B 58 9.00 -1.50 -3.05
CA PHE B 58 8.85 -0.69 -1.85
C PHE B 58 9.49 0.68 -2.01
N GLY B 59 10.73 0.81 -1.55
CA GLY B 59 11.42 2.09 -1.59
C GLY B 59 11.67 2.56 -3.01
N LYS B 60 12.15 3.79 -3.14
CA LYS B 60 12.41 4.40 -4.44
C LYS B 60 13.45 3.60 -5.24
N ASP B 61 14.14 2.68 -4.57
CA ASP B 61 15.10 1.80 -5.24
C ASP B 61 14.38 0.68 -5.99
N LYS B 62 13.05 0.71 -5.91
CA LYS B 62 12.17 -0.25 -6.57
C LYS B 62 12.48 -1.66 -6.08
N ILE B 63 12.53 -1.80 -4.76
CA ILE B 63 12.88 -3.06 -4.13
C ILE B 63 11.65 -3.96 -3.99
N LYS B 64 11.70 -5.12 -4.61
CA LYS B 64 10.58 -6.05 -4.59
C LYS B 64 10.66 -6.98 -3.39
N ALA B 65 9.48 -7.41 -2.93
CA ALA B 65 9.34 -8.26 -1.75
C ALA B 65 10.08 -9.59 -1.89
N SER B 66 10.28 -10.02 -3.12
CA SER B 66 10.92 -11.30 -3.39
C SER B 66 12.45 -11.21 -3.26
N THR B 67 13.00 -10.02 -3.48
CA THR B 67 14.46 -9.86 -3.42
C THR B 67 14.90 -9.59 -2.00
N ILE B 68 13.93 -9.34 -1.13
CA ILE B 68 14.21 -9.09 0.26
C ILE B 68 14.33 -10.41 1.00
N LYS B 69 15.53 -10.70 1.47
CA LYS B 69 15.80 -11.95 2.16
C LYS B 69 15.91 -11.71 3.65
N VAL B 70 15.52 -12.71 4.44
CA VAL B 70 15.59 -12.61 5.88
C VAL B 70 17.02 -12.29 6.35
N GLY B 71 17.13 -11.25 7.17
CA GLY B 71 18.42 -10.79 7.61
C GLY B 71 18.82 -9.47 6.97
N ASP B 72 18.12 -9.11 5.91
CA ASP B 72 18.34 -7.83 5.24
C ASP B 72 17.60 -6.73 5.97
N TYR B 73 18.02 -5.48 5.77
CA TYR B 73 17.33 -4.36 6.38
C TYR B 73 16.56 -3.59 5.34
N LEU B 74 15.28 -3.36 5.61
CA LEU B 74 14.43 -2.63 4.71
C LEU B 74 14.21 -1.22 5.27
N GLN B 75 14.98 -0.27 4.75
CA GLN B 75 14.88 1.13 5.14
C GLN B 75 15.17 1.33 6.62
N GLY B 76 15.83 0.37 7.23
CA GLY B 76 16.18 0.48 8.62
C GLY B 76 15.72 -0.69 9.46
N LYS B 77 14.62 -1.31 9.07
CA LYS B 77 14.08 -2.42 9.84
C LYS B 77 14.55 -3.75 9.26
N LYS B 78 15.15 -4.59 10.09
CA LYS B 78 15.65 -5.87 9.60
C LYS B 78 14.52 -6.87 9.47
N VAL B 79 14.43 -7.48 8.31
CA VAL B 79 13.42 -8.50 8.05
C VAL B 79 13.81 -9.80 8.72
N LEU B 80 12.97 -10.26 9.63
CA LEU B 80 13.23 -11.49 10.37
C LEU B 80 12.46 -12.65 9.77
N TYR B 81 11.41 -12.34 9.05
CA TYR B 81 10.55 -13.36 8.48
C TYR B 81 9.96 -12.87 7.15
N ASN B 82 9.98 -13.73 6.16
CA ASN B 82 9.46 -13.40 4.84
C ASN B 82 8.94 -14.66 4.16
N GLU B 83 7.70 -15.00 4.44
CA GLU B 83 7.12 -16.23 3.91
C GLU B 83 6.07 -15.93 2.86
N ILE B 84 5.98 -16.83 1.88
CA ILE B 84 4.94 -16.77 0.89
C ILE B 84 3.77 -17.61 1.37
N VAL B 85 2.66 -16.95 1.62
CA VAL B 85 1.47 -17.65 2.07
C VAL B 85 0.39 -17.56 1.01
N GLU B 86 0.01 -18.71 0.49
CA GLU B 86 -0.93 -18.79 -0.60
C GLU B 86 -2.36 -18.84 -0.10
N GLU B 87 -2.78 -17.74 0.49
CA GLU B 87 -4.15 -17.58 0.94
C GLU B 87 -4.79 -16.42 0.20
N GLY B 88 -5.92 -16.68 -0.43
CA GLY B 88 -6.62 -15.66 -1.17
C GLY B 88 -7.07 -14.51 -0.29
N ILE B 89 -6.58 -13.34 -0.62
CA ILE B 89 -6.81 -12.14 0.18
C ILE B 89 -7.01 -10.95 -0.73
N TYR B 90 -7.68 -9.92 -0.24
CA TYR B 90 -7.85 -8.69 -1.00
C TYR B 90 -6.73 -7.73 -0.71
N LEU B 91 -6.20 -7.15 -1.77
CA LEU B 91 -5.06 -6.27 -1.70
C LEU B 91 -5.44 -4.89 -2.22
N TYR B 92 -4.80 -3.87 -1.68
CA TYR B 92 -5.14 -2.49 -2.00
C TYR B 92 -3.86 -1.68 -2.21
N ASP B 93 -3.89 -0.73 -3.13
CA ASP B 93 -2.76 0.19 -3.30
C ASP B 93 -3.27 1.57 -3.72
N LEU B 94 -2.39 2.55 -3.69
CA LEU B 94 -2.76 3.93 -3.99
C LEU B 94 -2.35 4.28 -5.40
N LEU B 95 -3.19 5.04 -6.08
CA LEU B 95 -2.92 5.43 -7.45
C LEU B 95 -2.50 6.89 -7.51
N ASN B 96 -1.29 7.13 -7.98
CA ASN B 96 -0.74 8.48 -8.16
C ASN B 96 -0.71 9.26 -6.85
N VAL B 97 0.43 9.27 -6.20
CA VAL B 97 0.57 9.95 -4.92
C VAL B 97 1.39 11.23 -5.06
N GLY B 98 0.70 12.36 -5.04
CA GLY B 98 1.35 13.66 -5.09
C GLY B 98 2.45 13.77 -6.13
N GLU B 99 3.68 13.96 -5.64
CA GLU B 99 4.84 14.12 -6.49
C GLU B 99 5.74 12.90 -6.40
N ASP B 100 5.49 12.06 -5.41
CA ASP B 100 6.29 10.86 -5.19
C ASP B 100 5.40 9.66 -4.97
N ASN B 101 5.55 8.64 -5.79
CA ASN B 101 4.78 7.41 -5.62
C ASN B 101 5.38 6.56 -4.51
N LEU B 102 5.82 7.23 -3.46
CA LEU B 102 6.38 6.60 -2.28
C LEU B 102 5.56 7.03 -1.07
N TYR B 103 5.11 6.08 -0.28
CA TYR B 103 4.24 6.37 0.85
C TYR B 103 4.53 5.43 2.01
N TYR B 104 4.25 5.89 3.23
CA TYR B 104 4.59 5.12 4.43
C TYR B 104 3.54 4.08 4.77
N THR B 105 3.96 2.83 4.70
CA THR B 105 3.13 1.70 5.10
C THR B 105 3.82 0.91 6.21
N ASN B 106 3.26 0.97 7.41
CA ASN B 106 3.85 0.31 8.58
C ASN B 106 5.29 0.78 8.82
N GLY B 107 5.54 2.06 8.58
CA GLY B 107 6.87 2.61 8.75
C GLY B 107 7.78 2.31 7.57
N ILE B 108 7.27 1.57 6.61
CA ILE B 108 8.04 1.21 5.43
C ILE B 108 7.50 1.96 4.22
N VAL B 109 8.38 2.66 3.53
CA VAL B 109 8.00 3.38 2.33
C VAL B 109 7.73 2.39 1.21
N SER B 110 6.50 2.38 0.73
CA SER B 110 6.08 1.51 -0.35
C SER B 110 5.99 2.32 -1.66
N HIS B 111 5.89 1.62 -2.78
CA HIS B 111 5.82 2.26 -4.09
C HIS B 111 4.41 2.11 -4.66
N ALA B 112 3.79 3.25 -4.94
CA ALA B 112 2.40 3.27 -5.39
C ALA B 112 2.30 3.04 -6.89
N CYS B 113 1.10 2.71 -7.33
CA CYS B 113 0.83 2.47 -8.74
C CYS B 113 0.10 3.68 -9.32
N GLU B 114 -0.09 3.71 -10.62
CA GLU B 114 -0.81 4.81 -11.26
C GLU B 114 -1.84 4.28 -12.24
N SER B 115 -2.67 5.18 -12.72
CA SER B 115 -3.73 4.83 -13.64
C SER B 115 -3.91 5.91 -14.68
N ARG B 116 -4.33 5.52 -15.87
CA ARG B 116 -4.57 6.46 -16.95
C ARG B 116 -5.88 7.22 -16.72
N GLY B 117 -6.62 6.79 -15.71
CA GLY B 117 -7.88 7.44 -15.38
C GLY B 117 -9.05 6.51 -15.57
N LYS B 118 -10.25 7.06 -15.49
CA LYS B 118 -11.45 6.26 -15.67
C LYS B 118 -12.54 7.12 -16.28
N GLU A 1 0.68 -9.09 -13.50
CA GLU A 1 0.62 -9.30 -12.04
C GLU A 1 0.35 -7.97 -11.33
N PHE A 2 -0.80 -7.86 -10.70
CA PHE A 2 -1.14 -6.65 -9.96
C PHE A 2 -0.34 -6.58 -8.67
N GLU A 3 0.30 -5.44 -8.45
CA GLU A 3 1.03 -5.21 -7.22
C GLU A 3 0.22 -4.30 -6.29
N ALA A 4 -0.03 -4.79 -5.08
CA ALA A 4 -0.82 -4.02 -4.11
C ALA A 4 -0.40 -4.39 -2.69
N LEU A 5 -1.03 -3.73 -1.71
CA LEU A 5 -0.71 -3.93 -0.31
C LEU A 5 -1.95 -4.47 0.42
N SER A 6 -1.76 -5.22 1.49
CA SER A 6 -2.89 -5.78 2.22
C SER A 6 -3.59 -4.69 3.04
N GLY A 7 -4.90 -4.83 3.19
CA GLY A 7 -5.72 -3.81 3.81
C GLY A 7 -5.47 -3.65 5.29
N ASP A 8 -4.82 -4.63 5.90
CA ASP A 8 -4.54 -4.63 7.33
C ASP A 8 -3.43 -3.64 7.66
N THR A 9 -2.75 -3.16 6.63
CA THR A 9 -1.68 -2.21 6.80
C THR A 9 -2.22 -0.87 7.29
N MET A 10 -1.55 -0.29 8.26
CA MET A 10 -1.99 0.97 8.85
C MET A 10 -1.26 2.14 8.21
N ILE A 11 -2.03 3.11 7.76
CA ILE A 11 -1.48 4.31 7.16
C ILE A 11 -1.95 5.53 7.91
N GLU A 12 -1.17 6.60 7.85
CA GLU A 12 -1.51 7.82 8.53
C GLU A 12 -1.89 8.87 7.50
N ILE A 13 -3.14 9.26 7.52
CA ILE A 13 -3.68 10.13 6.49
C ILE A 13 -4.01 11.51 7.03
N LEU A 14 -4.07 12.45 6.11
CA LEU A 14 -4.48 13.80 6.39
C LEU A 14 -5.70 14.14 5.57
N ASP A 15 -6.79 14.42 6.25
CA ASP A 15 -8.03 14.80 5.58
C ASP A 15 -7.94 16.25 5.12
N ASP A 16 -8.79 16.65 4.19
CA ASP A 16 -8.78 18.02 3.66
C ASP A 16 -8.97 19.03 4.77
N ASP A 17 -9.76 18.65 5.78
CA ASP A 17 -10.04 19.53 6.92
C ASP A 17 -8.84 19.64 7.86
N GLY A 18 -7.76 18.96 7.51
CA GLY A 18 -6.57 19.01 8.33
C GLY A 18 -6.60 18.00 9.45
N ILE A 19 -7.31 16.90 9.22
CA ILE A 19 -7.44 15.86 10.21
C ILE A 19 -6.48 14.73 9.94
N ILE A 20 -5.59 14.47 10.88
CA ILE A 20 -4.63 13.38 10.77
C ILE A 20 -5.11 12.19 11.58
N GLN A 21 -5.06 11.01 10.98
CA GLN A 21 -5.54 9.81 11.64
C GLN A 21 -4.89 8.57 11.03
N LYS A 22 -4.55 7.62 11.88
CA LYS A 22 -3.99 6.36 11.44
C LYS A 22 -5.10 5.33 11.23
N ILE A 23 -5.24 4.88 9.99
CA ILE A 23 -6.28 3.91 9.65
C ILE A 23 -5.70 2.84 8.74
N SER A 24 -6.39 1.72 8.63
CA SER A 24 -5.92 0.65 7.76
C SER A 24 -6.24 0.97 6.30
N MET A 25 -5.44 0.44 5.39
CA MET A 25 -5.61 0.67 3.96
C MET A 25 -7.04 0.35 3.51
N GLU A 26 -7.59 -0.74 4.03
CA GLU A 26 -8.96 -1.12 3.68
C GLU A 26 -9.98 -0.15 4.27
N ASP A 27 -9.65 0.43 5.41
CA ASP A 27 -10.54 1.41 6.03
C ASP A 27 -10.59 2.67 5.18
N LEU A 28 -9.45 2.99 4.57
CA LEU A 28 -9.36 4.11 3.64
C LEU A 28 -10.24 3.84 2.43
N TYR A 29 -10.25 2.59 1.98
CA TYR A 29 -11.11 2.18 0.88
C TYR A 29 -12.56 2.33 1.27
N GLN A 30 -12.89 1.87 2.47
CA GLN A 30 -14.25 1.96 2.99
C GLN A 30 -14.64 3.41 3.25
N ARG A 31 -13.63 4.25 3.44
CA ARG A 31 -13.85 5.67 3.71
C ARG A 31 -14.23 6.39 2.43
N LEU A 32 -13.72 5.89 1.32
CA LEU A 32 -14.01 6.46 0.01
C LEU A 32 -15.17 5.72 -0.65
N ALA A 33 -15.74 4.77 0.05
CA ALA A 33 -16.83 3.97 -0.46
C ALA A 33 -18.15 4.74 -0.40
N ASP B 1 -20.51 3.10 -23.70
CA ASP B 1 -21.18 2.06 -24.52
C ASP B 1 -20.89 0.68 -23.99
N TYR B 2 -21.91 -0.19 -24.00
CA TYR B 2 -21.77 -1.58 -23.58
C TYR B 2 -21.16 -1.69 -22.18
N LYS B 3 -21.95 -1.30 -21.18
CA LYS B 3 -21.54 -1.36 -19.78
C LYS B 3 -20.31 -0.49 -19.53
N ASP B 4 -20.53 0.80 -19.45
CA ASP B 4 -19.46 1.76 -19.19
C ASP B 4 -19.24 1.94 -17.70
N ASP B 5 -18.06 1.57 -17.21
CA ASP B 5 -17.70 1.80 -15.82
C ASP B 5 -16.20 1.59 -15.63
N ASP B 6 -15.58 2.50 -14.90
CA ASP B 6 -14.17 2.38 -14.57
C ASP B 6 -14.00 2.30 -13.06
N ASP B 7 -15.13 2.36 -12.37
CA ASP B 7 -15.15 2.36 -10.92
C ASP B 7 -15.60 1.01 -10.38
N LYS B 8 -14.95 -0.05 -10.83
CA LYS B 8 -15.29 -1.39 -10.39
C LYS B 8 -14.89 -1.59 -8.94
N MET B 9 -13.60 -1.73 -8.71
CA MET B 9 -13.06 -1.88 -7.37
C MET B 9 -12.08 -0.76 -7.10
N PHE B 10 -12.34 0.38 -7.70
CA PHE B 10 -11.49 1.55 -7.58
C PHE B 10 -12.28 2.69 -6.96
N LYS B 11 -11.74 3.29 -5.91
CA LYS B 11 -12.39 4.42 -5.27
C LYS B 11 -11.58 5.69 -5.48
N LEU B 12 -12.23 6.68 -6.07
CA LEU B 12 -11.60 7.97 -6.30
C LEU B 12 -11.48 8.75 -4.99
N ASN B 13 -10.37 9.44 -4.84
CA ASN B 13 -10.11 10.23 -3.64
C ASN B 13 -10.83 11.57 -3.73
N THR B 14 -12.15 11.53 -3.65
CA THR B 14 -12.99 12.72 -3.79
C THR B 14 -13.18 13.45 -2.47
N LYS B 15 -12.27 13.25 -1.53
CA LYS B 15 -12.31 13.96 -0.27
C LYS B 15 -10.97 14.65 0.00
N ASN B 16 -10.16 14.72 -1.05
CA ASN B 16 -8.80 15.28 -1.01
C ASN B 16 -8.01 14.75 0.19
N ILE B 17 -8.08 13.46 0.39
CA ILE B 17 -7.32 12.82 1.46
C ILE B 17 -5.86 12.70 1.04
N LYS B 18 -4.96 12.89 1.97
CA LYS B 18 -3.55 12.81 1.70
C LYS B 18 -2.90 11.83 2.64
N VAL B 19 -1.82 11.22 2.20
CA VAL B 19 -1.16 10.20 2.98
C VAL B 19 0.26 10.66 3.32
N LEU B 20 0.74 10.27 4.50
CA LEU B 20 2.05 10.68 4.95
C LEU B 20 3.13 9.94 4.16
N THR B 21 3.87 10.69 3.36
CA THR B 21 4.93 10.12 2.56
C THR B 21 6.27 10.69 3.00
N PRO B 22 7.40 10.16 2.52
CA PRO B 22 8.72 10.75 2.75
C PRO B 22 8.76 12.25 2.45
N SER B 23 7.94 12.68 1.50
CA SER B 23 7.90 14.08 1.10
C SER B 23 6.72 14.80 1.76
N GLY B 24 6.24 14.25 2.87
CA GLY B 24 5.16 14.86 3.60
C GLY B 24 3.81 14.29 3.20
N PHE B 25 2.74 14.94 3.63
CA PHE B 25 1.40 14.50 3.26
C PHE B 25 1.11 14.83 1.80
N LYS B 26 0.99 13.81 0.97
CA LYS B 26 0.80 13.99 -0.45
C LYS B 26 -0.54 13.42 -0.90
N SER B 27 -1.13 14.04 -1.91
CA SER B 27 -2.42 13.62 -2.42
C SER B 27 -2.29 12.46 -3.38
N PHE B 28 -3.20 11.52 -3.27
CA PHE B 28 -3.28 10.40 -4.18
C PHE B 28 -4.60 10.49 -4.95
N SER B 29 -4.63 9.91 -6.14
CA SER B 29 -5.79 10.04 -7.02
C SER B 29 -6.91 9.09 -6.59
N GLY B 30 -6.53 7.95 -6.04
CA GLY B 30 -7.52 7.00 -5.59
C GLY B 30 -6.89 5.73 -5.07
N ILE B 31 -7.73 4.73 -4.80
CA ILE B 31 -7.26 3.47 -4.25
C ILE B 31 -7.85 2.30 -5.03
N GLN B 32 -7.03 1.31 -5.31
CA GLN B 32 -7.43 0.17 -6.13
C GLN B 32 -7.49 -1.09 -5.28
N LYS B 33 -8.64 -1.76 -5.33
CA LYS B 33 -8.78 -3.07 -4.71
C LYS B 33 -8.55 -4.14 -5.77
N VAL B 34 -7.63 -5.04 -5.48
CA VAL B 34 -7.33 -6.15 -6.36
C VAL B 34 -7.45 -7.45 -5.59
N TYR B 35 -7.51 -8.56 -6.31
CA TYR B 35 -7.53 -9.86 -5.67
C TYR B 35 -6.22 -10.59 -5.96
N LYS B 36 -5.57 -11.06 -4.92
CA LYS B 36 -4.32 -11.78 -5.06
C LYS B 36 -4.41 -13.14 -4.37
N PRO B 37 -4.08 -14.22 -5.08
CA PRO B 37 -4.21 -15.59 -4.55
C PRO B 37 -3.11 -15.96 -3.55
N PHE B 38 -2.15 -15.08 -3.38
CA PHE B 38 -1.05 -15.30 -2.44
C PHE B 38 -0.32 -13.99 -2.18
N TYR B 39 0.25 -13.86 -0.99
CA TYR B 39 0.94 -12.63 -0.64
C TYR B 39 2.11 -12.90 0.29
N HIS B 40 2.94 -11.90 0.50
CA HIS B 40 4.10 -12.03 1.37
C HIS B 40 3.81 -11.44 2.74
N HIS B 41 4.12 -12.20 3.77
CA HIS B 41 4.00 -11.70 5.13
C HIS B 41 5.39 -11.47 5.69
N ILE B 42 5.77 -10.20 5.77
CA ILE B 42 7.11 -9.82 6.18
C ILE B 42 7.11 -9.20 7.56
N ILE B 43 8.00 -9.67 8.43
CA ILE B 43 8.11 -9.12 9.78
C ILE B 43 9.51 -8.56 10.01
N PHE B 44 9.59 -7.41 10.66
CA PHE B 44 10.86 -6.76 10.90
C PHE B 44 11.23 -6.84 12.38
N ASP B 45 12.51 -6.62 12.66
CA ASP B 45 13.05 -6.77 14.01
C ASP B 45 12.52 -5.67 14.95
N ASP B 46 11.77 -4.74 14.39
CA ASP B 46 11.10 -3.72 15.19
C ASP B 46 9.78 -4.24 15.74
N GLY B 47 9.34 -5.38 15.20
CA GLY B 47 8.06 -5.93 15.57
C GLY B 47 6.98 -5.55 14.58
N SER B 48 7.31 -4.60 13.71
CA SER B 48 6.40 -4.17 12.67
C SER B 48 6.39 -5.20 11.55
N GLU B 49 5.25 -5.34 10.90
CA GLU B 49 5.12 -6.30 9.83
C GLU B 49 4.33 -5.72 8.68
N ILE B 50 4.53 -6.28 7.50
CA ILE B 50 3.84 -5.81 6.31
C ILE B 50 3.32 -7.00 5.50
N LYS B 51 2.29 -6.75 4.71
CA LYS B 51 1.69 -7.77 3.86
C LYS B 51 1.49 -7.19 2.46
N CYS B 52 2.10 -7.79 1.45
CA CYS B 52 2.03 -7.24 0.10
C CYS B 52 2.11 -8.34 -0.96
N SER B 53 2.00 -7.93 -2.23
CA SER B 53 2.12 -8.84 -3.35
C SER B 53 3.56 -9.35 -3.50
N ASP B 54 3.78 -10.14 -4.54
CA ASP B 54 5.11 -10.64 -4.87
C ASP B 54 5.96 -9.53 -5.51
N ASN B 55 5.46 -8.94 -6.59
CA ASN B 55 6.20 -7.94 -7.34
C ASN B 55 5.79 -6.54 -6.90
N HIS B 56 5.51 -6.39 -5.62
CA HIS B 56 5.22 -5.07 -5.06
C HIS B 56 6.49 -4.48 -4.49
N SER B 57 6.85 -3.31 -4.97
CA SER B 57 8.06 -2.64 -4.52
C SER B 57 7.79 -1.80 -3.28
N PHE B 58 8.85 -1.55 -2.53
CA PHE B 58 8.75 -0.77 -1.30
C PHE B 58 9.42 0.60 -1.46
N GLY B 59 10.73 0.64 -1.29
CA GLY B 59 11.43 1.90 -1.41
C GLY B 59 11.50 2.39 -2.84
N LYS B 60 11.91 3.64 -3.01
CA LYS B 60 11.97 4.25 -4.35
C LYS B 60 13.01 3.55 -5.22
N ASP B 61 13.87 2.75 -4.59
CA ASP B 61 14.89 1.98 -5.30
C ASP B 61 14.26 0.81 -6.06
N LYS B 62 12.94 0.70 -5.98
CA LYS B 62 12.17 -0.36 -6.63
C LYS B 62 12.50 -1.71 -6.03
N ILE B 63 12.48 -1.76 -4.71
CA ILE B 63 12.82 -2.98 -3.99
C ILE B 63 11.60 -3.88 -3.89
N LYS B 64 11.63 -4.99 -4.60
CA LYS B 64 10.48 -5.91 -4.67
C LYS B 64 10.40 -6.75 -3.39
N ALA B 65 9.21 -7.27 -3.11
CA ALA B 65 9.03 -8.12 -1.93
C ALA B 65 9.80 -9.43 -2.05
N SER B 66 9.70 -10.07 -3.22
CA SER B 66 10.32 -11.36 -3.44
C SER B 66 11.84 -11.30 -3.45
N THR B 67 12.40 -10.11 -3.59
CA THR B 67 13.85 -9.97 -3.64
C THR B 67 14.41 -9.67 -2.26
N ILE B 68 13.52 -9.43 -1.31
CA ILE B 68 13.93 -9.15 0.05
C ILE B 68 14.15 -10.45 0.81
N LYS B 69 15.40 -10.74 1.10
CA LYS B 69 15.76 -11.95 1.81
C LYS B 69 15.93 -11.64 3.29
N VAL B 70 15.50 -12.56 4.14
CA VAL B 70 15.60 -12.39 5.58
C VAL B 70 17.03 -12.11 6.01
N GLY B 71 17.19 -11.16 6.92
CA GLY B 71 18.51 -10.73 7.35
C GLY B 71 18.94 -9.46 6.64
N ASP B 72 18.08 -8.97 5.75
CA ASP B 72 18.36 -7.73 5.03
C ASP B 72 17.80 -6.55 5.80
N TYR B 73 18.01 -5.36 5.27
CA TYR B 73 17.52 -4.14 5.88
C TYR B 73 16.66 -3.37 4.88
N LEU B 74 15.41 -3.19 5.22
CA LEU B 74 14.49 -2.48 4.34
C LEU B 74 14.26 -1.07 4.84
N GLN B 75 15.06 -0.14 4.35
CA GLN B 75 14.91 1.28 4.66
C GLN B 75 15.02 1.55 6.15
N GLY B 76 15.82 0.74 6.83
CA GLY B 76 16.05 0.95 8.25
C GLY B 76 15.87 -0.32 9.07
N LYS B 77 14.81 -1.05 8.80
CA LYS B 77 14.46 -2.20 9.63
C LYS B 77 14.97 -3.49 9.03
N LYS B 78 15.39 -4.41 9.90
CA LYS B 78 15.84 -5.72 9.45
C LYS B 78 14.66 -6.64 9.24
N VAL B 79 14.60 -7.26 8.08
CA VAL B 79 13.58 -8.26 7.79
C VAL B 79 13.96 -9.59 8.43
N LEU B 80 13.12 -10.06 9.33
CA LEU B 80 13.35 -11.32 10.00
C LEU B 80 12.51 -12.42 9.39
N TYR B 81 11.41 -12.02 8.77
CA TYR B 81 10.43 -12.96 8.27
C TYR B 81 9.92 -12.52 6.91
N ASN B 82 9.86 -13.46 5.99
CA ASN B 82 9.31 -13.21 4.66
C ASN B 82 8.71 -14.50 4.12
N GLU B 83 7.46 -14.75 4.47
CA GLU B 83 6.79 -15.97 4.06
C GLU B 83 5.77 -15.68 2.97
N ILE B 84 5.69 -16.60 2.02
CA ILE B 84 4.65 -16.53 1.01
C ILE B 84 3.45 -17.32 1.48
N VAL B 85 2.43 -16.62 1.90
CA VAL B 85 1.21 -17.25 2.34
C VAL B 85 0.21 -17.28 1.20
N GLU B 86 -0.08 -18.49 0.76
CA GLU B 86 -0.88 -18.71 -0.41
C GLU B 86 -2.36 -18.74 -0.06
N GLU B 87 -2.90 -17.56 0.21
CA GLU B 87 -4.31 -17.40 0.49
C GLU B 87 -4.88 -16.25 -0.32
N GLY B 88 -5.99 -16.52 -1.00
CA GLY B 88 -6.64 -15.49 -1.79
C GLY B 88 -7.15 -14.36 -0.93
N ILE B 89 -6.61 -13.19 -1.18
CA ILE B 89 -6.87 -12.03 -0.35
C ILE B 89 -7.17 -10.80 -1.22
N TYR B 90 -7.99 -9.91 -0.70
CA TYR B 90 -8.22 -8.63 -1.34
C TYR B 90 -7.14 -7.65 -0.95
N LEU B 91 -6.49 -7.09 -1.94
CA LEU B 91 -5.35 -6.21 -1.73
C LEU B 91 -5.71 -4.80 -2.20
N TYR B 92 -5.05 -3.81 -1.61
CA TYR B 92 -5.37 -2.41 -1.89
C TYR B 92 -4.08 -1.63 -2.09
N ASP B 93 -4.06 -0.75 -3.07
CA ASP B 93 -2.89 0.10 -3.29
C ASP B 93 -3.34 1.49 -3.69
N LEU B 94 -2.49 2.48 -3.46
CA LEU B 94 -2.83 3.86 -3.73
C LEU B 94 -2.30 4.27 -5.09
N LEU B 95 -3.11 4.97 -5.86
CA LEU B 95 -2.70 5.39 -7.19
C LEU B 95 -2.31 6.85 -7.21
N ASN B 96 -1.15 7.11 -7.78
CA ASN B 96 -0.62 8.45 -7.96
C ASN B 96 -0.48 9.18 -6.63
N VAL B 97 0.51 8.78 -5.84
CA VAL B 97 0.74 9.40 -4.55
C VAL B 97 1.79 10.50 -4.68
N GLY B 98 1.32 11.73 -4.80
CA GLY B 98 2.21 12.85 -5.06
C GLY B 98 2.95 12.70 -6.37
N GLU B 99 2.47 11.75 -7.18
CA GLU B 99 3.12 11.32 -8.42
C GLU B 99 4.53 10.80 -8.17
N ASP B 100 4.85 10.55 -6.91
CA ASP B 100 6.16 10.00 -6.53
C ASP B 100 6.01 8.52 -6.17
N ASN B 101 4.85 8.21 -5.58
CA ASN B 101 4.42 6.84 -5.31
C ASN B 101 5.19 6.18 -4.17
N LEU B 102 5.66 6.99 -3.22
CA LEU B 102 6.24 6.48 -2.00
C LEU B 102 5.39 6.94 -0.82
N TYR B 103 5.08 6.04 0.10
CA TYR B 103 4.22 6.36 1.22
C TYR B 103 4.54 5.48 2.43
N TYR B 104 4.37 6.04 3.62
CA TYR B 104 4.69 5.32 4.86
C TYR B 104 3.63 4.30 5.21
N THR B 105 4.05 3.06 5.42
CA THR B 105 3.16 1.98 5.79
C THR B 105 3.76 1.11 6.89
N ASN B 106 3.14 1.10 8.07
CA ASN B 106 3.60 0.28 9.19
C ASN B 106 5.07 0.52 9.51
N GLY B 107 5.54 1.76 9.34
CA GLY B 107 6.93 2.07 9.63
C GLY B 107 7.88 1.74 8.49
N ILE B 108 7.31 1.38 7.35
CA ILE B 108 8.09 1.07 6.16
C ILE B 108 7.56 1.85 4.97
N VAL B 109 8.44 2.41 4.16
CA VAL B 109 8.01 3.11 2.96
C VAL B 109 7.64 2.12 1.87
N SER B 110 6.40 2.20 1.41
CA SER B 110 5.90 1.33 0.37
C SER B 110 5.85 2.09 -0.96
N HIS B 111 5.77 1.36 -2.06
CA HIS B 111 5.74 1.99 -3.38
C HIS B 111 4.41 1.74 -4.05
N ALA B 112 3.73 2.82 -4.38
CA ALA B 112 2.42 2.76 -5.00
C ALA B 112 2.52 2.31 -6.45
N CYS B 113 1.52 1.57 -6.89
CA CYS B 113 1.47 1.05 -8.26
C CYS B 113 1.52 2.20 -9.27
N GLU B 114 2.30 2.01 -10.33
CA GLU B 114 2.48 3.03 -11.34
C GLU B 114 1.15 3.38 -11.99
N SER B 115 0.79 4.65 -11.92
CA SER B 115 -0.49 5.10 -12.41
C SER B 115 -0.36 5.66 -13.83
N ARG B 116 -1.12 5.09 -14.74
CA ARG B 116 -1.04 5.48 -16.14
C ARG B 116 -2.33 6.13 -16.60
N GLY B 117 -2.38 6.50 -17.87
CA GLY B 117 -3.56 7.14 -18.42
C GLY B 117 -3.19 8.07 -19.55
N LYS B 118 -1.93 8.48 -19.57
CA LYS B 118 -1.41 9.34 -20.62
C LYS B 118 -0.04 8.84 -21.05
N GLU A 1 -0.14 -7.60 -13.54
CA GLU A 1 -1.22 -7.55 -12.55
C GLU A 1 -0.87 -6.54 -11.47
N PHE A 2 -1.87 -5.79 -11.03
CA PHE A 2 -1.67 -4.73 -10.04
C PHE A 2 -1.21 -5.31 -8.71
N GLU A 3 0.05 -5.03 -8.36
CA GLU A 3 0.63 -5.52 -7.13
C GLU A 3 0.37 -4.55 -5.98
N ALA A 4 -0.28 -5.03 -4.93
CA ALA A 4 -0.74 -4.17 -3.85
C ALA A 4 -0.38 -4.73 -2.47
N LEU A 5 -0.90 -4.11 -1.41
CA LEU A 5 -0.65 -4.56 -0.04
C LEU A 5 -1.97 -4.95 0.63
N SER A 6 -1.92 -5.65 1.75
CA SER A 6 -3.13 -6.10 2.44
C SER A 6 -3.88 -4.90 3.03
N GLY A 7 -5.18 -5.10 3.26
CA GLY A 7 -6.04 -4.03 3.72
C GLY A 7 -5.81 -3.65 5.17
N ASP A 8 -5.13 -4.52 5.91
CA ASP A 8 -4.87 -4.28 7.33
C ASP A 8 -3.72 -3.30 7.49
N THR A 9 -2.99 -3.10 6.41
CA THR A 9 -1.83 -2.21 6.40
C THR A 9 -2.23 -0.81 6.83
N MET A 10 -1.58 -0.28 7.85
CA MET A 10 -1.93 1.01 8.41
C MET A 10 -1.15 2.12 7.72
N ILE A 11 -1.87 3.18 7.42
CA ILE A 11 -1.31 4.38 6.83
C ILE A 11 -1.77 5.59 7.61
N GLU A 12 -1.09 6.70 7.45
CA GLU A 12 -1.47 7.91 8.15
C GLU A 12 -1.96 8.94 7.14
N ILE A 13 -3.18 9.38 7.32
CA ILE A 13 -3.83 10.24 6.35
C ILE A 13 -4.22 11.59 6.92
N LEU A 14 -4.58 12.49 6.03
CA LEU A 14 -5.13 13.78 6.38
C LEU A 14 -6.46 13.97 5.66
N ASP A 15 -7.55 13.92 6.42
CA ASP A 15 -8.90 14.08 5.88
C ASP A 15 -9.14 15.49 5.37
N ASP A 16 -10.26 15.66 4.68
CA ASP A 16 -10.69 16.98 4.21
C ASP A 16 -10.95 17.91 5.38
N ASP A 17 -11.42 17.33 6.47
CA ASP A 17 -11.72 18.09 7.68
C ASP A 17 -10.43 18.46 8.41
N GLY A 18 -9.31 18.10 7.82
CA GLY A 18 -8.02 18.40 8.42
C GLY A 18 -7.69 17.47 9.55
N ILE A 19 -8.19 16.24 9.46
CA ILE A 19 -7.98 15.25 10.49
C ILE A 19 -6.86 14.30 10.10
N ILE A 20 -5.87 14.19 10.96
CA ILE A 20 -4.78 13.25 10.75
C ILE A 20 -5.07 11.98 11.52
N GLN A 21 -5.06 10.85 10.84
CA GLN A 21 -5.46 9.60 11.45
C GLN A 21 -4.70 8.43 10.87
N LYS A 22 -4.30 7.52 11.73
CA LYS A 22 -3.70 6.25 11.30
C LYS A 22 -4.81 5.25 11.00
N ILE A 23 -5.03 4.97 9.74
CA ILE A 23 -6.10 4.07 9.33
C ILE A 23 -5.56 2.95 8.45
N SER A 24 -6.31 1.88 8.32
CA SER A 24 -5.91 0.79 7.46
C SER A 24 -6.22 1.11 6.00
N MET A 25 -5.46 0.54 5.09
CA MET A 25 -5.64 0.77 3.66
C MET A 25 -7.07 0.44 3.22
N GLU A 26 -7.65 -0.61 3.80
CA GLU A 26 -9.02 -0.99 3.47
C GLU A 26 -10.01 0.03 4.02
N ASP A 27 -9.69 0.66 5.15
CA ASP A 27 -10.55 1.70 5.70
C ASP A 27 -10.53 2.91 4.79
N LEU A 28 -9.38 3.15 4.19
CA LEU A 28 -9.23 4.24 3.22
C LEU A 28 -10.11 3.96 2.00
N TYR A 29 -10.15 2.70 1.58
CA TYR A 29 -11.00 2.29 0.48
C TYR A 29 -12.47 2.50 0.84
N GLN A 30 -12.82 2.08 2.04
CA GLN A 30 -14.19 2.22 2.54
C GLN A 30 -14.52 3.67 2.81
N ARG A 31 -13.48 4.47 2.99
CA ARG A 31 -13.65 5.89 3.25
C ARG A 31 -14.04 6.62 1.97
N LEU A 32 -13.51 6.13 0.87
CA LEU A 32 -13.80 6.69 -0.43
C LEU A 32 -14.98 5.97 -1.08
N ALA A 33 -15.66 5.15 -0.31
CA ALA A 33 -16.81 4.42 -0.79
C ALA A 33 -18.05 5.30 -0.69
N ASP B 1 -14.63 -7.85 -6.64
CA ASP B 1 -15.45 -7.84 -7.87
C ASP B 1 -14.67 -8.46 -9.02
N TYR B 2 -15.25 -9.46 -9.66
CA TYR B 2 -14.59 -10.16 -10.74
C TYR B 2 -15.31 -9.92 -12.06
N LYS B 3 -14.58 -9.48 -13.06
CA LYS B 3 -15.14 -9.23 -14.39
C LYS B 3 -14.16 -9.73 -15.46
N ASP B 4 -14.68 -10.18 -16.58
CA ASP B 4 -13.85 -10.64 -17.70
C ASP B 4 -13.81 -9.57 -18.78
N ASP B 5 -14.47 -8.45 -18.50
CA ASP B 5 -14.51 -7.34 -19.44
C ASP B 5 -13.77 -6.13 -18.88
N ASP B 6 -13.71 -6.03 -17.57
CA ASP B 6 -13.09 -4.88 -16.91
C ASP B 6 -12.45 -5.28 -15.60
N ASP B 7 -11.56 -4.43 -15.12
CA ASP B 7 -10.92 -4.60 -13.83
C ASP B 7 -10.91 -3.26 -13.10
N LYS B 8 -12.03 -2.93 -12.47
CA LYS B 8 -12.16 -1.64 -11.81
C LYS B 8 -11.80 -1.75 -10.34
N MET B 9 -12.81 -1.83 -9.47
CA MET B 9 -12.61 -1.84 -8.02
C MET B 9 -11.70 -0.68 -7.59
N PHE B 10 -11.95 0.48 -8.17
CA PHE B 10 -11.14 1.66 -7.92
C PHE B 10 -11.99 2.78 -7.36
N LYS B 11 -11.54 3.36 -6.25
CA LYS B 11 -12.24 4.46 -5.63
C LYS B 11 -11.51 5.77 -5.88
N LEU B 12 -12.22 6.72 -6.46
CA LEU B 12 -11.67 8.05 -6.71
C LEU B 12 -11.55 8.83 -5.41
N ASN B 13 -10.43 9.53 -5.26
CA ASN B 13 -10.19 10.35 -4.08
C ASN B 13 -10.89 11.71 -4.22
N THR B 14 -12.22 11.67 -4.28
CA THR B 14 -13.00 12.89 -4.43
C THR B 14 -13.26 13.57 -3.09
N LYS B 15 -12.59 13.10 -2.05
CA LYS B 15 -12.75 13.68 -0.73
C LYS B 15 -11.54 14.56 -0.38
N ASN B 16 -10.57 14.58 -1.29
CA ASN B 16 -9.33 15.34 -1.13
C ASN B 16 -8.57 14.87 0.11
N ILE B 17 -8.45 13.57 0.24
CA ILE B 17 -7.68 12.98 1.33
C ILE B 17 -6.22 12.86 0.91
N LYS B 18 -5.33 13.04 1.86
CA LYS B 18 -3.90 12.95 1.57
C LYS B 18 -3.24 11.95 2.50
N VAL B 19 -2.16 11.37 2.04
CA VAL B 19 -1.46 10.35 2.81
C VAL B 19 -0.06 10.84 3.18
N LEU B 20 0.41 10.43 4.36
CA LEU B 20 1.71 10.84 4.84
C LEU B 20 2.82 10.15 4.06
N THR B 21 3.58 10.94 3.33
CA THR B 21 4.68 10.43 2.55
C THR B 21 6.00 11.01 3.07
N PRO B 22 7.15 10.52 2.59
CA PRO B 22 8.46 11.11 2.94
C PRO B 22 8.48 12.63 2.72
N SER B 23 7.65 13.11 1.82
CA SER B 23 7.61 14.52 1.49
C SER B 23 6.36 15.18 2.08
N GLY B 24 5.86 14.60 3.16
CA GLY B 24 4.71 15.17 3.84
C GLY B 24 3.41 14.58 3.34
N PHE B 25 2.30 15.21 3.69
CA PHE B 25 0.99 14.73 3.26
C PHE B 25 0.75 15.09 1.79
N LYS B 26 0.63 14.06 0.96
CA LYS B 26 0.41 14.26 -0.47
C LYS B 26 -0.90 13.64 -0.92
N SER B 27 -1.54 14.30 -1.87
CA SER B 27 -2.83 13.84 -2.38
C SER B 27 -2.63 12.76 -3.44
N PHE B 28 -3.45 11.73 -3.37
CA PHE B 28 -3.39 10.65 -4.32
C PHE B 28 -4.64 10.65 -5.22
N SER B 29 -4.56 9.97 -6.35
CA SER B 29 -5.66 9.93 -7.31
C SER B 29 -6.79 9.06 -6.78
N GLY B 30 -6.43 7.92 -6.19
CA GLY B 30 -7.42 7.00 -5.68
C GLY B 30 -6.79 5.74 -5.16
N ILE B 31 -7.61 4.75 -4.87
CA ILE B 31 -7.12 3.49 -4.31
C ILE B 31 -7.74 2.29 -5.02
N GLN B 32 -6.95 1.25 -5.22
CA GLN B 32 -7.40 0.06 -5.91
C GLN B 32 -7.61 -1.11 -4.96
N LYS B 33 -8.65 -1.88 -5.22
CA LYS B 33 -8.84 -3.17 -4.56
C LYS B 33 -8.61 -4.26 -5.57
N VAL B 34 -7.76 -5.22 -5.24
CA VAL B 34 -7.52 -6.36 -6.09
C VAL B 34 -7.52 -7.63 -5.26
N TYR B 35 -7.87 -8.74 -5.88
CA TYR B 35 -7.86 -10.02 -5.20
C TYR B 35 -6.59 -10.78 -5.54
N LYS B 36 -5.82 -11.11 -4.52
CA LYS B 36 -4.57 -11.83 -4.71
C LYS B 36 -4.66 -13.19 -4.04
N PRO B 37 -4.31 -14.26 -4.75
CA PRO B 37 -4.40 -15.62 -4.24
C PRO B 37 -3.22 -16.01 -3.35
N PHE B 38 -2.37 -15.03 -3.03
CA PHE B 38 -1.22 -15.26 -2.16
C PHE B 38 -0.58 -13.94 -1.79
N TYR B 39 0.23 -13.95 -0.73
CA TYR B 39 0.95 -12.75 -0.33
C TYR B 39 2.13 -13.12 0.55
N HIS B 40 3.00 -12.14 0.79
CA HIS B 40 4.15 -12.34 1.65
C HIS B 40 3.89 -11.73 3.01
N HIS B 41 4.12 -12.51 4.05
CA HIS B 41 4.00 -12.00 5.41
C HIS B 41 5.39 -11.75 5.96
N ILE B 42 5.78 -10.49 5.96
CA ILE B 42 7.12 -10.10 6.36
C ILE B 42 7.11 -9.49 7.75
N ILE B 43 8.02 -9.96 8.60
CA ILE B 43 8.17 -9.40 9.93
C ILE B 43 9.60 -8.90 10.12
N PHE B 44 9.74 -7.73 10.72
CA PHE B 44 11.04 -7.11 10.86
C PHE B 44 11.57 -7.24 12.28
N ASP B 45 12.87 -7.03 12.42
CA ASP B 45 13.55 -7.02 13.70
C ASP B 45 13.02 -5.93 14.62
N ASP B 46 12.33 -4.97 14.02
CA ASP B 46 11.69 -3.89 14.75
C ASP B 46 10.43 -4.40 15.45
N GLY B 47 9.99 -5.58 15.03
CA GLY B 47 8.79 -6.17 15.58
C GLY B 47 7.57 -5.83 14.74
N SER B 48 7.76 -4.94 13.78
CA SER B 48 6.71 -4.56 12.86
C SER B 48 6.59 -5.58 11.75
N GLU B 49 5.49 -5.53 11.01
CA GLU B 49 5.26 -6.46 9.92
C GLU B 49 4.61 -5.76 8.74
N ILE B 50 4.65 -6.43 7.60
CA ILE B 50 3.96 -5.96 6.42
C ILE B 50 3.41 -7.15 5.63
N LYS B 51 2.29 -6.95 4.97
CA LYS B 51 1.68 -7.99 4.16
C LYS B 51 1.35 -7.45 2.78
N CYS B 52 2.04 -7.94 1.77
CA CYS B 52 1.84 -7.46 0.41
C CYS B 52 2.12 -8.55 -0.60
N SER B 53 1.94 -8.25 -1.87
CA SER B 53 2.21 -9.20 -2.92
C SER B 53 3.72 -9.33 -3.12
N ASP B 54 4.15 -10.25 -3.97
CA ASP B 54 5.56 -10.51 -4.16
C ASP B 54 6.23 -9.46 -5.04
N ASN B 55 5.56 -9.08 -6.11
CA ASN B 55 6.18 -8.20 -7.11
C ASN B 55 5.81 -6.73 -6.81
N HIS B 56 5.41 -6.44 -5.59
CA HIS B 56 5.15 -5.07 -5.19
C HIS B 56 6.44 -4.46 -4.65
N SER B 57 6.76 -3.27 -5.15
CA SER B 57 7.99 -2.59 -4.78
C SER B 57 7.79 -1.69 -3.56
N PHE B 58 8.83 -1.61 -2.73
CA PHE B 58 8.78 -0.81 -1.52
C PHE B 58 9.51 0.52 -1.70
N GLY B 59 10.81 0.51 -1.50
CA GLY B 59 11.58 1.74 -1.54
C GLY B 59 11.68 2.34 -2.93
N LYS B 60 12.24 3.55 -2.99
CA LYS B 60 12.40 4.30 -4.24
C LYS B 60 13.24 3.54 -5.25
N ASP B 61 14.00 2.55 -4.80
CA ASP B 61 14.83 1.75 -5.70
C ASP B 61 14.01 0.62 -6.34
N LYS B 62 12.70 0.68 -6.14
CA LYS B 62 11.76 -0.31 -6.65
C LYS B 62 12.14 -1.69 -6.15
N ILE B 63 12.30 -1.79 -4.85
CA ILE B 63 12.71 -3.03 -4.21
C ILE B 63 11.51 -3.96 -4.10
N LYS B 64 11.56 -5.07 -4.83
CA LYS B 64 10.47 -6.02 -4.86
C LYS B 64 10.52 -6.93 -3.63
N ALA B 65 9.34 -7.32 -3.15
CA ALA B 65 9.23 -8.16 -1.96
C ALA B 65 9.84 -9.54 -2.19
N SER B 66 9.89 -9.96 -3.44
CA SER B 66 10.45 -11.26 -3.81
C SER B 66 11.97 -11.31 -3.61
N THR B 67 12.63 -10.15 -3.62
CA THR B 67 14.08 -10.13 -3.54
C THR B 67 14.56 -9.93 -2.11
N ILE B 68 13.61 -9.64 -1.23
CA ILE B 68 13.92 -9.39 0.16
C ILE B 68 14.09 -10.70 0.92
N LYS B 69 15.32 -11.01 1.28
CA LYS B 69 15.64 -12.24 1.97
C LYS B 69 15.84 -11.99 3.44
N VAL B 70 15.47 -12.98 4.26
CA VAL B 70 15.64 -12.86 5.71
C VAL B 70 17.10 -12.61 6.06
N GLY B 71 17.33 -11.54 6.81
CA GLY B 71 18.68 -11.13 7.11
C GLY B 71 19.04 -9.82 6.44
N ASP B 72 18.28 -9.48 5.42
CA ASP B 72 18.46 -8.21 4.72
C ASP B 72 17.77 -7.09 5.49
N TYR B 73 18.16 -5.86 5.23
CA TYR B 73 17.54 -4.73 5.89
C TYR B 73 16.75 -3.89 4.92
N LEU B 74 15.56 -3.52 5.33
CA LEU B 74 14.70 -2.65 4.53
C LEU B 74 14.48 -1.34 5.28
N GLN B 75 15.09 -0.28 4.79
CA GLN B 75 14.92 1.05 5.36
C GLN B 75 15.33 1.10 6.83
N GLY B 76 16.32 0.30 7.19
CA GLY B 76 16.84 0.33 8.54
C GLY B 76 16.43 -0.87 9.37
N LYS B 77 15.37 -1.55 8.96
CA LYS B 77 14.86 -2.67 9.74
C LYS B 77 15.18 -3.99 9.04
N LYS B 78 15.72 -4.92 9.79
CA LYS B 78 16.08 -6.22 9.26
C LYS B 78 14.85 -7.12 9.15
N VAL B 79 14.72 -7.78 8.02
CA VAL B 79 13.64 -8.75 7.83
C VAL B 79 14.04 -10.09 8.44
N LEU B 80 13.25 -10.55 9.40
CA LEU B 80 13.53 -11.80 10.07
C LEU B 80 12.63 -12.91 9.56
N TYR B 81 11.50 -12.52 8.99
CA TYR B 81 10.50 -13.47 8.55
C TYR B 81 9.88 -13.00 7.23
N ASN B 82 9.88 -13.87 6.24
CA ASN B 82 9.28 -13.57 4.94
C ASN B 82 8.63 -14.83 4.39
N GLU B 83 7.44 -15.13 4.87
CA GLU B 83 6.76 -16.35 4.49
C GLU B 83 5.74 -16.09 3.40
N ILE B 84 5.74 -16.94 2.38
CA ILE B 84 4.76 -16.86 1.32
C ILE B 84 3.52 -17.66 1.69
N VAL B 85 2.47 -16.96 2.03
CA VAL B 85 1.23 -17.60 2.39
C VAL B 85 0.27 -17.56 1.21
N GLU B 86 -0.04 -18.73 0.69
CA GLU B 86 -0.85 -18.85 -0.50
C GLU B 86 -2.32 -18.95 -0.15
N GLU B 87 -2.87 -17.83 0.27
CA GLU B 87 -4.29 -17.74 0.58
C GLU B 87 -4.88 -16.49 -0.06
N GLY B 88 -6.05 -16.65 -0.64
CA GLY B 88 -6.71 -15.54 -1.30
C GLY B 88 -7.06 -14.43 -0.34
N ILE B 89 -6.62 -13.24 -0.67
CA ILE B 89 -6.79 -12.08 0.18
C ILE B 89 -7.07 -10.84 -0.67
N TYR B 90 -7.75 -9.86 -0.07
CA TYR B 90 -8.00 -8.60 -0.75
C TYR B 90 -6.82 -7.65 -0.53
N LEU B 91 -6.34 -7.11 -1.63
CA LEU B 91 -5.16 -6.27 -1.62
C LEU B 91 -5.51 -4.86 -2.11
N TYR B 92 -4.82 -3.86 -1.57
CA TYR B 92 -5.10 -2.46 -1.86
C TYR B 92 -3.80 -1.69 -2.08
N ASP B 93 -3.82 -0.71 -2.98
CA ASP B 93 -2.68 0.18 -3.18
C ASP B 93 -3.16 1.52 -3.72
N LEU B 94 -2.33 2.54 -3.60
CA LEU B 94 -2.71 3.89 -3.96
C LEU B 94 -2.21 4.25 -5.35
N LEU B 95 -2.98 5.06 -6.05
CA LEU B 95 -2.59 5.50 -7.39
C LEU B 95 -2.19 6.97 -7.38
N ASN B 96 -1.00 7.25 -7.92
CA ASN B 96 -0.50 8.61 -8.08
C ASN B 96 -0.49 9.35 -6.75
N VAL B 97 0.53 9.13 -5.95
CA VAL B 97 0.63 9.79 -4.66
C VAL B 97 1.53 11.01 -4.78
N GLY B 98 0.91 12.16 -4.96
CA GLY B 98 1.64 13.37 -5.27
C GLY B 98 2.49 13.18 -6.50
N GLU B 99 3.72 13.66 -6.43
CA GLU B 99 4.70 13.41 -7.47
C GLU B 99 5.79 12.48 -6.94
N ASP B 100 5.54 11.94 -5.75
CA ASP B 100 6.52 11.11 -5.06
C ASP B 100 6.27 9.63 -5.30
N ASN B 101 5.01 9.22 -5.08
CA ASN B 101 4.59 7.82 -5.20
C ASN B 101 5.05 6.98 -4.00
N LEU B 102 5.98 7.52 -3.24
CA LEU B 102 6.44 6.86 -2.02
C LEU B 102 5.55 7.28 -0.86
N TYR B 103 5.10 6.31 -0.08
CA TYR B 103 4.18 6.57 1.02
C TYR B 103 4.46 5.61 2.18
N TYR B 104 4.07 5.99 3.39
CA TYR B 104 4.36 5.19 4.57
C TYR B 104 3.27 4.16 4.86
N THR B 105 3.65 2.89 4.79
CA THR B 105 2.78 1.78 5.14
C THR B 105 3.37 1.01 6.31
N ASN B 106 2.67 1.03 7.45
CA ASN B 106 3.17 0.40 8.68
C ASN B 106 4.53 0.95 9.08
N GLY B 107 4.77 2.22 8.74
CA GLY B 107 6.07 2.83 9.02
C GLY B 107 7.12 2.44 7.99
N ILE B 108 6.71 1.71 6.97
CA ILE B 108 7.61 1.29 5.91
C ILE B 108 7.24 2.00 4.61
N VAL B 109 8.22 2.61 3.96
CA VAL B 109 7.97 3.31 2.70
C VAL B 109 7.67 2.32 1.57
N SER B 110 6.49 2.45 1.00
CA SER B 110 6.05 1.62 -0.11
C SER B 110 6.03 2.45 -1.39
N HIS B 111 5.94 1.79 -2.54
CA HIS B 111 5.95 2.48 -3.82
C HIS B 111 4.60 2.30 -4.51
N ALA B 112 3.87 3.40 -4.64
CA ALA B 112 2.57 3.38 -5.28
C ALA B 112 2.71 3.35 -6.79
N CYS B 113 1.60 3.11 -7.49
CA CYS B 113 1.61 3.04 -8.95
C CYS B 113 0.98 4.31 -9.53
N GLU B 114 1.26 4.59 -10.79
CA GLU B 114 0.72 5.76 -11.47
C GLU B 114 0.40 5.43 -12.92
N SER B 115 -0.62 6.09 -13.46
CA SER B 115 -1.06 5.89 -14.83
C SER B 115 -1.66 4.49 -15.00
N ARG B 116 -2.09 4.17 -16.21
CA ARG B 116 -2.68 2.87 -16.49
C ARG B 116 -2.49 2.51 -17.96
N GLY B 117 -1.45 1.77 -18.23
CA GLY B 117 -1.18 1.32 -19.58
C GLY B 117 -0.50 -0.02 -19.61
N LYS B 118 0.63 -0.12 -18.89
CA LYS B 118 1.40 -1.36 -18.79
C LYS B 118 1.88 -1.79 -20.17
N GLU A 1 4.53 -2.91 -11.16
CA GLU A 1 3.29 -2.21 -11.58
C GLU A 1 2.05 -2.84 -10.94
N PHE A 2 1.96 -4.17 -10.98
CA PHE A 2 0.84 -4.87 -10.35
C PHE A 2 1.15 -5.13 -8.89
N GLU A 3 0.99 -4.09 -8.09
CA GLU A 3 1.41 -4.13 -6.71
C GLU A 3 0.30 -3.59 -5.81
N ALA A 4 0.14 -4.21 -4.64
CA ALA A 4 -0.81 -3.72 -3.65
C ALA A 4 -0.49 -4.29 -2.26
N LEU A 5 -1.02 -3.66 -1.22
CA LEU A 5 -0.82 -4.11 0.17
C LEU A 5 -2.10 -4.75 0.68
N SER A 6 -1.99 -5.70 1.60
CA SER A 6 -3.17 -6.31 2.19
C SER A 6 -3.94 -5.28 3.02
N GLY A 7 -5.24 -5.51 3.15
CA GLY A 7 -6.12 -4.56 3.81
C GLY A 7 -5.78 -4.27 5.25
N ASP A 8 -4.95 -5.12 5.85
CA ASP A 8 -4.53 -4.94 7.24
C ASP A 8 -3.54 -3.80 7.36
N THR A 9 -2.89 -3.48 6.26
CA THR A 9 -1.84 -2.47 6.23
C THR A 9 -2.35 -1.13 6.74
N MET A 10 -1.68 -0.60 7.75
CA MET A 10 -2.08 0.65 8.38
C MET A 10 -1.35 1.82 7.77
N ILE A 11 -2.09 2.89 7.52
CA ILE A 11 -1.53 4.10 6.94
C ILE A 11 -1.98 5.31 7.72
N GLU A 12 -1.27 6.41 7.55
CA GLU A 12 -1.61 7.64 8.22
C GLU A 12 -1.93 8.71 7.19
N ILE A 13 -3.14 9.21 7.25
CA ILE A 13 -3.61 10.13 6.24
C ILE A 13 -4.00 11.47 6.86
N LEU A 14 -4.07 12.46 6.00
CA LEU A 14 -4.51 13.79 6.38
C LEU A 14 -5.73 14.15 5.55
N ASP A 15 -6.85 14.31 6.23
CA ASP A 15 -8.10 14.66 5.57
C ASP A 15 -8.05 16.10 5.08
N ASP A 16 -8.93 16.45 4.15
CA ASP A 16 -8.98 17.81 3.63
C ASP A 16 -9.36 18.80 4.72
N ASP A 17 -10.06 18.30 5.72
CA ASP A 17 -10.43 19.10 6.88
C ASP A 17 -9.20 19.44 7.71
N GLY A 18 -8.14 18.65 7.52
CA GLY A 18 -6.93 18.81 8.28
C GLY A 18 -6.86 17.82 9.41
N ILE A 19 -7.57 16.71 9.25
CA ILE A 19 -7.62 15.68 10.28
C ILE A 19 -6.63 14.56 9.97
N ILE A 20 -5.81 14.24 10.96
CA ILE A 20 -4.92 13.10 10.86
C ILE A 20 -5.66 11.83 11.27
N GLN A 21 -5.61 10.83 10.42
CA GLN A 21 -6.31 9.60 10.69
C GLN A 21 -5.42 8.40 10.40
N LYS A 22 -5.34 7.50 11.36
CA LYS A 22 -4.53 6.31 11.25
C LYS A 22 -5.43 5.10 11.03
N ILE A 23 -5.53 4.66 9.79
CA ILE A 23 -6.44 3.59 9.41
C ILE A 23 -5.81 2.62 8.44
N SER A 24 -6.39 1.46 8.32
CA SER A 24 -5.90 0.47 7.37
C SER A 24 -6.27 0.85 5.94
N MET A 25 -5.50 0.35 4.99
CA MET A 25 -5.73 0.64 3.58
C MET A 25 -7.18 0.35 3.18
N GLU A 26 -7.68 -0.80 3.61
CA GLU A 26 -9.04 -1.20 3.31
C GLU A 26 -10.06 -0.28 3.99
N ASP A 27 -9.67 0.30 5.12
CA ASP A 27 -10.56 1.19 5.86
C ASP A 27 -10.75 2.48 5.08
N LEU A 28 -9.67 2.93 4.45
CA LEU A 28 -9.73 4.12 3.61
C LEU A 28 -10.61 3.84 2.39
N TYR A 29 -10.50 2.63 1.87
CA TYR A 29 -11.34 2.18 0.76
C TYR A 29 -12.80 2.27 1.14
N GLN A 30 -13.10 1.78 2.34
CA GLN A 30 -14.46 1.80 2.86
C GLN A 30 -14.90 3.22 3.19
N ARG A 31 -13.93 4.09 3.45
CA ARG A 31 -14.23 5.48 3.76
C ARG A 31 -14.65 6.21 2.50
N LEU A 32 -14.01 5.88 1.40
CA LEU A 32 -14.33 6.47 0.11
C LEU A 32 -15.47 5.73 -0.58
N ALA A 33 -16.09 4.83 0.16
CA ALA A 33 -17.24 4.10 -0.34
C ALA A 33 -18.50 4.96 -0.24
N ASP B 1 -18.63 10.80 -19.29
CA ASP B 1 -18.99 9.61 -18.48
C ASP B 1 -18.24 8.38 -19.00
N TYR B 2 -17.96 7.45 -18.11
CA TYR B 2 -17.22 6.25 -18.48
C TYR B 2 -17.73 5.04 -17.69
N LYS B 3 -18.99 4.71 -17.90
CA LYS B 3 -19.59 3.54 -17.25
C LYS B 3 -19.10 2.26 -17.94
N ASP B 4 -18.39 2.45 -19.04
CA ASP B 4 -17.74 1.34 -19.75
C ASP B 4 -16.69 0.72 -18.85
N ASP B 5 -16.15 1.54 -17.96
CA ASP B 5 -15.23 1.08 -16.93
C ASP B 5 -16.04 0.43 -15.82
N ASP B 6 -16.35 -0.84 -15.99
CA ASP B 6 -17.17 -1.58 -15.04
C ASP B 6 -16.32 -2.29 -14.00
N ASP B 7 -15.22 -2.87 -14.47
CA ASP B 7 -14.26 -3.50 -13.57
C ASP B 7 -13.44 -2.44 -12.88
N LYS B 8 -14.05 -1.81 -11.90
CA LYS B 8 -13.43 -0.71 -11.18
C LYS B 8 -12.72 -1.20 -9.93
N MET B 9 -13.51 -1.50 -8.89
CA MET B 9 -12.98 -1.78 -7.56
C MET B 9 -12.03 -0.66 -7.16
N PHE B 10 -12.42 0.55 -7.53
CA PHE B 10 -11.60 1.72 -7.34
C PHE B 10 -12.43 2.82 -6.70
N LYS B 11 -11.88 3.46 -5.68
CA LYS B 11 -12.56 4.55 -5.02
C LYS B 11 -11.87 5.87 -5.31
N LEU B 12 -12.63 6.84 -5.79
CA LEU B 12 -12.09 8.14 -6.15
C LEU B 12 -11.82 8.99 -4.91
N ASN B 13 -10.65 9.60 -4.86
CA ASN B 13 -10.29 10.47 -3.75
C ASN B 13 -10.87 11.88 -3.97
N THR B 14 -12.19 11.96 -3.93
CA THR B 14 -12.89 13.22 -4.12
C THR B 14 -12.94 14.04 -2.83
N LYS B 15 -12.49 13.47 -1.72
CA LYS B 15 -12.50 14.17 -0.45
C LYS B 15 -11.15 14.85 -0.23
N ASN B 16 -10.32 14.79 -1.26
CA ASN B 16 -9.02 15.44 -1.30
C ASN B 16 -8.15 15.03 -0.11
N ILE B 17 -8.14 13.74 0.16
CA ILE B 17 -7.36 13.19 1.25
C ILE B 17 -5.89 13.09 0.83
N LYS B 18 -4.99 13.20 1.79
CA LYS B 18 -3.57 13.07 1.54
C LYS B 18 -2.99 12.00 2.44
N VAL B 19 -1.93 11.38 1.99
CA VAL B 19 -1.30 10.31 2.75
C VAL B 19 0.14 10.70 3.09
N LEU B 20 0.62 10.22 4.23
CA LEU B 20 1.95 10.56 4.70
C LEU B 20 3.02 9.86 3.85
N THR B 21 3.79 10.66 3.15
CA THR B 21 4.89 10.16 2.35
C THR B 21 6.21 10.68 2.89
N PRO B 22 7.36 10.17 2.43
CA PRO B 22 8.67 10.72 2.78
C PRO B 22 8.77 12.21 2.44
N SER B 23 7.92 12.69 1.54
CA SER B 23 7.92 14.08 1.14
C SER B 23 6.75 14.83 1.77
N GLY B 24 6.18 14.24 2.82
CA GLY B 24 5.07 14.87 3.51
C GLY B 24 3.73 14.30 3.08
N PHE B 25 2.66 14.97 3.46
CA PHE B 25 1.32 14.51 3.10
C PHE B 25 0.99 14.89 1.67
N LYS B 26 0.82 13.88 0.82
CA LYS B 26 0.56 14.11 -0.59
C LYS B 26 -0.77 13.51 -1.00
N SER B 27 -1.39 14.11 -2.01
CA SER B 27 -2.70 13.68 -2.48
C SER B 27 -2.57 12.52 -3.46
N PHE B 28 -3.42 11.53 -3.31
CA PHE B 28 -3.45 10.41 -4.23
C PHE B 28 -4.69 10.49 -5.11
N SER B 29 -4.63 9.88 -6.28
CA SER B 29 -5.75 9.91 -7.23
C SER B 29 -6.93 9.09 -6.69
N GLY B 30 -6.60 7.94 -6.13
CA GLY B 30 -7.61 7.07 -5.58
C GLY B 30 -7.01 5.80 -5.03
N ILE B 31 -7.87 4.87 -4.64
CA ILE B 31 -7.42 3.61 -4.06
C ILE B 31 -8.07 2.44 -4.79
N GLN B 32 -7.29 1.40 -5.06
CA GLN B 32 -7.77 0.28 -5.85
C GLN B 32 -7.77 -1.01 -5.03
N LYS B 33 -8.77 -1.84 -5.28
CA LYS B 33 -8.84 -3.17 -4.68
C LYS B 33 -8.52 -4.23 -5.72
N VAL B 34 -7.63 -5.13 -5.39
CA VAL B 34 -7.29 -6.25 -6.26
C VAL B 34 -7.26 -7.55 -5.46
N TYR B 35 -7.60 -8.65 -6.09
CA TYR B 35 -7.57 -9.93 -5.43
C TYR B 35 -6.31 -10.69 -5.81
N LYS B 36 -5.56 -11.12 -4.81
CA LYS B 36 -4.34 -11.88 -5.06
C LYS B 36 -4.42 -13.20 -4.31
N PRO B 37 -4.16 -14.32 -5.00
CA PRO B 37 -4.24 -15.66 -4.40
C PRO B 37 -3.04 -16.00 -3.54
N PHE B 38 -2.10 -15.07 -3.42
CA PHE B 38 -0.91 -15.28 -2.60
C PHE B 38 -0.24 -13.94 -2.30
N TYR B 39 0.48 -13.88 -1.19
CA TYR B 39 1.15 -12.65 -0.79
C TYR B 39 2.33 -12.98 0.13
N HIS B 40 3.13 -11.96 0.43
CA HIS B 40 4.25 -12.12 1.35
C HIS B 40 3.91 -11.56 2.71
N HIS B 41 4.20 -12.34 3.74
CA HIS B 41 4.04 -11.87 5.10
C HIS B 41 5.42 -11.63 5.70
N ILE B 42 5.82 -10.37 5.74
CA ILE B 42 7.15 -10.00 6.19
C ILE B 42 7.08 -9.38 7.58
N ILE B 43 8.00 -9.78 8.46
CA ILE B 43 8.07 -9.22 9.79
C ILE B 43 9.50 -8.73 10.06
N PHE B 44 9.61 -7.56 10.69
CA PHE B 44 10.90 -6.94 10.90
C PHE B 44 11.32 -7.03 12.36
N ASP B 45 12.62 -6.85 12.58
CA ASP B 45 13.21 -6.83 13.91
C ASP B 45 12.75 -5.59 14.67
N ASP B 46 12.14 -4.67 13.94
CA ASP B 46 11.57 -3.46 14.53
C ASP B 46 10.31 -3.80 15.29
N GLY B 47 9.69 -4.91 14.93
CA GLY B 47 8.43 -5.31 15.54
C GLY B 47 7.27 -5.15 14.59
N SER B 48 7.47 -4.30 13.59
CA SER B 48 6.45 -4.07 12.59
C SER B 48 6.48 -5.18 11.55
N GLU B 49 5.45 -5.24 10.72
CA GLU B 49 5.34 -6.25 9.71
C GLU B 49 4.58 -5.69 8.52
N ILE B 50 4.66 -6.37 7.39
CA ILE B 50 3.96 -5.93 6.19
C ILE B 50 3.42 -7.12 5.41
N LYS B 51 2.23 -6.95 4.85
CA LYS B 51 1.63 -7.95 3.99
C LYS B 51 1.45 -7.35 2.60
N CYS B 52 2.15 -7.89 1.61
CA CYS B 52 2.15 -7.29 0.29
C CYS B 52 2.29 -8.34 -0.81
N SER B 53 2.17 -7.89 -2.05
CA SER B 53 2.34 -8.75 -3.22
C SER B 53 3.78 -9.30 -3.29
N ASP B 54 4.00 -10.28 -4.16
CA ASP B 54 5.32 -10.84 -4.35
C ASP B 54 6.26 -9.81 -4.96
N ASN B 55 5.78 -9.10 -5.97
CA ASN B 55 6.59 -8.15 -6.69
C ASN B 55 6.31 -6.72 -6.26
N HIS B 56 5.78 -6.54 -5.05
CA HIS B 56 5.52 -5.18 -4.58
C HIS B 56 6.82 -4.54 -4.14
N SER B 57 7.18 -3.47 -4.81
CA SER B 57 8.37 -2.72 -4.49
C SER B 57 8.08 -1.75 -3.36
N PHE B 58 9.08 -1.53 -2.53
CA PHE B 58 8.95 -0.67 -1.37
C PHE B 58 9.61 0.69 -1.58
N GLY B 59 10.90 0.75 -1.30
CA GLY B 59 11.62 2.01 -1.43
C GLY B 59 11.73 2.47 -2.87
N LYS B 60 12.23 3.69 -3.04
CA LYS B 60 12.34 4.31 -4.36
C LYS B 60 13.28 3.55 -5.28
N ASP B 61 14.06 2.62 -4.71
CA ASP B 61 14.94 1.78 -5.52
C ASP B 61 14.17 0.63 -6.18
N LYS B 62 12.86 0.62 -5.95
CA LYS B 62 11.97 -0.41 -6.46
C LYS B 62 12.33 -1.77 -5.89
N ILE B 63 12.50 -1.81 -4.58
CA ILE B 63 12.87 -3.04 -3.89
C ILE B 63 11.66 -3.91 -3.65
N LYS B 64 11.56 -4.99 -4.41
CA LYS B 64 10.40 -5.87 -4.36
C LYS B 64 10.50 -6.89 -3.23
N ALA B 65 9.35 -7.28 -2.70
CA ALA B 65 9.27 -8.25 -1.61
C ALA B 65 9.93 -9.57 -1.98
N SER B 66 9.91 -9.89 -3.27
CA SER B 66 10.46 -11.13 -3.77
C SER B 66 11.99 -11.11 -3.76
N THR B 67 12.58 -9.91 -3.72
CA THR B 67 14.03 -9.80 -3.76
C THR B 67 14.59 -9.64 -2.34
N ILE B 68 13.69 -9.56 -1.38
CA ILE B 68 14.08 -9.40 0.01
C ILE B 68 14.14 -10.75 0.70
N LYS B 69 15.28 -11.04 1.28
CA LYS B 69 15.48 -12.30 2.00
C LYS B 69 15.76 -12.00 3.47
N VAL B 70 15.33 -12.91 4.34
CA VAL B 70 15.50 -12.75 5.78
C VAL B 70 16.97 -12.54 6.15
N GLY B 71 17.21 -11.66 7.12
CA GLY B 71 18.55 -11.33 7.51
C GLY B 71 19.04 -10.06 6.84
N ASP B 72 18.25 -9.56 5.91
CA ASP B 72 18.56 -8.32 5.22
C ASP B 72 17.89 -7.16 5.96
N TYR B 73 17.95 -5.97 5.39
CA TYR B 73 17.38 -4.81 6.02
C TYR B 73 16.53 -4.02 5.05
N LEU B 74 15.35 -3.64 5.51
CA LEU B 74 14.45 -2.83 4.73
C LEU B 74 14.23 -1.50 5.44
N GLN B 75 14.94 -0.48 4.97
CA GLN B 75 14.81 0.87 5.51
C GLN B 75 15.11 0.91 7.01
N GLY B 76 16.25 0.35 7.39
CA GLY B 76 16.69 0.43 8.77
C GLY B 76 16.20 -0.71 9.64
N LYS B 77 15.36 -1.57 9.07
CA LYS B 77 14.73 -2.63 9.84
C LYS B 77 15.06 -3.99 9.25
N LYS B 78 15.61 -4.86 10.07
CA LYS B 78 16.02 -6.18 9.61
C LYS B 78 14.80 -7.09 9.43
N VAL B 79 14.74 -7.74 8.29
CA VAL B 79 13.67 -8.67 8.01
C VAL B 79 13.97 -10.03 8.65
N LEU B 80 13.10 -10.43 9.56
CA LEU B 80 13.27 -11.68 10.28
C LEU B 80 12.41 -12.77 9.69
N TYR B 81 11.30 -12.38 9.10
CA TYR B 81 10.32 -13.33 8.60
C TYR B 81 9.82 -12.86 7.24
N ASN B 82 9.82 -13.76 6.28
CA ASN B 82 9.36 -13.45 4.93
C ASN B 82 8.82 -14.71 4.28
N GLU B 83 7.56 -15.01 4.56
CA GLU B 83 6.94 -16.21 4.05
C GLU B 83 5.95 -15.88 2.95
N ILE B 84 5.96 -16.69 1.89
CA ILE B 84 4.96 -16.58 0.86
C ILE B 84 3.73 -17.38 1.28
N VAL B 85 2.68 -16.68 1.61
CA VAL B 85 1.46 -17.31 2.03
C VAL B 85 0.46 -17.30 0.89
N GLU B 86 0.16 -18.49 0.42
CA GLU B 86 -0.67 -18.66 -0.77
C GLU B 86 -2.14 -18.73 -0.39
N GLU B 87 -2.63 -17.64 0.14
CA GLU B 87 -4.03 -17.54 0.52
C GLU B 87 -4.68 -16.35 -0.17
N GLY B 88 -5.85 -16.60 -0.74
CA GLY B 88 -6.58 -15.57 -1.44
C GLY B 88 -6.96 -14.42 -0.53
N ILE B 89 -6.47 -13.26 -0.86
CA ILE B 89 -6.65 -12.09 -0.02
C ILE B 89 -6.88 -10.85 -0.88
N TYR B 90 -7.58 -9.88 -0.34
CA TYR B 90 -7.83 -8.65 -1.05
C TYR B 90 -6.77 -7.61 -0.72
N LEU B 91 -6.16 -7.09 -1.77
CA LEU B 91 -5.07 -6.14 -1.66
C LEU B 91 -5.52 -4.76 -2.12
N TYR B 92 -4.92 -3.73 -1.56
CA TYR B 92 -5.27 -2.35 -1.87
C TYR B 92 -3.98 -1.55 -2.05
N ASP B 93 -3.97 -0.64 -3.01
CA ASP B 93 -2.81 0.23 -3.24
C ASP B 93 -3.30 1.62 -3.60
N LEU B 94 -2.47 2.63 -3.40
CA LEU B 94 -2.85 4.00 -3.72
C LEU B 94 -2.32 4.40 -5.08
N LEU B 95 -3.19 4.87 -5.93
CA LEU B 95 -2.81 5.23 -7.29
C LEU B 95 -2.35 6.67 -7.36
N ASN B 96 -1.10 6.85 -7.79
CA ASN B 96 -0.51 8.16 -8.01
C ASN B 96 -0.52 9.01 -6.76
N VAL B 97 0.44 8.76 -5.87
CA VAL B 97 0.55 9.52 -4.65
C VAL B 97 1.44 10.74 -4.87
N GLY B 98 0.81 11.90 -4.97
CA GLY B 98 1.52 13.11 -5.29
C GLY B 98 2.33 12.97 -6.56
N GLU B 99 3.52 13.52 -6.55
CA GLU B 99 4.47 13.32 -7.62
C GLU B 99 5.66 12.51 -7.08
N ASP B 100 5.36 11.67 -6.10
CA ASP B 100 6.39 10.87 -5.45
C ASP B 100 6.15 9.38 -5.69
N ASN B 101 4.93 8.93 -5.36
CA ASN B 101 4.54 7.52 -5.47
C ASN B 101 5.25 6.65 -4.45
N LEU B 102 5.65 7.26 -3.34
CA LEU B 102 6.20 6.55 -2.19
C LEU B 102 5.41 6.97 -0.96
N TYR B 103 4.89 6.01 -0.20
CA TYR B 103 4.12 6.35 0.99
C TYR B 103 4.36 5.36 2.12
N TYR B 104 4.11 5.81 3.35
CA TYR B 104 4.38 5.02 4.55
C TYR B 104 3.28 4.00 4.82
N THR B 105 3.63 2.75 4.67
CA THR B 105 2.75 1.64 5.00
C THR B 105 3.34 0.84 6.15
N ASN B 106 2.68 0.85 7.31
CA ASN B 106 3.18 0.19 8.51
C ASN B 106 4.57 0.69 8.88
N GLY B 107 4.84 1.96 8.60
CA GLY B 107 6.14 2.54 8.90
C GLY B 107 7.15 2.29 7.79
N ILE B 108 6.75 1.56 6.78
CA ILE B 108 7.64 1.22 5.68
C ILE B 108 7.27 2.02 4.44
N VAL B 109 8.24 2.65 3.81
CA VAL B 109 8.00 3.37 2.58
C VAL B 109 7.71 2.38 1.46
N SER B 110 6.51 2.46 0.91
CA SER B 110 6.07 1.54 -0.12
C SER B 110 5.84 2.28 -1.43
N HIS B 111 5.81 1.54 -2.54
CA HIS B 111 5.65 2.12 -3.86
C HIS B 111 4.19 2.14 -4.27
N ALA B 112 3.72 3.31 -4.68
CA ALA B 112 2.35 3.47 -5.15
C ALA B 112 2.23 3.10 -6.61
N CYS B 113 1.15 2.41 -6.95
CA CYS B 113 0.87 2.11 -8.33
C CYS B 113 0.41 3.38 -9.03
N GLU B 114 0.52 3.42 -10.34
CA GLU B 114 0.13 4.60 -11.08
C GLU B 114 -0.87 4.27 -12.18
N SER B 115 -1.87 5.12 -12.32
CA SER B 115 -2.87 4.98 -13.36
C SER B 115 -2.72 6.08 -14.39
N ARG B 116 -1.91 5.83 -15.42
CA ARG B 116 -1.68 6.81 -16.46
C ARG B 116 -2.87 6.85 -17.41
N GLY B 117 -3.99 7.37 -16.92
CA GLY B 117 -5.17 7.51 -17.73
C GLY B 117 -5.69 8.92 -17.75
N LYS B 118 -5.09 9.77 -16.93
CA LYS B 118 -5.51 11.16 -16.84
C LYS B 118 -4.34 12.06 -17.19
N GLU A 1 -3.70 -2.36 -9.33
CA GLU A 1 -2.95 -3.48 -9.95
C GLU A 1 -1.45 -3.32 -9.71
N PHE A 2 -0.87 -4.29 -9.00
CA PHE A 2 0.55 -4.25 -8.60
C PHE A 2 0.78 -3.18 -7.54
N GLU A 3 1.86 -3.35 -6.77
CA GLU A 3 2.17 -2.45 -5.67
C GLU A 3 1.02 -2.38 -4.66
N ALA A 4 0.30 -3.48 -4.53
CA ALA A 4 -0.87 -3.53 -3.67
C ALA A 4 -0.52 -4.01 -2.27
N LEU A 5 -1.28 -3.55 -1.31
CA LEU A 5 -1.07 -3.90 0.09
C LEU A 5 -2.32 -4.58 0.64
N SER A 6 -2.19 -5.22 1.79
CA SER A 6 -3.33 -5.88 2.41
C SER A 6 -4.27 -4.85 3.04
N GLY A 7 -5.52 -5.23 3.23
CA GLY A 7 -6.47 -4.36 3.88
C GLY A 7 -6.10 -4.11 5.32
N ASP A 8 -5.57 -5.13 5.97
CA ASP A 8 -5.16 -5.03 7.38
C ASP A 8 -3.74 -4.47 7.47
N THR A 9 -3.62 -3.18 7.24
CA THR A 9 -2.38 -2.46 7.38
C THR A 9 -2.67 -1.01 7.71
N MET A 10 -2.08 -0.52 8.79
CA MET A 10 -2.44 0.80 9.31
C MET A 10 -1.65 1.91 8.64
N ILE A 11 -2.36 2.91 8.16
CA ILE A 11 -1.76 4.08 7.54
C ILE A 11 -2.28 5.33 8.21
N GLU A 12 -1.68 6.47 7.90
CA GLU A 12 -2.11 7.73 8.48
C GLU A 12 -2.45 8.69 7.36
N ILE A 13 -3.66 9.20 7.37
CA ILE A 13 -4.12 10.09 6.33
C ILE A 13 -4.46 11.46 6.87
N LEU A 14 -4.48 12.41 5.97
CA LEU A 14 -4.85 13.78 6.27
C LEU A 14 -6.02 14.19 5.39
N ASP A 15 -7.15 14.42 6.02
CA ASP A 15 -8.37 14.78 5.30
C ASP A 15 -8.26 16.20 4.74
N ASP A 16 -9.16 16.58 3.84
CA ASP A 16 -9.11 17.90 3.21
C ASP A 16 -9.16 19.01 4.26
N ASP A 17 -9.91 18.76 5.34
CA ASP A 17 -10.06 19.74 6.40
C ASP A 17 -8.85 19.74 7.34
N GLY A 18 -7.82 19.01 6.96
CA GLY A 18 -6.62 18.94 7.77
C GLY A 18 -6.81 18.03 8.96
N ILE A 19 -7.64 17.00 8.77
CA ILE A 19 -7.95 16.07 9.84
C ILE A 19 -7.09 14.82 9.72
N ILE A 20 -6.35 14.53 10.77
CA ILE A 20 -5.52 13.33 10.83
C ILE A 20 -6.36 12.13 11.24
N GLN A 21 -6.17 11.01 10.56
CA GLN A 21 -6.87 9.79 10.90
C GLN A 21 -6.02 8.58 10.54
N LYS A 22 -5.79 7.73 11.51
CA LYS A 22 -5.01 6.52 11.32
C LYS A 22 -5.93 5.33 11.11
N ILE A 23 -5.94 4.80 9.90
CA ILE A 23 -6.85 3.72 9.53
C ILE A 23 -6.15 2.72 8.63
N SER A 24 -6.73 1.54 8.51
CA SER A 24 -6.16 0.52 7.66
C SER A 24 -6.43 0.81 6.18
N MET A 25 -5.58 0.27 5.31
CA MET A 25 -5.71 0.46 3.87
C MET A 25 -7.13 0.18 3.39
N GLU A 26 -7.73 -0.89 3.90
CA GLU A 26 -9.08 -1.26 3.48
C GLU A 26 -10.11 -0.28 4.01
N ASP A 27 -9.87 0.29 5.18
CA ASP A 27 -10.79 1.27 5.73
C ASP A 27 -10.75 2.54 4.91
N LEU A 28 -9.57 2.83 4.36
CA LEU A 28 -9.39 3.94 3.45
C LEU A 28 -10.23 3.72 2.20
N TYR A 29 -10.28 2.48 1.74
CA TYR A 29 -11.10 2.11 0.60
C TYR A 29 -12.57 2.31 0.94
N GLN A 30 -12.95 1.85 2.12
CA GLN A 30 -14.32 2.00 2.60
C GLN A 30 -14.66 3.48 2.80
N ARG A 31 -13.65 4.28 3.02
CA ARG A 31 -13.82 5.70 3.27
C ARG A 31 -14.16 6.41 1.96
N LEU A 32 -13.72 5.82 0.86
CA LEU A 32 -13.96 6.37 -0.46
C LEU A 32 -15.04 5.58 -1.19
N ALA A 33 -15.63 4.62 -0.49
CA ALA A 33 -16.68 3.80 -1.08
C ALA A 33 -18.03 4.47 -0.96
N ASP B 1 -17.40 -0.97 -30.51
CA ASP B 1 -16.53 -1.30 -29.36
C ASP B 1 -17.38 -1.56 -28.12
N TYR B 2 -17.03 -2.59 -27.36
CA TYR B 2 -17.79 -2.92 -26.17
C TYR B 2 -16.87 -3.55 -25.11
N LYS B 3 -15.65 -3.03 -25.03
CA LYS B 3 -14.69 -3.49 -24.04
C LYS B 3 -14.22 -2.36 -23.15
N ASP B 4 -15.06 -1.33 -23.04
CA ASP B 4 -14.78 -0.19 -22.18
C ASP B 4 -15.07 -0.56 -20.72
N ASP B 5 -14.22 -1.43 -20.18
CA ASP B 5 -14.41 -1.96 -18.84
C ASP B 5 -14.33 -0.86 -17.79
N ASP B 6 -15.48 -0.53 -17.22
CA ASP B 6 -15.56 0.42 -16.13
C ASP B 6 -15.02 -0.21 -14.85
N ASP B 7 -15.78 -1.15 -14.30
CA ASP B 7 -15.43 -1.87 -13.07
C ASP B 7 -15.00 -0.91 -11.97
N LYS B 8 -15.91 -0.60 -11.06
CA LYS B 8 -15.65 0.40 -10.03
C LYS B 8 -14.80 -0.16 -8.89
N MET B 9 -13.76 -0.90 -9.26
CA MET B 9 -12.79 -1.44 -8.32
C MET B 9 -11.89 -0.34 -7.79
N PHE B 10 -11.85 0.77 -8.53
CA PHE B 10 -11.04 1.92 -8.15
C PHE B 10 -11.93 3.01 -7.59
N LYS B 11 -11.56 3.54 -6.43
CA LYS B 11 -12.32 4.61 -5.82
C LYS B 11 -11.59 5.94 -5.97
N LEU B 12 -12.32 6.95 -6.41
CA LEU B 12 -11.76 8.27 -6.64
C LEU B 12 -11.56 9.01 -5.32
N ASN B 13 -10.37 9.56 -5.13
CA ASN B 13 -10.07 10.37 -3.96
C ASN B 13 -10.61 11.79 -4.17
N THR B 14 -11.93 11.89 -4.33
CA THR B 14 -12.58 13.17 -4.54
C THR B 14 -12.74 13.95 -3.24
N LYS B 15 -12.31 13.35 -2.13
CA LYS B 15 -12.39 13.98 -0.83
C LYS B 15 -11.11 14.76 -0.55
N ASN B 16 -10.20 14.69 -1.52
CA ASN B 16 -8.91 15.38 -1.46
C ASN B 16 -8.11 14.95 -0.24
N ILE B 17 -8.10 13.65 0.01
CA ILE B 17 -7.36 13.09 1.12
C ILE B 17 -5.89 13.00 0.76
N LYS B 18 -5.03 13.08 1.76
CA LYS B 18 -3.60 12.91 1.57
C LYS B 18 -3.13 11.81 2.51
N VAL B 19 -2.13 11.07 2.08
CA VAL B 19 -1.61 9.99 2.88
C VAL B 19 -0.20 10.35 3.35
N LEU B 20 0.16 9.91 4.56
CA LEU B 20 1.45 10.24 5.12
C LEU B 20 2.57 9.61 4.30
N THR B 21 3.32 10.46 3.64
CA THR B 21 4.42 10.02 2.80
C THR B 21 5.71 10.65 3.28
N PRO B 22 6.87 10.10 2.88
CA PRO B 22 8.18 10.73 3.10
C PRO B 22 8.24 12.16 2.55
N SER B 23 7.28 12.51 1.69
CA SER B 23 7.20 13.85 1.15
C SER B 23 6.39 14.76 2.07
N GLY B 24 5.90 14.20 3.18
CA GLY B 24 5.14 14.99 4.14
C GLY B 24 3.69 15.16 3.74
N PHE B 25 2.98 14.03 3.65
CA PHE B 25 1.56 14.02 3.24
C PHE B 25 1.40 14.40 1.77
N LYS B 26 0.94 13.45 0.98
CA LYS B 26 0.76 13.68 -0.45
C LYS B 26 -0.61 13.25 -0.92
N SER B 27 -1.14 13.95 -1.90
CA SER B 27 -2.45 13.64 -2.47
C SER B 27 -2.32 12.49 -3.46
N PHE B 28 -3.17 11.49 -3.28
CA PHE B 28 -3.20 10.35 -4.18
C PHE B 28 -4.46 10.39 -5.01
N SER B 29 -4.41 9.79 -6.20
CA SER B 29 -5.52 9.84 -7.14
C SER B 29 -6.69 8.99 -6.63
N GLY B 30 -6.36 7.87 -6.03
CA GLY B 30 -7.38 6.99 -5.51
C GLY B 30 -6.81 5.67 -5.05
N ILE B 31 -7.68 4.71 -4.83
CA ILE B 31 -7.27 3.40 -4.34
C ILE B 31 -8.01 2.30 -5.09
N GLN B 32 -7.29 1.24 -5.46
CA GLN B 32 -7.88 0.18 -6.25
C GLN B 32 -7.96 -1.12 -5.46
N LYS B 33 -9.04 -1.86 -5.63
CA LYS B 33 -9.23 -3.15 -4.99
C LYS B 33 -8.92 -4.26 -5.97
N VAL B 34 -7.91 -5.05 -5.66
CA VAL B 34 -7.55 -6.22 -6.46
C VAL B 34 -7.58 -7.47 -5.59
N TYR B 35 -7.61 -8.64 -6.20
CA TYR B 35 -7.60 -9.89 -5.46
C TYR B 35 -6.36 -10.69 -5.81
N LYS B 36 -5.75 -11.29 -4.80
CA LYS B 36 -4.59 -12.14 -4.99
C LYS B 36 -4.75 -13.42 -4.17
N PRO B 37 -4.48 -14.59 -4.77
CA PRO B 37 -4.61 -15.87 -4.08
C PRO B 37 -3.44 -16.19 -3.14
N PHE B 38 -2.56 -15.20 -2.95
CA PHE B 38 -1.41 -15.35 -2.07
C PHE B 38 -0.79 -13.98 -1.79
N TYR B 39 0.03 -13.90 -0.75
CA TYR B 39 0.68 -12.65 -0.41
C TYR B 39 1.91 -12.89 0.47
N HIS B 40 2.71 -11.85 0.63
CA HIS B 40 3.93 -11.95 1.43
C HIS B 40 3.71 -11.34 2.80
N HIS B 41 4.03 -12.09 3.84
CA HIS B 41 3.94 -11.59 5.20
C HIS B 41 5.35 -11.41 5.75
N ILE B 42 5.78 -10.16 5.80
CA ILE B 42 7.14 -9.84 6.20
C ILE B 42 7.14 -9.21 7.59
N ILE B 43 8.08 -9.66 8.43
CA ILE B 43 8.24 -9.09 9.76
C ILE B 43 9.67 -8.60 9.93
N PHE B 44 9.84 -7.41 10.49
CA PHE B 44 11.15 -6.79 10.60
C PHE B 44 11.66 -6.83 12.03
N ASP B 45 12.98 -6.70 12.17
CA ASP B 45 13.64 -6.62 13.47
C ASP B 45 13.18 -5.39 14.23
N ASP B 46 12.57 -4.47 13.51
CA ASP B 46 12.06 -3.23 14.07
C ASP B 46 10.80 -3.50 14.88
N GLY B 47 10.20 -4.66 14.66
CA GLY B 47 8.97 -5.01 15.33
C GLY B 47 7.77 -4.84 14.43
N SER B 48 7.96 -4.09 13.36
CA SER B 48 6.91 -3.83 12.41
C SER B 48 6.80 -4.97 11.41
N GLU B 49 5.65 -5.07 10.78
CA GLU B 49 5.38 -6.11 9.81
C GLU B 49 4.58 -5.55 8.65
N ILE B 50 4.56 -6.26 7.55
CA ILE B 50 3.81 -5.83 6.38
C ILE B 50 3.23 -7.03 5.63
N LYS B 51 2.12 -6.80 4.95
CA LYS B 51 1.48 -7.82 4.14
C LYS B 51 1.16 -7.24 2.77
N CYS B 52 1.78 -7.78 1.72
CA CYS B 52 1.68 -7.17 0.40
C CYS B 52 1.77 -8.20 -0.73
N SER B 53 1.73 -7.70 -1.96
CA SER B 53 1.77 -8.54 -3.16
C SER B 53 3.07 -9.33 -3.29
N ASP B 54 3.16 -10.10 -4.37
CA ASP B 54 4.37 -10.84 -4.71
C ASP B 54 5.55 -9.92 -4.96
N ASN B 55 5.52 -9.21 -6.07
CA ASN B 55 6.62 -8.32 -6.44
C ASN B 55 6.29 -6.88 -6.02
N HIS B 56 5.77 -6.75 -4.81
CA HIS B 56 5.43 -5.44 -4.25
C HIS B 56 6.69 -4.62 -4.01
N SER B 57 6.78 -3.46 -4.66
CA SER B 57 7.89 -2.54 -4.47
C SER B 57 7.72 -1.77 -3.16
N PHE B 58 8.82 -1.56 -2.46
CA PHE B 58 8.79 -0.85 -1.18
C PHE B 58 9.40 0.55 -1.29
N GLY B 59 10.72 0.63 -1.13
CA GLY B 59 11.40 1.92 -1.11
C GLY B 59 11.41 2.59 -2.46
N LYS B 60 11.89 3.84 -2.48
CA LYS B 60 11.98 4.65 -3.70
C LYS B 60 12.79 3.94 -4.79
N ASP B 61 13.62 3.00 -4.38
CA ASP B 61 14.48 2.28 -5.31
C ASP B 61 13.73 1.13 -5.97
N LYS B 62 12.42 1.08 -5.72
CA LYS B 62 11.53 0.10 -6.33
C LYS B 62 11.96 -1.31 -5.93
N ILE B 63 12.21 -1.48 -4.64
CA ILE B 63 12.67 -2.75 -4.12
C ILE B 63 11.52 -3.71 -3.92
N LYS B 64 11.49 -4.76 -4.71
CA LYS B 64 10.39 -5.71 -4.71
C LYS B 64 10.61 -6.80 -3.67
N ALA B 65 9.50 -7.22 -3.06
CA ALA B 65 9.51 -8.21 -1.98
C ALA B 65 10.17 -9.52 -2.39
N SER B 66 10.15 -9.81 -3.68
CA SER B 66 10.69 -11.07 -4.20
C SER B 66 12.22 -11.09 -4.15
N THR B 67 12.84 -9.91 -4.09
CA THR B 67 14.29 -9.82 -4.07
C THR B 67 14.80 -9.62 -2.64
N ILE B 68 13.87 -9.65 -1.70
CA ILE B 68 14.20 -9.48 -0.30
C ILE B 68 14.10 -10.82 0.43
N LYS B 69 15.17 -11.19 1.11
CA LYS B 69 15.19 -12.41 1.89
C LYS B 69 15.51 -12.10 3.33
N VAL B 70 15.16 -13.01 4.23
CA VAL B 70 15.45 -12.85 5.64
C VAL B 70 16.93 -12.56 5.87
N GLY B 71 17.20 -11.49 6.59
CA GLY B 71 18.56 -11.07 6.82
C GLY B 71 18.91 -9.80 6.07
N ASP B 72 18.07 -9.44 5.11
CA ASP B 72 18.27 -8.22 4.34
C ASP B 72 17.84 -7.00 5.14
N TYR B 73 18.33 -5.84 4.74
CA TYR B 73 17.98 -4.60 5.42
C TYR B 73 17.16 -3.70 4.53
N LEU B 74 15.99 -3.34 5.02
CA LEU B 74 15.09 -2.46 4.29
C LEU B 74 14.80 -1.23 5.15
N GLN B 75 15.29 -0.08 4.71
CA GLN B 75 15.05 1.19 5.40
C GLN B 75 15.58 1.15 6.83
N GLY B 76 16.73 0.52 7.01
CA GLY B 76 17.38 0.48 8.31
C GLY B 76 16.78 -0.55 9.22
N LYS B 77 15.96 -1.43 8.67
CA LYS B 77 15.32 -2.49 9.45
C LYS B 77 15.59 -3.83 8.80
N LYS B 78 16.04 -4.78 9.59
CA LYS B 78 16.37 -6.10 9.06
C LYS B 78 15.14 -6.98 9.02
N VAL B 79 14.90 -7.58 7.87
CA VAL B 79 13.79 -8.50 7.70
C VAL B 79 14.11 -9.84 8.38
N LEU B 80 13.27 -10.22 9.32
CA LEU B 80 13.46 -11.46 10.05
C LEU B 80 12.55 -12.55 9.51
N TYR B 81 11.46 -12.15 8.91
CA TYR B 81 10.46 -13.09 8.42
C TYR B 81 9.92 -12.62 7.08
N ASN B 82 9.87 -13.53 6.12
CA ASN B 82 9.36 -13.22 4.79
C ASN B 82 8.72 -14.47 4.20
N GLU B 83 7.49 -14.72 4.57
CA GLU B 83 6.79 -15.91 4.14
C GLU B 83 5.75 -15.58 3.09
N ILE B 84 5.72 -16.35 2.02
CA ILE B 84 4.66 -16.25 1.05
C ILE B 84 3.52 -17.15 1.48
N VAL B 85 2.51 -16.54 2.07
CA VAL B 85 1.36 -17.28 2.53
C VAL B 85 0.32 -17.31 1.43
N GLU B 86 0.02 -18.50 0.96
CA GLU B 86 -0.78 -18.67 -0.22
C GLU B 86 -2.24 -18.82 0.14
N GLU B 87 -2.81 -17.73 0.60
CA GLU B 87 -4.22 -17.65 0.94
C GLU B 87 -4.85 -16.48 0.21
N GLY B 88 -6.02 -16.72 -0.37
CA GLY B 88 -6.73 -15.68 -1.09
C GLY B 88 -7.04 -14.48 -0.22
N ILE B 89 -6.70 -13.31 -0.72
CA ILE B 89 -6.83 -12.10 0.03
C ILE B 89 -7.09 -10.92 -0.90
N TYR B 90 -7.79 -9.91 -0.39
CA TYR B 90 -8.04 -8.72 -1.16
C TYR B 90 -6.95 -7.70 -0.90
N LEU B 91 -6.41 -7.16 -1.97
CA LEU B 91 -5.28 -6.26 -1.89
C LEU B 91 -5.66 -4.91 -2.46
N TYR B 92 -5.07 -3.86 -1.91
CA TYR B 92 -5.41 -2.51 -2.27
C TYR B 92 -4.16 -1.70 -2.59
N ASP B 93 -4.13 -1.06 -3.75
CA ASP B 93 -2.99 -0.22 -4.13
C ASP B 93 -3.44 1.22 -4.34
N LEU B 94 -2.55 2.16 -4.01
CA LEU B 94 -2.82 3.58 -4.21
C LEU B 94 -2.27 4.02 -5.55
N LEU B 95 -3.03 4.83 -6.26
CA LEU B 95 -2.60 5.31 -7.57
C LEU B 95 -2.09 6.74 -7.49
N ASN B 96 -0.88 6.95 -8.03
CA ASN B 96 -0.27 8.27 -8.15
C ASN B 96 -0.31 9.04 -6.83
N VAL B 97 0.62 8.71 -5.93
CA VAL B 97 0.66 9.36 -4.63
C VAL B 97 1.66 10.49 -4.63
N GLY B 98 1.15 11.71 -4.77
CA GLY B 98 2.01 12.88 -4.81
C GLY B 98 3.00 12.85 -5.96
N GLU B 99 2.76 11.94 -6.90
CA GLU B 99 3.64 11.75 -8.05
C GLU B 99 5.03 11.26 -7.63
N ASP B 100 5.15 10.81 -6.38
CA ASP B 100 6.40 10.22 -5.90
C ASP B 100 6.19 8.75 -5.60
N ASN B 101 4.99 8.42 -5.12
CA ASN B 101 4.53 7.05 -4.95
C ASN B 101 5.22 6.32 -3.80
N LEU B 102 5.62 7.07 -2.79
CA LEU B 102 6.11 6.48 -1.55
C LEU B 102 5.20 6.88 -0.40
N TYR B 103 4.78 5.93 0.42
CA TYR B 103 3.87 6.22 1.51
C TYR B 103 4.14 5.31 2.70
N TYR B 104 3.85 5.81 3.90
CA TYR B 104 4.13 5.07 5.14
C TYR B 104 3.05 4.05 5.43
N THR B 105 3.46 2.80 5.53
CA THR B 105 2.57 1.72 5.91
C THR B 105 3.18 0.91 7.04
N ASN B 106 2.52 0.90 8.19
CA ASN B 106 3.01 0.17 9.37
C ASN B 106 4.44 0.60 9.74
N GLY B 107 4.75 1.87 9.49
CA GLY B 107 6.09 2.37 9.79
C GLY B 107 7.11 1.92 8.75
N ILE B 108 6.63 1.48 7.60
CA ILE B 108 7.49 1.08 6.50
C ILE B 108 7.12 1.86 5.25
N VAL B 109 8.09 2.42 4.56
CA VAL B 109 7.82 3.14 3.32
C VAL B 109 7.48 2.15 2.21
N SER B 110 6.25 2.21 1.74
CA SER B 110 5.77 1.36 0.68
C SER B 110 5.72 2.14 -0.62
N HIS B 111 5.59 1.44 -1.74
CA HIS B 111 5.55 2.08 -3.04
C HIS B 111 4.16 1.93 -3.63
N ALA B 112 3.63 3.02 -4.18
CA ALA B 112 2.30 3.02 -4.76
C ALA B 112 2.34 2.69 -6.24
N CYS B 113 1.17 2.51 -6.83
CA CYS B 113 1.07 2.10 -8.22
C CYS B 113 1.02 3.32 -9.13
N GLU B 114 1.67 3.23 -10.28
CA GLU B 114 1.68 4.29 -11.26
C GLU B 114 1.10 3.81 -12.57
N SER B 115 0.05 4.47 -13.04
CA SER B 115 -0.62 4.05 -14.26
C SER B 115 -1.19 5.24 -15.04
N ARG B 116 -0.75 6.44 -14.69
CA ARG B 116 -1.26 7.63 -15.36
C ARG B 116 -0.23 8.75 -15.33
N GLY B 117 0.17 9.19 -16.53
CA GLY B 117 1.08 10.31 -16.63
C GLY B 117 0.33 11.62 -16.72
N LYS B 118 -0.55 11.73 -17.70
CA LYS B 118 -1.34 12.94 -17.89
C LYS B 118 -2.81 12.59 -17.98
N GLU A 1 1.00 -5.96 -14.01
CA GLU A 1 1.67 -6.15 -12.71
C GLU A 1 0.81 -5.57 -11.59
N PHE A 2 -0.03 -6.41 -11.00
CA PHE A 2 -0.91 -5.98 -9.93
C PHE A 2 -0.14 -5.87 -8.61
N GLU A 3 0.74 -4.88 -8.54
CA GLU A 3 1.49 -4.61 -7.33
C GLU A 3 0.59 -3.95 -6.30
N ALA A 4 0.11 -4.71 -5.33
CA ALA A 4 -0.78 -4.16 -4.33
C ALA A 4 -0.39 -4.59 -2.91
N LEU A 5 -0.96 -3.91 -1.92
CA LEU A 5 -0.66 -4.13 -0.51
C LEU A 5 -1.90 -4.68 0.20
N SER A 6 -1.71 -5.32 1.33
CA SER A 6 -2.84 -5.87 2.08
C SER A 6 -3.66 -4.75 2.69
N GLY A 7 -4.98 -4.94 2.69
CA GLY A 7 -5.88 -3.93 3.22
C GLY A 7 -5.82 -3.83 4.72
N ASP A 8 -5.17 -4.80 5.34
CA ASP A 8 -5.08 -4.87 6.80
C ASP A 8 -3.90 -4.04 7.30
N THR A 9 -3.21 -3.42 6.36
CA THR A 9 -2.07 -2.57 6.67
C THR A 9 -2.53 -1.19 7.12
N MET A 10 -1.90 -0.66 8.15
CA MET A 10 -2.31 0.61 8.74
C MET A 10 -1.57 1.79 8.10
N ILE A 11 -2.31 2.82 7.77
CA ILE A 11 -1.75 4.03 7.21
C ILE A 11 -2.21 5.25 7.99
N GLU A 12 -1.49 6.34 7.87
CA GLU A 12 -1.84 7.58 8.54
C GLU A 12 -2.24 8.60 7.51
N ILE A 13 -3.49 9.02 7.55
CA ILE A 13 -4.02 9.92 6.54
C ILE A 13 -4.40 11.26 7.12
N LEU A 14 -4.46 12.25 6.24
CA LEU A 14 -4.88 13.58 6.59
C LEU A 14 -6.09 13.96 5.75
N ASP A 15 -7.22 14.10 6.40
CA ASP A 15 -8.48 14.37 5.73
C ASP A 15 -8.56 15.85 5.31
N ASP A 16 -9.53 16.19 4.48
CA ASP A 16 -9.68 17.56 3.97
C ASP A 16 -9.79 18.57 5.11
N ASP A 17 -10.50 18.18 6.16
CA ASP A 17 -10.72 19.05 7.31
C ASP A 17 -9.45 19.21 8.14
N GLY A 18 -8.40 18.51 7.74
CA GLY A 18 -7.15 18.56 8.48
C GLY A 18 -7.13 17.52 9.58
N ILE A 19 -7.95 16.49 9.43
CA ILE A 19 -8.07 15.45 10.42
C ILE A 19 -7.05 14.33 10.17
N ILE A 20 -6.24 14.05 11.16
CA ILE A 20 -5.29 12.95 11.10
C ILE A 20 -5.94 11.70 11.65
N GLN A 21 -5.82 10.59 10.94
CA GLN A 21 -6.39 9.35 11.39
C GLN A 21 -5.59 8.16 10.86
N LYS A 22 -5.31 7.22 11.73
CA LYS A 22 -4.65 6.00 11.34
C LYS A 22 -5.68 4.92 11.05
N ILE A 23 -5.76 4.52 9.80
CA ILE A 23 -6.73 3.54 9.36
C ILE A 23 -6.07 2.52 8.45
N SER A 24 -6.72 1.38 8.26
CA SER A 24 -6.20 0.37 7.38
C SER A 24 -6.44 0.74 5.92
N MET A 25 -5.58 0.26 5.03
CA MET A 25 -5.71 0.52 3.60
C MET A 25 -7.10 0.18 3.09
N GLU A 26 -7.65 -0.89 3.63
CA GLU A 26 -8.99 -1.35 3.24
C GLU A 26 -10.06 -0.37 3.73
N ASP A 27 -9.87 0.14 4.94
CA ASP A 27 -10.82 1.09 5.52
C ASP A 27 -10.79 2.39 4.73
N LEU A 28 -9.62 2.71 4.20
CA LEU A 28 -9.43 3.88 3.35
C LEU A 28 -10.24 3.72 2.06
N TYR A 29 -10.23 2.52 1.50
CA TYR A 29 -11.02 2.24 0.30
C TYR A 29 -12.50 2.41 0.60
N GLN A 30 -12.92 1.85 1.72
CA GLN A 30 -14.30 1.93 2.15
C GLN A 30 -14.67 3.37 2.51
N ARG A 31 -13.67 4.15 2.87
CA ARG A 31 -13.85 5.55 3.22
C ARG A 31 -14.23 6.35 1.98
N LEU A 32 -13.67 5.96 0.86
CA LEU A 32 -13.91 6.64 -0.41
C LEU A 32 -15.08 6.01 -1.15
N ALA A 33 -15.54 4.88 -0.66
CA ALA A 33 -16.63 4.15 -1.30
C ALA A 33 -17.96 4.86 -1.03
N ASP B 1 -4.76 -9.10 -23.61
CA ASP B 1 -6.14 -8.73 -23.21
C ASP B 1 -6.36 -7.23 -23.36
N TYR B 2 -7.54 -6.86 -23.83
CA TYR B 2 -7.92 -5.45 -23.93
C TYR B 2 -9.24 -5.21 -23.22
N LYS B 3 -9.23 -5.40 -21.91
CA LYS B 3 -10.41 -5.18 -21.09
C LYS B 3 -10.07 -4.17 -20.00
N ASP B 4 -9.37 -3.11 -20.40
CA ASP B 4 -8.91 -2.10 -19.46
C ASP B 4 -9.45 -0.73 -19.84
N ASP B 5 -10.77 -0.64 -19.92
CA ASP B 5 -11.45 0.62 -20.19
C ASP B 5 -11.39 1.51 -18.96
N ASP B 6 -11.87 0.98 -17.85
CA ASP B 6 -11.85 1.67 -16.58
C ASP B 6 -12.03 0.68 -15.45
N ASP B 7 -11.06 0.61 -14.55
CA ASP B 7 -11.10 -0.33 -13.45
C ASP B 7 -12.33 -0.10 -12.57
N LYS B 8 -13.25 -1.05 -12.59
CA LYS B 8 -14.45 -0.98 -11.76
C LYS B 8 -14.12 -1.34 -10.32
N MET B 9 -12.85 -1.64 -10.08
CA MET B 9 -12.35 -1.96 -8.76
C MET B 9 -11.57 -0.78 -8.19
N PHE B 10 -11.69 0.36 -8.84
CA PHE B 10 -10.94 1.55 -8.49
C PHE B 10 -11.84 2.54 -7.74
N LYS B 11 -11.26 3.28 -6.81
CA LYS B 11 -12.01 4.30 -6.11
C LYS B 11 -11.21 5.60 -6.09
N LEU B 12 -11.82 6.68 -6.57
CA LEU B 12 -11.15 7.97 -6.69
C LEU B 12 -11.12 8.72 -5.35
N ASN B 13 -10.06 9.47 -5.15
CA ASN B 13 -9.90 10.28 -3.94
C ASN B 13 -10.55 11.65 -4.14
N THR B 14 -11.87 11.70 -4.09
CA THR B 14 -12.60 12.95 -4.29
C THR B 14 -12.94 13.62 -2.96
N LYS B 15 -12.20 13.29 -1.91
CA LYS B 15 -12.46 13.88 -0.60
C LYS B 15 -11.24 14.65 -0.11
N ASN B 16 -10.32 14.91 -1.04
CA ASN B 16 -9.09 15.65 -0.77
C ASN B 16 -8.33 15.06 0.42
N ILE B 17 -8.21 13.76 0.43
CA ILE B 17 -7.46 13.08 1.48
C ILE B 17 -6.00 12.97 1.09
N LYS B 18 -5.13 13.04 2.07
CA LYS B 18 -3.70 12.91 1.84
C LYS B 18 -3.15 11.82 2.73
N VAL B 19 -2.06 11.22 2.29
CA VAL B 19 -1.47 10.10 3.01
C VAL B 19 -0.04 10.45 3.41
N LEU B 20 0.40 9.92 4.55
CA LEU B 20 1.74 10.19 5.05
C LEU B 20 2.78 9.55 4.16
N THR B 21 3.59 10.38 3.53
CA THR B 21 4.66 9.90 2.67
C THR B 21 6.02 10.40 3.21
N PRO B 22 7.15 9.95 2.63
CA PRO B 22 8.46 10.50 2.97
C PRO B 22 8.54 12.02 2.75
N SER B 23 7.68 12.52 1.88
CA SER B 23 7.63 13.95 1.59
C SER B 23 6.48 14.59 2.37
N GLY B 24 6.10 13.93 3.46
CA GLY B 24 5.02 14.44 4.28
C GLY B 24 3.68 13.96 3.80
N PHE B 25 2.61 14.58 4.27
CA PHE B 25 1.27 14.22 3.83
C PHE B 25 1.02 14.72 2.42
N LYS B 26 0.87 13.79 1.50
CA LYS B 26 0.69 14.12 0.09
C LYS B 26 -0.60 13.52 -0.44
N SER B 27 -1.21 14.19 -1.39
CA SER B 27 -2.45 13.73 -1.98
C SER B 27 -2.18 12.59 -2.96
N PHE B 28 -3.15 11.72 -3.10
CA PHE B 28 -3.08 10.64 -4.06
C PHE B 28 -4.29 10.68 -4.98
N SER B 29 -4.15 10.14 -6.18
CA SER B 29 -5.23 10.19 -7.15
C SER B 29 -6.38 9.28 -6.76
N GLY B 30 -6.04 8.07 -6.33
CA GLY B 30 -7.06 7.12 -5.95
C GLY B 30 -6.48 5.84 -5.41
N ILE B 31 -7.34 4.87 -5.18
CA ILE B 31 -6.93 3.58 -4.64
C ILE B 31 -7.64 2.46 -5.39
N GLN B 32 -6.93 1.37 -5.64
CA GLN B 32 -7.49 0.26 -6.39
C GLN B 32 -7.55 -0.99 -5.53
N LYS B 33 -8.65 -1.74 -5.66
CA LYS B 33 -8.84 -2.98 -4.93
C LYS B 33 -8.69 -4.17 -5.87
N VAL B 34 -7.75 -5.04 -5.56
CA VAL B 34 -7.54 -6.25 -6.34
C VAL B 34 -7.58 -7.47 -5.43
N TYR B 35 -7.68 -8.64 -6.01
CA TYR B 35 -7.68 -9.87 -5.23
C TYR B 35 -6.47 -10.71 -5.59
N LYS B 36 -5.79 -11.22 -4.59
CA LYS B 36 -4.63 -12.07 -4.82
C LYS B 36 -4.75 -13.35 -4.01
N PRO B 37 -4.50 -14.52 -4.63
CA PRO B 37 -4.57 -15.82 -3.95
C PRO B 37 -3.33 -16.14 -3.14
N PHE B 38 -2.47 -15.15 -2.95
CA PHE B 38 -1.26 -15.31 -2.16
C PHE B 38 -0.66 -13.96 -1.83
N TYR B 39 0.20 -13.91 -0.82
CA TYR B 39 0.88 -12.69 -0.46
C TYR B 39 2.10 -12.98 0.41
N HIS B 40 2.95 -11.99 0.59
CA HIS B 40 4.12 -12.12 1.43
C HIS B 40 3.85 -11.53 2.81
N HIS B 41 4.19 -12.27 3.84
CA HIS B 41 4.06 -11.77 5.19
C HIS B 41 5.46 -11.55 5.77
N ILE B 42 5.90 -10.31 5.70
CA ILE B 42 7.24 -9.95 6.11
C ILE B 42 7.23 -9.32 7.49
N ILE B 43 8.16 -9.74 8.34
CA ILE B 43 8.29 -9.17 9.67
C ILE B 43 9.71 -8.65 9.87
N PHE B 44 9.83 -7.47 10.46
CA PHE B 44 11.12 -6.82 10.62
C PHE B 44 11.58 -6.86 12.06
N ASP B 45 12.88 -6.61 12.25
CA ASP B 45 13.49 -6.51 13.57
C ASP B 45 12.89 -5.35 14.35
N ASP B 46 12.28 -4.43 13.61
CA ASP B 46 11.61 -3.28 14.17
C ASP B 46 10.38 -3.72 14.96
N GLY B 47 9.90 -4.92 14.65
CA GLY B 47 8.72 -5.43 15.28
C GLY B 47 7.48 -5.20 14.44
N SER B 48 7.66 -4.41 13.39
CA SER B 48 6.61 -4.15 12.45
C SER B 48 6.57 -5.25 11.39
N GLU B 49 5.42 -5.39 10.77
CA GLU B 49 5.25 -6.39 9.73
C GLU B 49 4.46 -5.82 8.58
N ILE B 50 4.63 -6.38 7.40
CA ILE B 50 3.95 -5.91 6.22
C ILE B 50 3.43 -7.09 5.40
N LYS B 51 2.37 -6.86 4.66
CA LYS B 51 1.74 -7.89 3.86
C LYS B 51 1.38 -7.35 2.48
N CYS B 52 1.97 -7.91 1.43
CA CYS B 52 1.71 -7.43 0.07
C CYS B 52 1.85 -8.56 -0.94
N SER B 53 1.65 -8.25 -2.20
CA SER B 53 1.83 -9.22 -3.27
C SER B 53 3.32 -9.53 -3.43
N ASP B 54 3.65 -10.51 -4.27
CA ASP B 54 5.03 -10.95 -4.42
C ASP B 54 5.90 -9.87 -5.03
N ASN B 55 5.51 -9.38 -6.19
CA ASN B 55 6.33 -8.43 -6.92
C ASN B 55 6.01 -6.99 -6.53
N HIS B 56 5.29 -6.83 -5.43
CA HIS B 56 4.95 -5.49 -4.94
C HIS B 56 6.20 -4.78 -4.44
N SER B 57 6.49 -3.63 -5.01
CA SER B 57 7.64 -2.85 -4.62
C SER B 57 7.37 -2.02 -3.38
N PHE B 58 8.44 -1.70 -2.66
CA PHE B 58 8.35 -0.90 -1.45
C PHE B 58 9.07 0.43 -1.61
N GLY B 59 10.39 0.41 -1.43
CA GLY B 59 11.18 1.62 -1.56
C GLY B 59 11.24 2.11 -2.99
N LYS B 60 11.80 3.30 -3.18
CA LYS B 60 11.86 3.93 -4.50
C LYS B 60 12.71 3.14 -5.49
N ASP B 61 13.49 2.18 -4.98
CA ASP B 61 14.31 1.32 -5.82
C ASP B 61 13.48 0.21 -6.44
N LYS B 62 12.16 0.28 -6.22
CA LYS B 62 11.23 -0.73 -6.69
C LYS B 62 11.60 -2.08 -6.09
N ILE B 63 11.84 -2.07 -4.79
CA ILE B 63 12.24 -3.26 -4.06
C ILE B 63 11.06 -4.19 -3.87
N LYS B 64 11.11 -5.34 -4.54
CA LYS B 64 10.01 -6.30 -4.51
C LYS B 64 10.05 -7.15 -3.24
N ALA B 65 8.89 -7.64 -2.83
CA ALA B 65 8.78 -8.48 -1.63
C ALA B 65 9.58 -9.77 -1.77
N SER B 66 9.66 -10.28 -3.00
CA SER B 66 10.38 -11.52 -3.25
C SER B 66 11.90 -11.33 -3.27
N THR B 67 12.36 -10.08 -3.35
CA THR B 67 13.78 -9.81 -3.42
C THR B 67 14.34 -9.49 -2.03
N ILE B 68 13.44 -9.38 -1.07
CA ILE B 68 13.81 -9.03 0.29
C ILE B 68 14.23 -10.28 1.06
N LYS B 69 15.53 -10.51 1.06
CA LYS B 69 16.12 -11.66 1.72
C LYS B 69 16.27 -11.40 3.20
N VAL B 70 15.80 -12.33 4.03
CA VAL B 70 15.90 -12.22 5.47
C VAL B 70 17.34 -11.93 5.91
N GLY B 71 17.50 -10.88 6.70
CA GLY B 71 18.80 -10.44 7.12
C GLY B 71 19.18 -9.11 6.51
N ASP B 72 18.49 -8.77 5.43
CA ASP B 72 18.70 -7.49 4.75
C ASP B 72 17.89 -6.41 5.44
N TYR B 73 18.31 -5.16 5.28
CA TYR B 73 17.60 -4.06 5.90
C TYR B 73 16.75 -3.31 4.88
N LEU B 74 15.50 -3.10 5.23
CA LEU B 74 14.61 -2.29 4.42
C LEU B 74 14.33 -1.00 5.17
N GLN B 75 14.90 0.10 4.66
CA GLN B 75 14.69 1.42 5.25
C GLN B 75 15.19 1.48 6.70
N GLY B 76 16.19 0.66 7.00
CA GLY B 76 16.78 0.66 8.32
C GLY B 76 16.30 -0.49 9.18
N LYS B 77 15.31 -1.22 8.71
CA LYS B 77 14.74 -2.31 9.49
C LYS B 77 15.09 -3.66 8.86
N LYS B 78 15.72 -4.51 9.64
CA LYS B 78 16.13 -5.82 9.16
C LYS B 78 14.94 -6.75 9.02
N VAL B 79 14.81 -7.37 7.88
CA VAL B 79 13.78 -8.38 7.66
C VAL B 79 14.19 -9.69 8.33
N LEU B 80 13.34 -10.17 9.22
CA LEU B 80 13.62 -11.41 9.92
C LEU B 80 12.78 -12.55 9.36
N TYR B 81 11.62 -12.21 8.81
CA TYR B 81 10.67 -13.20 8.35
C TYR B 81 10.06 -12.75 7.03
N ASN B 82 10.07 -13.64 6.05
CA ASN B 82 9.49 -13.36 4.74
C ASN B 82 8.84 -14.62 4.19
N GLU B 83 7.59 -14.85 4.56
CA GLU B 83 6.89 -16.04 4.13
C GLU B 83 5.94 -15.73 2.98
N ILE B 84 5.88 -16.62 2.01
CA ILE B 84 4.88 -16.56 0.98
C ILE B 84 3.67 -17.35 1.42
N VAL B 85 2.66 -16.65 1.90
CA VAL B 85 1.46 -17.31 2.36
C VAL B 85 0.43 -17.31 1.24
N GLU B 86 0.18 -18.49 0.71
CA GLU B 86 -0.66 -18.65 -0.45
C GLU B 86 -2.12 -18.79 -0.04
N GLU B 87 -2.66 -17.68 0.44
CA GLU B 87 -4.06 -17.61 0.84
C GLU B 87 -4.69 -16.38 0.22
N GLY B 88 -5.89 -16.56 -0.32
CA GLY B 88 -6.59 -15.46 -0.96
C GLY B 88 -6.90 -14.33 -0.02
N ILE B 89 -6.66 -13.13 -0.48
CA ILE B 89 -6.83 -11.94 0.33
C ILE B 89 -7.09 -10.74 -0.58
N TYR B 90 -7.79 -9.75 -0.04
CA TYR B 90 -8.03 -8.51 -0.77
C TYR B 90 -6.81 -7.61 -0.65
N LEU B 91 -6.40 -7.06 -1.77
CA LEU B 91 -5.24 -6.20 -1.83
C LEU B 91 -5.62 -4.82 -2.36
N TYR B 92 -4.98 -3.81 -1.79
CA TYR B 92 -5.28 -2.41 -2.11
C TYR B 92 -3.97 -1.66 -2.28
N ASP B 93 -3.92 -0.73 -3.21
CA ASP B 93 -2.71 0.07 -3.41
C ASP B 93 -3.10 1.44 -3.95
N LEU B 94 -2.24 2.44 -3.72
CA LEU B 94 -2.55 3.81 -4.12
C LEU B 94 -2.00 4.11 -5.49
N LEU B 95 -2.68 5.01 -6.19
CA LEU B 95 -2.25 5.41 -7.52
C LEU B 95 -1.90 6.89 -7.54
N ASN B 96 -0.69 7.20 -8.01
CA ASN B 96 -0.22 8.58 -8.17
C ASN B 96 -0.24 9.33 -6.84
N VAL B 97 0.83 9.23 -6.07
CA VAL B 97 0.88 9.86 -4.77
C VAL B 97 1.92 10.98 -4.75
N GLY B 98 1.44 12.20 -4.55
CA GLY B 98 2.32 13.36 -4.50
C GLY B 98 3.15 13.51 -5.74
N GLU B 99 4.46 13.51 -5.56
CA GLU B 99 5.39 13.62 -6.68
C GLU B 99 6.39 12.47 -6.61
N ASP B 100 6.05 11.46 -5.83
CA ASP B 100 7.01 10.43 -5.47
C ASP B 100 6.46 9.03 -5.68
N ASN B 101 5.21 8.83 -5.26
CA ASN B 101 4.55 7.53 -5.29
C ASN B 101 5.14 6.59 -4.23
N LEU B 102 5.53 7.18 -3.10
CA LEU B 102 5.97 6.43 -1.94
C LEU B 102 5.12 6.86 -0.75
N TYR B 103 4.65 5.90 0.06
CA TYR B 103 3.79 6.24 1.19
C TYR B 103 4.01 5.29 2.36
N TYR B 104 3.83 5.82 3.57
CA TYR B 104 4.09 5.07 4.80
C TYR B 104 2.97 4.08 5.13
N THR B 105 3.34 2.81 5.22
CA THR B 105 2.43 1.76 5.59
C THR B 105 3.03 0.90 6.70
N ASN B 106 2.40 0.90 7.87
CA ASN B 106 2.93 0.18 9.04
C ASN B 106 4.35 0.64 9.40
N GLY B 107 4.67 1.88 9.05
CA GLY B 107 6.00 2.40 9.29
C GLY B 107 6.97 2.11 8.15
N ILE B 108 6.49 1.36 7.16
CA ILE B 108 7.29 0.99 6.02
C ILE B 108 6.89 1.81 4.80
N VAL B 109 7.86 2.41 4.14
CA VAL B 109 7.60 3.13 2.90
C VAL B 109 7.21 2.15 1.80
N SER B 110 5.96 2.23 1.38
CA SER B 110 5.43 1.37 0.34
C SER B 110 5.39 2.14 -0.97
N HIS B 111 5.19 1.42 -2.07
CA HIS B 111 5.24 2.02 -3.39
C HIS B 111 3.83 2.10 -3.98
N ALA B 112 3.55 3.23 -4.62
CA ALA B 112 2.29 3.43 -5.32
C ALA B 112 2.56 3.49 -6.82
N CYS B 113 1.62 3.00 -7.62
CA CYS B 113 1.81 3.00 -9.06
C CYS B 113 1.50 4.38 -9.64
N GLU B 114 2.43 4.91 -10.41
CA GLU B 114 2.26 6.22 -11.03
C GLU B 114 1.43 6.10 -12.31
N SER B 115 0.12 6.08 -12.16
CA SER B 115 -0.78 5.96 -13.27
C SER B 115 -2.10 6.66 -12.98
N ARG B 116 -2.62 7.35 -14.00
CA ARG B 116 -3.86 8.11 -13.88
C ARG B 116 -3.75 9.18 -12.79
N GLY B 117 -2.89 10.15 -13.04
CA GLY B 117 -2.75 11.26 -12.11
C GLY B 117 -3.92 12.21 -12.18
N LYS B 118 -4.35 12.51 -13.39
CA LYS B 118 -5.51 13.38 -13.61
C LYS B 118 -6.41 12.76 -14.67
N GLU A 1 1.69 -8.18 -13.01
CA GLU A 1 2.37 -7.07 -12.31
C GLU A 1 1.43 -6.41 -11.30
N PHE A 2 0.84 -7.23 -10.44
CA PHE A 2 -0.14 -6.74 -9.47
C PHE A 2 0.56 -6.31 -8.18
N GLU A 3 0.87 -5.02 -8.10
CA GLU A 3 1.49 -4.47 -6.90
C GLU A 3 0.42 -3.90 -5.97
N ALA A 4 0.38 -4.42 -4.74
CA ALA A 4 -0.57 -3.96 -3.74
C ALA A 4 -0.20 -4.48 -2.36
N LEU A 5 -0.83 -3.91 -1.33
CA LEU A 5 -0.62 -4.33 0.06
C LEU A 5 -1.93 -4.82 0.66
N SER A 6 -1.86 -5.65 1.69
CA SER A 6 -3.06 -6.19 2.33
C SER A 6 -3.86 -5.09 3.01
N GLY A 7 -5.16 -5.33 3.14
CA GLY A 7 -6.09 -4.31 3.61
C GLY A 7 -5.89 -3.90 5.06
N ASP A 8 -5.21 -4.73 5.84
CA ASP A 8 -5.03 -4.47 7.26
C ASP A 8 -3.86 -3.52 7.50
N THR A 9 -3.17 -3.19 6.41
CA THR A 9 -2.05 -2.27 6.47
C THR A 9 -2.51 -0.90 6.96
N MET A 10 -1.90 -0.45 8.05
CA MET A 10 -2.30 0.80 8.69
C MET A 10 -1.65 1.98 8.00
N ILE A 11 -2.43 3.02 7.77
CA ILE A 11 -1.93 4.25 7.19
C ILE A 11 -2.49 5.44 7.95
N GLU A 12 -1.87 6.60 7.75
CA GLU A 12 -2.32 7.81 8.39
C GLU A 12 -2.65 8.84 7.33
N ILE A 13 -3.91 9.26 7.30
CA ILE A 13 -4.37 10.15 6.25
C ILE A 13 -4.77 11.50 6.80
N LEU A 14 -4.81 12.47 5.91
CA LEU A 14 -5.30 13.79 6.23
C LEU A 14 -6.45 14.14 5.29
N ASP A 15 -7.63 14.26 5.85
CA ASP A 15 -8.83 14.54 5.07
C ASP A 15 -8.89 16.01 4.67
N ASP A 16 -9.72 16.33 3.68
CA ASP A 16 -9.87 17.72 3.22
C ASP A 16 -10.27 18.64 4.35
N ASP A 17 -11.03 18.10 5.30
CA ASP A 17 -11.50 18.86 6.45
C ASP A 17 -10.34 19.19 7.40
N GLY A 18 -9.19 18.58 7.15
CA GLY A 18 -8.03 18.77 7.99
C GLY A 18 -7.97 17.76 9.09
N ILE A 19 -8.64 16.65 8.88
CA ILE A 19 -8.73 15.59 9.86
C ILE A 19 -7.68 14.52 9.63
N ILE A 20 -6.91 14.25 10.67
CA ILE A 20 -5.96 13.15 10.67
C ILE A 20 -6.68 11.86 11.05
N GLN A 21 -6.50 10.82 10.27
CA GLN A 21 -7.17 9.57 10.55
C GLN A 21 -6.22 8.40 10.35
N LYS A 22 -6.09 7.58 11.38
CA LYS A 22 -5.24 6.40 11.33
C LYS A 22 -6.09 5.17 11.07
N ILE A 23 -6.11 4.73 9.83
CA ILE A 23 -6.97 3.63 9.41
C ILE A 23 -6.24 2.70 8.47
N SER A 24 -6.76 1.50 8.31
CA SER A 24 -6.17 0.53 7.41
C SER A 24 -6.46 0.89 5.96
N MET A 25 -5.63 0.41 5.05
CA MET A 25 -5.79 0.66 3.63
C MET A 25 -7.19 0.28 3.16
N GLU A 26 -7.71 -0.84 3.67
CA GLU A 26 -9.04 -1.29 3.30
C GLU A 26 -10.11 -0.31 3.80
N ASP A 27 -9.89 0.25 4.97
CA ASP A 27 -10.84 1.19 5.55
C ASP A 27 -10.86 2.47 4.73
N LEU A 28 -9.69 2.84 4.23
CA LEU A 28 -9.56 3.99 3.35
C LEU A 28 -10.32 3.76 2.05
N TYR A 29 -10.25 2.52 1.56
CA TYR A 29 -11.02 2.13 0.37
C TYR A 29 -12.49 2.30 0.64
N GLN A 30 -12.92 1.82 1.80
CA GLN A 30 -14.31 1.92 2.21
C GLN A 30 -14.72 3.38 2.37
N ARG A 31 -13.75 4.22 2.65
CA ARG A 31 -14.00 5.64 2.89
C ARG A 31 -14.18 6.39 1.58
N LEU A 32 -13.83 5.73 0.49
CA LEU A 32 -14.00 6.30 -0.85
C LEU A 32 -15.01 5.48 -1.65
N ALA A 33 -15.65 4.54 -0.97
CA ALA A 33 -16.64 3.69 -1.59
C ALA A 33 -18.05 4.20 -1.28
N ASP B 1 -27.06 -5.35 -0.07
CA ASP B 1 -26.24 -6.33 -0.82
C ASP B 1 -25.21 -5.62 -1.69
N TYR B 2 -25.68 -4.97 -2.74
CA TYR B 2 -24.83 -4.16 -3.63
C TYR B 2 -23.59 -4.92 -4.10
N LYS B 3 -23.80 -6.07 -4.71
CA LYS B 3 -22.70 -6.83 -5.29
C LYS B 3 -22.43 -6.36 -6.71
N ASP B 4 -21.69 -5.25 -6.82
CA ASP B 4 -21.37 -4.70 -8.13
C ASP B 4 -20.32 -5.55 -8.84
N ASP B 5 -20.77 -6.37 -9.77
CA ASP B 5 -19.85 -7.14 -10.62
C ASP B 5 -19.13 -6.19 -11.56
N ASP B 6 -19.78 -5.06 -11.85
CA ASP B 6 -19.23 -4.06 -12.74
C ASP B 6 -18.41 -3.03 -11.97
N ASP B 7 -18.16 -3.31 -10.70
CA ASP B 7 -17.35 -2.44 -9.86
C ASP B 7 -15.95 -2.33 -10.44
N LYS B 8 -15.45 -1.11 -10.58
CA LYS B 8 -14.18 -0.89 -11.24
C LYS B 8 -13.00 -1.16 -10.32
N MET B 9 -13.31 -1.62 -9.10
CA MET B 9 -12.32 -1.99 -8.07
C MET B 9 -11.32 -0.87 -7.80
N PHE B 10 -11.65 0.33 -8.23
CA PHE B 10 -10.77 1.48 -8.08
C PHE B 10 -11.58 2.71 -7.72
N LYS B 11 -11.39 3.19 -6.49
CA LYS B 11 -12.14 4.32 -6.01
C LYS B 11 -11.29 5.58 -6.09
N LEU B 12 -11.82 6.60 -6.74
CA LEU B 12 -11.09 7.85 -6.93
C LEU B 12 -11.12 8.70 -5.67
N ASN B 13 -10.05 9.44 -5.45
CA ASN B 13 -9.92 10.32 -4.31
C ASN B 13 -10.58 11.66 -4.60
N THR B 14 -11.90 11.64 -4.72
CA THR B 14 -12.67 12.84 -4.99
C THR B 14 -13.04 13.58 -3.71
N LYS B 15 -12.33 13.28 -2.63
CA LYS B 15 -12.60 13.90 -1.35
C LYS B 15 -11.33 14.57 -0.80
N ASN B 16 -10.39 14.79 -1.72
CA ASN B 16 -9.12 15.47 -1.44
C ASN B 16 -8.43 14.93 -0.19
N ILE B 17 -8.39 13.61 -0.08
CA ILE B 17 -7.70 12.97 1.03
C ILE B 17 -6.20 12.90 0.73
N LYS B 18 -5.39 13.00 1.75
CA LYS B 18 -3.96 12.92 1.59
C LYS B 18 -3.40 11.86 2.51
N VAL B 19 -2.31 11.24 2.11
CA VAL B 19 -1.71 10.16 2.87
C VAL B 19 -0.33 10.57 3.35
N LEU B 20 0.06 10.09 4.52
CA LEU B 20 1.35 10.40 5.09
C LEU B 20 2.47 9.76 4.28
N THR B 21 3.27 10.59 3.63
CA THR B 21 4.40 10.12 2.87
C THR B 21 5.68 10.69 3.46
N PRO B 22 6.85 10.20 3.01
CA PRO B 22 8.14 10.81 3.39
C PRO B 22 8.22 12.29 2.99
N SER B 23 7.33 12.71 2.10
CA SER B 23 7.25 14.09 1.66
C SER B 23 6.15 14.83 2.44
N GLY B 24 5.56 14.15 3.40
CA GLY B 24 4.48 14.71 4.17
C GLY B 24 3.14 14.19 3.71
N PHE B 25 2.06 14.78 4.20
CA PHE B 25 0.73 14.38 3.75
C PHE B 25 0.48 14.84 2.32
N LYS B 26 0.48 13.89 1.41
CA LYS B 26 0.34 14.19 -0.01
C LYS B 26 -0.90 13.52 -0.59
N SER B 27 -1.52 14.17 -1.56
CA SER B 27 -2.76 13.69 -2.15
C SER B 27 -2.48 12.60 -3.19
N PHE B 28 -3.35 11.62 -3.24
CA PHE B 28 -3.26 10.54 -4.20
C PHE B 28 -4.47 10.58 -5.15
N SER B 29 -4.36 9.91 -6.28
CA SER B 29 -5.44 9.90 -7.27
C SER B 29 -6.59 9.00 -6.82
N GLY B 30 -6.25 7.85 -6.27
CA GLY B 30 -7.27 6.93 -5.83
C GLY B 30 -6.68 5.65 -5.27
N ILE B 31 -7.54 4.70 -4.94
CA ILE B 31 -7.11 3.45 -4.34
C ILE B 31 -7.80 2.27 -5.02
N GLN B 32 -7.03 1.21 -5.29
CA GLN B 32 -7.56 0.07 -6.03
C GLN B 32 -7.52 -1.20 -5.18
N LYS B 33 -8.50 -2.07 -5.39
CA LYS B 33 -8.55 -3.37 -4.74
C LYS B 33 -8.31 -4.49 -5.74
N VAL B 34 -7.41 -5.39 -5.41
CA VAL B 34 -7.15 -6.56 -6.24
C VAL B 34 -7.16 -7.81 -5.36
N TYR B 35 -7.62 -8.92 -5.92
CA TYR B 35 -7.66 -10.16 -5.17
C TYR B 35 -6.38 -10.97 -5.44
N LYS B 36 -5.72 -11.36 -4.37
CA LYS B 36 -4.49 -12.11 -4.49
C LYS B 36 -4.63 -13.45 -3.78
N PRO B 37 -4.35 -14.56 -4.48
CA PRO B 37 -4.46 -15.90 -3.91
C PRO B 37 -3.25 -16.29 -3.05
N PHE B 38 -2.37 -15.33 -2.82
CA PHE B 38 -1.21 -15.52 -1.97
C PHE B 38 -0.52 -14.19 -1.70
N TYR B 39 0.15 -14.08 -0.57
CA TYR B 39 0.83 -12.85 -0.23
C TYR B 39 2.05 -13.13 0.65
N HIS B 40 2.88 -12.13 0.85
CA HIS B 40 4.06 -12.25 1.69
C HIS B 40 3.80 -11.60 3.03
N HIS B 41 4.07 -12.35 4.10
CA HIS B 41 3.97 -11.79 5.44
C HIS B 41 5.36 -11.53 5.98
N ILE B 42 5.77 -10.28 5.91
CA ILE B 42 7.13 -9.90 6.29
C ILE B 42 7.16 -9.28 7.68
N ILE B 43 8.14 -9.69 8.47
CA ILE B 43 8.35 -9.10 9.79
C ILE B 43 9.80 -8.63 9.90
N PHE B 44 9.99 -7.43 10.45
CA PHE B 44 11.31 -6.85 10.53
C PHE B 44 11.85 -6.91 11.95
N ASP B 45 13.17 -6.75 12.06
CA ASP B 45 13.86 -6.70 13.35
C ASP B 45 13.41 -5.48 14.14
N ASP B 46 12.73 -4.58 13.45
CA ASP B 46 12.16 -3.39 14.06
C ASP B 46 10.92 -3.77 14.88
N GLY B 47 10.39 -4.96 14.62
CA GLY B 47 9.20 -5.42 15.29
C GLY B 47 7.97 -5.20 14.46
N SER B 48 8.11 -4.40 13.41
CA SER B 48 7.03 -4.09 12.51
C SER B 48 6.84 -5.21 11.49
N GLU B 49 5.68 -5.22 10.86
CA GLU B 49 5.37 -6.23 9.87
C GLU B 49 4.65 -5.60 8.69
N ILE B 50 4.61 -6.32 7.58
CA ILE B 50 3.86 -5.88 6.42
C ILE B 50 3.32 -7.09 5.66
N LYS B 51 2.08 -7.01 5.24
CA LYS B 51 1.48 -8.02 4.39
C LYS B 51 1.34 -7.46 2.98
N CYS B 52 2.05 -8.04 2.03
CA CYS B 52 2.14 -7.46 0.70
C CYS B 52 2.10 -8.50 -0.40
N SER B 53 2.03 -8.02 -1.64
CA SER B 53 2.05 -8.89 -2.81
C SER B 53 3.47 -9.41 -3.04
N ASP B 54 3.69 -10.01 -4.20
CA ASP B 54 4.99 -10.60 -4.50
C ASP B 54 5.92 -9.60 -5.18
N ASN B 55 5.49 -9.05 -6.30
CA ASN B 55 6.35 -8.17 -7.08
C ASN B 55 6.14 -6.71 -6.72
N HIS B 56 5.61 -6.46 -5.53
CA HIS B 56 5.36 -5.08 -5.10
C HIS B 56 6.63 -4.46 -4.55
N SER B 57 6.97 -3.30 -5.07
CA SER B 57 8.14 -2.55 -4.64
C SER B 57 7.83 -1.69 -3.43
N PHE B 58 8.81 -1.57 -2.55
CA PHE B 58 8.68 -0.80 -1.32
C PHE B 58 9.41 0.53 -1.41
N GLY B 59 10.71 0.51 -1.10
CA GLY B 59 11.49 1.73 -1.12
C GLY B 59 11.65 2.30 -2.52
N LYS B 60 12.19 3.51 -2.60
CA LYS B 60 12.35 4.19 -3.89
C LYS B 60 13.31 3.44 -4.81
N ASP B 61 14.04 2.48 -4.24
CA ASP B 61 15.00 1.70 -5.01
C ASP B 61 14.32 0.56 -5.77
N LYS B 62 12.98 0.65 -5.85
CA LYS B 62 12.18 -0.29 -6.62
C LYS B 62 12.38 -1.70 -6.09
N ILE B 63 12.36 -1.82 -4.78
CA ILE B 63 12.67 -3.08 -4.11
C ILE B 63 11.41 -3.93 -3.97
N LYS B 64 11.36 -5.03 -4.72
CA LYS B 64 10.20 -5.91 -4.71
C LYS B 64 10.22 -6.83 -3.49
N ALA B 65 9.01 -7.17 -3.02
CA ALA B 65 8.83 -8.01 -1.84
C ALA B 65 9.48 -9.38 -2.01
N SER B 66 9.44 -9.90 -3.22
CA SER B 66 10.05 -11.19 -3.52
C SER B 66 11.57 -11.12 -3.43
N THR B 67 12.12 -9.97 -3.79
CA THR B 67 13.56 -9.75 -3.75
C THR B 67 14.03 -9.61 -2.30
N ILE B 68 13.12 -9.20 -1.45
CA ILE B 68 13.40 -9.10 -0.03
C ILE B 68 13.37 -10.47 0.61
N LYS B 69 14.52 -10.93 1.05
CA LYS B 69 14.63 -12.22 1.69
C LYS B 69 15.27 -12.06 3.06
N VAL B 70 14.91 -12.96 3.97
CA VAL B 70 15.37 -12.89 5.36
C VAL B 70 16.87 -12.62 5.45
N GLY B 71 17.23 -11.59 6.21
CA GLY B 71 18.61 -11.19 6.32
C GLY B 71 18.87 -9.86 5.66
N ASP B 72 18.01 -9.51 4.70
CA ASP B 72 18.09 -8.22 4.02
C ASP B 72 17.57 -7.12 4.92
N TYR B 73 17.78 -5.88 4.50
CA TYR B 73 17.32 -4.75 5.28
C TYR B 73 16.57 -3.76 4.40
N LEU B 74 15.37 -3.42 4.85
CA LEU B 74 14.54 -2.47 4.15
C LEU B 74 14.44 -1.19 4.96
N GLN B 75 15.05 -0.12 4.45
CA GLN B 75 15.00 1.18 5.10
C GLN B 75 15.58 1.12 6.51
N GLY B 76 16.59 0.28 6.69
CA GLY B 76 17.26 0.18 7.96
C GLY B 76 16.73 -0.96 8.82
N LYS B 77 15.65 -1.59 8.39
CA LYS B 77 15.04 -2.64 9.18
C LYS B 77 15.25 -3.99 8.53
N LYS B 78 15.90 -4.89 9.25
CA LYS B 78 16.21 -6.22 8.73
C LYS B 78 14.96 -7.08 8.70
N VAL B 79 14.77 -7.76 7.58
CA VAL B 79 13.68 -8.72 7.46
C VAL B 79 14.08 -10.04 8.12
N LEU B 80 13.35 -10.40 9.16
CA LEU B 80 13.63 -11.63 9.88
C LEU B 80 12.68 -12.74 9.43
N TYR B 81 11.54 -12.33 8.90
CA TYR B 81 10.50 -13.27 8.52
C TYR B 81 9.85 -12.82 7.22
N ASN B 82 9.72 -13.75 6.29
CA ASN B 82 9.07 -13.47 5.01
C ASN B 82 8.45 -14.74 4.48
N GLU B 83 7.27 -15.06 4.97
CA GLU B 83 6.59 -16.29 4.60
C GLU B 83 5.62 -16.02 3.45
N ILE B 84 5.67 -16.89 2.45
CA ILE B 84 4.71 -16.85 1.38
C ILE B 84 3.49 -17.65 1.77
N VAL B 85 2.46 -16.97 2.19
CA VAL B 85 1.25 -17.61 2.62
C VAL B 85 0.23 -17.59 1.49
N GLU B 86 -0.09 -18.77 1.00
CA GLU B 86 -0.91 -18.93 -0.18
C GLU B 86 -2.39 -18.95 0.19
N GLU B 87 -2.85 -17.83 0.72
CA GLU B 87 -4.23 -17.67 1.12
C GLU B 87 -4.86 -16.52 0.35
N GLY B 88 -6.09 -16.76 -0.12
CA GLY B 88 -6.80 -15.74 -0.87
C GLY B 88 -7.14 -14.54 -0.01
N ILE B 89 -6.68 -13.39 -0.44
CA ILE B 89 -6.84 -12.16 0.32
C ILE B 89 -7.02 -10.99 -0.64
N TYR B 90 -7.69 -9.95 -0.16
CA TYR B 90 -7.87 -8.75 -0.97
C TYR B 90 -6.79 -7.73 -0.65
N LEU B 91 -6.15 -7.25 -1.69
CA LEU B 91 -5.05 -6.31 -1.57
C LEU B 91 -5.48 -4.94 -2.09
N TYR B 92 -4.88 -3.91 -1.54
CA TYR B 92 -5.22 -2.54 -1.88
C TYR B 92 -3.94 -1.73 -2.07
N ASP B 93 -3.96 -0.78 -2.98
CA ASP B 93 -2.82 0.11 -3.16
C ASP B 93 -3.26 1.47 -3.69
N LEU B 94 -2.35 2.42 -3.67
CA LEU B 94 -2.66 3.79 -4.04
C LEU B 94 -2.09 4.12 -5.41
N LEU B 95 -2.84 4.89 -6.17
CA LEU B 95 -2.41 5.30 -7.50
C LEU B 95 -2.02 6.77 -7.48
N ASN B 96 -0.78 7.06 -7.91
CA ASN B 96 -0.24 8.42 -7.98
C ASN B 96 -0.31 9.13 -6.64
N VAL B 97 0.78 9.09 -5.88
CA VAL B 97 0.81 9.72 -4.57
C VAL B 97 1.75 10.92 -4.56
N GLY B 98 1.16 12.10 -4.41
CA GLY B 98 1.94 13.32 -4.39
C GLY B 98 2.74 13.50 -5.66
N GLU B 99 4.04 13.71 -5.50
CA GLU B 99 4.94 13.87 -6.64
C GLU B 99 6.17 13.01 -6.45
N ASP B 100 6.01 11.93 -5.69
CA ASP B 100 7.14 11.05 -5.36
C ASP B 100 6.74 9.58 -5.40
N ASN B 101 5.46 9.31 -5.09
CA ASN B 101 4.87 7.97 -5.17
C ASN B 101 5.38 7.03 -4.07
N LEU B 102 5.99 7.60 -3.05
CA LEU B 102 6.38 6.84 -1.86
C LEU B 102 5.46 7.23 -0.71
N TYR B 103 5.00 6.25 0.05
CA TYR B 103 4.01 6.49 1.11
C TYR B 103 4.26 5.56 2.30
N TYR B 104 3.84 5.99 3.48
CA TYR B 104 4.05 5.21 4.70
C TYR B 104 2.95 4.17 4.91
N THR B 105 3.36 2.93 4.99
CA THR B 105 2.45 1.83 5.29
C THR B 105 2.97 1.00 6.45
N ASN B 106 2.25 1.01 7.57
CA ASN B 106 2.72 0.36 8.81
C ASN B 106 4.02 0.98 9.30
N GLY B 107 4.27 2.22 8.89
CA GLY B 107 5.53 2.87 9.19
C GLY B 107 6.62 2.51 8.19
N ILE B 108 6.27 1.68 7.22
CA ILE B 108 7.21 1.23 6.20
C ILE B 108 6.90 1.94 4.89
N VAL B 109 7.91 2.53 4.28
CA VAL B 109 7.71 3.24 3.02
C VAL B 109 7.47 2.26 1.88
N SER B 110 6.32 2.40 1.25
CA SER B 110 5.95 1.56 0.10
C SER B 110 5.97 2.41 -1.17
N HIS B 111 5.93 1.74 -2.32
CA HIS B 111 6.05 2.42 -3.61
C HIS B 111 4.75 2.28 -4.41
N ALA B 112 4.07 3.39 -4.59
CA ALA B 112 2.80 3.40 -5.29
C ALA B 112 3.01 3.34 -6.80
N CYS B 113 1.94 3.04 -7.54
CA CYS B 113 2.02 2.95 -8.98
C CYS B 113 1.24 4.10 -9.60
N GLU B 114 1.65 4.50 -10.80
CA GLU B 114 0.95 5.58 -11.50
C GLU B 114 -0.22 5.01 -12.29
N SER B 115 -1.27 5.80 -12.42
CA SER B 115 -2.44 5.40 -13.16
C SER B 115 -2.41 6.03 -14.54
N ARG B 116 -2.91 5.31 -15.54
CA ARG B 116 -2.88 5.79 -16.91
C ARG B 116 -4.19 6.48 -17.28
N GLY B 117 -4.48 7.57 -16.57
CA GLY B 117 -5.69 8.33 -16.85
C GLY B 117 -5.46 9.34 -17.96
N LYS B 118 -4.99 8.86 -19.09
CA LYS B 118 -4.70 9.72 -20.23
C LYS B 118 -5.85 9.70 -21.22
N GLU A 1 -3.13 -5.06 -11.33
CA GLU A 1 -3.11 -6.27 -10.48
C GLU A 1 -1.76 -6.43 -9.76
N PHE A 2 -0.78 -5.65 -10.16
CA PHE A 2 0.54 -5.74 -9.55
C PHE A 2 0.77 -4.57 -8.62
N GLU A 3 1.57 -4.80 -7.57
CA GLU A 3 1.91 -3.79 -6.57
C GLU A 3 0.70 -3.40 -5.74
N ALA A 4 0.56 -4.02 -4.57
CA ALA A 4 -0.51 -3.68 -3.64
C ALA A 4 -0.23 -4.24 -2.24
N LEU A 5 -0.88 -3.67 -1.23
CA LEU A 5 -0.77 -4.14 0.15
C LEU A 5 -2.05 -4.87 0.54
N SER A 6 -1.97 -5.74 1.53
CA SER A 6 -3.15 -6.39 2.06
C SER A 6 -4.00 -5.36 2.81
N GLY A 7 -5.32 -5.57 2.79
CA GLY A 7 -6.24 -4.63 3.41
C GLY A 7 -6.04 -4.48 4.90
N ASP A 8 -5.34 -5.43 5.49
CA ASP A 8 -5.06 -5.43 6.92
C ASP A 8 -3.96 -4.42 7.26
N THR A 9 -3.28 -3.93 6.22
CA THR A 9 -2.19 -2.99 6.38
C THR A 9 -2.70 -1.63 6.85
N MET A 10 -2.02 -1.05 7.83
CA MET A 10 -2.43 0.21 8.43
C MET A 10 -1.65 1.38 7.85
N ILE A 11 -2.35 2.45 7.55
CA ILE A 11 -1.75 3.66 7.01
C ILE A 11 -2.19 4.87 7.79
N GLU A 12 -1.57 6.01 7.53
CA GLU A 12 -1.91 7.23 8.21
C GLU A 12 -2.25 8.30 7.18
N ILE A 13 -3.46 8.82 7.27
CA ILE A 13 -3.93 9.77 6.29
C ILE A 13 -4.25 11.12 6.92
N LEU A 14 -4.33 12.11 6.06
CA LEU A 14 -4.72 13.45 6.43
C LEU A 14 -5.96 13.84 5.63
N ASP A 15 -7.09 13.89 6.31
CA ASP A 15 -8.37 14.16 5.66
C ASP A 15 -8.45 15.62 5.20
N ASP A 16 -9.47 15.97 4.43
CA ASP A 16 -9.57 17.30 3.84
C ASP A 16 -9.55 18.39 4.90
N ASP A 17 -10.23 18.13 6.01
CA ASP A 17 -10.35 19.12 7.08
C ASP A 17 -9.08 19.18 7.92
N GLY A 18 -8.04 18.51 7.47
CA GLY A 18 -6.78 18.52 8.18
C GLY A 18 -6.80 17.59 9.37
N ILE A 19 -7.55 16.51 9.23
CA ILE A 19 -7.67 15.53 10.30
C ILE A 19 -6.78 14.32 10.03
N ILE A 20 -5.89 14.04 10.96
CA ILE A 20 -5.05 12.86 10.88
C ILE A 20 -5.85 11.64 11.31
N GLN A 21 -5.71 10.56 10.57
CA GLN A 21 -6.45 9.35 10.87
C GLN A 21 -5.69 8.11 10.41
N LYS A 22 -5.49 7.19 11.33
CA LYS A 22 -4.79 5.95 11.05
C LYS A 22 -5.79 4.84 10.78
N ILE A 23 -5.81 4.36 9.55
CA ILE A 23 -6.78 3.36 9.11
C ILE A 23 -6.13 2.35 8.20
N SER A 24 -6.77 1.22 8.02
CA SER A 24 -6.25 0.19 7.14
C SER A 24 -6.43 0.58 5.69
N MET A 25 -5.61 0.01 4.81
CA MET A 25 -5.71 0.28 3.38
C MET A 25 -7.12 -0.01 2.86
N GLU A 26 -7.71 -1.08 3.36
CA GLU A 26 -9.06 -1.46 2.96
C GLU A 26 -10.08 -0.46 3.50
N ASP A 27 -9.80 0.10 4.67
CA ASP A 27 -10.72 1.04 5.29
C ASP A 27 -10.74 2.35 4.52
N LEU A 28 -9.61 2.68 3.90
CA LEU A 28 -9.54 3.84 3.02
C LEU A 28 -10.39 3.58 1.77
N TYR A 29 -10.35 2.34 1.31
CA TYR A 29 -11.14 1.94 0.15
C TYR A 29 -12.62 2.03 0.48
N GLN A 30 -13.00 1.52 1.64
CA GLN A 30 -14.38 1.55 2.08
C GLN A 30 -14.82 2.99 2.38
N ARG A 31 -13.83 3.84 2.59
CA ARG A 31 -14.05 5.25 2.85
C ARG A 31 -14.48 5.96 1.58
N LEU A 32 -13.99 5.46 0.45
CA LEU A 32 -14.26 6.06 -0.84
C LEU A 32 -15.28 5.24 -1.63
N ALA A 33 -15.82 4.21 -1.01
CA ALA A 33 -16.78 3.34 -1.67
C ALA A 33 -18.21 3.72 -1.26
N ASP B 1 -22.98 -6.80 -0.10
CA ASP B 1 -23.43 -8.10 -0.61
C ASP B 1 -23.93 -7.99 -2.05
N TYR B 2 -24.79 -7.01 -2.31
CA TYR B 2 -25.34 -6.82 -3.64
C TYR B 2 -24.53 -5.80 -4.43
N LYS B 3 -23.22 -5.98 -4.43
CA LYS B 3 -22.32 -5.09 -5.15
C LYS B 3 -21.78 -5.82 -6.39
N ASP B 4 -22.69 -6.21 -7.27
CA ASP B 4 -22.33 -6.98 -8.45
C ASP B 4 -21.75 -6.08 -9.53
N ASP B 5 -22.33 -4.91 -9.67
CA ASP B 5 -21.85 -3.95 -10.65
C ASP B 5 -21.23 -2.77 -9.92
N ASP B 6 -20.08 -3.02 -9.32
CA ASP B 6 -19.34 -2.01 -8.56
C ASP B 6 -18.88 -0.89 -9.48
N ASP B 7 -18.96 0.35 -8.99
CA ASP B 7 -18.56 1.52 -9.77
C ASP B 7 -17.05 1.65 -9.79
N LYS B 8 -16.40 0.80 -10.59
CA LYS B 8 -14.95 0.82 -10.79
C LYS B 8 -14.20 0.39 -9.53
N MET B 9 -13.36 -0.65 -9.66
CA MET B 9 -12.58 -1.17 -8.55
C MET B 9 -11.58 -0.13 -8.06
N PHE B 10 -11.40 0.90 -8.86
CA PHE B 10 -10.57 2.03 -8.50
C PHE B 10 -11.45 3.18 -8.01
N LYS B 11 -11.34 3.52 -6.74
CA LYS B 11 -12.15 4.56 -6.14
C LYS B 11 -11.39 5.88 -6.16
N LEU B 12 -12.09 6.94 -6.52
CA LEU B 12 -11.48 8.25 -6.63
C LEU B 12 -11.44 8.96 -5.29
N ASN B 13 -10.35 9.67 -5.06
CA ASN B 13 -10.14 10.42 -3.82
C ASN B 13 -10.92 11.73 -3.84
N THR B 14 -12.24 11.63 -3.95
CA THR B 14 -13.11 12.79 -4.03
C THR B 14 -13.14 13.57 -2.71
N LYS B 15 -12.68 12.94 -1.65
CA LYS B 15 -12.68 13.57 -0.33
C LYS B 15 -11.45 14.47 -0.17
N ASN B 16 -10.55 14.37 -1.14
CA ASN B 16 -9.31 15.15 -1.15
C ASN B 16 -8.43 14.80 0.04
N ILE B 17 -8.26 13.52 0.26
CA ILE B 17 -7.44 13.01 1.35
C ILE B 17 -5.98 12.95 0.92
N LYS B 18 -5.08 13.03 1.90
CA LYS B 18 -3.65 12.89 1.64
C LYS B 18 -3.11 11.80 2.53
N VAL B 19 -2.01 11.19 2.13
CA VAL B 19 -1.46 10.07 2.87
C VAL B 19 -0.04 10.39 3.33
N LEU B 20 0.35 9.81 4.45
CA LEU B 20 1.68 10.05 5.02
C LEU B 20 2.75 9.51 4.08
N THR B 21 3.43 10.43 3.41
CA THR B 21 4.50 10.10 2.51
C THR B 21 5.83 10.55 3.09
N PRO B 22 6.96 10.02 2.59
CA PRO B 22 8.29 10.49 2.99
C PRO B 22 8.43 12.01 2.85
N SER B 23 7.70 12.58 1.90
CA SER B 23 7.76 14.01 1.63
C SER B 23 6.94 14.82 2.63
N GLY B 24 6.00 14.16 3.30
CA GLY B 24 5.19 14.83 4.30
C GLY B 24 3.77 15.08 3.84
N PHE B 25 3.03 13.99 3.61
CA PHE B 25 1.61 14.05 3.25
C PHE B 25 1.39 14.66 1.86
N LYS B 26 1.08 13.80 0.91
CA LYS B 26 0.78 14.23 -0.45
C LYS B 26 -0.57 13.68 -0.88
N SER B 27 -1.22 14.36 -1.80
CA SER B 27 -2.52 13.96 -2.29
C SER B 27 -2.39 12.88 -3.36
N PHE B 28 -3.37 11.99 -3.41
CA PHE B 28 -3.34 10.89 -4.36
C PHE B 28 -4.62 10.88 -5.21
N SER B 29 -4.54 10.24 -6.37
CA SER B 29 -5.67 10.19 -7.30
C SER B 29 -6.79 9.32 -6.75
N GLY B 30 -6.42 8.17 -6.19
CA GLY B 30 -7.40 7.26 -5.66
C GLY B 30 -6.79 5.97 -5.20
N ILE B 31 -7.62 4.96 -4.99
CA ILE B 31 -7.16 3.67 -4.49
C ILE B 31 -7.83 2.54 -5.25
N GLN B 32 -7.07 1.52 -5.61
CA GLN B 32 -7.61 0.40 -6.38
C GLN B 32 -7.57 -0.87 -5.57
N LYS B 33 -8.54 -1.74 -5.80
CA LYS B 33 -8.63 -3.01 -5.10
C LYS B 33 -8.43 -4.17 -6.08
N VAL B 34 -7.54 -5.06 -5.72
CA VAL B 34 -7.28 -6.26 -6.50
C VAL B 34 -7.34 -7.47 -5.58
N TYR B 35 -7.42 -8.66 -6.14
CA TYR B 35 -7.48 -9.87 -5.35
C TYR B 35 -6.30 -10.78 -5.70
N LYS B 36 -5.63 -11.31 -4.68
CA LYS B 36 -4.50 -12.18 -4.91
C LYS B 36 -4.62 -13.43 -4.04
N PRO B 37 -4.38 -14.62 -4.61
CA PRO B 37 -4.47 -15.89 -3.89
C PRO B 37 -3.26 -16.17 -3.01
N PHE B 38 -2.37 -15.19 -2.88
CA PHE B 38 -1.19 -15.33 -2.05
C PHE B 38 -0.54 -13.97 -1.80
N TYR B 39 0.25 -13.88 -0.73
CA TYR B 39 0.96 -12.65 -0.41
C TYR B 39 2.12 -12.96 0.52
N HIS B 40 2.98 -11.97 0.72
CA HIS B 40 4.12 -12.12 1.62
C HIS B 40 3.82 -11.49 2.97
N HIS B 41 4.09 -12.23 4.02
CA HIS B 41 3.96 -11.70 5.38
C HIS B 41 5.36 -11.49 5.95
N ILE B 42 5.79 -10.24 5.96
CA ILE B 42 7.15 -9.91 6.35
C ILE B 42 7.18 -9.28 7.74
N ILE B 43 8.07 -9.76 8.60
CA ILE B 43 8.24 -9.19 9.93
C ILE B 43 9.68 -8.74 10.12
N PHE B 44 9.85 -7.56 10.72
CA PHE B 44 11.16 -6.97 10.87
C PHE B 44 11.65 -7.03 12.31
N ASP B 45 12.96 -6.89 12.45
CA ASP B 45 13.67 -6.99 13.73
C ASP B 45 13.19 -5.96 14.75
N ASP B 46 12.53 -4.92 14.28
CA ASP B 46 12.07 -3.86 15.16
C ASP B 46 10.67 -4.15 15.68
N GLY B 47 10.03 -5.15 15.09
CA GLY B 47 8.69 -5.52 15.50
C GLY B 47 7.63 -5.06 14.51
N SER B 48 8.06 -4.37 13.46
CA SER B 48 7.14 -3.97 12.41
C SER B 48 6.94 -5.12 11.44
N GLU B 49 5.82 -5.10 10.73
CA GLU B 49 5.53 -6.13 9.76
C GLU B 49 4.73 -5.56 8.60
N ILE B 50 4.74 -6.25 7.48
CA ILE B 50 4.01 -5.81 6.31
C ILE B 50 3.43 -7.01 5.55
N LYS B 51 2.32 -6.76 4.88
CA LYS B 51 1.65 -7.78 4.08
C LYS B 51 1.44 -7.25 2.67
N CYS B 52 2.11 -7.84 1.69
CA CYS B 52 2.11 -7.29 0.35
C CYS B 52 2.25 -8.37 -0.72
N SER B 53 2.12 -7.96 -1.97
CA SER B 53 2.26 -8.85 -3.10
C SER B 53 3.72 -9.20 -3.37
N ASP B 54 3.95 -10.29 -4.10
CA ASP B 54 5.31 -10.71 -4.44
C ASP B 54 6.02 -9.65 -5.27
N ASN B 55 5.32 -9.12 -6.26
CA ASN B 55 5.90 -8.17 -7.20
C ASN B 55 5.58 -6.74 -6.78
N HIS B 56 5.68 -6.46 -5.48
CA HIS B 56 5.48 -5.10 -5.00
C HIS B 56 6.81 -4.53 -4.49
N SER B 57 7.16 -3.37 -5.00
CA SER B 57 8.35 -2.67 -4.57
C SER B 57 8.02 -1.71 -3.44
N PHE B 58 8.99 -1.53 -2.55
CA PHE B 58 8.80 -0.69 -1.38
C PHE B 58 9.40 0.70 -1.59
N GLY B 59 10.69 0.82 -1.31
CA GLY B 59 11.36 2.12 -1.39
C GLY B 59 11.48 2.62 -2.81
N LYS B 60 11.91 3.87 -2.94
CA LYS B 60 12.07 4.51 -4.25
C LYS B 60 13.06 3.76 -5.14
N ASP B 61 13.86 2.89 -4.52
CA ASP B 61 14.85 2.09 -5.25
C ASP B 61 14.19 0.89 -5.92
N LYS B 62 12.86 0.82 -5.79
CA LYS B 62 12.06 -0.26 -6.35
C LYS B 62 12.48 -1.60 -5.78
N ILE B 63 12.53 -1.67 -4.46
CA ILE B 63 12.91 -2.88 -3.77
C ILE B 63 11.71 -3.80 -3.63
N LYS B 64 11.69 -4.88 -4.41
CA LYS B 64 10.54 -5.78 -4.47
C LYS B 64 10.59 -6.83 -3.38
N ALA B 65 9.42 -7.13 -2.83
CA ALA B 65 9.26 -8.12 -1.76
C ALA B 65 9.83 -9.47 -2.16
N SER B 66 9.76 -9.78 -3.45
CA SER B 66 10.23 -11.06 -3.96
C SER B 66 11.75 -11.19 -3.83
N THR B 67 12.46 -10.07 -3.91
CA THR B 67 13.91 -10.10 -3.92
C THR B 67 14.48 -9.95 -2.50
N ILE B 68 13.61 -9.57 -1.57
CA ILE B 68 14.01 -9.38 -0.18
C ILE B 68 14.11 -10.72 0.54
N LYS B 69 15.28 -10.99 1.10
CA LYS B 69 15.51 -12.24 1.80
C LYS B 69 15.70 -11.97 3.29
N VAL B 70 15.32 -12.94 4.11
CA VAL B 70 15.47 -12.81 5.56
C VAL B 70 16.93 -12.59 5.94
N GLY B 71 17.19 -11.47 6.58
CA GLY B 71 18.54 -11.08 6.91
C GLY B 71 18.91 -9.75 6.28
N ASP B 72 18.19 -9.40 5.23
CA ASP B 72 18.39 -8.12 4.54
C ASP B 72 17.80 -6.98 5.36
N TYR B 73 18.20 -5.76 5.05
CA TYR B 73 17.63 -4.60 5.70
C TYR B 73 16.73 -3.84 4.76
N LEU B 74 15.60 -3.39 5.27
CA LEU B 74 14.67 -2.57 4.53
C LEU B 74 14.36 -1.31 5.33
N GLN B 75 14.92 -0.19 4.88
CA GLN B 75 14.66 1.11 5.51
C GLN B 75 15.04 1.11 6.98
N GLY B 76 16.18 0.52 7.30
CA GLY B 76 16.72 0.57 8.64
C GLY B 76 16.33 -0.61 9.49
N LYS B 77 15.42 -1.44 9.01
CA LYS B 77 14.97 -2.59 9.76
C LYS B 77 15.38 -3.88 9.06
N LYS B 78 15.84 -4.86 9.82
CA LYS B 78 16.21 -6.14 9.25
C LYS B 78 15.00 -7.07 9.16
N VAL B 79 14.77 -7.62 7.99
CA VAL B 79 13.70 -8.59 7.79
C VAL B 79 14.08 -9.93 8.40
N LEU B 80 13.30 -10.37 9.37
CA LEU B 80 13.56 -11.63 10.03
C LEU B 80 12.57 -12.70 9.58
N TYR B 81 11.46 -12.25 9.00
CA TYR B 81 10.41 -13.14 8.56
C TYR B 81 9.89 -12.68 7.22
N ASN B 82 9.78 -13.61 6.29
CA ASN B 82 9.27 -13.31 4.96
C ASN B 82 8.65 -14.57 4.36
N GLU B 83 7.47 -14.90 4.83
CA GLU B 83 6.80 -16.12 4.39
C GLU B 83 5.79 -15.83 3.30
N ILE B 84 5.73 -16.72 2.33
CA ILE B 84 4.72 -16.64 1.30
C ILE B 84 3.47 -17.39 1.76
N VAL B 85 2.49 -16.63 2.19
CA VAL B 85 1.26 -17.22 2.66
C VAL B 85 0.24 -17.24 1.52
N GLU B 86 -0.04 -18.44 1.06
CA GLU B 86 -0.86 -18.64 -0.12
C GLU B 86 -2.33 -18.70 0.25
N GLU B 87 -2.85 -17.57 0.68
CA GLU B 87 -4.26 -17.43 1.03
C GLU B 87 -4.86 -16.28 0.26
N GLY B 88 -6.03 -16.51 -0.31
CA GLY B 88 -6.72 -15.48 -1.07
C GLY B 88 -7.10 -14.30 -0.22
N ILE B 89 -6.62 -13.14 -0.61
CA ILE B 89 -6.79 -11.94 0.17
C ILE B 89 -7.01 -10.74 -0.75
N TYR B 90 -7.65 -9.71 -0.24
CA TYR B 90 -7.84 -8.48 -0.98
C TYR B 90 -6.63 -7.58 -0.83
N LEU B 91 -6.16 -7.04 -1.94
CA LEU B 91 -4.99 -6.19 -1.96
C LEU B 91 -5.36 -4.81 -2.48
N TYR B 92 -4.79 -3.78 -1.86
CA TYR B 92 -5.12 -2.40 -2.18
C TYR B 92 -3.84 -1.60 -2.36
N ASP B 93 -3.85 -0.65 -3.28
CA ASP B 93 -2.71 0.24 -3.50
C ASP B 93 -3.20 1.60 -3.95
N LEU B 94 -2.38 2.63 -3.73
CA LEU B 94 -2.77 3.98 -4.08
C LEU B 94 -2.26 4.34 -5.46
N LEU B 95 -3.10 5.02 -6.23
CA LEU B 95 -2.74 5.43 -7.57
C LEU B 95 -2.33 6.89 -7.59
N ASN B 96 -1.09 7.14 -8.01
CA ASN B 96 -0.57 8.50 -8.16
C ASN B 96 -0.58 9.25 -6.84
N VAL B 97 0.54 9.20 -6.11
CA VAL B 97 0.64 9.91 -4.84
C VAL B 97 1.68 11.01 -4.93
N GLY B 98 1.19 12.24 -5.09
CA GLY B 98 2.09 13.37 -5.30
C GLY B 98 3.01 13.16 -6.48
N GLU B 99 4.26 13.56 -6.32
CA GLU B 99 5.28 13.32 -7.33
C GLU B 99 6.22 12.23 -6.85
N ASP B 100 5.91 11.68 -5.68
CA ASP B 100 6.76 10.66 -5.07
C ASP B 100 6.26 9.28 -5.46
N ASN B 101 5.00 9.00 -5.17
CA ASN B 101 4.42 7.66 -5.31
C ASN B 101 5.08 6.71 -4.31
N LEU B 102 5.44 7.26 -3.17
CA LEU B 102 5.95 6.51 -2.03
C LEU B 102 5.12 6.88 -0.81
N TYR B 103 4.64 5.90 -0.07
CA TYR B 103 3.83 6.20 1.11
C TYR B 103 4.07 5.19 2.22
N TYR B 104 3.83 5.63 3.46
CA TYR B 104 4.08 4.81 4.64
C TYR B 104 2.97 3.81 4.89
N THR B 105 3.30 2.54 4.74
CA THR B 105 2.41 1.46 5.05
C THR B 105 2.99 0.62 6.19
N ASN B 106 2.29 0.58 7.32
CA ASN B 106 2.79 -0.13 8.51
C ASN B 106 4.17 0.39 8.93
N GLY B 107 4.42 1.67 8.68
CA GLY B 107 5.71 2.26 9.01
C GLY B 107 6.76 2.05 7.94
N ILE B 108 6.39 1.32 6.90
CA ILE B 108 7.31 1.01 5.81
C ILE B 108 6.92 1.78 4.56
N VAL B 109 7.88 2.45 3.96
CA VAL B 109 7.64 3.17 2.72
C VAL B 109 7.39 2.19 1.58
N SER B 110 6.20 2.25 1.02
CA SER B 110 5.80 1.38 -0.07
C SER B 110 5.63 2.20 -1.36
N HIS B 111 5.69 1.52 -2.51
CA HIS B 111 5.59 2.19 -3.80
C HIS B 111 4.16 2.16 -4.30
N ALA B 112 3.67 3.31 -4.72
CA ALA B 112 2.32 3.42 -5.27
C ALA B 112 2.39 3.33 -6.79
N CYS B 113 1.35 2.79 -7.39
CA CYS B 113 1.27 2.70 -8.83
C CYS B 113 0.93 4.08 -9.39
N GLU B 114 1.82 4.65 -10.20
CA GLU B 114 1.58 5.97 -10.75
C GLU B 114 0.57 5.89 -11.89
N SER B 115 -0.40 6.79 -11.86
CA SER B 115 -1.45 6.81 -12.87
C SER B 115 -0.98 7.59 -14.08
N ARG B 116 -0.35 6.90 -15.02
CA ARG B 116 0.19 7.54 -16.21
C ARG B 116 -0.59 7.15 -17.45
N GLY B 117 -1.75 6.53 -17.25
CA GLY B 117 -2.55 6.06 -18.35
C GLY B 117 -2.36 4.58 -18.56
N LYS B 118 -1.13 4.16 -18.80
CA LYS B 118 -0.80 2.76 -18.93
C LYS B 118 0.18 2.36 -17.84
N GLU A 1 -2.62 -1.51 -8.81
CA GLU A 1 -2.28 -2.48 -9.89
C GLU A 1 -2.07 -3.86 -9.30
N PHE A 2 -1.29 -4.71 -9.97
CA PHE A 2 -0.98 -6.04 -9.45
C PHE A 2 -0.17 -5.91 -8.17
N GLU A 3 0.70 -4.91 -8.14
CA GLU A 3 1.38 -4.54 -6.92
C GLU A 3 0.37 -3.93 -5.94
N ALA A 4 0.23 -4.52 -4.76
CA ALA A 4 -0.70 -3.99 -3.76
C ALA A 4 -0.33 -4.46 -2.34
N LEU A 5 -0.98 -3.84 -1.35
CA LEU A 5 -0.78 -4.19 0.06
C LEU A 5 -2.05 -4.84 0.60
N SER A 6 -1.94 -5.55 1.72
CA SER A 6 -3.13 -6.12 2.36
C SER A 6 -4.04 -5.01 2.88
N GLY A 7 -5.31 -5.33 3.02
CA GLY A 7 -6.28 -4.37 3.50
C GLY A 7 -6.08 -4.03 4.97
N ASP A 8 -5.37 -4.92 5.66
CA ASP A 8 -5.11 -4.76 7.09
C ASP A 8 -3.94 -3.81 7.34
N THR A 9 -3.25 -3.47 6.26
CA THR A 9 -2.11 -2.58 6.32
C THR A 9 -2.52 -1.22 6.88
N MET A 10 -1.82 -0.77 7.90
CA MET A 10 -2.18 0.44 8.61
C MET A 10 -1.43 1.64 8.04
N ILE A 11 -2.18 2.64 7.64
CA ILE A 11 -1.61 3.85 7.07
C ILE A 11 -2.06 5.06 7.86
N GLU A 12 -1.49 6.20 7.57
CA GLU A 12 -1.87 7.43 8.23
C GLU A 12 -2.22 8.45 7.18
N ILE A 13 -3.40 9.04 7.31
CA ILE A 13 -3.87 9.97 6.32
C ILE A 13 -4.11 11.34 6.91
N LEU A 14 -4.20 12.31 6.03
CA LEU A 14 -4.56 13.66 6.37
C LEU A 14 -5.76 14.06 5.55
N ASP A 15 -6.90 14.13 6.20
CA ASP A 15 -8.14 14.49 5.53
C ASP A 15 -8.07 15.95 5.11
N ASP A 16 -8.84 16.29 4.08
CA ASP A 16 -8.79 17.62 3.47
C ASP A 16 -9.16 18.71 4.46
N ASP A 17 -9.85 18.33 5.53
CA ASP A 17 -10.21 19.27 6.58
C ASP A 17 -9.00 19.58 7.45
N GLY A 18 -7.95 18.80 7.27
CA GLY A 18 -6.74 18.97 8.05
C GLY A 18 -6.71 18.06 9.24
N ILE A 19 -7.30 16.89 9.09
CA ILE A 19 -7.40 15.92 10.18
C ILE A 19 -6.49 14.72 9.93
N ILE A 20 -5.68 14.40 10.93
CA ILE A 20 -4.81 13.23 10.88
C ILE A 20 -5.56 12.01 11.41
N GLN A 21 -5.46 10.89 10.70
CA GLN A 21 -6.12 9.68 11.14
C GLN A 21 -5.36 8.45 10.67
N LYS A 22 -5.24 7.49 11.55
CA LYS A 22 -4.57 6.23 11.25
C LYS A 22 -5.60 5.15 10.96
N ILE A 23 -5.64 4.67 9.73
CA ILE A 23 -6.62 3.70 9.30
C ILE A 23 -5.97 2.66 8.41
N SER A 24 -6.62 1.53 8.22
CA SER A 24 -6.09 0.50 7.35
C SER A 24 -6.40 0.82 5.88
N MET A 25 -5.60 0.26 4.98
CA MET A 25 -5.78 0.50 3.55
C MET A 25 -7.21 0.18 3.11
N GLU A 26 -7.74 -0.94 3.60
CA GLU A 26 -9.09 -1.34 3.26
C GLU A 26 -10.12 -0.36 3.83
N ASP A 27 -9.80 0.24 4.96
CA ASP A 27 -10.70 1.20 5.59
C ASP A 27 -10.78 2.47 4.77
N LEU A 28 -9.66 2.81 4.13
CA LEU A 28 -9.62 3.96 3.23
C LEU A 28 -10.49 3.66 2.01
N TYR A 29 -10.46 2.40 1.57
CA TYR A 29 -11.27 1.96 0.46
C TYR A 29 -12.75 2.08 0.81
N GLN A 30 -13.07 1.66 2.02
CA GLN A 30 -14.44 1.75 2.52
C GLN A 30 -14.83 3.20 2.80
N ARG A 31 -13.81 4.04 2.99
CA ARG A 31 -14.00 5.45 3.24
C ARG A 31 -14.46 6.14 1.96
N LEU A 32 -13.92 5.68 0.85
CA LEU A 32 -14.27 6.20 -0.47
C LEU A 32 -15.20 5.24 -1.18
N ALA A 33 -15.99 4.49 -0.42
CA ALA A 33 -16.89 3.50 -0.98
C ALA A 33 -17.85 4.12 -2.00
N ASP B 1 -22.72 -10.05 -7.82
CA ASP B 1 -22.39 -8.62 -7.99
C ASP B 1 -21.64 -8.08 -6.78
N TYR B 2 -22.26 -8.17 -5.60
CA TYR B 2 -21.69 -7.58 -4.39
C TYR B 2 -20.39 -8.26 -3.98
N LYS B 3 -20.32 -9.57 -4.14
CA LYS B 3 -19.10 -10.31 -3.80
C LYS B 3 -18.48 -10.89 -5.06
N ASP B 4 -18.64 -10.20 -6.16
CA ASP B 4 -18.13 -10.67 -7.45
C ASP B 4 -16.84 -9.94 -7.80
N ASP B 5 -15.99 -10.59 -8.58
CA ASP B 5 -14.72 -10.01 -8.99
C ASP B 5 -14.91 -9.12 -10.22
N ASP B 6 -15.75 -8.11 -10.06
CA ASP B 6 -16.08 -7.19 -11.15
C ASP B 6 -14.96 -6.16 -11.31
N ASP B 7 -14.64 -5.82 -12.56
CA ASP B 7 -13.58 -4.85 -12.85
C ASP B 7 -13.99 -3.44 -12.42
N LYS B 8 -13.00 -2.55 -12.36
CA LYS B 8 -13.19 -1.19 -11.86
C LYS B 8 -13.46 -1.18 -10.37
N MET B 9 -12.48 -1.60 -9.60
CA MET B 9 -12.53 -1.53 -8.14
C MET B 9 -11.70 -0.36 -7.67
N PHE B 10 -11.80 0.73 -8.41
CA PHE B 10 -11.02 1.93 -8.13
C PHE B 10 -11.93 2.98 -7.47
N LYS B 11 -11.52 3.45 -6.30
CA LYS B 11 -12.27 4.47 -5.60
C LYS B 11 -11.60 5.83 -5.81
N LEU B 12 -12.35 6.76 -6.39
CA LEU B 12 -11.83 8.08 -6.69
C LEU B 12 -11.73 8.94 -5.43
N ASN B 13 -10.53 9.46 -5.20
CA ASN B 13 -10.28 10.34 -4.06
C ASN B 13 -10.69 11.77 -4.41
N THR B 14 -11.99 12.00 -4.56
CA THR B 14 -12.50 13.31 -4.92
C THR B 14 -12.52 14.26 -3.73
N LYS B 15 -12.35 13.73 -2.52
CA LYS B 15 -12.36 14.56 -1.32
C LYS B 15 -10.99 15.20 -1.12
N ASN B 16 -10.04 14.77 -1.95
CA ASN B 16 -8.67 15.26 -1.93
C ASN B 16 -8.00 14.92 -0.60
N ILE B 17 -8.19 13.70 -0.15
CA ILE B 17 -7.53 13.21 1.05
C ILE B 17 -6.05 12.99 0.75
N LYS B 18 -5.21 13.07 1.78
CA LYS B 18 -3.78 12.92 1.60
C LYS B 18 -3.27 11.81 2.50
N VAL B 19 -2.17 11.20 2.11
CA VAL B 19 -1.60 10.10 2.88
C VAL B 19 -0.18 10.45 3.33
N LEU B 20 0.22 9.88 4.46
CA LEU B 20 1.52 10.16 5.04
C LEU B 20 2.63 9.65 4.14
N THR B 21 3.34 10.58 3.54
CA THR B 21 4.48 10.26 2.72
C THR B 21 5.74 10.84 3.35
N PRO B 22 6.92 10.27 3.05
CA PRO B 22 8.20 10.84 3.47
C PRO B 22 8.38 12.27 2.96
N SER B 23 7.56 12.66 1.98
CA SER B 23 7.58 14.01 1.46
C SER B 23 6.74 14.93 2.33
N GLY B 24 6.01 14.35 3.26
CA GLY B 24 5.23 15.13 4.21
C GLY B 24 3.78 15.27 3.80
N PHE B 25 3.11 14.14 3.58
CA PHE B 25 1.68 14.09 3.23
C PHE B 25 1.43 14.60 1.81
N LYS B 26 0.90 13.73 0.97
CA LYS B 26 0.58 14.08 -0.42
C LYS B 26 -0.75 13.48 -0.82
N SER B 27 -1.40 14.10 -1.79
CA SER B 27 -2.68 13.64 -2.28
C SER B 27 -2.49 12.49 -3.26
N PHE B 28 -3.41 11.55 -3.22
CA PHE B 28 -3.38 10.43 -4.15
C PHE B 28 -4.59 10.47 -5.07
N SER B 29 -4.48 9.85 -6.24
CA SER B 29 -5.58 9.87 -7.20
C SER B 29 -6.75 9.05 -6.68
N GLY B 30 -6.44 7.88 -6.15
CA GLY B 30 -7.47 7.03 -5.62
C GLY B 30 -6.89 5.74 -5.07
N ILE B 31 -7.76 4.83 -4.70
CA ILE B 31 -7.35 3.56 -4.14
C ILE B 31 -8.07 2.42 -4.87
N GLN B 32 -7.34 1.37 -5.16
CA GLN B 32 -7.90 0.27 -5.94
C GLN B 32 -7.80 -1.05 -5.20
N LYS B 33 -8.85 -1.84 -5.30
CA LYS B 33 -8.88 -3.18 -4.73
C LYS B 33 -8.55 -4.21 -5.82
N VAL B 34 -7.68 -5.14 -5.49
CA VAL B 34 -7.34 -6.22 -6.39
C VAL B 34 -7.38 -7.54 -5.63
N TYR B 35 -7.34 -8.65 -6.33
CA TYR B 35 -7.32 -9.95 -5.69
C TYR B 35 -5.99 -10.64 -5.93
N LYS B 36 -5.43 -11.20 -4.87
CA LYS B 36 -4.19 -11.95 -4.99
C LYS B 36 -4.35 -13.31 -4.30
N PRO B 37 -4.02 -14.40 -5.00
CA PRO B 37 -4.17 -15.75 -4.46
C PRO B 37 -3.08 -16.13 -3.47
N PHE B 38 -2.23 -15.16 -3.14
CA PHE B 38 -1.15 -15.35 -2.17
C PHE B 38 -0.54 -14.00 -1.84
N TYR B 39 0.14 -13.92 -0.71
CA TYR B 39 0.80 -12.69 -0.33
C TYR B 39 1.99 -12.97 0.58
N HIS B 40 2.79 -11.96 0.85
CA HIS B 40 3.97 -12.11 1.68
C HIS B 40 3.73 -11.48 3.04
N HIS B 41 4.05 -12.23 4.08
CA HIS B 41 3.98 -11.72 5.44
C HIS B 41 5.38 -11.50 5.97
N ILE B 42 5.81 -10.25 5.93
CA ILE B 42 7.18 -9.90 6.29
C ILE B 42 7.24 -9.29 7.68
N ILE B 43 8.19 -9.74 8.49
CA ILE B 43 8.37 -9.20 9.84
C ILE B 43 9.80 -8.67 9.98
N PHE B 44 9.93 -7.50 10.59
CA PHE B 44 11.21 -6.84 10.72
C PHE B 44 11.76 -6.95 12.12
N ASP B 45 13.06 -6.69 12.23
CA ASP B 45 13.80 -6.73 13.50
C ASP B 45 13.27 -5.68 14.48
N ASP B 46 12.45 -4.77 13.99
CA ASP B 46 11.85 -3.75 14.83
C ASP B 46 10.56 -4.26 15.46
N GLY B 47 10.14 -5.45 15.07
CA GLY B 47 8.93 -6.03 15.62
C GLY B 47 7.71 -5.66 14.80
N SER B 48 7.92 -4.78 13.83
CA SER B 48 6.87 -4.40 12.91
C SER B 48 6.78 -5.40 11.78
N GLU B 49 5.65 -5.43 11.10
CA GLU B 49 5.45 -6.38 10.02
C GLU B 49 4.58 -5.77 8.92
N ILE B 50 4.67 -6.35 7.74
CA ILE B 50 3.90 -5.90 6.59
C ILE B 50 3.34 -7.09 5.83
N LYS B 51 2.22 -6.87 5.16
CA LYS B 51 1.59 -7.90 4.34
C LYS B 51 1.30 -7.34 2.96
N CYS B 52 1.99 -7.85 1.96
CA CYS B 52 1.91 -7.30 0.62
C CYS B 52 1.94 -8.38 -0.44
N SER B 53 1.82 -7.98 -1.70
CA SER B 53 1.93 -8.90 -2.81
C SER B 53 3.40 -9.28 -3.03
N ASP B 54 3.66 -10.10 -4.02
CA ASP B 54 5.02 -10.57 -4.27
C ASP B 54 5.87 -9.54 -5.00
N ASN B 55 5.30 -8.91 -6.02
CA ASN B 55 6.07 -8.00 -6.85
C ASN B 55 5.91 -6.55 -6.42
N HIS B 56 5.30 -6.32 -5.26
CA HIS B 56 5.08 -4.95 -4.80
C HIS B 56 6.39 -4.32 -4.32
N SER B 57 6.76 -3.24 -4.97
CA SER B 57 7.96 -2.49 -4.62
C SER B 57 7.72 -1.66 -3.36
N PHE B 58 8.76 -1.57 -2.53
CA PHE B 58 8.68 -0.83 -1.27
C PHE B 58 9.37 0.52 -1.36
N GLY B 59 10.66 0.53 -1.08
CA GLY B 59 11.43 1.76 -1.06
C GLY B 59 11.60 2.38 -2.44
N LYS B 60 12.17 3.58 -2.48
CA LYS B 60 12.37 4.32 -3.72
C LYS B 60 13.22 3.53 -4.72
N ASP B 61 13.96 2.54 -4.23
CA ASP B 61 14.79 1.70 -5.10
C ASP B 61 13.94 0.67 -5.85
N LYS B 62 12.63 0.74 -5.63
CA LYS B 62 11.67 -0.16 -6.27
C LYS B 62 11.97 -1.60 -5.91
N ILE B 63 12.15 -1.83 -4.63
CA ILE B 63 12.52 -3.14 -4.12
C ILE B 63 11.28 -4.01 -3.96
N LYS B 64 11.19 -5.08 -4.75
CA LYS B 64 10.04 -5.98 -4.70
C LYS B 64 10.13 -6.90 -3.50
N ALA B 65 8.97 -7.29 -2.98
CA ALA B 65 8.86 -8.14 -1.80
C ALA B 65 9.52 -9.50 -2.00
N SER B 66 9.50 -9.99 -3.24
CA SER B 66 10.05 -11.30 -3.56
C SER B 66 11.59 -11.32 -3.45
N THR B 67 12.22 -10.17 -3.63
CA THR B 67 13.67 -10.13 -3.64
C THR B 67 14.22 -9.74 -2.26
N ILE B 68 13.31 -9.55 -1.32
CA ILE B 68 13.70 -9.21 0.04
C ILE B 68 13.92 -10.49 0.84
N LYS B 69 15.17 -10.83 1.02
CA LYS B 69 15.53 -12.06 1.72
C LYS B 69 15.79 -11.79 3.19
N VAL B 70 15.36 -12.72 4.02
CA VAL B 70 15.55 -12.60 5.47
C VAL B 70 17.02 -12.40 5.83
N GLY B 71 17.30 -11.30 6.50
CA GLY B 71 18.66 -10.94 6.82
C GLY B 71 19.08 -9.66 6.14
N ASP B 72 18.31 -9.26 5.14
CA ASP B 72 18.55 -8.00 4.43
C ASP B 72 17.85 -6.86 5.15
N TYR B 73 18.27 -5.63 4.87
CA TYR B 73 17.63 -4.49 5.48
C TYR B 73 16.79 -3.73 4.46
N LEU B 74 15.57 -3.41 4.86
CA LEU B 74 14.67 -2.66 4.01
C LEU B 74 14.59 -1.22 4.51
N GLN B 75 15.33 -0.33 3.86
CA GLN B 75 15.35 1.08 4.20
C GLN B 75 15.80 1.31 5.66
N GLY B 76 16.47 0.31 6.22
CA GLY B 76 17.01 0.44 7.55
C GLY B 76 16.75 -0.77 8.42
N LYS B 77 15.53 -1.29 8.37
CA LYS B 77 15.14 -2.36 9.28
C LYS B 77 15.39 -3.72 8.63
N LYS B 78 15.92 -4.65 9.42
CA LYS B 78 16.27 -5.96 8.90
C LYS B 78 15.06 -6.88 8.89
N VAL B 79 14.83 -7.51 7.75
CA VAL B 79 13.76 -8.48 7.62
C VAL B 79 14.15 -9.80 8.26
N LEU B 80 13.36 -10.25 9.21
CA LEU B 80 13.63 -11.49 9.90
C LEU B 80 12.74 -12.61 9.38
N TYR B 81 11.60 -12.22 8.83
CA TYR B 81 10.61 -13.19 8.37
C TYR B 81 9.97 -12.71 7.09
N ASN B 82 9.84 -13.60 6.13
CA ASN B 82 9.21 -13.31 4.86
C ASN B 82 8.54 -14.55 4.32
N GLU B 83 7.32 -14.81 4.78
CA GLU B 83 6.61 -16.01 4.39
C GLU B 83 5.69 -15.73 3.23
N ILE B 84 5.71 -16.63 2.25
CA ILE B 84 4.74 -16.60 1.19
C ILE B 84 3.51 -17.38 1.62
N VAL B 85 2.52 -16.67 2.11
CA VAL B 85 1.31 -17.30 2.56
C VAL B 85 0.31 -17.36 1.41
N GLU B 86 0.09 -18.57 0.93
CA GLU B 86 -0.68 -18.79 -0.27
C GLU B 86 -2.16 -18.90 0.04
N GLU B 87 -2.73 -17.77 0.42
CA GLU B 87 -4.16 -17.68 0.67
C GLU B 87 -4.74 -16.51 -0.09
N GLY B 88 -5.77 -16.79 -0.88
CA GLY B 88 -6.43 -15.77 -1.65
C GLY B 88 -7.00 -14.68 -0.78
N ILE B 89 -6.58 -13.46 -1.07
CA ILE B 89 -6.94 -12.30 -0.27
C ILE B 89 -7.12 -11.09 -1.17
N TYR B 90 -7.92 -10.14 -0.74
CA TYR B 90 -8.08 -8.90 -1.48
C TYR B 90 -7.04 -7.88 -1.02
N LEU B 91 -6.37 -7.30 -2.00
CA LEU B 91 -5.27 -6.40 -1.75
C LEU B 91 -5.63 -4.99 -2.23
N TYR B 92 -4.99 -3.99 -1.67
CA TYR B 92 -5.31 -2.59 -1.97
C TYR B 92 -4.02 -1.81 -2.19
N ASP B 93 -4.03 -0.89 -3.14
CA ASP B 93 -2.85 -0.07 -3.43
C ASP B 93 -3.29 1.34 -3.80
N LEU B 94 -2.43 2.33 -3.52
CA LEU B 94 -2.75 3.72 -3.85
C LEU B 94 -2.17 4.06 -5.21
N LEU B 95 -2.93 4.80 -6.00
CA LEU B 95 -2.49 5.18 -7.32
C LEU B 95 -2.13 6.66 -7.35
N ASN B 96 -0.90 6.93 -7.81
CA ASN B 96 -0.38 8.30 -7.97
C ASN B 96 -0.45 9.09 -6.67
N VAL B 97 0.54 8.91 -5.83
CA VAL B 97 0.62 9.66 -4.59
C VAL B 97 1.59 10.82 -4.76
N GLY B 98 1.05 12.03 -4.82
CA GLY B 98 1.87 13.20 -5.10
C GLY B 98 2.62 13.05 -6.41
N GLU B 99 3.91 13.30 -6.37
CA GLU B 99 4.76 13.10 -7.53
C GLU B 99 5.91 12.15 -7.21
N ASP B 100 5.91 11.61 -5.99
CA ASP B 100 6.98 10.74 -5.55
C ASP B 100 6.50 9.29 -5.43
N ASN B 101 5.27 9.13 -4.93
CA ASN B 101 4.61 7.83 -4.82
C ASN B 101 5.22 6.94 -3.75
N LEU B 102 5.77 7.53 -2.71
CA LEU B 102 6.24 6.79 -1.55
C LEU B 102 5.37 7.14 -0.34
N TYR B 103 4.78 6.14 0.30
CA TYR B 103 3.92 6.40 1.44
C TYR B 103 4.13 5.37 2.56
N TYR B 104 3.84 5.78 3.78
CA TYR B 104 4.09 4.95 4.96
C TYR B 104 3.02 3.89 5.17
N THR B 105 3.43 2.64 5.06
CA THR B 105 2.56 1.52 5.37
C THR B 105 3.12 0.75 6.55
N ASN B 106 2.40 0.76 7.67
CA ASN B 106 2.87 0.14 8.92
C ASN B 106 4.21 0.75 9.36
N GLY B 107 4.40 2.03 9.04
CA GLY B 107 5.66 2.70 9.37
C GLY B 107 6.74 2.46 8.34
N ILE B 108 6.45 1.62 7.36
CA ILE B 108 7.41 1.26 6.32
C ILE B 108 7.09 2.02 5.04
N VAL B 109 8.10 2.66 4.45
CA VAL B 109 7.89 3.38 3.21
C VAL B 109 7.62 2.41 2.07
N SER B 110 6.45 2.54 1.46
CA SER B 110 6.01 1.67 0.40
C SER B 110 5.82 2.49 -0.88
N HIS B 111 5.75 1.81 -2.01
CA HIS B 111 5.67 2.47 -3.31
C HIS B 111 4.29 2.34 -3.91
N ALA B 112 3.71 3.48 -4.29
CA ALA B 112 2.42 3.51 -4.95
C ALA B 112 2.61 3.40 -6.45
N CYS B 113 1.68 2.77 -7.13
CA CYS B 113 1.75 2.62 -8.57
C CYS B 113 1.36 3.91 -9.26
N GLU B 114 2.34 4.66 -9.73
CA GLU B 114 2.06 5.89 -10.46
C GLU B 114 1.61 5.58 -11.88
N SER B 115 0.35 5.85 -12.17
CA SER B 115 -0.19 5.67 -13.50
C SER B 115 0.41 6.73 -14.42
N ARG B 116 1.48 6.35 -15.11
CA ARG B 116 2.21 7.28 -15.96
C ARG B 116 1.84 7.06 -17.42
N GLY B 117 1.58 5.81 -17.78
CA GLY B 117 1.24 5.48 -19.15
C GLY B 117 -0.24 5.35 -19.37
N LYS B 118 -0.99 5.20 -18.29
CA LYS B 118 -2.44 5.04 -18.37
C LYS B 118 -3.08 5.27 -17.01
N GLU A 1 3.01 -8.98 -12.29
CA GLU A 1 3.64 -7.96 -11.44
C GLU A 1 2.67 -6.80 -11.19
N PHE A 2 1.77 -6.99 -10.24
CA PHE A 2 0.83 -5.96 -9.84
C PHE A 2 1.04 -5.61 -8.38
N GLU A 3 1.15 -4.33 -8.08
CA GLU A 3 1.50 -3.88 -6.75
C GLU A 3 0.25 -3.53 -5.94
N ALA A 4 0.17 -4.09 -4.74
CA ALA A 4 -0.85 -3.72 -3.77
C ALA A 4 -0.46 -4.19 -2.37
N LEU A 5 -1.01 -3.54 -1.35
CA LEU A 5 -0.74 -3.90 0.05
C LEU A 5 -1.99 -4.55 0.64
N SER A 6 -1.83 -5.26 1.74
CA SER A 6 -2.96 -5.84 2.45
C SER A 6 -3.93 -4.75 2.91
N GLY A 7 -5.21 -5.10 2.95
CA GLY A 7 -6.21 -4.18 3.42
C GLY A 7 -6.05 -3.87 4.89
N ASP A 8 -5.33 -4.73 5.59
CA ASP A 8 -5.10 -4.57 7.02
C ASP A 8 -3.85 -3.73 7.28
N THR A 9 -3.13 -3.42 6.20
CA THR A 9 -1.96 -2.59 6.30
C THR A 9 -2.35 -1.19 6.79
N MET A 10 -1.69 -0.72 7.82
CA MET A 10 -2.05 0.53 8.48
C MET A 10 -1.31 1.70 7.87
N ILE A 11 -2.06 2.73 7.53
CA ILE A 11 -1.49 3.95 6.98
C ILE A 11 -1.97 5.14 7.80
N GLU A 12 -1.28 6.24 7.69
CA GLU A 12 -1.67 7.44 8.41
C GLU A 12 -2.08 8.49 7.40
N ILE A 13 -3.31 8.92 7.48
CA ILE A 13 -3.85 9.85 6.49
C ILE A 13 -4.12 11.21 7.08
N LEU A 14 -4.30 12.16 6.19
CA LEU A 14 -4.68 13.49 6.55
C LEU A 14 -5.97 13.85 5.82
N ASP A 15 -7.04 13.92 6.59
CA ASP A 15 -8.36 14.25 6.07
C ASP A 15 -8.36 15.67 5.51
N ASP A 16 -9.32 15.97 4.64
CA ASP A 16 -9.37 17.27 3.96
C ASP A 16 -9.76 18.38 4.93
N ASP A 17 -10.21 18.00 6.12
CA ASP A 17 -10.46 18.97 7.18
C ASP A 17 -9.18 19.23 7.97
N GLY A 18 -8.17 18.40 7.73
CA GLY A 18 -6.91 18.51 8.43
C GLY A 18 -6.83 17.55 9.59
N ILE A 19 -7.57 16.46 9.49
CA ILE A 19 -7.63 15.47 10.56
C ILE A 19 -6.69 14.31 10.28
N ILE A 20 -5.80 14.04 11.23
CA ILE A 20 -4.90 12.91 11.14
C ILE A 20 -5.59 11.66 11.64
N GLN A 21 -5.43 10.56 10.92
CA GLN A 21 -6.05 9.31 11.34
C GLN A 21 -5.24 8.12 10.84
N LYS A 22 -4.96 7.19 11.73
CA LYS A 22 -4.32 5.94 11.38
C LYS A 22 -5.39 4.92 11.01
N ILE A 23 -5.41 4.53 9.75
CA ILE A 23 -6.42 3.60 9.27
C ILE A 23 -5.79 2.56 8.36
N SER A 24 -6.48 1.47 8.16
CA SER A 24 -5.99 0.43 7.26
C SER A 24 -6.27 0.83 5.81
N MET A 25 -5.49 0.27 4.89
CA MET A 25 -5.67 0.53 3.47
C MET A 25 -7.11 0.24 3.03
N GLU A 26 -7.70 -0.81 3.59
CA GLU A 26 -9.06 -1.16 3.28
C GLU A 26 -10.06 -0.17 3.88
N ASP A 27 -9.74 0.37 5.04
CA ASP A 27 -10.60 1.36 5.68
C ASP A 27 -10.58 2.65 4.88
N LEU A 28 -9.43 2.95 4.28
CA LEU A 28 -9.29 4.09 3.40
C LEU A 28 -10.18 3.89 2.17
N TYR A 29 -10.21 2.67 1.68
CA TYR A 29 -11.06 2.31 0.56
C TYR A 29 -12.52 2.55 0.91
N GLN A 30 -12.90 2.11 2.10
CA GLN A 30 -14.25 2.28 2.59
C GLN A 30 -14.55 3.74 2.90
N ARG A 31 -13.48 4.50 3.12
CA ARG A 31 -13.61 5.92 3.42
C ARG A 31 -13.88 6.70 2.14
N LEU A 32 -13.56 6.08 1.02
CA LEU A 32 -13.84 6.65 -0.29
C LEU A 32 -15.03 5.96 -0.94
N ALA A 33 -15.76 5.21 -0.16
CA ALA A 33 -16.94 4.52 -0.65
C ALA A 33 -18.16 5.41 -0.55
N ASP B 1 -24.39 9.73 -4.92
CA ASP B 1 -24.87 8.40 -5.38
C ASP B 1 -24.73 8.25 -6.89
N TYR B 2 -25.41 9.11 -7.64
CA TYR B 2 -25.37 9.05 -9.09
C TYR B 2 -23.98 9.39 -9.62
N LYS B 3 -23.46 8.51 -10.45
CA LYS B 3 -22.18 8.74 -11.11
C LYS B 3 -22.14 7.94 -12.41
N ASP B 4 -21.58 8.54 -13.45
CA ASP B 4 -21.50 7.90 -14.75
C ASP B 4 -20.40 6.85 -14.73
N ASP B 5 -19.47 7.02 -13.80
CA ASP B 5 -18.44 6.03 -13.54
C ASP B 5 -18.90 5.10 -12.43
N ASP B 6 -18.36 3.89 -12.42
CA ASP B 6 -18.72 2.93 -11.39
C ASP B 6 -17.51 2.64 -10.50
N ASP B 7 -17.56 3.17 -9.29
CA ASP B 7 -16.51 2.95 -8.31
C ASP B 7 -16.63 1.55 -7.71
N LYS B 8 -16.36 0.55 -8.55
CA LYS B 8 -16.51 -0.85 -8.16
C LYS B 8 -15.27 -1.33 -7.40
N MET B 9 -14.19 -1.54 -8.13
CA MET B 9 -12.93 -2.00 -7.52
C MET B 9 -11.90 -0.87 -7.51
N PHE B 10 -12.36 0.33 -7.80
CA PHE B 10 -11.52 1.51 -7.79
C PHE B 10 -12.30 2.69 -7.23
N LYS B 11 -11.68 3.40 -6.30
CA LYS B 11 -12.33 4.56 -5.69
C LYS B 11 -11.61 5.83 -6.08
N LEU B 12 -12.36 6.76 -6.67
CA LEU B 12 -11.82 8.08 -7.00
C LEU B 12 -11.71 8.93 -5.75
N ASN B 13 -10.52 9.45 -5.49
CA ASN B 13 -10.29 10.26 -4.30
C ASN B 13 -10.78 11.69 -4.53
N THR B 14 -12.09 11.86 -4.56
CA THR B 14 -12.67 13.18 -4.73
C THR B 14 -12.88 13.88 -3.39
N LYS B 15 -12.36 13.27 -2.32
CA LYS B 15 -12.50 13.82 -0.98
C LYS B 15 -11.22 14.53 -0.57
N ASN B 16 -10.27 14.58 -1.50
CA ASN B 16 -9.01 15.29 -1.34
C ASN B 16 -8.23 14.81 -0.11
N ILE B 17 -8.37 13.53 0.19
CA ILE B 17 -7.67 12.92 1.31
C ILE B 17 -6.21 12.70 0.96
N LYS B 18 -5.34 12.81 1.94
CA LYS B 18 -3.91 12.67 1.71
C LYS B 18 -3.33 11.61 2.63
N VAL B 19 -2.20 11.06 2.25
CA VAL B 19 -1.57 10.00 3.00
C VAL B 19 -0.16 10.40 3.41
N LEU B 20 0.29 9.89 4.56
CA LEU B 20 1.61 10.22 5.07
C LEU B 20 2.68 9.69 4.14
N THR B 21 3.39 10.62 3.52
CA THR B 21 4.48 10.28 2.63
C THR B 21 5.77 10.84 3.19
N PRO B 22 6.93 10.31 2.75
CA PRO B 22 8.24 10.88 3.04
C PRO B 22 8.37 12.32 2.54
N SER B 23 7.39 12.74 1.76
CA SER B 23 7.33 14.09 1.21
C SER B 23 6.51 15.01 2.12
N GLY B 24 5.89 14.42 3.14
CA GLY B 24 5.14 15.20 4.10
C GLY B 24 3.66 15.32 3.75
N PHE B 25 3.01 14.16 3.58
CA PHE B 25 1.56 14.10 3.25
C PHE B 25 1.27 14.63 1.85
N LYS B 26 0.81 13.75 0.98
CA LYS B 26 0.48 14.13 -0.38
C LYS B 26 -0.85 13.52 -0.81
N SER B 27 -1.53 14.17 -1.73
CA SER B 27 -2.83 13.70 -2.20
C SER B 27 -2.66 12.66 -3.29
N PHE B 28 -3.51 11.66 -3.27
CA PHE B 28 -3.47 10.60 -4.27
C PHE B 28 -4.72 10.66 -5.14
N SER B 29 -4.64 10.07 -6.32
CA SER B 29 -5.71 10.14 -7.29
C SER B 29 -6.83 9.16 -6.96
N GLY B 30 -6.47 8.02 -6.39
CA GLY B 30 -7.46 7.04 -6.02
C GLY B 30 -6.85 5.79 -5.42
N ILE B 31 -7.67 4.79 -5.20
CA ILE B 31 -7.23 3.53 -4.62
C ILE B 31 -7.91 2.36 -5.32
N GLN B 32 -7.15 1.29 -5.56
CA GLN B 32 -7.66 0.15 -6.30
C GLN B 32 -7.67 -1.10 -5.43
N LYS B 33 -8.69 -1.92 -5.58
CA LYS B 33 -8.78 -3.19 -4.87
C LYS B 33 -8.52 -4.35 -5.82
N VAL B 34 -7.62 -5.23 -5.42
CA VAL B 34 -7.37 -6.44 -6.17
C VAL B 34 -7.46 -7.65 -5.25
N TYR B 35 -7.78 -8.80 -5.80
CA TYR B 35 -7.82 -10.02 -5.01
C TYR B 35 -6.58 -10.84 -5.28
N LYS B 36 -5.85 -11.16 -4.22
CA LYS B 36 -4.61 -11.90 -4.35
C LYS B 36 -4.72 -13.24 -3.63
N PRO B 37 -4.49 -14.35 -4.35
CA PRO B 37 -4.60 -15.69 -3.78
C PRO B 37 -3.37 -16.09 -2.96
N PHE B 38 -2.44 -15.16 -2.81
CA PHE B 38 -1.23 -15.39 -2.04
C PHE B 38 -0.49 -14.07 -1.81
N TYR B 39 0.21 -13.95 -0.70
CA TYR B 39 0.91 -12.71 -0.39
C TYR B 39 2.13 -12.97 0.47
N HIS B 40 2.99 -11.96 0.58
CA HIS B 40 4.19 -12.08 1.40
C HIS B 40 3.92 -11.52 2.79
N HIS B 41 4.20 -12.33 3.79
CA HIS B 41 4.09 -11.90 5.17
C HIS B 41 5.48 -11.67 5.73
N ILE B 42 5.89 -10.41 5.73
CA ILE B 42 7.24 -10.05 6.14
C ILE B 42 7.25 -9.42 7.52
N ILE B 43 8.14 -9.90 8.38
CA ILE B 43 8.26 -9.35 9.73
C ILE B 43 9.68 -8.86 9.97
N PHE B 44 9.81 -7.71 10.60
CA PHE B 44 11.12 -7.09 10.81
C PHE B 44 11.54 -7.21 12.27
N ASP B 45 12.84 -6.99 12.48
CA ASP B 45 13.43 -6.99 13.82
C ASP B 45 12.89 -5.84 14.66
N ASP B 46 12.21 -4.92 13.98
CA ASP B 46 11.58 -3.79 14.65
C ASP B 46 10.32 -4.25 15.37
N GLY B 47 9.81 -5.41 14.95
CA GLY B 47 8.58 -5.93 15.51
C GLY B 47 7.40 -5.67 14.60
N SER B 48 7.61 -4.78 13.64
CA SER B 48 6.60 -4.45 12.67
C SER B 48 6.62 -5.46 11.54
N GLU B 49 5.53 -5.51 10.79
CA GLU B 49 5.42 -6.43 9.67
C GLU B 49 4.71 -5.76 8.51
N ILE B 50 4.87 -6.34 7.33
CA ILE B 50 4.18 -5.86 6.16
C ILE B 50 3.62 -7.04 5.37
N LYS B 51 2.46 -6.82 4.78
CA LYS B 51 1.80 -7.84 3.99
C LYS B 51 1.47 -7.28 2.61
N CYS B 52 2.11 -7.82 1.58
CA CYS B 52 1.98 -7.26 0.24
C CYS B 52 2.09 -8.31 -0.86
N SER B 53 2.09 -7.84 -2.09
CA SER B 53 2.16 -8.71 -3.26
C SER B 53 3.49 -9.47 -3.35
N ASP B 54 3.64 -10.24 -4.41
CA ASP B 54 4.88 -10.97 -4.67
C ASP B 54 6.01 -10.00 -5.01
N ASN B 55 5.79 -9.15 -6.00
CA ASN B 55 6.82 -8.24 -6.47
C ASN B 55 6.42 -6.79 -6.29
N HIS B 56 5.91 -6.45 -5.11
CA HIS B 56 5.64 -5.05 -4.78
C HIS B 56 6.94 -4.38 -4.39
N SER B 57 7.23 -3.25 -5.02
CA SER B 57 8.43 -2.49 -4.69
C SER B 57 8.13 -1.52 -3.55
N PHE B 58 9.12 -1.31 -2.70
CA PHE B 58 8.95 -0.49 -1.51
C PHE B 58 9.53 0.90 -1.72
N GLY B 59 10.80 1.07 -1.36
CA GLY B 59 11.45 2.35 -1.49
C GLY B 59 11.67 2.75 -2.94
N LYS B 60 12.13 3.99 -3.15
CA LYS B 60 12.33 4.51 -4.50
C LYS B 60 13.39 3.72 -5.27
N ASP B 61 14.13 2.86 -4.58
CA ASP B 61 15.10 1.97 -5.21
C ASP B 61 14.41 0.80 -5.89
N LYS B 62 13.07 0.79 -5.78
CA LYS B 62 12.22 -0.22 -6.38
C LYS B 62 12.56 -1.61 -5.86
N ILE B 63 12.71 -1.69 -4.54
CA ILE B 63 13.05 -2.93 -3.88
C ILE B 63 11.81 -3.78 -3.70
N LYS B 64 11.78 -4.91 -4.37
CA LYS B 64 10.59 -5.74 -4.42
C LYS B 64 10.64 -6.84 -3.37
N ALA B 65 9.47 -7.16 -2.82
CA ALA B 65 9.32 -8.12 -1.73
C ALA B 65 9.90 -9.49 -2.06
N SER B 66 9.97 -9.79 -3.35
CA SER B 66 10.44 -11.10 -3.80
C SER B 66 11.97 -11.16 -3.83
N THR B 67 12.62 -10.01 -3.78
CA THR B 67 14.08 -9.98 -3.84
C THR B 67 14.65 -9.85 -2.43
N ILE B 68 13.76 -9.64 -1.47
CA ILE B 68 14.17 -9.46 -0.08
C ILE B 68 14.24 -10.80 0.62
N LYS B 69 15.40 -11.09 1.18
CA LYS B 69 15.61 -12.34 1.90
C LYS B 69 15.84 -12.07 3.37
N VAL B 70 15.43 -13.02 4.20
CA VAL B 70 15.58 -12.89 5.65
C VAL B 70 17.04 -12.69 6.03
N GLY B 71 17.28 -11.72 6.91
CA GLY B 71 18.62 -11.39 7.32
C GLY B 71 19.10 -10.09 6.71
N ASP B 72 18.36 -9.63 5.70
CA ASP B 72 18.67 -8.36 5.06
C ASP B 72 17.90 -7.24 5.74
N TYR B 73 18.27 -6.00 5.45
CA TYR B 73 17.58 -4.87 6.05
C TYR B 73 16.80 -4.08 5.01
N LEU B 74 15.57 -3.77 5.34
CA LEU B 74 14.73 -2.94 4.51
C LEU B 74 14.49 -1.62 5.21
N GLN B 75 15.05 -0.55 4.67
CA GLN B 75 14.90 0.78 5.24
C GLN B 75 15.36 0.82 6.70
N GLY B 76 16.43 0.08 6.98
CA GLY B 76 17.04 0.13 8.29
C GLY B 76 16.54 -0.95 9.23
N LYS B 77 15.56 -1.72 8.80
CA LYS B 77 14.98 -2.76 9.65
C LYS B 77 15.26 -4.13 9.05
N LYS B 78 15.78 -5.03 9.86
CA LYS B 78 16.17 -6.35 9.38
C LYS B 78 14.95 -7.27 9.28
N VAL B 79 14.79 -7.87 8.11
CA VAL B 79 13.71 -8.82 7.88
C VAL B 79 14.05 -10.16 8.51
N LEU B 80 13.22 -10.57 9.46
CA LEU B 80 13.43 -11.83 10.16
C LEU B 80 12.58 -12.92 9.55
N TYR B 81 11.51 -12.52 8.91
CA TYR B 81 10.54 -13.45 8.38
C TYR B 81 9.96 -12.94 7.08
N ASN B 82 9.90 -13.80 6.08
CA ASN B 82 9.38 -13.45 4.77
C ASN B 82 8.79 -14.69 4.11
N GLU B 83 7.56 -15.01 4.46
CA GLU B 83 6.93 -16.20 3.94
C GLU B 83 5.86 -15.85 2.92
N ILE B 84 5.74 -16.69 1.90
CA ILE B 84 4.68 -16.58 0.93
C ILE B 84 3.50 -17.39 1.39
N VAL B 85 2.52 -16.73 1.95
CA VAL B 85 1.35 -17.40 2.45
C VAL B 85 0.25 -17.39 1.38
N GLU B 86 -0.13 -18.58 0.97
CA GLU B 86 -1.05 -18.74 -0.14
C GLU B 86 -2.49 -18.74 0.34
N GLU B 87 -2.93 -17.57 0.78
CA GLU B 87 -4.30 -17.38 1.21
C GLU B 87 -4.91 -16.19 0.50
N GLY B 88 -6.09 -16.41 -0.08
CA GLY B 88 -6.80 -15.35 -0.76
C GLY B 88 -7.06 -14.17 0.15
N ILE B 89 -6.62 -13.01 -0.31
CA ILE B 89 -6.71 -11.80 0.50
C ILE B 89 -7.00 -10.61 -0.42
N TYR B 90 -7.62 -9.58 0.13
CA TYR B 90 -7.88 -8.38 -0.64
C TYR B 90 -6.73 -7.41 -0.49
N LEU B 91 -6.20 -6.99 -1.62
CA LEU B 91 -5.04 -6.12 -1.67
C LEU B 91 -5.43 -4.77 -2.25
N TYR B 92 -4.84 -3.71 -1.71
CA TYR B 92 -5.18 -2.35 -2.07
C TYR B 92 -3.91 -1.54 -2.30
N ASP B 93 -3.88 -0.69 -3.31
CA ASP B 93 -2.74 0.20 -3.54
C ASP B 93 -3.24 1.60 -3.87
N LEU B 94 -2.40 2.60 -3.64
CA LEU B 94 -2.78 3.97 -3.90
C LEU B 94 -2.28 4.41 -5.26
N LEU B 95 -3.19 4.95 -6.06
CA LEU B 95 -2.85 5.35 -7.42
C LEU B 95 -2.41 6.80 -7.44
N ASN B 96 -1.15 7.00 -7.80
CA ASN B 96 -0.58 8.34 -7.99
C ASN B 96 -0.61 9.17 -6.71
N VAL B 97 0.41 9.01 -5.87
CA VAL B 97 0.49 9.76 -4.62
C VAL B 97 1.41 10.96 -4.81
N GLY B 98 0.80 12.14 -4.87
CA GLY B 98 1.55 13.35 -5.13
C GLY B 98 2.37 13.24 -6.41
N GLU B 99 3.58 13.74 -6.37
CA GLU B 99 4.52 13.59 -7.47
C GLU B 99 5.72 12.78 -6.99
N ASP B 100 5.49 11.95 -5.98
CA ASP B 100 6.56 11.17 -5.37
C ASP B 100 6.30 9.68 -5.51
N ASN B 101 5.06 9.28 -5.22
CA ASN B 101 4.62 7.88 -5.34
C ASN B 101 5.21 6.98 -4.26
N LEU B 102 5.66 7.58 -3.17
CA LEU B 102 6.14 6.83 -2.01
C LEU B 102 5.30 7.21 -0.80
N TYR B 103 4.82 6.22 -0.06
CA TYR B 103 4.01 6.48 1.13
C TYR B 103 4.28 5.46 2.23
N TYR B 104 3.95 5.84 3.47
CA TYR B 104 4.24 5.01 4.63
C TYR B 104 3.15 3.97 4.87
N THR B 105 3.52 2.71 4.75
CA THR B 105 2.65 1.60 5.08
C THR B 105 3.24 0.83 6.26
N ASN B 106 2.56 0.87 7.41
CA ASN B 106 3.07 0.28 8.65
C ASN B 106 4.43 0.86 9.01
N GLY B 107 4.65 2.13 8.64
CA GLY B 107 5.92 2.78 8.90
C GLY B 107 6.96 2.47 7.84
N ILE B 108 6.61 1.62 6.89
CA ILE B 108 7.52 1.23 5.83
C ILE B 108 7.14 1.95 4.54
N VAL B 109 8.12 2.60 3.91
CA VAL B 109 7.87 3.31 2.67
C VAL B 109 7.56 2.34 1.55
N SER B 110 6.38 2.45 0.98
CA SER B 110 5.94 1.59 -0.10
C SER B 110 5.72 2.42 -1.37
N HIS B 111 5.64 1.74 -2.50
CA HIS B 111 5.50 2.40 -3.79
C HIS B 111 4.04 2.47 -4.20
N ALA B 112 3.62 3.63 -4.68
CA ALA B 112 2.27 3.84 -5.17
C ALA B 112 2.17 3.51 -6.65
N CYS B 113 1.16 2.74 -7.01
CA CYS B 113 0.94 2.38 -8.40
C CYS B 113 0.54 3.62 -9.20
N GLU B 114 0.95 3.67 -10.46
CA GLU B 114 0.65 4.81 -11.31
C GLU B 114 -0.54 4.51 -12.21
N SER B 115 -1.43 5.48 -12.35
CA SER B 115 -2.56 5.35 -13.25
C SER B 115 -2.18 6.00 -14.58
N ARG B 116 -2.60 5.37 -15.69
CA ARG B 116 -2.20 5.78 -17.03
C ARG B 116 -0.71 5.54 -17.22
N GLY B 117 -0.35 4.34 -17.64
CA GLY B 117 1.05 4.02 -17.87
C GLY B 117 1.24 2.60 -18.34
N LYS B 118 0.84 1.66 -17.51
CA LYS B 118 0.97 0.25 -17.85
C LYS B 118 -0.40 -0.37 -18.10
N GLU A 1 -0.43 -5.98 -14.52
CA GLU A 1 -0.32 -6.59 -13.18
C GLU A 1 -0.55 -5.53 -12.11
N PHE A 2 -1.04 -5.95 -10.96
CA PHE A 2 -1.31 -5.03 -9.87
C PHE A 2 -0.81 -5.61 -8.55
N GLU A 3 0.27 -5.07 -8.05
CA GLU A 3 0.87 -5.52 -6.80
C GLU A 3 0.53 -4.55 -5.67
N ALA A 4 -0.07 -5.06 -4.61
CA ALA A 4 -0.67 -4.20 -3.59
C ALA A 4 -0.29 -4.63 -2.17
N LEU A 5 -0.85 -3.93 -1.18
CA LEU A 5 -0.64 -4.26 0.23
C LEU A 5 -1.90 -4.89 0.81
N SER A 6 -1.76 -5.62 1.91
CA SER A 6 -2.92 -6.16 2.60
C SER A 6 -3.71 -5.04 3.27
N GLY A 7 -4.99 -5.32 3.51
CA GLY A 7 -5.88 -4.33 4.11
C GLY A 7 -5.51 -4.01 5.55
N ASP A 8 -4.70 -4.87 6.14
CA ASP A 8 -4.28 -4.72 7.54
C ASP A 8 -3.17 -3.66 7.65
N THR A 9 -2.57 -3.33 6.52
CA THR A 9 -1.50 -2.36 6.48
C THR A 9 -1.97 -1.01 6.99
N MET A 10 -1.23 -0.42 7.92
CA MET A 10 -1.63 0.81 8.56
C MET A 10 -1.02 2.02 7.86
N ILE A 11 -1.85 3.02 7.61
CA ILE A 11 -1.38 4.26 6.99
C ILE A 11 -1.89 5.45 7.79
N GLU A 12 -1.36 6.62 7.48
CA GLU A 12 -1.76 7.82 8.17
C GLU A 12 -2.17 8.86 7.14
N ILE A 13 -3.40 9.33 7.23
CA ILE A 13 -3.93 10.23 6.24
C ILE A 13 -4.24 11.59 6.82
N LEU A 14 -4.33 12.55 5.92
CA LEU A 14 -4.74 13.89 6.24
C LEU A 14 -5.92 14.27 5.37
N ASP A 15 -7.07 14.39 6.00
CA ASP A 15 -8.33 14.61 5.29
C ASP A 15 -8.45 16.07 4.83
N ASP A 16 -9.48 16.38 4.05
CA ASP A 16 -9.67 17.70 3.47
C ASP A 16 -9.66 18.79 4.52
N ASP A 17 -10.29 18.52 5.65
CA ASP A 17 -10.42 19.52 6.71
C ASP A 17 -9.21 19.50 7.62
N GLY A 18 -8.09 19.01 7.11
CA GLY A 18 -6.86 18.99 7.86
C GLY A 18 -6.91 18.04 9.03
N ILE A 19 -7.66 16.95 8.85
CA ILE A 19 -7.82 15.97 9.91
C ILE A 19 -6.89 14.77 9.70
N ILE A 20 -6.08 14.50 10.71
CA ILE A 20 -5.18 13.36 10.69
C ILE A 20 -5.90 12.11 11.17
N GLN A 21 -5.71 11.01 10.47
CA GLN A 21 -6.34 9.76 10.85
C GLN A 21 -5.44 8.58 10.50
N LYS A 22 -5.18 7.75 11.49
CA LYS A 22 -4.33 6.57 11.32
C LYS A 22 -5.20 5.32 11.16
N ILE A 23 -5.34 4.87 9.92
CA ILE A 23 -6.25 3.77 9.61
C ILE A 23 -5.59 2.78 8.67
N SER A 24 -6.14 1.59 8.59
CA SER A 24 -5.63 0.57 7.71
C SER A 24 -6.00 0.87 6.26
N MET A 25 -5.21 0.38 5.33
CA MET A 25 -5.46 0.61 3.91
C MET A 25 -6.89 0.24 3.52
N GLU A 26 -7.37 -0.87 4.07
CA GLU A 26 -8.72 -1.33 3.79
C GLU A 26 -9.77 -0.38 4.36
N ASP A 27 -9.45 0.25 5.48
CA ASP A 27 -10.39 1.18 6.10
C ASP A 27 -10.48 2.44 5.25
N LEU A 28 -9.35 2.81 4.66
CA LEU A 28 -9.30 3.95 3.75
C LEU A 28 -10.15 3.66 2.52
N TYR A 29 -10.10 2.41 2.07
CA TYR A 29 -10.93 1.96 0.95
C TYR A 29 -12.39 2.05 1.32
N GLN A 30 -12.73 1.54 2.50
CA GLN A 30 -14.11 1.56 2.99
C GLN A 30 -14.55 2.96 3.33
N ARG A 31 -13.59 3.87 3.47
CA ARG A 31 -13.87 5.25 3.78
C ARG A 31 -14.28 6.00 2.52
N LEU A 32 -13.69 5.60 1.39
CA LEU A 32 -13.99 6.19 0.11
C LEU A 32 -15.07 5.40 -0.63
N ALA A 33 -15.54 4.34 0.01
CA ALA A 33 -16.58 3.49 -0.59
C ALA A 33 -17.95 4.15 -0.45
N ASP B 1 -16.08 -6.78 -19.92
CA ASP B 1 -15.60 -8.15 -19.60
C ASP B 1 -16.78 -9.09 -19.34
N TYR B 2 -17.39 -8.99 -18.16
CA TYR B 2 -18.50 -9.87 -17.80
C TYR B 2 -19.20 -9.41 -16.53
N LYS B 3 -18.44 -8.81 -15.61
CA LYS B 3 -18.99 -8.37 -14.34
C LYS B 3 -18.99 -6.86 -14.25
N ASP B 4 -19.15 -6.21 -15.41
CA ASP B 4 -19.15 -4.75 -15.52
C ASP B 4 -17.93 -4.15 -14.84
N ASP B 5 -16.76 -4.51 -15.33
CA ASP B 5 -15.51 -4.04 -14.75
C ASP B 5 -15.20 -2.63 -15.22
N ASP B 6 -15.75 -1.67 -14.50
CA ASP B 6 -15.45 -0.25 -14.73
C ASP B 6 -14.73 0.28 -13.50
N ASP B 7 -14.89 1.55 -13.16
CA ASP B 7 -14.30 2.10 -11.94
C ASP B 7 -15.11 1.67 -10.72
N LYS B 8 -15.03 0.38 -10.42
CA LYS B 8 -15.78 -0.20 -9.32
C LYS B 8 -14.86 -0.50 -8.13
N MET B 9 -13.86 -1.36 -8.36
CA MET B 9 -12.92 -1.74 -7.32
C MET B 9 -11.91 -0.63 -7.06
N PHE B 10 -11.97 0.42 -7.87
CA PHE B 10 -11.14 1.59 -7.70
C PHE B 10 -11.99 2.70 -7.08
N LYS B 11 -11.56 3.22 -5.94
CA LYS B 11 -12.27 4.30 -5.29
C LYS B 11 -11.52 5.61 -5.49
N LEU B 12 -12.21 6.56 -6.09
CA LEU B 12 -11.63 7.87 -6.36
C LEU B 12 -11.54 8.69 -5.08
N ASN B 13 -10.40 9.34 -4.90
CA ASN B 13 -10.18 10.19 -3.75
C ASN B 13 -10.80 11.56 -3.98
N THR B 14 -12.12 11.61 -3.95
CA THR B 14 -12.85 12.83 -4.22
C THR B 14 -12.81 13.80 -3.04
N LYS B 15 -12.28 13.36 -1.92
CA LYS B 15 -12.20 14.20 -0.73
C LYS B 15 -10.85 14.90 -0.64
N ASN B 16 -10.02 14.69 -1.65
CA ASN B 16 -8.69 15.28 -1.73
C ASN B 16 -7.86 14.94 -0.50
N ILE B 17 -8.05 13.72 -0.02
CA ILE B 17 -7.33 13.23 1.14
C ILE B 17 -5.86 13.04 0.80
N LYS B 18 -5.00 13.16 1.79
CA LYS B 18 -3.57 13.02 1.59
C LYS B 18 -3.04 11.93 2.49
N VAL B 19 -1.97 11.30 2.08
CA VAL B 19 -1.36 10.23 2.84
C VAL B 19 0.05 10.63 3.26
N LEU B 20 0.47 10.17 4.42
CA LEU B 20 1.80 10.49 4.94
C LEU B 20 2.86 9.95 4.00
N THR B 21 3.55 10.86 3.35
CA THR B 21 4.61 10.51 2.42
C THR B 21 5.92 11.16 2.86
N PRO B 22 7.06 10.70 2.31
CA PRO B 22 8.37 11.32 2.59
C PRO B 22 8.36 12.83 2.35
N SER B 23 7.52 13.27 1.42
CA SER B 23 7.43 14.68 1.07
C SER B 23 6.57 15.46 2.07
N GLY B 24 6.01 14.73 3.04
CA GLY B 24 5.22 15.36 4.07
C GLY B 24 3.76 15.49 3.71
N PHE B 25 3.09 14.34 3.56
CA PHE B 25 1.66 14.29 3.21
C PHE B 25 1.40 14.77 1.79
N LYS B 26 1.02 13.85 0.93
CA LYS B 26 0.70 14.16 -0.45
C LYS B 26 -0.63 13.55 -0.84
N SER B 27 -1.34 14.21 -1.74
CA SER B 27 -2.64 13.76 -2.18
C SER B 27 -2.51 12.69 -3.24
N PHE B 28 -3.36 11.69 -3.15
CA PHE B 28 -3.37 10.60 -4.12
C PHE B 28 -4.65 10.64 -4.93
N SER B 29 -4.64 10.00 -6.10
CA SER B 29 -5.77 10.03 -7.00
C SER B 29 -6.88 9.10 -6.51
N GLY B 30 -6.49 7.95 -5.99
CA GLY B 30 -7.46 7.01 -5.48
C GLY B 30 -6.82 5.74 -4.96
N ILE B 31 -7.66 4.78 -4.61
CA ILE B 31 -7.19 3.50 -4.08
C ILE B 31 -7.93 2.36 -4.76
N GLN B 32 -7.21 1.29 -5.09
CA GLN B 32 -7.82 0.18 -5.79
C GLN B 32 -7.69 -1.11 -5.00
N LYS B 33 -8.74 -1.91 -5.04
CA LYS B 33 -8.78 -3.19 -4.38
C LYS B 33 -8.67 -4.31 -5.40
N VAL B 34 -7.78 -5.26 -5.14
CA VAL B 34 -7.59 -6.40 -6.01
C VAL B 34 -7.52 -7.67 -5.17
N TYR B 35 -7.87 -8.80 -5.76
CA TYR B 35 -7.79 -10.07 -5.08
C TYR B 35 -6.50 -10.78 -5.46
N LYS B 36 -5.76 -11.23 -4.46
CA LYS B 36 -4.52 -11.96 -4.71
C LYS B 36 -4.59 -13.32 -4.02
N PRO B 37 -4.24 -14.40 -4.73
CA PRO B 37 -4.32 -15.75 -4.19
C PRO B 37 -3.13 -16.13 -3.29
N PHE B 38 -2.26 -15.17 -3.04
CA PHE B 38 -1.09 -15.37 -2.20
C PHE B 38 -0.48 -14.04 -1.80
N TYR B 39 0.33 -14.04 -0.76
CA TYR B 39 1.00 -12.83 -0.34
C TYR B 39 2.20 -13.15 0.55
N HIS B 40 3.07 -12.16 0.72
CA HIS B 40 4.23 -12.31 1.58
C HIS B 40 3.90 -11.81 2.98
N HIS B 41 4.17 -12.64 3.97
CA HIS B 41 4.00 -12.23 5.35
C HIS B 41 5.37 -11.96 5.95
N ILE B 42 5.80 -10.72 5.87
CA ILE B 42 7.15 -10.34 6.28
C ILE B 42 7.12 -9.73 7.68
N ILE B 43 8.00 -10.21 8.55
CA ILE B 43 8.10 -9.69 9.90
C ILE B 43 9.53 -9.22 10.16
N PHE B 44 9.67 -8.06 10.78
CA PHE B 44 10.98 -7.47 10.99
C PHE B 44 11.43 -7.59 12.43
N ASP B 45 12.73 -7.38 12.63
CA ASP B 45 13.35 -7.41 13.96
C ASP B 45 12.74 -6.36 14.87
N ASP B 46 12.11 -5.36 14.27
CA ASP B 46 11.47 -4.29 15.02
C ASP B 46 10.08 -4.69 15.47
N GLY B 47 9.69 -5.91 15.14
CA GLY B 47 8.40 -6.42 15.58
C GLY B 47 7.29 -6.11 14.61
N SER B 48 7.46 -5.03 13.84
CA SER B 48 6.48 -4.66 12.85
C SER B 48 6.56 -5.59 11.65
N GLU B 49 5.49 -5.65 10.89
CA GLU B 49 5.43 -6.56 9.77
C GLU B 49 4.80 -5.87 8.57
N ILE B 50 4.80 -6.56 7.45
CA ILE B 50 4.13 -6.08 6.26
C ILE B 50 3.60 -7.27 5.46
N LYS B 51 2.37 -7.13 4.97
CA LYS B 51 1.76 -8.14 4.13
C LYS B 51 1.50 -7.56 2.76
N CYS B 52 2.13 -8.12 1.74
CA CYS B 52 2.07 -7.53 0.41
C CYS B 52 2.23 -8.58 -0.69
N SER B 53 2.13 -8.13 -1.94
CA SER B 53 2.34 -8.99 -3.09
C SER B 53 3.80 -9.43 -3.21
N ASP B 54 4.16 -10.06 -4.32
CA ASP B 54 5.53 -10.49 -4.53
C ASP B 54 6.35 -9.42 -5.27
N ASN B 55 5.75 -8.80 -6.27
CA ASN B 55 6.46 -7.85 -7.09
C ASN B 55 6.08 -6.42 -6.71
N HIS B 56 5.57 -6.25 -5.51
CA HIS B 56 5.25 -4.92 -5.01
C HIS B 56 6.52 -4.21 -4.55
N SER B 57 6.85 -3.12 -5.21
CA SER B 57 8.03 -2.34 -4.87
C SER B 57 7.79 -1.50 -3.63
N PHE B 58 8.82 -1.40 -2.80
CA PHE B 58 8.75 -0.63 -1.56
C PHE B 58 9.42 0.73 -1.72
N GLY B 59 10.72 0.78 -1.41
CA GLY B 59 11.43 2.03 -1.46
C GLY B 59 11.56 2.59 -2.87
N LYS B 60 12.05 3.82 -2.96
CA LYS B 60 12.20 4.50 -4.24
C LYS B 60 13.18 3.76 -5.16
N ASP B 61 13.94 2.84 -4.59
CA ASP B 61 14.86 2.01 -5.36
C ASP B 61 14.11 0.87 -6.05
N LYS B 62 12.78 0.91 -5.94
CA LYS B 62 11.89 -0.07 -6.55
C LYS B 62 12.17 -1.46 -6.00
N ILE B 63 12.37 -1.52 -4.69
CA ILE B 63 12.74 -2.75 -4.03
C ILE B 63 11.56 -3.72 -3.98
N LYS B 64 11.70 -4.84 -4.66
CA LYS B 64 10.63 -5.83 -4.76
C LYS B 64 10.54 -6.64 -3.47
N ALA B 65 9.34 -7.06 -3.12
CA ALA B 65 9.12 -7.87 -1.92
C ALA B 65 9.84 -9.21 -2.01
N SER B 66 9.93 -9.76 -3.21
CA SER B 66 10.59 -11.04 -3.42
C SER B 66 12.11 -10.94 -3.27
N THR B 67 12.67 -9.75 -3.52
CA THR B 67 14.11 -9.59 -3.45
C THR B 67 14.53 -9.38 -2.00
N ILE B 68 13.56 -9.18 -1.15
CA ILE B 68 13.79 -9.04 0.27
C ILE B 68 13.80 -10.41 0.91
N LYS B 69 14.95 -10.82 1.41
CA LYS B 69 15.11 -12.13 2.01
C LYS B 69 15.52 -11.99 3.47
N VAL B 70 15.22 -13.01 4.26
CA VAL B 70 15.53 -12.99 5.69
C VAL B 70 17.00 -12.66 5.95
N GLY B 71 17.22 -11.67 6.80
CA GLY B 71 18.57 -11.22 7.10
C GLY B 71 18.90 -9.90 6.41
N ASP B 72 18.03 -9.49 5.51
CA ASP B 72 18.20 -8.21 4.81
C ASP B 72 17.53 -7.10 5.59
N TYR B 73 17.81 -5.87 5.21
CA TYR B 73 17.24 -4.72 5.90
C TYR B 73 16.36 -3.90 4.97
N LEU B 74 15.18 -3.54 5.46
CA LEU B 74 14.27 -2.69 4.73
C LEU B 74 14.03 -1.40 5.50
N GLN B 75 14.75 -0.37 5.12
CA GLN B 75 14.60 0.97 5.71
C GLN B 75 14.82 0.95 7.22
N GLY B 76 15.85 0.22 7.64
CA GLY B 76 16.21 0.18 9.05
C GLY B 76 15.77 -1.09 9.73
N LYS B 77 14.72 -1.72 9.22
CA LYS B 77 14.17 -2.91 9.84
C LYS B 77 14.73 -4.16 9.18
N LYS B 78 15.29 -5.04 9.98
CA LYS B 78 15.84 -6.28 9.45
C LYS B 78 14.77 -7.36 9.38
N VAL B 79 14.55 -7.89 8.20
CA VAL B 79 13.56 -8.93 7.99
C VAL B 79 14.04 -10.25 8.57
N LEU B 80 13.28 -10.78 9.52
CA LEU B 80 13.63 -12.03 10.16
C LEU B 80 12.76 -13.16 9.62
N TYR B 81 11.62 -12.80 9.08
CA TYR B 81 10.65 -13.78 8.60
C TYR B 81 9.98 -13.27 7.33
N ASN B 82 9.95 -14.11 6.30
CA ASN B 82 9.36 -13.74 5.02
C ASN B 82 8.80 -14.97 4.33
N GLU B 83 7.58 -15.33 4.69
CA GLU B 83 6.95 -16.51 4.12
C GLU B 83 5.93 -16.12 3.06
N ILE B 84 5.89 -16.88 1.98
CA ILE B 84 4.88 -16.73 0.98
C ILE B 84 3.68 -17.59 1.33
N VAL B 85 2.68 -16.97 1.91
CA VAL B 85 1.49 -17.69 2.30
C VAL B 85 0.47 -17.61 1.17
N GLU B 86 0.13 -18.77 0.66
CA GLU B 86 -0.69 -18.88 -0.52
C GLU B 86 -2.16 -18.95 -0.17
N GLU B 87 -2.66 -17.86 0.36
CA GLU B 87 -4.07 -17.74 0.69
C GLU B 87 -4.67 -16.54 0.00
N GLY B 88 -5.83 -16.73 -0.60
CA GLY B 88 -6.52 -15.65 -1.25
C GLY B 88 -6.88 -14.55 -0.28
N ILE B 89 -6.47 -13.35 -0.61
CA ILE B 89 -6.65 -12.21 0.26
C ILE B 89 -6.98 -10.97 -0.56
N TYR B 90 -7.69 -10.04 0.04
CA TYR B 90 -8.04 -8.80 -0.62
C TYR B 90 -6.95 -7.78 -0.38
N LEU B 91 -6.41 -7.25 -1.47
CA LEU B 91 -5.25 -6.39 -1.42
C LEU B 91 -5.61 -4.99 -1.93
N TYR B 92 -4.93 -3.99 -1.38
CA TYR B 92 -5.25 -2.59 -1.66
C TYR B 92 -3.96 -1.81 -1.93
N ASP B 93 -4.00 -0.87 -2.86
CA ASP B 93 -2.84 -0.02 -3.14
C ASP B 93 -3.30 1.38 -3.55
N LEU B 94 -2.41 2.35 -3.41
CA LEU B 94 -2.73 3.74 -3.73
C LEU B 94 -2.20 4.07 -5.11
N LEU B 95 -2.95 4.89 -5.83
CA LEU B 95 -2.56 5.26 -7.18
C LEU B 95 -2.28 6.75 -7.28
N ASN B 96 -1.14 7.07 -7.88
CA ASN B 96 -0.72 8.45 -8.14
C ASN B 96 -0.66 9.26 -6.85
N VAL B 97 0.44 9.13 -6.12
CA VAL B 97 0.60 9.82 -4.85
C VAL B 97 1.54 11.00 -5.02
N GLY B 98 0.99 12.20 -4.90
CA GLY B 98 1.76 13.40 -5.15
C GLY B 98 2.37 13.39 -6.53
N GLU B 99 3.69 13.50 -6.59
CA GLU B 99 4.43 13.33 -7.84
C GLU B 99 5.62 12.43 -7.59
N ASP B 100 5.53 11.62 -6.54
CA ASP B 100 6.63 10.75 -6.16
C ASP B 100 6.22 9.29 -6.26
N ASN B 101 5.00 9.01 -5.81
CA ASN B 101 4.48 7.65 -5.68
C ASN B 101 5.20 6.90 -4.56
N LEU B 102 5.63 7.64 -3.55
CA LEU B 102 6.19 7.06 -2.34
C LEU B 102 5.32 7.44 -1.15
N TYR B 103 4.96 6.47 -0.32
CA TYR B 103 4.05 6.70 0.79
C TYR B 103 4.38 5.78 1.95
N TYR B 104 4.00 6.17 3.16
CA TYR B 104 4.33 5.40 4.35
C TYR B 104 3.27 4.34 4.65
N THR B 105 3.70 3.10 4.63
CA THR B 105 2.89 1.97 5.05
C THR B 105 3.56 1.26 6.22
N ASN B 106 2.94 1.27 7.39
CA ASN B 106 3.54 0.70 8.61
C ASN B 106 4.90 1.34 8.89
N GLY B 107 4.98 2.65 8.66
CA GLY B 107 6.21 3.38 8.85
C GLY B 107 7.25 3.07 7.79
N ILE B 108 6.86 2.30 6.79
CA ILE B 108 7.76 1.88 5.73
C ILE B 108 7.36 2.53 4.41
N VAL B 109 8.30 3.16 3.75
CA VAL B 109 8.04 3.79 2.47
C VAL B 109 7.75 2.74 1.39
N SER B 110 6.54 2.79 0.86
CA SER B 110 6.10 1.90 -0.20
C SER B 110 5.99 2.68 -1.51
N HIS B 111 5.87 1.96 -2.63
CA HIS B 111 5.82 2.59 -3.93
C HIS B 111 4.46 2.39 -4.58
N ALA B 112 3.87 3.50 -5.02
CA ALA B 112 2.56 3.47 -5.66
C ALA B 112 2.72 3.50 -7.18
N CYS B 113 1.62 3.28 -7.90
CA CYS B 113 1.67 3.26 -9.36
C CYS B 113 0.75 4.34 -9.93
N GLU B 114 0.67 4.42 -11.25
CA GLU B 114 -0.14 5.43 -11.93
C GLU B 114 -1.64 5.18 -11.71
N SER B 115 -2.43 6.23 -11.90
CA SER B 115 -3.85 6.17 -11.60
C SER B 115 -4.69 6.07 -12.86
N ARG B 116 -4.08 6.29 -14.01
CA ARG B 116 -4.80 6.25 -15.27
C ARG B 116 -4.12 5.30 -16.25
N GLY B 117 -4.88 4.30 -16.67
CA GLY B 117 -4.39 3.37 -17.67
C GLY B 117 -5.29 3.35 -18.88
N LYS B 118 -5.30 4.44 -19.62
CA LYS B 118 -6.15 4.56 -20.79
C LYS B 118 -5.35 4.28 -22.05
#